data_8A9J
#
_entry.id   8A9J
#
_cell.length_a   1.00
_cell.length_b   1.00
_cell.length_c   1.00
_cell.angle_alpha   90.00
_cell.angle_beta   90.00
_cell.angle_gamma   90.00
#
_symmetry.space_group_name_H-M   'P 1'
#
loop_
_entity.id
_entity.type
_entity.pdbx_description
1 polymer 'Fanconi anemia group I protein'
2 polymer 'Fanconi anemia group D2 protein'
3 polymer Polyubiquitin-C
4 polymer 'Ubiquitin carboxyl-terminal hydrolase 1'
5 polymer 'WD repeat-containing protein 48'
6 polymer 'DNA (61-MER)'
7 non-polymer 'ZINC ION'
#
loop_
_entity_poly.entity_id
_entity_poly.type
_entity_poly.pdbx_seq_one_letter_code
_entity_poly.pdbx_strand_id
1 'polypeptide(L)'
;MHHHHHHMDQKILSLAAEKTADKLQEFLQTLREGDLTNLLQNQAVKGKVAGALLRAIFKGSPCSEEAGTLRRRKIYTCCI
QLVESGDLQKEIASEIIGLLMLEAHHFPGPLLVELANEFISAVREGSLVNGKSLELLPIILTALATKKENLAYGKGVLSG
EECKKQLINTLCSGRWDQQYVIQLTSMFKDVPLTAEEVEFVVEKALSMFSKMNLQEIPPLVYQLLVLSSKGSRKSVLEGI
IAFFSALDKQHNEEQSGDELLDVVTVPSGELRHVEGTIILHIVFAIKLDYELGRELVKHLKVGQQGDSNNNLSPFSIALL
LSVTRIQRFQDQVLDLLKTSVVKSFKDLQLLQGSKFLQNLVPHRSYVSTMILEVVKNSVHSWDHVTQGLVELGFILMDSY
GPKKVLDGKTIETSPSLSRMPNQHACKLGANILLETFKIHEMIRQEILEQVLNRVVTRASSPISHFLDLLSNIVMYAPLV
LQSCSSKVTEAFDYLSFLPLQTVQRLLKAVQPLLKVSMSMRDCLILVLRKAMFANQLDARKSAVAGFLLLLKNFKVLGSL
SSSQCSQSLSVSQVHVDVHSHYNSVANETFCLEIMDSLRRCLSQQADVRLMLYEGFYDVLRRNSQLANSVMQTLLSQLKQ
FYEPKPDLLPPLKLEACILTQGDKISLQEPLDYLLCCIQHCLAWYKNTVIPLQQGEEEEEEEEAFYEDLDDILESITNRM
IKSELEDFELDKSADFSQSTSIGIKNNICAFLVMGVCEVLIEYNFSISSFSKNRFEDILSLFMCYKKLSDILNEKAGKAK
TKMANKTSDSLLSMKFVSSLLTALFRDSIQSHQESLSVLRSSNEFMRYAVNVALQKVQQLKETGHVSGPDGQNPEKIFQN
LCDITRVLLWRYTSIPTSVEESGKKEKGKSISLLCLEGLQKIFSAVQQFYQPKIQQFLRALDVTDKEGEEREDADVSVTQ
RTAFQIRQFQRSLLNLLSSQEEDFNSKEALLLVTVLTSLSKLLEPSSPQFVQMLSWTSKICKENSREDALFCKSLMNLLF
SLHVSYKSPVILLRDLSQDIHGHLGDIDQDVEVEKTNHFAIVNLRTAAPTVCLLVLSQAEKVLEEVDWLITKLKGQVSQE
TLSEEASSQATLPNQPVEKAIIMQLGTLLTFFHELVQTALPSGSCVDTLLKDLCKMYTTLTALVRYYLQVCQSSGGIPKN
MEKLVKLSGSHLTPLCYSFISYVQNKSKSLNYTGEKKEKPAAVATAMARVLRETKPIPNLIFAIEQYEKFLIHLSKKSKV
NLMQHMKLSTSRDFKIKGNILDMVLREDGEDENEEGTASEHGGQNKEPAKKKRKK
;
A
2 'polypeptide(L)'
;GPGSMVSKRRLSKSEDKESLTEDASKTRKQPLSKKTKKSHIANEVEENDSIFVKLLKISGIILKTGESQNQLAVDQIAFQ
KKLFQTLRRHPSYPKIIEEFVSGLESYIEDEDSFRNCLLSCERLQDEEASMGASYSKSLIKLLLGIDILQPAIIKTLFEK
LPEYFFENKNSDEINIPRLIVSQLKWLDRVVDGKDLTTKIMQLISIAPENLQHDIITSLPEILGDSQHADVGKELSDLLI
ENTSLTVPILDVLSSLRLDPNFLLKVRQLVMDKLSSIRLEDLPVIIKFILHSVTAMDTLEVISELREKLDLQHCVLPSRL
QASQVKLKSKGRASSSGNQESSGQSCIILLFDVIKSAIRYEKTISEAWIKAIENTASVSEHKVFDLVMLFIIYSTNTQTK
KYIDRVLRNKIRSGCIQEQLLQSTFSVHYLVLKDMCSSILSLAQSLLHSLDQSIISFGSLLYKYAFKFFDTYCQQEVVGA
LVTHICSGNEAEVDTALDVLLELVVLNPSAMMMNAVFVKGILDYLDNISPQQIRKLFYVLSTLAFSKQNEASSHIQDDMH
LVIRKQLSSTVFKYKLIGIIGAVTMAGIMAADRSESPSLTQERANLSDEQCTQVTSLLQLVHSCSEQSPQASALYYDEFA
NLIQHEKLDPKALEWVGHTICNDFQDAFVVDSCVVPEGDFPFPVKALYGLEEYDTQDGIAINLLPLLFSQDFAKDGGPVT
SQESGQKLVSPLCLAPYFRLLRLCVERQHNGNLEEIDGLLDCPIFLTDLEPGEKLESMSAKERSFMCSLIFLTLNWFREI
VNAFCQETSPEMKGKVLTRLKHIVELQIILEKYLAVTPDYVPPLGNFDVETLDITPHTVTAISAKIRKKGKIERKQKTDG
SKTSSSDTLSEEKNSECDPTPSHRGQLNKEFTGKEEKTSLLLHNSHAFFRELDIEVFSILHCGLVTKFILDTEMHTEATE
VVQLGPPELLFLLEDLSQKLESMLTPPIARRVPFLKNKGSRNIGFSHLQQRSAQEIVHCVFQLLTPMCNHLENIHNYFQC
LAAENHGVVDGPGVKVQEYHIMSSCYQRLLQIFHGLFAWSGFSQPENQNLLYSALHVLSSRLKQGEHSQPLEELLSQSVH
YLQNFHQSIPSFQCALYLIRLLMVILEKSTASAQNKEKIASLARQFLCRVWPSGDKEKSNISNDQLHALLCIYLEHTESI
LKAIEEIAGVGVPELINSPKDASSSTFPTLTRHTFVVFFRVMMAELEKTVKKIEPGTAADSQQIHEEKLLYWNMAVRDFS
ILINLIKVFDSHPVLHVCLKYGRLFVEAFLKQCMPLLDFSFRKHREDVLSLLETFQLDTRLLHHLCGHSKIHQDTRLTQH
VPLLKKTLELLVCRVKAMLTLNNCREAFWLGNLKNRDLQGEEIKSQNSQESTADESEDDMSSQASKSKATEDGEEDEVSA
GEKEQDSDESYDDSD
;
B
3 'polypeptide(L)' GPGSMQIFVKTLTGKTITLEVEPSDTIENVKAKIQDKEGIPPDQQRLIFAGKQLEDGRTLSDYNIQKESTLHLVLRLRGG C
4 'polypeptide(L)'
;GMPGVIPSESNGLSRGSPSKKNRLSLKFFQKKETKRALDFTDSQENEEKASEYRASEIDQVVPAAQSSPINCEKRENLLP
FVGLNNLGNTSYLNSILQVLYFCPGFKSGVKHLFNIISRKKEALKDEANQKDKGNCKEDSLASYELICSLQSLIISVEQL
QASFLLNPEKYTDELATQPRRLLNTLRELNPMYEGYLQHDAQEVLQCILGNIQETCQLLKKEEVKNVAELPTKVEEIPHP
KEEMNGINSIEMDSMRHSEDFKEKLPKGNGKRKSDTEFGNMKKKVKLSKEHQSLEENQRQTRSKRKATSDTLESPPKIIP
KYISENESPRPSQKKSRVKINWLKSATKQPSILSKFCSLGKITTNQGVKGQSKENECDPEEDLGKCESDNTTNGCGLESP
GNTVTPVNVNEVKPINKGEEQIGFELVEKLFQGQLVLRTRCLECESLTERREDFQDISVPVQEDELSKVEESSEISPEPK
TEMKTLRWAISQFASVERIVGEDKYFCENCHHYTEAERSLLFDKMPEVITIHLKCFAASGLEFDCYGGGLSKINTPLLTP
LKLSLEEWSTKPTNDSYGLFAVVMHSGITISSGHYTASVKVTDLNSLELDKGNFVVDQMCEIGKPEPLNEEEARGVVENY
NDEEVSIRVGGNTQPSKVLNKKNVEAIGLLAAQKSKADYELYNKASNPDKVASTAFAENRNSETSDTTGTHESDRNKESS
DQTGINISGFENKISYVVQSLKEYEGKWLLFDDSEVKVTEEKDFLNSLSPSTSPTSTPYLLFYKKL
;
D
5 'polypeptide(L)'
;MHHHHHHLEVLFQGPGSMAAHHRQNTAGRRKVQVSYVIRDEVEKYNRNGVNALQLDPALNRLFTAGRDSIIRIWSVNQHK
QDPYIASMEHHTDWVNDIVLCCNGKTLISASSDTTVKVWNAHKGFCMSTLRTHKDYVKALAYAKDKELVASAGLDRQIFL
WDVNTLTALTASNNTVTTSSLSGNKDSIYSLAMNQLGTIIVSGSTEKVLRVWDPRTCAKLMKLKGHTDNVKALLLNRDGT
QCLSGSSDGTIRLWSLGQQRCIATYRVHDEGVWALQVNDAFTHVYSGGRDRKIYCTDLRNPDIRVLICEEKAPVLKMELD
RSADPPPAIWVATTKSTVNKWTLKGIHNFRASGDYDNDCTNPITPLCTQPDQVIKGGASIIQCHILNDKRHILTKDTNNN
VAYWDVLKACKVEDLGKVDFEDEIKKRFKMVYVPNWFSVDLKTGMLTITLDESDCFAAWVSAKDAGFSSPDGSDPKLNLG
GLLLQALLEYWPRTHVNPMDEEENEVNHVNGEQENRVQKGNGYFQVPPHTPVIFGEAGGRTLFRLLCRDSGGETESMLLN
ETVPQWVIDITVDKNMPKFNKIPFYLQPHASSGAKTLKKDRLSASDMLQVRKVMEHVYEKIINLDNESQTTSSSNNEKPG
EQEKEEDIAVLAEEKIELLCQDQVLDPNMDLRTVKHFIWKSGGDLTLHYRQKST
;
E
6 'polydeoxyribonucleotide'
;(DN)(DN)(DN)(DN)(DN)(DN)(DN)(DN)(DN)(DN)(DN)(DN)(DN)(DN)(DN)(DN)(DN)(DN)(DN)(DN)
(DN)(DN)(DN)(DN)(DN)(DN)(DN)(DN)(DN)
;
S,T
#
# COMPACT_ATOMS: atom_id res chain seq x y z
N ALA A 195 35.15 -4.82 0.60
CA ALA A 195 34.14 -4.96 1.63
C ALA A 195 34.50 -4.17 2.89
N GLU A 196 35.76 -4.29 3.30
CA GLU A 196 36.21 -3.53 4.48
C GLU A 196 36.31 -2.05 4.16
N GLU A 197 36.77 -1.70 2.96
CA GLU A 197 36.94 -0.30 2.61
C GLU A 197 35.60 0.43 2.55
N VAL A 198 34.57 -0.21 2.00
CA VAL A 198 33.25 0.43 1.95
C VAL A 198 32.63 0.48 3.34
N GLU A 199 33.07 -0.40 4.24
CA GLU A 199 32.57 -0.36 5.60
C GLU A 199 33.08 0.87 6.34
N PHE A 200 34.32 1.28 6.06
CA PHE A 200 34.88 2.45 6.73
C PHE A 200 34.23 3.73 6.23
N VAL A 201 33.99 3.82 4.92
CA VAL A 201 33.48 5.07 4.34
C VAL A 201 32.05 5.33 4.81
N VAL A 202 31.24 4.28 4.95
CA VAL A 202 29.90 4.47 5.46
C VAL A 202 29.93 4.79 6.94
N GLU A 203 30.79 4.09 7.70
CA GLU A 203 30.87 4.34 9.14
C GLU A 203 31.31 5.77 9.44
N LYS A 204 32.27 6.27 8.66
CA LYS A 204 32.71 7.65 8.83
C LYS A 204 31.57 8.62 8.51
N ALA A 205 30.72 8.26 7.55
CA ALA A 205 29.59 9.11 7.21
C ALA A 205 28.53 9.11 8.31
N LEU A 206 28.33 7.96 8.96
CA LEU A 206 27.43 7.92 10.12
C LEU A 206 27.89 8.86 11.21
N SER A 207 29.21 9.08 11.32
CA SER A 207 29.70 10.11 12.23
C SER A 207 29.28 11.50 11.77
N MET A 208 29.23 11.71 10.46
CA MET A 208 28.81 13.00 9.93
C MET A 208 27.31 13.23 10.13
N PHE A 209 26.56 12.17 10.41
CA PHE A 209 25.12 12.32 10.63
C PHE A 209 24.84 13.21 11.84
N SER A 210 25.62 13.08 12.89
CA SER A 210 25.44 13.85 14.12
C SER A 210 26.16 15.20 14.07
N LYS A 211 26.84 15.51 12.97
CA LYS A 211 27.58 16.77 12.87
C LYS A 211 27.00 17.65 11.76
N MET A 212 26.72 17.05 10.60
CA MET A 212 26.18 17.78 9.47
C MET A 212 24.75 18.23 9.75
N ASN A 213 24.28 19.24 9.03
CA ASN A 213 22.96 19.80 9.28
C ASN A 213 21.87 18.80 8.91
N LEU A 214 20.71 18.96 9.55
CA LEU A 214 19.61 18.03 9.35
C LEU A 214 19.11 18.06 7.90
N GLN A 215 18.98 19.26 7.33
CA GLN A 215 18.54 19.38 5.95
C GLN A 215 19.52 18.76 4.97
N GLU A 216 20.80 18.63 5.36
CA GLU A 216 21.81 18.04 4.49
C GLU A 216 21.80 16.51 4.55
N ILE A 217 21.08 15.92 5.51
CA ILE A 217 21.05 14.46 5.63
C ILE A 217 20.42 13.79 4.43
N PRO A 218 19.23 14.19 3.96
CA PRO A 218 18.60 13.49 2.82
C PRO A 218 19.47 13.48 1.57
N PRO A 219 20.17 14.57 1.22
CA PRO A 219 21.11 14.47 0.08
C PRO A 219 22.22 13.46 0.33
N LEU A 220 22.72 13.40 1.57
CA LEU A 220 23.78 12.43 1.89
C LEU A 220 23.25 11.01 1.85
N VAL A 221 22.02 10.81 2.34
CA VAL A 221 21.43 9.48 2.40
C VAL A 221 21.30 8.90 1.00
N TYR A 222 20.81 9.70 0.05
CA TYR A 222 20.60 9.21 -1.31
C TYR A 222 21.91 8.72 -1.91
N GLN A 223 22.96 9.53 -1.82
CA GLN A 223 24.26 9.12 -2.35
C GLN A 223 24.80 7.90 -1.63
N LEU A 224 24.65 7.85 -0.31
CA LEU A 224 25.16 6.72 0.46
C LEU A 224 24.29 5.49 0.24
N LEU A 225 23.00 5.67 -0.05
CA LEU A 225 22.12 4.54 -0.29
C LEU A 225 22.42 3.88 -1.64
N VAL A 226 22.58 4.68 -2.69
CA VAL A 226 22.89 4.12 -4.01
C VAL A 226 24.30 3.54 -4.02
N LEU A 227 25.21 4.10 -3.24
CA LEU A 227 26.55 3.53 -3.11
C LEU A 227 26.51 2.16 -2.45
N SER A 228 25.51 1.92 -1.60
CA SER A 228 25.36 0.65 -0.92
C SER A 228 25.01 -0.50 -1.86
N SER A 229 24.62 -0.21 -3.10
CA SER A 229 24.26 -1.27 -4.03
C SER A 229 25.44 -2.19 -4.32
N LYS A 230 26.63 -1.61 -4.47
CA LYS A 230 27.83 -2.38 -4.76
C LYS A 230 28.64 -2.69 -3.51
N GLY A 231 28.11 -2.42 -2.32
CA GLY A 231 28.83 -2.65 -1.08
C GLY A 231 27.91 -3.15 0.01
N SER A 232 28.21 -2.74 1.26
CA SER A 232 27.42 -3.19 2.39
C SER A 232 26.02 -2.61 2.34
N ARG A 233 25.03 -3.41 2.72
CA ARG A 233 23.63 -3.03 2.65
C ARG A 233 22.96 -2.90 4.01
N LYS A 234 23.27 -3.80 4.95
CA LYS A 234 22.60 -3.78 6.25
C LYS A 234 23.07 -2.60 7.10
N SER A 235 24.38 -2.34 7.11
CA SER A 235 24.94 -1.26 7.91
C SER A 235 24.42 0.09 7.45
N VAL A 236 24.10 0.21 6.17
CA VAL A 236 23.55 1.46 5.64
C VAL A 236 22.16 1.72 6.22
N LEU A 237 21.28 0.73 6.18
CA LEU A 237 19.92 0.93 6.68
C LEU A 237 19.89 0.99 8.20
N GLU A 238 20.71 0.17 8.86
CA GLU A 238 20.73 0.17 10.32
C GLU A 238 21.18 1.52 10.86
N GLY A 239 22.17 2.14 10.21
CA GLY A 239 22.64 3.43 10.68
C GLY A 239 21.59 4.53 10.54
N ILE A 240 20.89 4.55 9.41
CA ILE A 240 19.86 5.56 9.20
C ILE A 240 18.71 5.38 10.20
N ILE A 241 18.31 4.13 10.42
CA ILE A 241 17.23 3.86 11.35
C ILE A 241 17.64 4.22 12.77
N ALA A 242 18.86 3.86 13.16
CA ALA A 242 19.32 4.13 14.52
C ALA A 242 19.44 5.63 14.77
N PHE A 243 19.88 6.39 13.78
CA PHE A 243 20.06 7.82 13.96
C PHE A 243 18.73 8.52 14.19
N PHE A 244 17.72 8.20 13.37
CA PHE A 244 16.44 8.87 13.46
C PHE A 244 15.61 8.36 14.64
N SER A 245 15.81 7.11 15.05
CA SER A 245 15.13 6.60 16.23
C SER A 245 15.54 7.38 17.47
N ALA A 246 16.84 7.64 17.61
CA ALA A 246 17.31 8.45 18.74
C ALA A 246 16.94 9.91 18.55
N LEU A 247 16.99 10.40 17.31
CA LEU A 247 16.62 11.79 17.04
C LEU A 247 15.15 12.04 17.38
N ASP A 248 14.27 11.11 16.99
CA ASP A 248 12.86 11.24 17.36
C ASP A 248 12.67 11.12 18.86
N LYS A 249 13.40 10.19 19.50
CA LYS A 249 13.27 10.01 20.94
C LYS A 249 13.71 11.24 21.70
N GLN A 250 14.83 11.84 21.29
CA GLN A 250 15.29 13.08 21.93
C GLN A 250 14.31 14.22 21.72
N HIS A 251 13.71 14.29 20.53
CA HIS A 251 12.70 15.32 20.27
C HIS A 251 11.46 15.10 21.13
N ASN A 252 11.05 13.85 21.33
CA ASN A 252 9.88 13.57 22.16
C ASN A 252 10.12 13.97 23.61
N GLU A 253 11.32 13.69 24.13
CA GLU A 253 11.63 14.02 25.51
C GLU A 253 11.57 15.52 25.75
N GLU A 254 12.14 16.31 24.83
CA GLU A 254 12.18 17.75 24.97
C GLU A 254 10.87 18.44 24.60
N GLN A 255 10.01 17.77 23.83
CA GLN A 255 8.72 18.35 23.48
C GLN A 255 7.76 18.33 24.67
N SER A 256 7.86 17.30 25.51
CA SER A 256 7.02 17.22 26.69
C SER A 256 7.33 18.37 27.64
N GLY A 257 6.28 18.99 28.16
CA GLY A 257 6.45 20.12 29.05
C GLY A 257 5.55 21.29 28.69
N ASP A 258 5.75 22.42 29.35
CA ASP A 258 4.93 23.59 29.11
C ASP A 258 5.22 24.17 27.73
N GLU A 259 4.20 24.78 27.12
CA GLU A 259 4.39 25.49 25.86
C GLU A 259 5.17 26.79 26.04
N LEU A 260 5.46 27.18 27.28
CA LEU A 260 6.39 28.26 27.54
C LEU A 260 7.76 27.92 26.94
N LEU A 261 8.64 28.92 26.91
CA LEU A 261 9.97 28.79 26.29
C LEU A 261 10.64 27.46 26.61
N ASP A 262 11.00 26.72 25.57
CA ASP A 262 11.53 25.36 25.70
C ASP A 262 12.83 25.21 24.92
N VAL A 263 13.64 24.25 25.32
CA VAL A 263 14.92 23.97 24.65
C VAL A 263 14.63 22.84 23.67
N VAL A 264 14.35 23.22 22.42
CA VAL A 264 14.03 22.28 21.36
C VAL A 264 15.11 22.38 20.28
N THR A 265 15.73 21.25 19.97
CA THR A 265 16.80 21.21 18.98
C THR A 265 16.22 21.18 17.57
N VAL A 266 15.41 20.16 17.27
CA VAL A 266 14.78 20.04 15.96
C VAL A 266 13.29 20.30 16.09
N PRO A 267 12.74 21.30 15.40
CA PRO A 267 11.29 21.49 15.42
C PRO A 267 10.56 20.33 14.76
N SER A 268 9.35 20.07 15.22
CA SER A 268 8.60 18.91 14.74
C SER A 268 8.29 19.01 13.26
N GLY A 269 8.09 20.22 12.75
CA GLY A 269 7.73 20.40 11.36
C GLY A 269 8.79 19.93 10.37
N GLU A 270 10.04 20.35 10.58
CA GLU A 270 11.11 19.94 9.69
C GLU A 270 11.57 18.51 9.97
N LEU A 271 11.44 18.06 11.22
CA LEU A 271 11.86 16.71 11.56
C LEU A 271 11.03 15.66 10.81
N ARG A 272 9.71 15.89 10.72
CA ARG A 272 8.86 14.96 9.97
C ARG A 272 9.09 15.11 8.48
N HIS A 273 9.55 16.28 8.02
CA HIS A 273 9.80 16.47 6.60
C HIS A 273 11.02 15.67 6.14
N VAL A 274 12.13 15.77 6.88
CA VAL A 274 13.33 15.04 6.49
C VAL A 274 13.13 13.55 6.65
N GLU A 275 12.42 13.14 7.70
CA GLU A 275 12.10 11.72 7.87
C GLU A 275 11.22 11.23 6.74
N GLY A 276 10.22 12.02 6.35
CA GLY A 276 9.30 11.59 5.31
C GLY A 276 9.97 11.44 3.95
N THR A 277 10.86 12.38 3.60
CA THR A 277 11.53 12.29 2.32
C THR A 277 12.62 11.22 2.32
N ILE A 278 13.24 10.96 3.45
CA ILE A 278 14.24 9.90 3.53
C ILE A 278 13.58 8.53 3.43
N ILE A 279 12.41 8.37 4.05
CA ILE A 279 11.65 7.13 3.91
C ILE A 279 11.33 6.87 2.44
N LEU A 280 10.96 7.93 1.70
CA LEU A 280 10.70 7.79 0.28
C LEU A 280 11.97 7.43 -0.47
N HIS A 281 13.13 7.91 0.00
CA HIS A 281 14.39 7.54 -0.62
C HIS A 281 14.67 6.05 -0.45
N ILE A 282 14.46 5.53 0.76
CA ILE A 282 14.69 4.11 1.02
C ILE A 282 13.73 3.26 0.22
N VAL A 283 12.45 3.66 0.17
CA VAL A 283 11.45 2.90 -0.55
C VAL A 283 11.78 2.82 -2.03
N PHE A 284 12.21 3.95 -2.61
CA PHE A 284 12.57 3.95 -4.03
C PHE A 284 13.79 3.07 -4.29
N ALA A 285 14.72 3.02 -3.34
CA ALA A 285 15.89 2.16 -3.50
C ALA A 285 15.49 0.69 -3.55
N ILE A 286 14.54 0.29 -2.70
CA ILE A 286 14.08 -1.09 -2.67
C ILE A 286 13.39 -1.47 -3.97
N LYS A 287 12.70 -0.53 -4.61
CA LYS A 287 12.01 -0.82 -5.87
C LYS A 287 12.98 -1.17 -7.00
N LEU A 288 14.27 -0.90 -6.83
CA LEU A 288 15.26 -1.22 -7.86
C LEU A 288 16.30 -2.23 -7.41
N ASP A 289 16.27 -2.68 -6.15
CA ASP A 289 17.32 -3.52 -5.61
C ASP A 289 16.82 -4.89 -5.16
N TYR A 290 15.81 -4.93 -4.30
CA TYR A 290 15.20 -6.14 -3.74
C TYR A 290 16.09 -6.83 -2.73
N GLU A 291 17.36 -6.44 -2.62
CA GLU A 291 18.20 -6.99 -1.57
C GLU A 291 18.19 -6.07 -0.36
N LEU A 292 18.09 -4.76 -0.61
CA LEU A 292 17.97 -3.81 0.49
C LEU A 292 16.66 -4.02 1.24
N GLY A 293 15.59 -4.36 0.52
CA GLY A 293 14.32 -4.62 1.17
C GLY A 293 14.35 -5.85 2.05
N ARG A 294 14.98 -6.92 1.56
CA ARG A 294 15.11 -8.14 2.36
C ARG A 294 15.97 -7.89 3.60
N GLU A 295 17.01 -7.07 3.47
CA GLU A 295 17.82 -6.70 4.62
C GLU A 295 17.00 -5.94 5.65
N LEU A 296 16.12 -5.04 5.18
CA LEU A 296 15.30 -4.26 6.10
C LEU A 296 14.37 -5.16 6.90
N VAL A 297 13.72 -6.12 6.23
CA VAL A 297 12.83 -7.05 6.92
C VAL A 297 13.63 -7.92 7.89
N LYS A 298 14.77 -8.42 7.43
CA LYS A 298 15.60 -9.28 8.28
C LYS A 298 16.15 -8.51 9.46
N HIS A 299 16.57 -7.26 9.23
CA HIS A 299 17.07 -6.43 10.32
C HIS A 299 15.97 -6.13 11.34
N LEU A 300 14.76 -5.89 10.87
CA LEU A 300 13.63 -5.53 11.73
C LEU A 300 12.77 -6.73 12.11
N LYS A 301 13.30 -7.95 11.93
CA LYS A 301 12.54 -9.15 12.27
C LYS A 301 12.31 -9.25 13.77
N VAL A 302 11.13 -9.73 14.15
CA VAL A 302 10.79 -9.91 15.55
C VAL A 302 11.41 -11.19 16.09
N GLY A 306 9.51 -15.43 20.89
CA GLY A 306 9.29 -14.01 20.66
C GLY A 306 10.35 -13.13 21.30
N ASP A 307 10.62 -11.99 20.68
CA ASP A 307 11.61 -11.05 21.18
C ASP A 307 11.02 -9.63 21.11
N SER A 308 11.55 -8.76 21.97
CA SER A 308 11.03 -7.40 22.05
C SER A 308 11.29 -6.61 20.77
N ASN A 309 12.38 -6.89 20.06
CA ASN A 309 12.76 -6.19 18.84
C ASN A 309 12.90 -4.69 19.10
N ASN A 310 13.92 -4.37 19.91
CA ASN A 310 14.15 -2.99 20.33
C ASN A 310 14.48 -2.07 19.17
N ASN A 311 14.82 -2.60 17.99
CA ASN A 311 15.04 -1.77 16.82
C ASN A 311 13.76 -1.13 16.29
N LEU A 312 12.59 -1.60 16.71
CA LEU A 312 11.34 -0.99 16.28
C LEU A 312 11.17 0.38 16.92
N SER A 313 10.81 1.37 16.11
CA SER A 313 10.61 2.74 16.56
C SER A 313 9.55 3.36 15.68
N PRO A 314 9.05 4.54 16.05
CA PRO A 314 8.11 5.23 15.14
C PRO A 314 8.68 5.47 13.76
N PHE A 315 9.98 5.73 13.64
CA PHE A 315 10.57 5.91 12.32
C PHE A 315 10.63 4.61 11.55
N SER A 316 11.05 3.52 12.21
CA SER A 316 11.14 2.24 11.51
C SER A 316 9.77 1.66 11.19
N ILE A 317 8.78 1.89 12.04
CA ILE A 317 7.42 1.45 11.75
C ILE A 317 6.85 2.22 10.56
N ALA A 318 7.07 3.54 10.53
CA ALA A 318 6.63 4.33 9.39
C ALA A 318 7.37 3.94 8.12
N LEU A 319 8.65 3.57 8.25
CA LEU A 319 9.41 3.08 7.10
C LEU A 319 8.83 1.77 6.59
N LEU A 320 8.46 0.86 7.50
CA LEU A 320 7.88 -0.42 7.10
C LEU A 320 6.53 -0.22 6.41
N LEU A 321 5.73 0.72 6.92
CA LEU A 321 4.41 0.95 6.34
C LEU A 321 4.50 1.45 4.91
N SER A 322 5.45 2.35 4.63
CA SER A 322 5.61 2.85 3.26
C SER A 322 6.18 1.77 2.34
N VAL A 323 6.93 0.82 2.88
CA VAL A 323 7.47 -0.26 2.07
C VAL A 323 6.35 -1.14 1.52
N THR A 324 5.22 -1.22 2.23
CA THR A 324 4.13 -2.08 1.81
C THR A 324 3.53 -1.66 0.48
N ARG A 325 3.81 -0.44 0.01
CA ARG A 325 3.38 -0.03 -1.31
C ARG A 325 3.99 -0.88 -2.42
N ILE A 326 5.10 -1.57 -2.13
CA ILE A 326 5.66 -2.55 -3.05
C ILE A 326 4.93 -3.86 -2.82
N GLN A 327 4.29 -4.38 -3.87
CA GLN A 327 3.43 -5.56 -3.71
C GLN A 327 4.22 -6.78 -3.27
N ARG A 328 5.52 -6.84 -3.59
CA ARG A 328 6.32 -7.99 -3.21
C ARG A 328 6.50 -8.08 -1.70
N PHE A 329 6.71 -6.94 -1.04
CA PHE A 329 6.92 -6.90 0.40
C PHE A 329 5.66 -6.55 1.18
N GLN A 330 4.50 -6.52 0.51
CA GLN A 330 3.27 -6.11 1.18
C GLN A 330 2.87 -7.08 2.28
N ASP A 331 2.65 -8.35 1.91
CA ASP A 331 2.19 -9.33 2.90
C ASP A 331 3.28 -9.68 3.90
N GLN A 332 4.54 -9.68 3.46
CA GLN A 332 5.63 -10.03 4.36
C GLN A 332 5.81 -8.99 5.46
N VAL A 333 5.77 -7.71 5.09
CA VAL A 333 5.95 -6.65 6.09
C VAL A 333 4.73 -6.54 6.99
N LEU A 334 3.53 -6.62 6.42
CA LEU A 334 2.32 -6.49 7.21
C LEU A 334 2.18 -7.62 8.22
N ASP A 335 2.69 -8.81 7.88
CA ASP A 335 2.71 -9.90 8.84
C ASP A 335 3.70 -9.64 9.97
N LEU A 336 4.80 -8.97 9.67
CA LEU A 336 5.75 -8.59 10.71
C LEU A 336 5.12 -7.63 11.70
N LEU A 337 4.38 -6.63 11.20
CA LEU A 337 3.77 -5.64 12.08
C LEU A 337 2.66 -6.27 12.93
N LYS A 338 1.91 -7.20 12.36
CA LYS A 338 0.87 -7.90 13.12
C LYS A 338 1.47 -8.70 14.27
N THR A 339 2.57 -9.40 14.00
CA THR A 339 3.22 -10.20 15.05
C THR A 339 3.81 -9.30 16.13
N SER A 340 4.33 -8.13 15.74
CA SER A 340 4.98 -7.25 16.71
C SER A 340 3.99 -6.73 17.74
N VAL A 341 2.79 -6.33 17.31
CA VAL A 341 1.82 -5.79 18.25
C VAL A 341 1.28 -6.87 19.17
N VAL A 342 1.06 -8.08 18.63
CA VAL A 342 0.54 -9.17 19.43
C VAL A 342 1.54 -9.56 20.51
N LYS A 343 2.81 -9.71 20.12
CA LYS A 343 3.84 -10.04 21.10
C LYS A 343 4.01 -8.90 22.11
N SER A 344 3.89 -7.66 21.66
CA SER A 344 4.00 -6.52 22.57
C SER A 344 2.88 -6.54 23.60
N PHE A 345 1.66 -6.89 23.19
CA PHE A 345 0.55 -6.97 24.13
C PHE A 345 0.72 -8.14 25.08
N LYS A 346 1.28 -9.25 24.60
CA LYS A 346 1.58 -10.37 25.48
C LYS A 346 2.61 -9.98 26.53
N ASP A 347 3.63 -9.22 26.12
CA ASP A 347 4.61 -8.72 27.09
C ASP A 347 3.97 -7.78 28.10
N LEU A 348 3.09 -6.89 27.63
CA LEU A 348 2.40 -5.97 28.54
C LEU A 348 1.53 -6.72 29.52
N GLN A 349 0.78 -7.71 29.05
CA GLN A 349 -0.08 -8.48 29.93
C GLN A 349 0.73 -9.31 30.92
N LEU A 350 1.89 -9.81 30.49
CA LEU A 350 2.73 -10.62 31.37
C LEU A 350 3.34 -9.78 32.48
N LEU A 351 3.74 -8.55 32.18
CA LEU A 351 4.32 -7.68 33.21
C LEU A 351 3.26 -7.25 34.22
N GLN A 352 2.08 -6.85 33.75
CA GLN A 352 1.05 -6.34 34.65
C GLN A 352 0.55 -7.42 35.60
N GLY A 353 0.61 -8.68 35.19
CA GLY A 353 0.12 -9.76 36.02
C GLY A 353 1.08 -10.30 37.06
N SER A 354 2.29 -9.75 37.14
CA SER A 354 3.29 -10.24 38.08
C SER A 354 3.99 -9.06 38.74
N LYS A 355 4.38 -9.25 40.00
CA LYS A 355 5.15 -8.24 40.73
C LYS A 355 6.64 -8.51 40.72
N PHE A 356 7.04 -9.77 40.91
CA PHE A 356 8.44 -10.15 40.74
C PHE A 356 8.97 -9.71 39.38
N LEU A 357 8.19 -10.00 38.33
CA LEU A 357 8.62 -9.66 36.98
C LEU A 357 8.61 -8.15 36.77
N GLN A 358 7.71 -7.45 37.46
CA GLN A 358 7.55 -6.01 37.26
C GLN A 358 8.70 -5.24 37.90
N ASN A 359 9.23 -5.74 39.02
CA ASN A 359 10.32 -5.04 39.70
C ASN A 359 11.59 -5.03 38.86
N LEU A 360 11.91 -6.14 38.21
CA LEU A 360 13.18 -6.31 37.52
C LEU A 360 13.23 -5.61 36.16
N VAL A 361 12.09 -5.33 35.56
CA VAL A 361 12.03 -4.83 34.18
C VAL A 361 11.71 -3.33 34.23
N PRO A 362 12.66 -2.45 33.93
CA PRO A 362 12.30 -1.05 33.72
C PRO A 362 11.41 -0.92 32.49
N HIS A 363 10.49 0.03 32.57
CA HIS A 363 9.44 0.12 31.56
C HIS A 363 10.03 0.46 30.19
N ARG A 364 9.45 -0.15 29.17
CA ARG A 364 9.79 0.14 27.78
C ARG A 364 8.52 0.46 27.02
N SER A 365 8.67 1.26 25.96
CA SER A 365 7.53 1.59 25.13
C SER A 365 7.04 0.35 24.38
N TYR A 366 5.80 0.41 23.92
CA TYR A 366 5.14 -0.72 23.28
C TYR A 366 4.82 -0.35 21.84
N VAL A 367 4.77 -1.36 20.98
CA VAL A 367 4.56 -1.17 19.54
C VAL A 367 3.20 -0.52 19.31
N SER A 368 2.22 -0.87 20.14
CA SER A 368 0.90 -0.26 20.03
C SER A 368 0.98 1.25 20.21
N THR A 369 1.74 1.70 21.21
CA THR A 369 1.97 3.13 21.38
C THR A 369 2.75 3.70 20.20
N MET A 370 3.72 2.93 19.68
CA MET A 370 4.56 3.41 18.59
C MET A 370 3.75 3.67 17.33
N ILE A 371 2.83 2.76 16.98
CA ILE A 371 2.06 2.92 15.75
C ILE A 371 1.10 4.10 15.86
N LEU A 372 0.53 4.33 17.04
CA LEU A 372 -0.40 5.44 17.21
C LEU A 372 0.24 6.79 16.94
N GLU A 373 1.49 6.99 17.36
CA GLU A 373 2.17 8.24 17.05
C GLU A 373 2.71 8.27 15.63
N VAL A 374 2.77 7.13 14.94
CA VAL A 374 3.03 7.17 13.50
C VAL A 374 1.83 7.75 12.77
N VAL A 375 0.62 7.42 13.21
CA VAL A 375 -0.59 8.04 12.67
C VAL A 375 -0.60 9.53 12.99
N LYS A 376 -0.22 9.89 14.21
CA LYS A 376 -0.19 11.30 14.60
C LYS A 376 0.80 12.09 13.77
N ASN A 377 1.98 11.52 13.51
CA ASN A 377 2.99 12.19 12.72
C ASN A 377 2.70 12.11 11.22
N SER A 378 1.77 11.26 10.80
CA SER A 378 1.47 11.14 9.37
C SER A 378 0.74 12.36 8.84
N VAL A 379 0.29 13.24 9.73
CA VAL A 379 -0.38 14.47 9.28
C VAL A 379 0.59 15.36 8.52
N HIS A 380 1.89 15.26 8.81
CA HIS A 380 2.90 16.05 8.12
C HIS A 380 3.24 15.46 6.76
N SER A 381 2.23 15.34 5.90
CA SER A 381 2.33 14.93 4.50
C SER A 381 2.84 13.50 4.30
N TRP A 382 2.77 12.64 5.32
CA TRP A 382 3.17 11.25 5.12
C TRP A 382 2.06 10.45 4.46
N ASP A 383 1.70 10.80 3.22
CA ASP A 383 0.64 10.12 2.51
C ASP A 383 1.05 8.75 2.01
N HIS A 384 2.35 8.47 1.92
CA HIS A 384 2.84 7.17 1.50
C HIS A 384 2.68 6.11 2.58
N VAL A 385 2.33 6.51 3.80
CA VAL A 385 2.17 5.58 4.91
C VAL A 385 0.73 5.12 5.08
N THR A 386 -0.26 5.93 4.69
CA THR A 386 -1.66 5.67 5.04
C THR A 386 -2.15 4.35 4.46
N GLN A 387 -1.81 4.06 3.21
CA GLN A 387 -2.33 2.85 2.57
C GLN A 387 -1.91 1.59 3.32
N GLY A 388 -0.63 1.51 3.70
CA GLY A 388 -0.21 0.41 4.55
C GLY A 388 -0.73 0.53 5.96
N LEU A 389 -0.99 1.76 6.41
CA LEU A 389 -1.55 1.97 7.74
C LEU A 389 -2.99 1.50 7.81
N VAL A 390 -3.77 1.73 6.75
CA VAL A 390 -5.15 1.25 6.70
C VAL A 390 -5.18 -0.27 6.57
N GLU A 391 -4.28 -0.84 5.76
CA GLU A 391 -4.24 -2.28 5.60
C GLU A 391 -3.89 -2.98 6.90
N LEU A 392 -2.94 -2.42 7.65
CA LEU A 392 -2.58 -3.02 8.94
C LEU A 392 -3.74 -2.98 9.92
N GLY A 393 -4.49 -1.87 9.93
CA GLY A 393 -5.62 -1.77 10.82
C GLY A 393 -6.71 -2.79 10.52
N PHE A 394 -6.91 -3.10 9.24
CA PHE A 394 -7.92 -4.09 8.88
C PHE A 394 -7.44 -5.51 9.15
N ILE A 395 -6.14 -5.78 8.97
CA ILE A 395 -5.60 -7.09 9.31
C ILE A 395 -5.70 -7.34 10.80
N LEU A 396 -5.40 -6.33 11.62
CA LEU A 396 -5.49 -6.50 13.06
C LEU A 396 -6.92 -6.78 13.51
N MET A 397 -7.90 -6.14 12.88
CA MET A 397 -9.29 -6.32 13.28
C MET A 397 -9.92 -7.56 12.68
N ASP A 398 -9.41 -8.05 11.55
CA ASP A 398 -9.90 -9.28 10.96
C ASP A 398 -9.31 -10.52 11.61
N SER A 399 -8.02 -10.48 11.94
CA SER A 399 -7.35 -11.65 12.51
C SER A 399 -7.67 -11.85 13.98
N TYR A 400 -8.00 -10.78 14.71
CA TYR A 400 -8.20 -10.86 16.16
C TYR A 400 -9.55 -10.30 16.57
N GLY A 401 -10.53 -10.33 15.68
CA GLY A 401 -11.88 -10.01 16.02
C GLY A 401 -12.49 -11.11 16.86
N PRO A 402 -13.48 -10.77 17.69
CA PRO A 402 -14.07 -11.77 18.59
C PRO A 402 -14.85 -12.80 17.78
N LYS A 403 -14.52 -14.08 17.99
CA LYS A 403 -15.15 -15.19 17.28
C LYS A 403 -16.10 -15.97 18.17
N LYS A 404 -16.84 -15.28 19.04
CA LYS A 404 -17.76 -15.97 19.95
C LYS A 404 -18.85 -16.71 19.19
N VAL A 405 -19.20 -16.24 17.99
CA VAL A 405 -20.25 -16.78 17.13
C VAL A 405 -21.43 -17.35 17.90
N SER A 416 -8.74 -17.60 27.46
CA SER A 416 -8.73 -16.56 28.49
C SER A 416 -7.40 -15.82 28.52
N LEU A 417 -6.30 -16.56 28.60
CA LEU A 417 -4.99 -15.95 28.66
C LEU A 417 -4.67 -15.22 27.36
N SER A 418 -5.00 -15.81 26.22
CA SER A 418 -4.72 -15.20 24.93
C SER A 418 -5.87 -14.34 24.40
N ARG A 419 -7.07 -14.44 25.01
CA ARG A 419 -8.19 -13.62 24.55
C ARG A 419 -7.93 -12.14 24.80
N MET A 420 -7.39 -11.80 25.97
CA MET A 420 -7.18 -10.40 26.30
C MET A 420 -6.18 -9.73 25.36
N PRO A 421 -4.98 -10.28 25.09
CA PRO A 421 -4.10 -9.64 24.12
C PRO A 421 -4.65 -9.61 22.71
N ASN A 422 -5.53 -10.54 22.35
CA ASN A 422 -6.20 -10.51 21.06
C ASN A 422 -7.21 -9.38 20.96
N GLN A 423 -7.95 -9.12 22.04
CA GLN A 423 -8.85 -7.98 22.08
C GLN A 423 -8.11 -6.65 21.99
N HIS A 424 -6.92 -6.56 22.57
CA HIS A 424 -6.09 -5.38 22.48
C HIS A 424 -5.58 -5.12 21.07
N ALA A 425 -5.21 -6.17 20.33
CA ALA A 425 -4.77 -6.01 18.96
C ALA A 425 -5.91 -5.60 18.04
N CYS A 426 -7.12 -6.12 18.28
CA CYS A 426 -8.29 -5.68 17.51
C CYS A 426 -8.62 -4.23 17.81
N LYS A 427 -8.52 -3.83 19.08
CA LYS A 427 -8.79 -2.44 19.44
CA LYS A 427 -8.79 -2.45 19.46
C LYS A 427 -7.80 -1.49 18.78
N LEU A 428 -6.53 -1.90 18.69
CA LEU A 428 -5.52 -1.08 18.04
C LEU A 428 -5.88 -0.84 16.57
N GLY A 429 -6.38 -1.86 15.90
CA GLY A 429 -6.80 -1.69 14.52
C GLY A 429 -7.95 -0.72 14.38
N ALA A 430 -8.86 -0.71 15.35
CA ALA A 430 -9.95 0.27 15.33
C ALA A 430 -9.44 1.67 15.63
N ASN A 431 -8.50 1.80 16.57
CA ASN A 431 -7.89 3.09 16.83
C ASN A 431 -7.13 3.60 15.61
N ILE A 432 -6.38 2.71 14.95
CA ILE A 432 -5.62 3.11 13.76
C ILE A 432 -6.59 3.57 12.66
N LEU A 433 -7.65 2.80 12.43
CA LEU A 433 -8.57 3.12 11.35
C LEU A 433 -9.37 4.37 11.64
N LEU A 434 -9.71 4.61 12.90
CA LEU A 434 -10.49 5.79 13.25
C LEU A 434 -9.64 7.06 13.15
N GLU A 435 -8.40 7.01 13.67
CA GLU A 435 -7.54 8.19 13.62
C GLU A 435 -7.11 8.50 12.19
N THR A 436 -6.87 7.48 11.37
CA THR A 436 -6.52 7.72 9.98
C THR A 436 -7.70 8.32 9.21
N PHE A 437 -8.93 7.97 9.59
CA PHE A 437 -10.10 8.51 8.92
C PHE A 437 -10.18 10.03 9.09
N LYS A 438 -9.96 10.52 10.30
CA LYS A 438 -10.09 11.94 10.57
C LYS A 438 -9.03 12.75 9.84
N ILE A 439 -7.79 12.25 9.80
CA ILE A 439 -6.68 13.05 9.30
C ILE A 439 -6.68 13.06 7.77
N HIS A 440 -6.63 11.89 7.16
CA HIS A 440 -6.40 11.79 5.72
C HIS A 440 -7.74 11.73 4.99
N GLU A 441 -7.95 12.71 4.10
CA GLU A 441 -9.23 12.83 3.39
C GLU A 441 -9.33 11.90 2.18
N MET A 442 -8.20 11.50 1.59
CA MET A 442 -8.22 10.69 0.39
C MET A 442 -8.28 9.19 0.68
N ILE A 443 -8.17 8.79 1.94
CA ILE A 443 -8.23 7.38 2.31
C ILE A 443 -9.51 7.04 3.07
N ARG A 444 -10.29 8.04 3.47
CA ARG A 444 -11.48 7.78 4.28
C ARG A 444 -12.56 7.06 3.49
N GLN A 445 -12.65 7.31 2.19
CA GLN A 445 -13.66 6.63 1.38
C GLN A 445 -13.37 5.15 1.25
N GLU A 446 -12.10 4.77 1.23
CA GLU A 446 -11.74 3.36 1.22
C GLU A 446 -11.96 2.71 2.59
N ILE A 447 -11.76 3.48 3.65
CA ILE A 447 -12.00 2.95 5.00
C ILE A 447 -13.47 2.66 5.21
N LEU A 448 -14.34 3.61 4.85
CA LEU A 448 -15.77 3.42 5.03
C LEU A 448 -16.31 2.31 4.14
N GLU A 449 -15.82 2.24 2.90
CA GLU A 449 -16.28 1.20 1.99
C GLU A 449 -15.91 -0.19 2.53
N GLN A 450 -14.68 -0.35 3.01
CA GLN A 450 -14.26 -1.63 3.55
C GLN A 450 -15.01 -1.97 4.84
N VAL A 451 -15.27 -0.97 5.68
CA VAL A 451 -16.01 -1.20 6.92
C VAL A 451 -17.41 -1.69 6.62
N LEU A 452 -18.08 -1.04 5.65
CA LEU A 452 -19.43 -1.45 5.29
C LEU A 452 -19.46 -2.83 4.64
N ASN A 453 -18.38 -3.23 3.98
CA ASN A 453 -18.31 -4.56 3.40
C ASN A 453 -18.38 -5.66 4.45
N ARG A 454 -17.72 -5.49 5.59
CA ARG A 454 -17.76 -6.49 6.63
C ARG A 454 -19.05 -6.47 7.44
N VAL A 455 -19.80 -5.38 7.39
CA VAL A 455 -21.02 -5.25 8.17
C VAL A 455 -22.25 -5.65 7.37
N VAL A 456 -22.32 -5.23 6.10
CA VAL A 456 -23.50 -5.49 5.29
C VAL A 456 -23.38 -6.86 4.65
N THR A 457 -23.73 -7.90 5.40
CA THR A 457 -23.67 -9.28 4.94
C THR A 457 -24.80 -10.07 5.60
N ARG A 458 -25.15 -11.19 4.97
CA ARG A 458 -26.01 -12.19 5.58
C ARG A 458 -25.23 -13.40 6.08
N ALA A 459 -23.92 -13.25 6.27
CA ALA A 459 -23.06 -14.35 6.66
C ALA A 459 -23.17 -14.72 8.13
N SER A 460 -23.79 -13.86 8.94
CA SER A 460 -23.97 -14.09 10.37
C SER A 460 -22.63 -14.27 11.08
N SER A 461 -21.58 -13.64 10.56
CA SER A 461 -20.28 -13.65 11.22
C SER A 461 -20.23 -12.58 12.30
N PRO A 462 -19.40 -12.77 13.33
CA PRO A 462 -19.32 -11.77 14.40
C PRO A 462 -18.74 -10.46 13.89
N ILE A 463 -19.53 -9.39 14.02
CA ILE A 463 -19.18 -8.11 13.43
C ILE A 463 -19.31 -6.99 14.46
N SER A 464 -19.34 -7.37 15.75
CA SER A 464 -19.57 -6.38 16.79
C SER A 464 -18.48 -5.32 16.81
N HIS A 465 -17.23 -5.72 16.59
CA HIS A 465 -16.13 -4.76 16.57
C HIS A 465 -16.23 -3.84 15.37
N PHE A 466 -16.70 -4.35 14.24
CA PHE A 466 -16.84 -3.52 13.04
C PHE A 466 -17.96 -2.50 13.19
N LEU A 467 -19.01 -2.85 13.93
CA LEU A 467 -20.14 -1.94 14.11
C LEU A 467 -19.76 -0.78 15.03
N ASP A 468 -18.90 -1.02 16.02
CA ASP A 468 -18.44 0.06 16.88
C ASP A 468 -17.53 1.02 16.13
N LEU A 469 -16.68 0.50 15.24
CA LEU A 469 -15.85 1.36 14.40
C LEU A 469 -16.70 2.19 13.46
N LEU A 470 -17.72 1.58 12.85
CA LEU A 470 -18.62 2.33 11.98
C LEU A 470 -19.37 3.39 12.75
N SER A 471 -19.78 3.10 13.98
CA SER A 471 -20.47 4.08 14.79
C SER A 471 -19.56 5.24 15.18
N ASN A 472 -18.27 4.97 15.37
CA ASN A 472 -17.32 6.03 15.70
C ASN A 472 -16.96 6.89 14.50
N ILE A 473 -16.90 6.28 13.31
CA ILE A 473 -16.63 7.04 12.09
C ILE A 473 -17.76 8.03 11.80
N VAL A 474 -19.02 7.59 11.92
CA VAL A 474 -20.15 8.46 11.61
C VAL A 474 -20.41 9.50 12.68
N MET A 475 -19.67 9.48 13.79
CA MET A 475 -19.73 10.58 14.73
C MET A 475 -19.27 11.88 14.09
N TYR A 476 -18.37 11.78 13.11
CA TYR A 476 -17.98 12.93 12.29
C TYR A 476 -18.81 12.93 11.00
N ALA A 477 -20.10 13.22 11.18
CA ALA A 477 -21.04 13.16 10.06
C ALA A 477 -20.71 14.14 8.94
N PRO A 478 -20.44 15.43 9.19
CA PRO A 478 -20.01 16.30 8.08
C PRO A 478 -18.73 15.82 7.44
N LEU A 479 -17.86 15.17 8.22
CA LEU A 479 -16.63 14.62 7.65
C LEU A 479 -16.93 13.46 6.72
N VAL A 480 -18.03 12.74 6.97
CA VAL A 480 -18.42 11.60 6.14
C VAL A 480 -19.21 12.05 4.92
N LEU A 481 -20.13 13.00 5.11
CA LEU A 481 -21.00 13.43 4.01
C LEU A 481 -20.21 14.10 2.91
N GLN A 482 -19.07 14.71 3.24
CA GLN A 482 -18.33 15.49 2.27
C GLN A 482 -17.78 14.64 1.12
N SER A 483 -17.23 13.46 1.44
CA SER A 483 -16.56 12.64 0.44
C SER A 483 -17.25 11.30 0.23
N CYS A 484 -17.52 10.56 1.31
CA CYS A 484 -18.06 9.21 1.23
C CYS A 484 -19.48 9.22 1.78
N SER A 485 -20.43 9.56 0.91
CA SER A 485 -21.85 9.46 1.23
C SER A 485 -22.60 8.48 0.34
N SER A 486 -22.05 8.16 -0.83
CA SER A 486 -22.68 7.17 -1.70
C SER A 486 -22.58 5.77 -1.09
N LYS A 487 -21.49 5.49 -0.38
CA LYS A 487 -21.31 4.17 0.23
C LYS A 487 -22.42 3.86 1.22
N VAL A 488 -22.87 4.88 1.96
CA VAL A 488 -24.01 4.68 2.87
C VAL A 488 -25.28 4.40 2.09
N THR A 489 -25.50 5.14 1.00
CA THR A 489 -26.72 4.96 0.22
C THR A 489 -26.78 3.59 -0.45
N GLU A 490 -25.67 3.10 -0.99
CA GLU A 490 -25.65 1.74 -1.53
C GLU A 490 -25.87 0.72 -0.43
N ALA A 491 -25.36 0.99 0.77
CA ALA A 491 -25.63 0.11 1.90
C ALA A 491 -27.11 0.11 2.26
N PHE A 492 -27.76 1.27 2.17
CA PHE A 492 -29.18 1.35 2.45
C PHE A 492 -30.00 0.54 1.46
N ASP A 493 -29.52 0.43 0.22
CA ASP A 493 -30.27 -0.29 -0.81
C ASP A 493 -30.33 -1.79 -0.50
N TYR A 494 -29.32 -2.31 0.18
CA TYR A 494 -29.27 -3.73 0.52
C TYR A 494 -29.93 -4.05 1.85
N LEU A 495 -30.56 -3.06 2.50
CA LEU A 495 -31.15 -3.29 3.82
C LEU A 495 -32.26 -4.34 3.76
N SER A 496 -33.02 -4.36 2.66
CA SER A 496 -34.11 -5.32 2.55
C SER A 496 -33.60 -6.75 2.50
N PHE A 497 -32.49 -6.98 1.80
CA PHE A 497 -31.95 -8.33 1.68
C PHE A 497 -31.27 -8.80 2.95
N LEU A 498 -30.81 -7.87 3.79
CA LEU A 498 -30.15 -8.26 5.03
C LEU A 498 -31.14 -8.89 6.00
N PRO A 499 -30.66 -9.75 6.89
CA PRO A 499 -31.54 -10.30 7.93
C PRO A 499 -31.93 -9.24 8.94
N LEU A 500 -32.97 -9.58 9.72
CA LEU A 500 -33.52 -8.62 10.68
C LEU A 500 -32.50 -8.23 11.73
N GLN A 501 -31.68 -9.19 12.18
CA GLN A 501 -30.68 -8.89 13.21
C GLN A 501 -29.66 -7.88 12.69
N THR A 502 -29.23 -8.03 11.44
CA THR A 502 -28.23 -7.13 10.87
C THR A 502 -28.79 -5.72 10.69
N VAL A 503 -30.04 -5.61 10.23
CA VAL A 503 -30.62 -4.31 9.93
C VAL A 503 -30.71 -3.46 11.19
N GLN A 504 -31.17 -4.06 12.29
CA GLN A 504 -31.34 -3.30 13.53
C GLN A 504 -29.99 -2.81 14.07
N ARG A 505 -28.96 -3.65 13.96
CA ARG A 505 -27.64 -3.25 14.46
C ARG A 505 -26.97 -2.26 13.52
N LEU A 506 -27.18 -2.42 12.21
CA LEU A 506 -26.59 -1.49 11.25
C LEU A 506 -27.23 -0.11 11.34
N LEU A 507 -28.55 -0.05 11.51
CA LEU A 507 -29.22 1.24 11.59
C LEU A 507 -28.86 1.97 12.88
N LYS A 508 -28.65 1.25 13.98
CA LYS A 508 -28.22 1.86 15.22
C LYS A 508 -26.78 2.36 15.16
N ALA A 509 -25.99 1.87 14.22
CA ALA A 509 -24.62 2.33 14.05
C ALA A 509 -24.54 3.65 13.30
N VAL A 510 -25.35 3.83 12.26
CA VAL A 510 -25.32 5.04 11.45
C VAL A 510 -26.34 6.04 11.99
N GLN A 511 -26.86 5.77 13.18
CA GLN A 511 -27.79 6.71 13.81
C GLN A 511 -27.20 8.09 14.04
N PRO A 512 -25.95 8.26 14.51
CA PRO A 512 -25.40 9.62 14.62
C PRO A 512 -25.40 10.37 13.29
N LEU A 513 -25.17 9.68 12.19
CA LEU A 513 -25.25 10.31 10.87
C LEU A 513 -26.68 10.74 10.56
N LEU A 514 -27.66 9.88 10.88
CA LEU A 514 -29.06 10.19 10.59
C LEU A 514 -29.57 11.34 11.44
N LYS A 515 -29.00 11.53 12.63
CA LYS A 515 -29.52 12.54 13.55
C LYS A 515 -29.35 13.95 12.99
N VAL A 516 -28.23 14.22 12.32
CA VAL A 516 -27.90 15.55 11.86
C VAL A 516 -28.21 15.75 10.39
N SER A 517 -28.17 14.69 9.59
CA SER A 517 -28.37 14.81 8.15
C SER A 517 -29.81 14.52 7.76
N MET A 518 -30.40 15.46 7.01
CA MET A 518 -31.74 15.29 6.46
C MET A 518 -31.75 14.40 5.22
N SER A 519 -30.74 14.51 4.36
CA SER A 519 -30.71 13.72 3.14
C SER A 519 -30.62 12.23 3.44
N MET A 520 -29.81 11.85 4.42
CA MET A 520 -29.71 10.44 4.80
C MET A 520 -31.03 9.93 5.35
N ARG A 521 -31.70 10.74 6.18
CA ARG A 521 -33.03 10.36 6.66
C ARG A 521 -34.02 10.27 5.50
N ASP A 522 -33.95 11.19 4.55
CA ASP A 522 -34.81 11.12 3.37
C ASP A 522 -34.49 9.90 2.52
N CYS A 523 -33.20 9.61 2.33
CA CYS A 523 -32.82 8.41 1.58
C CYS A 523 -33.26 7.15 2.31
N LEU A 524 -33.11 7.12 3.64
CA LEU A 524 -33.53 5.94 4.39
C LEU A 524 -35.03 5.74 4.30
N ILE A 525 -35.81 6.82 4.44
CA ILE A 525 -37.26 6.71 4.33
C ILE A 525 -37.66 6.27 2.91
N LEU A 526 -37.00 6.83 1.90
CA LEU A 526 -37.31 6.48 0.52
C LEU A 526 -37.06 5.00 0.26
N VAL A 527 -35.95 4.48 0.78
CA VAL A 527 -35.67 3.04 0.63
C VAL A 527 -36.63 2.22 1.46
N LEU A 528 -36.88 2.64 2.70
CA LEU A 528 -37.73 1.86 3.60
C LEU A 528 -39.18 1.83 3.11
N ARG A 529 -39.63 2.90 2.45
CA ARG A 529 -40.99 2.93 1.95
C ARG A 529 -41.20 1.88 0.86
N LYS A 530 -40.17 1.66 0.03
CA LYS A 530 -40.25 0.62 -0.98
C LYS A 530 -40.36 -0.76 -0.34
N ALA A 531 -39.58 -0.99 0.73
CA ALA A 531 -39.60 -2.26 1.44
C ALA A 531 -40.98 -2.51 2.04
N MET A 532 -41.67 -1.44 2.43
CA MET A 532 -43.05 -1.59 2.89
C MET A 532 -43.95 -2.10 1.78
N PHE A 533 -43.87 -1.48 0.61
CA PHE A 533 -44.71 -1.87 -0.52
C PHE A 533 -44.22 -3.12 -1.22
N ALA A 534 -43.03 -3.60 -0.90
CA ALA A 534 -42.51 -4.81 -1.53
C ALA A 534 -43.31 -6.02 -1.08
N ASN A 535 -43.76 -6.83 -2.05
CA ASN A 535 -44.53 -8.01 -1.71
C ASN A 535 -43.69 -9.07 -1.00
N GLN A 536 -42.40 -9.12 -1.31
CA GLN A 536 -41.53 -10.12 -0.72
C GLN A 536 -41.47 -9.98 0.80
N LEU A 537 -41.62 -11.10 1.50
CA LEU A 537 -41.51 -11.11 2.95
C LEU A 537 -40.04 -11.11 3.36
N ASP A 538 -39.81 -10.95 4.66
CA ASP A 538 -38.49 -10.80 5.30
C ASP A 538 -37.83 -9.48 4.93
N ALA A 539 -38.43 -8.68 4.06
CA ALA A 539 -37.99 -7.32 3.79
C ALA A 539 -38.90 -6.27 4.41
N ARG A 540 -40.19 -6.58 4.56
CA ARG A 540 -41.06 -5.70 5.34
C ARG A 540 -40.68 -5.70 6.81
N LYS A 541 -40.06 -6.79 7.28
CA LYS A 541 -39.58 -6.81 8.66
C LYS A 541 -38.49 -5.76 8.88
N SER A 542 -37.59 -5.61 7.91
CA SER A 542 -36.56 -4.57 8.02
C SER A 542 -37.17 -3.18 7.91
N ALA A 543 -38.22 -3.02 7.10
CA ALA A 543 -38.90 -1.74 7.00
C ALA A 543 -39.58 -1.38 8.32
N VAL A 544 -40.18 -2.36 9.00
CA VAL A 544 -40.78 -2.10 10.31
C VAL A 544 -39.70 -1.68 11.30
N ALA A 545 -38.56 -2.37 11.27
CA ALA A 545 -37.44 -2.00 12.14
C ALA A 545 -36.93 -0.61 11.79
N GLY A 546 -36.89 -0.27 10.50
CA GLY A 546 -36.42 1.03 10.10
C GLY A 546 -37.31 2.16 10.58
N PHE A 547 -38.62 2.02 10.37
CA PHE A 547 -39.55 3.03 10.85
C PHE A 547 -39.56 3.12 12.38
N LEU A 548 -39.51 1.97 13.06
CA LEU A 548 -39.55 1.99 14.52
C LEU A 548 -38.34 2.73 15.09
N LEU A 549 -37.15 2.39 14.60
CA LEU A 549 -35.94 3.07 15.07
C LEU A 549 -35.95 4.54 14.69
N LEU A 550 -36.44 4.85 13.49
CA LEU A 550 -36.47 6.22 13.00
C LEU A 550 -37.56 7.05 13.68
N LEU A 551 -38.64 6.41 14.14
CA LEU A 551 -39.74 7.12 14.78
C LEU A 551 -39.59 7.23 16.29
N LYS A 552 -38.81 6.36 16.91
CA LYS A 552 -38.55 6.45 18.34
C LYS A 552 -37.37 7.34 18.68
N ASN A 553 -36.68 7.87 17.68
CA ASN A 553 -35.51 8.70 17.89
C ASN A 553 -35.66 10.14 17.40
N PHE A 554 -36.54 10.39 16.44
CA PHE A 554 -36.63 11.70 15.79
C PHE A 554 -38.06 12.20 15.86
N LYS A 555 -38.23 13.38 16.47
CA LYS A 555 -39.54 14.01 16.54
C LYS A 555 -39.93 14.69 15.23
N VAL A 556 -38.96 14.98 14.37
CA VAL A 556 -39.20 15.65 13.10
C VAL A 556 -38.69 14.74 11.99
N LEU A 557 -39.58 14.35 11.09
CA LEU A 557 -39.24 13.50 9.96
C LEU A 557 -39.74 14.13 8.66
N GLY A 558 -39.05 13.84 7.59
CA GLY A 558 -39.46 14.29 6.27
C GLY A 558 -38.56 15.41 5.75
N SER A 559 -38.58 15.56 4.43
CA SER A 559 -37.79 16.60 3.77
C SER A 559 -38.41 17.97 4.01
N LEU A 560 -37.58 19.00 3.87
CA LEU A 560 -38.03 20.37 4.02
C LEU A 560 -38.78 20.83 2.78
N LEU A 569 -35.20 10.92 -10.05
CA LEU A 569 -35.36 11.93 -11.09
C LEU A 569 -34.94 11.41 -12.46
N SER A 570 -35.58 11.93 -13.51
CA SER A 570 -35.33 11.49 -14.87
C SER A 570 -34.07 12.12 -15.44
N VAL A 571 -33.87 11.98 -16.75
CA VAL A 571 -32.70 12.54 -17.40
C VAL A 571 -32.72 14.06 -17.32
N SER A 572 -33.87 14.68 -17.59
CA SER A 572 -34.00 16.13 -17.60
C SER A 572 -34.79 16.65 -16.40
N GLN A 573 -34.87 15.87 -15.33
CA GLN A 573 -35.58 16.28 -14.12
C GLN A 573 -34.57 16.70 -13.06
N VAL A 574 -34.75 17.91 -12.52
CA VAL A 574 -33.84 18.44 -11.51
C VAL A 574 -34.65 18.83 -10.29
N HIS A 575 -33.99 18.85 -9.14
CA HIS A 575 -34.61 19.31 -7.90
C HIS A 575 -34.44 20.82 -7.76
N VAL A 576 -35.45 21.46 -7.20
CA VAL A 576 -35.48 22.91 -7.04
C VAL A 576 -35.46 23.23 -5.55
N ASP A 577 -34.56 24.12 -5.15
CA ASP A 577 -34.44 24.50 -3.76
C ASP A 577 -35.59 25.42 -3.36
N VAL A 578 -36.71 24.84 -2.96
CA VAL A 578 -37.86 25.63 -2.53
C VAL A 578 -37.61 26.11 -1.11
N HIS A 579 -37.63 27.43 -0.92
CA HIS A 579 -37.41 28.02 0.40
C HIS A 579 -38.75 28.09 1.13
N SER A 580 -39.14 26.96 1.67
CA SER A 580 -40.40 26.82 2.40
C SER A 580 -40.10 26.55 3.87
N HIS A 581 -40.82 27.24 4.74
CA HIS A 581 -40.62 27.09 6.18
C HIS A 581 -41.09 25.71 6.63
N TYR A 582 -40.48 25.21 7.71
CA TYR A 582 -40.88 23.94 8.28
C TYR A 582 -42.29 24.02 8.82
N ASN A 583 -43.13 23.06 8.44
CA ASN A 583 -44.52 23.02 8.85
C ASN A 583 -44.71 21.91 9.90
N SER A 584 -45.17 22.29 11.08
CA SER A 584 -45.44 21.29 12.11
C SER A 584 -46.63 20.42 11.72
N VAL A 585 -47.67 21.01 11.14
CA VAL A 585 -48.85 20.26 10.75
C VAL A 585 -48.49 19.22 9.68
N ALA A 586 -47.66 19.60 8.71
CA ALA A 586 -47.24 18.65 7.69
C ALA A 586 -46.41 17.52 8.29
N ASN A 587 -45.56 17.83 9.27
CA ASN A 587 -44.77 16.80 9.92
C ASN A 587 -45.65 15.84 10.72
N GLU A 588 -46.66 16.38 11.42
CA GLU A 588 -47.56 15.52 12.18
C GLU A 588 -48.32 14.57 11.26
N THR A 589 -48.80 15.09 10.13
CA THR A 589 -49.47 14.23 9.16
C THR A 589 -48.51 13.17 8.61
N PHE A 590 -47.26 13.57 8.35
CA PHE A 590 -46.27 12.62 7.86
C PHE A 590 -46.01 11.53 8.89
N CYS A 591 -45.84 11.91 10.16
CA CYS A 591 -45.59 10.93 11.21
C CYS A 591 -46.81 10.03 11.43
N LEU A 592 -48.02 10.62 11.41
CA LEU A 592 -49.23 9.84 11.61
C LEU A 592 -49.42 8.80 10.51
N GLU A 593 -49.10 9.18 9.26
CA GLU A 593 -49.25 8.25 8.15
C GLU A 593 -48.32 7.05 8.32
N ILE A 594 -47.11 7.28 8.82
CA ILE A 594 -46.18 6.17 9.07
C ILE A 594 -46.74 5.23 10.13
N MET A 595 -47.30 5.78 11.21
CA MET A 595 -47.91 4.95 12.24
C MET A 595 -49.10 4.17 11.70
N ASP A 596 -49.87 4.75 10.79
CA ASP A 596 -50.95 4.01 10.15
C ASP A 596 -50.40 2.87 9.30
N SER A 597 -49.24 3.06 8.68
CA SER A 597 -48.59 1.97 7.95
C SER A 597 -48.08 0.90 8.90
N LEU A 598 -47.68 1.28 10.11
CA LEU A 598 -47.23 0.31 11.10
C LEU A 598 -48.39 -0.46 11.69
N ARG A 599 -49.57 0.18 11.80
CA ARG A 599 -50.75 -0.50 12.32
C ARG A 599 -51.16 -1.65 11.43
N ARG A 600 -51.02 -1.49 10.11
CA ARG A 600 -51.35 -2.56 9.17
C ARG A 600 -50.42 -3.74 9.30
N CYS A 601 -49.26 -3.58 9.94
CA CYS A 601 -48.32 -4.67 10.13
C CYS A 601 -48.57 -5.49 11.38
N LEU A 602 -49.62 -5.17 12.13
CA LEU A 602 -49.98 -5.93 13.32
C LEU A 602 -50.70 -7.22 12.94
N SER A 603 -50.95 -7.40 11.64
CA SER A 603 -51.58 -8.61 11.13
C SER A 603 -50.57 -9.58 10.51
N GLN A 604 -49.28 -9.28 10.62
CA GLN A 604 -48.24 -10.14 10.05
C GLN A 604 -47.77 -11.17 11.08
N GLN A 605 -46.64 -11.80 10.81
CA GLN A 605 -46.10 -12.85 11.67
C GLN A 605 -45.93 -12.34 13.10
N ALA A 606 -45.82 -13.30 14.03
CA ALA A 606 -45.67 -12.94 15.44
C ALA A 606 -44.37 -12.21 15.71
N ASP A 607 -43.36 -12.41 14.87
CA ASP A 607 -42.10 -11.67 15.02
C ASP A 607 -42.31 -10.19 14.78
N VAL A 608 -43.10 -9.84 13.76
CA VAL A 608 -43.33 -8.43 13.44
C VAL A 608 -44.14 -7.77 14.56
N ARG A 609 -45.13 -8.47 15.10
CA ARG A 609 -45.90 -7.93 16.21
C ARG A 609 -45.01 -7.70 17.43
N LEU A 610 -44.03 -8.59 17.64
CA LEU A 610 -43.16 -8.46 18.80
C LEU A 610 -42.34 -7.18 18.74
N MET A 611 -41.82 -6.84 17.56
CA MET A 611 -41.06 -5.59 17.44
C MET A 611 -41.94 -4.38 17.71
N LEU A 612 -43.17 -4.39 17.21
CA LEU A 612 -44.04 -3.23 17.35
C LEU A 612 -44.44 -3.02 18.80
N TYR A 613 -44.72 -4.09 19.52
CA TYR A 613 -45.04 -3.97 20.94
C TYR A 613 -43.86 -3.43 21.73
N GLU A 614 -42.65 -3.88 21.38
CA GLU A 614 -41.45 -3.38 22.05
C GLU A 614 -41.15 -1.94 21.65
N GLY A 615 -41.52 -1.55 20.43
CA GLY A 615 -41.17 -0.23 19.92
C GLY A 615 -42.18 0.86 20.20
N PHE A 616 -43.45 0.51 20.41
CA PHE A 616 -44.48 1.52 20.60
C PHE A 616 -44.25 2.34 21.87
N TYR A 617 -43.66 1.73 22.89
CA TYR A 617 -43.40 2.48 24.12
C TYR A 617 -42.34 3.55 23.90
N ASP A 618 -41.29 3.23 23.13
CA ASP A 618 -40.29 4.24 22.80
C ASP A 618 -40.87 5.31 21.90
N VAL A 619 -41.69 4.92 20.92
CA VAL A 619 -42.29 5.89 20.00
C VAL A 619 -43.20 6.85 20.76
N LEU A 620 -44.01 6.32 21.68
CA LEU A 620 -44.95 7.16 22.41
C LEU A 620 -44.24 8.13 23.35
N ARG A 621 -43.05 7.78 23.85
CA ARG A 621 -42.28 8.68 24.69
C ARG A 621 -41.56 9.76 23.88
N ARG A 622 -41.13 9.44 22.67
CA ARG A 622 -40.50 10.44 21.81
C ARG A 622 -41.55 11.40 21.24
N ASN A 623 -42.51 10.87 20.50
CA ASN A 623 -43.55 11.66 19.86
C ASN A 623 -44.80 11.62 20.72
N SER A 624 -45.07 12.70 21.45
CA SER A 624 -46.29 12.78 22.23
C SER A 624 -47.52 13.03 21.36
N GLN A 625 -47.33 13.54 20.14
CA GLN A 625 -48.47 13.74 19.24
C GLN A 625 -49.02 12.42 18.72
N LEU A 626 -48.21 11.37 18.71
CA LEU A 626 -48.63 10.05 18.27
C LEU A 626 -49.14 9.20 19.43
N ALA A 627 -49.26 9.77 20.62
CA ALA A 627 -49.75 8.99 21.77
C ALA A 627 -51.16 8.49 21.52
N ASN A 628 -52.02 9.33 20.95
CA ASN A 628 -53.39 8.92 20.67
C ASN A 628 -53.43 7.82 19.61
N SER A 629 -52.54 7.89 18.62
CA SER A 629 -52.50 6.87 17.58
C SER A 629 -52.11 5.51 18.16
N VAL A 630 -51.16 5.50 19.09
CA VAL A 630 -50.69 4.24 19.67
C VAL A 630 -51.81 3.56 20.45
N MET A 631 -52.49 4.33 21.31
CA MET A 631 -53.53 3.75 22.17
C MET A 631 -54.68 3.17 21.35
N GLN A 632 -55.12 3.90 20.32
CA GLN A 632 -56.17 3.37 19.46
C GLN A 632 -55.68 2.13 18.71
N THR A 633 -54.42 2.14 18.28
CA THR A 633 -53.83 0.95 17.67
C THR A 633 -53.72 -0.20 18.66
N LEU A 634 -53.32 0.07 19.90
CA LEU A 634 -53.16 -0.97 20.91
C LEU A 634 -54.50 -1.47 21.42
N LEU A 635 -55.44 -0.55 21.69
CA LEU A 635 -56.74 -0.95 22.22
C LEU A 635 -57.50 -1.82 21.23
N SER A 636 -57.43 -1.49 19.94
CA SER A 636 -58.12 -2.27 18.93
C SER A 636 -57.60 -3.70 18.88
N GLN A 637 -56.28 -3.86 19.01
CA GLN A 637 -55.70 -5.20 19.02
C GLN A 637 -56.14 -5.98 20.25
N LEU A 638 -56.28 -5.31 21.39
CA LEU A 638 -56.74 -5.98 22.60
C LEU A 638 -58.17 -6.45 22.45
N LYS A 639 -59.01 -5.67 21.77
CA LYS A 639 -60.41 -6.02 21.57
C LYS A 639 -60.55 -7.33 20.79
N GLN A 640 -59.60 -7.61 19.90
CA GLN A 640 -59.62 -8.85 19.14
C GLN A 640 -59.45 -10.09 20.02
N PHE A 641 -58.96 -9.93 21.24
CA PHE A 641 -58.70 -11.05 22.14
C PHE A 641 -59.35 -10.92 23.51
N TYR A 642 -59.94 -9.79 23.84
CA TYR A 642 -60.53 -9.59 25.15
C TYR A 642 -62.02 -9.92 25.11
N GLU A 643 -62.45 -10.77 26.02
CA GLU A 643 -63.87 -11.13 26.16
C GLU A 643 -64.58 -10.05 26.98
N PRO A 644 -65.33 -9.13 26.36
CA PRO A 644 -65.93 -8.04 27.13
C PRO A 644 -67.09 -8.46 28.00
N LYS A 645 -67.56 -9.70 27.88
CA LYS A 645 -68.66 -10.18 28.69
C LYS A 645 -68.24 -10.22 30.16
N PRO A 646 -68.98 -9.55 31.06
CA PRO A 646 -68.49 -9.38 32.44
C PRO A 646 -68.48 -10.65 33.28
N ASP A 647 -69.01 -11.75 32.75
CA ASP A 647 -69.04 -12.99 33.53
C ASP A 647 -68.51 -14.21 32.80
N LEU A 648 -68.23 -14.14 31.50
CA LEU A 648 -67.66 -15.27 30.79
C LEU A 648 -66.17 -15.40 31.10
N LEU A 649 -65.73 -16.62 31.41
CA LEU A 649 -64.33 -16.90 31.67
C LEU A 649 -63.84 -17.86 30.59
N PRO A 650 -62.57 -17.79 30.18
CA PRO A 650 -61.49 -16.91 30.66
C PRO A 650 -61.59 -15.49 30.11
N PRO A 651 -60.87 -14.54 30.71
CA PRO A 651 -60.93 -13.15 30.26
C PRO A 651 -60.42 -12.94 28.83
N LEU A 652 -59.62 -13.85 28.29
CA LEU A 652 -58.99 -13.66 27.00
C LEU A 652 -59.19 -14.91 26.16
N LYS A 653 -59.33 -14.71 24.85
CA LYS A 653 -59.49 -15.82 23.91
C LYS A 653 -58.11 -16.33 23.54
N LEU A 654 -57.59 -17.25 24.36
CA LEU A 654 -56.26 -17.81 24.10
C LEU A 654 -56.21 -18.62 22.81
N GLU A 655 -57.34 -19.12 22.32
CA GLU A 655 -57.36 -19.86 21.06
C GLU A 655 -57.23 -18.94 19.85
N ALA A 656 -57.54 -17.66 20.00
CA ALA A 656 -57.42 -16.72 18.89
C ALA A 656 -55.98 -16.27 18.65
N CYS A 657 -55.10 -16.49 19.61
CA CYS A 657 -53.69 -16.14 19.48
C CYS A 657 -52.86 -17.24 18.85
N ILE A 658 -53.50 -18.33 18.44
CA ILE A 658 -52.80 -19.50 17.93
C ILE A 658 -53.12 -19.68 16.45
N LEU A 659 -52.07 -19.95 15.66
CA LEU A 659 -52.20 -20.20 14.24
C LEU A 659 -51.88 -21.66 13.96
N THR A 660 -52.80 -22.35 13.30
CA THR A 660 -52.65 -23.77 12.98
C THR A 660 -52.68 -23.94 11.47
N GLN A 661 -51.70 -24.65 10.93
CA GLN A 661 -51.60 -24.88 9.50
C GLN A 661 -50.72 -26.09 9.19
N LYS A 664 -48.88 -28.23 11.86
CA LYS A 664 -47.98 -27.39 12.64
C LYS A 664 -48.75 -26.31 13.39
N ILE A 665 -48.61 -26.31 14.72
CA ILE A 665 -49.26 -25.34 15.59
C ILE A 665 -48.19 -24.38 16.09
N SER A 666 -48.37 -23.08 15.81
CA SER A 666 -47.43 -22.06 16.22
C SER A 666 -48.17 -20.92 16.91
N LEU A 667 -47.42 -19.92 17.35
CA LEU A 667 -47.98 -18.75 18.02
C LEU A 667 -48.16 -17.62 17.02
N GLN A 668 -49.37 -17.05 17.00
CA GLN A 668 -49.71 -15.96 16.09
C GLN A 668 -49.68 -14.59 16.75
N GLU A 669 -50.14 -14.49 17.99
CA GLU A 669 -50.19 -13.22 18.70
C GLU A 669 -49.54 -13.35 20.07
N PRO A 670 -48.45 -12.64 20.34
CA PRO A 670 -47.91 -12.61 21.70
C PRO A 670 -48.78 -11.78 22.62
N LEU A 671 -49.86 -12.37 23.11
CA LEU A 671 -50.85 -11.62 23.89
C LEU A 671 -50.24 -11.07 25.17
N ASP A 672 -49.35 -11.83 25.81
CA ASP A 672 -48.71 -11.35 27.03
C ASP A 672 -47.83 -10.13 26.76
N TYR A 673 -47.13 -10.13 25.62
CA TYR A 673 -46.32 -8.98 25.26
C TYR A 673 -47.16 -7.78 24.83
N LEU A 674 -48.35 -8.05 24.27
CA LEU A 674 -49.27 -6.96 23.94
C LEU A 674 -49.75 -6.25 25.20
N LEU A 675 -50.09 -7.03 26.23
CA LEU A 675 -50.57 -6.43 27.48
C LEU A 675 -49.45 -5.69 28.20
N CYS A 676 -48.21 -6.17 28.06
CA CYS A 676 -47.08 -5.48 28.67
C CYS A 676 -46.87 -4.11 28.05
N CYS A 677 -46.98 -4.02 26.71
CA CYS A 677 -46.85 -2.74 26.04
C CYS A 677 -47.99 -1.80 26.40
N ILE A 678 -49.21 -2.35 26.50
CA ILE A 678 -50.36 -1.52 26.88
C ILE A 678 -50.18 -0.98 28.29
N GLN A 679 -49.75 -1.83 29.23
CA GLN A 679 -49.63 -1.39 30.61
C GLN A 679 -48.57 -0.32 30.78
N HIS A 680 -47.43 -0.46 30.10
CA HIS A 680 -46.36 0.52 30.22
C HIS A 680 -46.74 1.82 29.53
N CYS A 681 -47.30 1.73 28.33
CA CYS A 681 -47.71 2.93 27.61
C CYS A 681 -48.82 3.67 28.35
N LEU A 682 -49.79 2.93 28.90
CA LEU A 682 -50.85 3.55 29.68
C LEU A 682 -50.30 4.21 30.94
N ALA A 683 -49.36 3.57 31.62
CA ALA A 683 -48.77 4.14 32.82
C ALA A 683 -48.03 5.43 32.49
N TRP A 684 -47.31 5.46 31.38
CA TRP A 684 -46.65 6.69 30.94
C TRP A 684 -47.69 7.74 30.59
N TYR A 685 -48.79 7.34 29.97
CA TYR A 685 -49.84 8.26 29.59
C TYR A 685 -50.45 8.95 30.80
N LYS A 686 -50.80 8.19 31.83
CA LYS A 686 -51.53 8.74 32.96
C LYS A 686 -50.64 9.57 33.90
N ASN A 687 -49.33 9.59 33.70
CA ASN A 687 -48.44 10.38 34.54
C ASN A 687 -47.67 11.45 33.78
N THR A 688 -47.78 11.49 32.45
CA THR A 688 -47.00 12.48 31.70
C THR A 688 -47.87 13.44 30.89
N VAL A 689 -48.82 12.90 30.11
CA VAL A 689 -49.53 13.77 29.17
C VAL A 689 -50.75 14.40 29.82
N ILE A 690 -51.28 13.82 30.89
CA ILE A 690 -52.42 14.40 31.58
C ILE A 690 -52.11 15.79 32.14
N PRO A 691 -50.99 16.00 32.86
CA PRO A 691 -50.74 17.38 33.30
C PRO A 691 -50.04 18.20 32.22
N PHE A 705 -60.16 6.82 26.08
CA PHE A 705 -59.64 5.46 26.05
C PHE A 705 -58.90 5.10 27.33
N TYR A 706 -58.20 6.09 27.92
CA TYR A 706 -57.39 5.81 29.10
C TYR A 706 -58.27 5.44 30.29
N GLU A 707 -59.39 6.13 30.46
CA GLU A 707 -60.34 5.75 31.50
C GLU A 707 -60.99 4.40 31.22
N ASP A 708 -60.97 3.95 29.98
CA ASP A 708 -61.46 2.63 29.59
C ASP A 708 -60.39 1.56 29.65
N LEU A 709 -59.12 1.91 29.45
CA LEU A 709 -58.04 0.92 29.54
C LEU A 709 -57.88 0.40 30.96
N ASP A 710 -57.98 1.29 31.96
CA ASP A 710 -57.95 0.82 33.35
C ASP A 710 -59.14 -0.08 33.65
N ASP A 711 -60.31 0.24 33.08
CA ASP A 711 -61.48 -0.59 33.30
C ASP A 711 -61.29 -2.00 32.73
N ILE A 712 -60.69 -2.09 31.55
CA ILE A 712 -60.42 -3.40 30.95
C ILE A 712 -59.38 -4.15 31.77
N LEU A 713 -58.28 -3.48 32.12
CA LEU A 713 -57.22 -4.12 32.89
C LEU A 713 -57.72 -4.53 34.27
N GLU A 714 -58.56 -3.71 34.89
CA GLU A 714 -59.19 -4.10 36.13
C GLU A 714 -60.11 -5.31 35.92
N SER A 715 -60.83 -5.34 34.80
CA SER A 715 -61.69 -6.47 34.49
C SER A 715 -60.87 -7.74 34.26
N ILE A 716 -59.76 -7.63 33.54
CA ILE A 716 -58.89 -8.78 33.34
C ILE A 716 -58.29 -9.24 34.66
N THR A 717 -58.01 -8.29 35.55
CA THR A 717 -57.43 -8.64 36.85
C THR A 717 -58.38 -9.52 37.65
N ASN A 718 -59.63 -9.10 37.80
CA ASN A 718 -60.56 -9.81 38.67
C ASN A 718 -60.96 -11.15 38.07
N ARG A 719 -61.20 -11.19 36.77
CA ARG A 719 -61.67 -12.42 36.14
C ARG A 719 -60.56 -13.46 36.04
N MET A 720 -59.30 -13.01 35.90
CA MET A 720 -58.18 -13.95 35.89
C MET A 720 -57.99 -14.60 37.24
N ILE A 721 -58.25 -13.87 38.33
CA ILE A 721 -58.11 -14.43 39.67
C ILE A 721 -59.18 -15.48 39.92
N LYS A 722 -60.43 -15.17 39.59
CA LYS A 722 -61.53 -16.10 39.81
C LYS A 722 -61.57 -17.22 38.76
N SER A 723 -60.73 -17.14 37.72
CA SER A 723 -60.62 -18.25 36.78
C SER A 723 -60.10 -19.49 37.49
N GLU A 724 -60.70 -20.63 37.18
CA GLU A 724 -60.41 -21.87 37.88
C GLU A 724 -59.23 -22.65 37.26
N LEU A 725 -58.45 -22.00 36.40
CA LEU A 725 -57.30 -22.61 35.72
C LEU A 725 -57.69 -23.77 34.82
N GLU A 726 -58.99 -24.02 34.64
CA GLU A 726 -59.49 -24.95 33.64
C GLU A 726 -60.07 -24.24 32.43
N ASP A 727 -60.50 -22.98 32.58
CA ASP A 727 -61.07 -22.23 31.46
C ASP A 727 -60.04 -21.94 30.37
N PHE A 728 -58.76 -22.10 30.67
CA PHE A 728 -57.70 -22.00 29.68
C PHE A 728 -57.43 -23.33 28.99
N GLU A 729 -58.22 -24.36 29.30
CA GLU A 729 -57.99 -25.72 28.81
C GLU A 729 -56.59 -26.22 29.17
N LEU A 730 -56.14 -25.92 30.39
CA LEU A 730 -54.81 -26.29 30.84
C LEU A 730 -54.88 -27.12 32.12
N LYS A 732 -55.07 -29.59 35.01
CA LYS A 732 -53.74 -29.53 35.61
C LYS A 732 -52.67 -30.04 34.64
N SER A 733 -52.99 -31.09 33.90
CA SER A 733 -52.11 -31.59 32.86
C SER A 733 -52.89 -32.34 31.79
N ALA A 734 -53.21 -31.68 30.67
CA ALA A 734 -53.95 -32.37 29.62
C ALA A 734 -53.02 -33.20 28.74
N ASP A 735 -52.14 -32.53 27.98
CA ASP A 735 -51.07 -33.23 27.28
C ASP A 735 -49.70 -32.68 27.66
N PHE A 736 -49.48 -31.37 27.49
CA PHE A 736 -48.21 -30.70 27.82
C PHE A 736 -47.00 -31.42 27.23
N SER A 737 -47.15 -31.97 26.02
CA SER A 737 -46.05 -32.68 25.38
C SER A 737 -45.35 -31.78 24.38
N GLN A 738 -44.13 -32.18 24.00
CA GLN A 738 -43.31 -31.44 23.06
C GLN A 738 -43.38 -31.98 21.64
N SER A 739 -44.19 -33.00 21.41
CA SER A 739 -44.32 -33.57 20.07
C SER A 739 -45.73 -33.54 19.53
N THR A 740 -46.74 -33.84 20.36
CA THR A 740 -48.11 -33.83 19.91
C THR A 740 -48.59 -32.40 19.66
N SER A 741 -49.51 -32.26 18.70
CA SER A 741 -49.99 -30.93 18.32
C SER A 741 -50.71 -30.26 19.49
N ILE A 742 -51.57 -30.99 20.19
CA ILE A 742 -52.29 -30.41 21.32
C ILE A 742 -51.32 -30.14 22.47
N GLY A 743 -50.28 -30.95 22.62
CA GLY A 743 -49.28 -30.68 23.65
C GLY A 743 -48.50 -29.41 23.38
N ILE A 744 -48.11 -29.19 22.12
CA ILE A 744 -47.39 -27.98 21.75
C ILE A 744 -48.26 -26.75 21.96
N LYS A 745 -49.53 -26.84 21.56
CA LYS A 745 -50.45 -25.71 21.73
C LYS A 745 -50.63 -25.37 23.20
N ASN A 746 -50.76 -26.37 24.06
CA ASN A 746 -50.92 -26.12 25.49
C ASN A 746 -49.66 -25.46 26.07
N ASN A 747 -48.48 -25.90 25.64
CA ASN A 747 -47.24 -25.30 26.13
C ASN A 747 -47.14 -23.84 25.71
N ILE A 748 -47.47 -23.55 24.44
CA ILE A 748 -47.46 -22.16 23.97
C ILE A 748 -48.50 -21.34 24.72
N CYS A 749 -49.70 -21.90 24.90
CA CYS A 749 -50.75 -21.22 25.67
C CYS A 749 -50.39 -21.10 27.14
N ALA A 750 -49.52 -21.97 27.65
CA ALA A 750 -49.09 -21.87 29.05
C ALA A 750 -48.21 -20.66 29.26
N PHE A 751 -47.36 -20.33 28.27
CA PHE A 751 -46.49 -19.17 28.39
C PHE A 751 -47.30 -17.87 28.39
N LEU A 752 -48.34 -17.81 27.55
CA LEU A 752 -49.13 -16.59 27.45
C LEU A 752 -49.83 -16.26 28.76
N VAL A 753 -50.45 -17.25 29.39
CA VAL A 753 -51.19 -17.00 30.62
C VAL A 753 -50.24 -16.64 31.76
N MET A 754 -49.05 -17.25 31.80
CA MET A 754 -48.06 -16.85 32.79
C MET A 754 -47.56 -15.44 32.52
N GLY A 755 -47.33 -15.09 31.26
CA GLY A 755 -46.91 -13.75 30.93
C GLY A 755 -47.96 -12.70 31.27
N VAL A 756 -49.23 -13.04 31.05
CA VAL A 756 -50.32 -12.13 31.41
C VAL A 756 -50.33 -11.91 32.92
N CYS A 757 -50.13 -12.97 33.69
CA CYS A 757 -50.12 -12.84 35.15
C CYS A 757 -49.00 -11.90 35.61
N GLU A 758 -47.84 -11.99 34.99
CA GLU A 758 -46.72 -11.11 35.36
C GLU A 758 -47.07 -9.65 35.09
N VAL A 759 -47.66 -9.38 33.91
CA VAL A 759 -47.99 -8.01 33.55
C VAL A 759 -49.01 -7.42 34.51
N LEU A 760 -50.03 -8.21 34.86
CA LEU A 760 -51.05 -7.71 35.79
C LEU A 760 -50.51 -7.60 37.21
N ILE A 761 -49.51 -8.41 37.57
CA ILE A 761 -48.83 -8.22 38.84
C ILE A 761 -48.15 -6.85 38.88
N GLU A 762 -47.50 -6.49 37.77
CA GLU A 762 -46.90 -5.16 37.67
C GLU A 762 -47.96 -4.07 37.70
N TYR A 763 -49.11 -4.31 37.06
CA TYR A 763 -50.15 -3.30 36.96
C TYR A 763 -50.77 -3.02 38.32
N ASN A 764 -51.17 -4.07 39.04
CA ASN A 764 -51.87 -3.88 40.30
C ASN A 764 -50.97 -3.34 41.41
N PHE A 765 -49.65 -3.35 41.21
CA PHE A 765 -48.75 -2.80 42.21
C PHE A 765 -48.86 -1.28 42.27
N SER A 766 -48.87 -0.62 41.10
CA SER A 766 -48.82 0.83 41.07
C SER A 766 -50.20 1.45 41.31
N ILE A 767 -51.23 0.89 40.66
CA ILE A 767 -52.56 1.46 40.80
C ILE A 767 -53.06 1.30 42.23
N SER A 768 -53.85 2.26 42.69
CA SER A 768 -54.39 2.33 44.04
C SER A 768 -53.31 2.35 45.12
N SER A 769 -52.06 2.64 44.73
CA SER A 769 -50.93 2.68 45.65
C SER A 769 -50.82 1.42 46.49
N PHE A 770 -50.38 1.56 47.74
CA PHE A 770 -50.13 0.44 48.63
C PHE A 770 -51.39 0.06 49.40
N SER A 771 -52.38 -0.43 48.66
CA SER A 771 -53.65 -0.84 49.25
C SER A 771 -53.65 -2.36 49.42
N LYS A 772 -54.28 -2.84 50.49
CA LYS A 772 -54.27 -4.27 50.80
C LYS A 772 -54.96 -5.08 49.71
N ASN A 773 -56.12 -4.59 49.23
CA ASN A 773 -56.94 -5.38 48.31
C ASN A 773 -56.19 -5.69 47.02
N ARG A 774 -55.46 -4.71 46.48
CA ARG A 774 -54.69 -4.95 45.27
C ARG A 774 -53.58 -5.96 45.51
N PHE A 775 -52.93 -5.88 46.68
CA PHE A 775 -51.84 -6.80 46.97
C PHE A 775 -52.33 -8.23 47.16
N GLU A 776 -53.52 -8.40 47.77
CA GLU A 776 -54.12 -9.74 47.80
C GLU A 776 -54.37 -10.27 46.40
N ASP A 777 -54.70 -9.37 45.47
CA ASP A 777 -54.88 -9.76 44.07
C ASP A 777 -53.56 -10.10 43.39
N ILE A 778 -52.45 -9.52 43.83
CA ILE A 778 -51.15 -9.88 43.28
C ILE A 778 -50.75 -11.28 43.72
N LEU A 779 -50.94 -11.60 45.00
CA LEU A 779 -50.58 -12.93 45.50
C LEU A 779 -51.42 -14.02 44.82
N SER A 780 -52.72 -13.77 44.67
CA SER A 780 -53.56 -14.72 43.95
C SER A 780 -53.15 -14.82 42.49
N LEU A 781 -52.78 -13.69 41.89
CA LEU A 781 -52.26 -13.71 40.53
C LEU A 781 -50.94 -14.47 40.45
N PHE A 782 -50.07 -14.30 41.45
CA PHE A 782 -48.81 -15.04 41.49
C PHE A 782 -49.06 -16.54 41.63
N MET A 783 -49.99 -16.92 42.50
CA MET A 783 -50.30 -18.34 42.67
C MET A 783 -50.82 -18.95 41.38
N CYS A 784 -51.59 -18.18 40.62
CA CYS A 784 -51.99 -18.62 39.29
C CYS A 784 -50.77 -18.83 38.40
N TYR A 785 -49.80 -17.93 38.48
CA TYR A 785 -48.57 -18.10 37.70
C TYR A 785 -47.71 -19.21 38.26
N LYS A 786 -47.55 -19.26 39.58
CA LYS A 786 -46.68 -20.26 40.20
C LYS A 786 -47.22 -21.67 40.00
N LYS A 787 -48.52 -21.86 40.18
CA LYS A 787 -49.09 -23.20 40.03
C LYS A 787 -48.90 -23.73 38.63
N LEU A 788 -49.12 -22.89 37.61
CA LEU A 788 -48.92 -23.32 36.24
C LEU A 788 -47.45 -23.42 35.89
N SER A 789 -46.60 -22.64 36.57
CA SER A 789 -45.16 -22.80 36.40
C SER A 789 -44.70 -24.15 36.95
N ASP A 790 -45.29 -24.58 38.07
CA ASP A 790 -44.90 -25.85 38.67
C ASP A 790 -45.29 -27.02 37.78
N ILE A 791 -46.52 -27.01 37.27
CA ILE A 791 -47.00 -28.14 36.47
C ILE A 791 -46.21 -28.29 35.18
N LEU A 792 -45.78 -27.17 34.58
CA LEU A 792 -44.97 -27.24 33.38
C LEU A 792 -43.55 -27.68 33.68
N ASN A 793 -43.03 -27.32 34.86
CA ASN A 793 -41.66 -27.69 35.21
C ASN A 793 -41.56 -29.18 35.56
N GLU A 794 -42.53 -29.71 36.31
CA GLU A 794 -42.44 -31.10 36.74
C GLU A 794 -42.62 -32.07 35.59
N LYS A 795 -43.50 -31.75 34.63
CA LYS A 795 -43.67 -32.63 33.47
C LYS A 795 -42.43 -32.60 32.58
N ALA A 796 -41.84 -31.43 32.38
CA ALA A 796 -40.67 -31.31 31.53
C ALA A 796 -39.38 -31.43 32.36
N THR A 807 -36.38 -21.04 31.15
CA THR A 807 -37.41 -21.09 30.11
C THR A 807 -37.49 -19.77 29.35
N SER A 808 -38.52 -18.99 29.64
CA SER A 808 -38.73 -17.70 29.00
C SER A 808 -38.37 -16.57 29.96
N ASP A 809 -38.18 -15.39 29.39
CA ASP A 809 -37.86 -14.21 30.18
C ASP A 809 -39.09 -13.74 30.95
N SER A 810 -38.82 -13.03 32.05
CA SER A 810 -39.90 -12.42 32.82
C SER A 810 -40.35 -11.14 32.14
N LEU A 811 -41.65 -10.84 32.26
CA LEU A 811 -42.23 -9.66 31.65
C LEU A 811 -42.17 -8.44 32.54
N LEU A 812 -41.73 -8.58 33.79
CA LEU A 812 -41.56 -7.42 34.65
C LEU A 812 -40.40 -6.55 34.16
N SER A 813 -40.59 -5.24 34.22
CA SER A 813 -39.52 -4.33 33.87
C SER A 813 -38.49 -4.25 35.00
N MET A 814 -37.26 -3.91 34.63
CA MET A 814 -36.19 -3.84 35.61
C MET A 814 -36.47 -2.75 36.66
N LYS A 815 -37.06 -1.64 36.24
CA LYS A 815 -37.42 -0.59 37.18
C LYS A 815 -38.45 -1.08 38.19
N PHE A 816 -39.41 -1.89 37.74
CA PHE A 816 -40.41 -2.44 38.65
C PHE A 816 -39.79 -3.45 39.61
N VAL A 817 -38.90 -4.30 39.11
CA VAL A 817 -38.25 -5.29 39.97
C VAL A 817 -37.44 -4.58 41.06
N SER A 818 -36.72 -3.52 40.69
CA SER A 818 -35.99 -2.74 41.68
C SER A 818 -36.95 -2.10 42.68
N SER A 819 -38.06 -1.55 42.19
CA SER A 819 -39.05 -0.94 43.07
C SER A 819 -39.75 -1.97 43.92
N LEU A 820 -40.06 -3.14 43.35
CA LEU A 820 -40.72 -4.19 44.12
C LEU A 820 -39.82 -4.70 45.24
N LEU A 821 -38.54 -4.94 44.94
CA LEU A 821 -37.63 -5.47 45.94
C LEU A 821 -37.43 -4.49 47.09
N THR A 822 -37.31 -3.20 46.79
CA THR A 822 -37.09 -2.21 47.83
C THR A 822 -38.25 -2.17 48.81
N ALA A 823 -39.48 -2.17 48.29
CA ALA A 823 -40.65 -2.19 49.16
C ALA A 823 -40.80 -3.52 49.88
N LEU A 824 -40.47 -4.62 49.19
CA LEU A 824 -40.71 -5.95 49.73
C LEU A 824 -39.76 -6.29 50.87
N PHE A 825 -38.62 -5.61 50.96
CA PHE A 825 -37.62 -5.91 51.99
C PHE A 825 -37.32 -4.74 52.91
N ARG A 826 -37.11 -3.55 52.38
CA ARG A 826 -36.63 -2.44 53.19
C ARG A 826 -37.56 -1.23 53.17
N ASP A 827 -38.86 -1.46 53.33
CA ASP A 827 -39.82 -0.37 53.42
C ASP A 827 -40.46 -0.45 54.81
N SER A 828 -40.31 0.62 55.59
CA SER A 828 -40.84 0.68 56.96
C SER A 828 -41.68 1.95 57.11
N ILE A 829 -42.95 1.88 56.71
CA ILE A 829 -43.91 2.95 56.93
C ILE A 829 -45.24 2.32 57.33
N GLN A 830 -45.85 2.82 58.40
CA GLN A 830 -47.00 2.14 59.01
C GLN A 830 -48.12 1.94 58.01
N SER A 831 -48.36 2.93 57.15
CA SER A 831 -49.40 2.78 56.13
C SER A 831 -49.08 1.65 55.17
N HIS A 832 -47.81 1.53 54.78
CA HIS A 832 -47.42 0.51 53.80
C HIS A 832 -47.34 -0.88 54.44
N GLN A 833 -47.06 -0.93 55.75
CA GLN A 833 -46.80 -2.20 56.42
C GLN A 833 -47.97 -3.17 56.34
N GLU A 834 -49.18 -2.67 56.58
CA GLU A 834 -50.34 -3.55 56.63
C GLU A 834 -50.63 -4.18 55.27
N SER A 835 -50.48 -3.42 54.19
CA SER A 835 -50.71 -3.97 52.86
C SER A 835 -49.58 -4.89 52.44
N LEU A 836 -48.33 -4.51 52.73
CA LEU A 836 -47.18 -5.29 52.30
C LEU A 836 -47.02 -6.60 53.04
N SER A 837 -47.73 -6.78 54.17
CA SER A 837 -47.66 -8.05 54.90
C SER A 837 -48.26 -9.19 54.11
N VAL A 838 -49.15 -8.88 53.15
CA VAL A 838 -49.71 -9.93 52.29
C VAL A 838 -48.63 -10.53 51.41
N LEU A 839 -47.84 -9.67 50.77
CA LEU A 839 -46.78 -10.15 49.88
C LEU A 839 -45.59 -10.71 50.65
N ARG A 840 -45.30 -10.17 51.83
CA ARG A 840 -44.15 -10.63 52.61
C ARG A 840 -44.40 -11.97 53.29
N SER A 841 -45.66 -12.36 53.48
CA SER A 841 -45.97 -13.64 54.11
C SER A 841 -45.80 -14.82 53.18
N SER A 842 -45.85 -14.60 51.87
CA SER A 842 -45.67 -15.68 50.90
C SER A 842 -44.19 -15.87 50.64
N ASN A 843 -43.64 -17.00 51.08
CA ASN A 843 -42.22 -17.26 50.86
C ASN A 843 -41.90 -17.49 49.39
N GLU A 844 -42.83 -18.10 48.64
CA GLU A 844 -42.61 -18.33 47.22
C GLU A 844 -42.59 -17.03 46.44
N PHE A 845 -43.33 -16.01 46.91
CA PHE A 845 -43.25 -14.70 46.29
C PHE A 845 -41.86 -14.08 46.50
N MET A 846 -41.27 -14.31 47.68
CA MET A 846 -39.91 -13.83 47.92
C MET A 846 -38.92 -14.48 46.95
N ARG A 847 -39.08 -15.78 46.70
CA ARG A 847 -38.22 -16.46 45.73
C ARG A 847 -38.37 -15.86 44.34
N TYR A 848 -39.62 -15.63 43.93
CA TYR A 848 -39.88 -15.12 42.58
C TYR A 848 -39.32 -13.72 42.39
N ALA A 849 -39.50 -12.85 43.39
CA ALA A 849 -39.06 -11.47 43.26
C ALA A 849 -37.54 -11.38 43.13
N VAL A 850 -36.82 -12.13 43.97
CA VAL A 850 -35.36 -12.10 43.93
C VAL A 850 -34.84 -12.77 42.66
N ASN A 851 -35.45 -13.89 42.26
CA ASN A 851 -34.97 -14.63 41.09
C ASN A 851 -35.12 -13.81 39.81
N VAL A 852 -36.21 -13.04 39.68
CA VAL A 852 -36.37 -12.20 38.50
C VAL A 852 -35.28 -11.14 38.45
N ALA A 853 -34.92 -10.58 39.61
CA ALA A 853 -33.81 -9.64 39.66
C ALA A 853 -32.51 -10.31 39.23
N LEU A 854 -32.32 -11.58 39.62
CA LEU A 854 -31.17 -12.33 39.15
C LEU A 854 -31.21 -12.55 37.65
N GLN A 855 -32.41 -12.77 37.11
CA GLN A 855 -32.56 -12.92 35.67
C GLN A 855 -32.18 -11.65 34.93
N LYS A 856 -32.59 -10.49 35.46
CA LYS A 856 -32.27 -9.22 34.82
C LYS A 856 -30.77 -8.98 34.77
N VAL A 857 -30.07 -9.28 35.88
CA VAL A 857 -28.63 -9.09 35.91
C VAL A 857 -27.95 -10.05 34.93
N GLN A 858 -28.44 -11.29 34.86
CA GLN A 858 -27.83 -12.27 33.95
C GLN A 858 -27.98 -11.87 32.50
N GLN A 859 -29.12 -11.28 32.13
CA GLN A 859 -29.27 -10.77 30.76
C GLN A 859 -28.24 -9.68 30.45
N LEU A 860 -27.94 -8.85 31.44
CA LEU A 860 -26.93 -7.81 31.25
C LEU A 860 -25.56 -8.41 30.93
N LYS A 861 -25.18 -9.46 31.66
CA LYS A 861 -23.88 -10.08 31.45
C LYS A 861 -23.83 -10.78 30.08
N GLU A 862 -24.88 -11.51 29.74
CA GLU A 862 -24.88 -12.27 28.49
C GLU A 862 -25.02 -11.35 27.28
N THR A 863 -25.94 -10.40 27.33
CA THR A 863 -26.32 -9.60 26.16
C THR A 863 -25.82 -8.17 26.20
N GLY A 864 -25.67 -7.57 27.38
CA GLY A 864 -25.29 -6.19 27.50
C GLY A 864 -26.44 -5.23 27.71
N HIS A 865 -27.67 -5.70 27.56
CA HIS A 865 -28.86 -4.89 27.75
C HIS A 865 -29.94 -5.76 28.38
N VAL A 866 -31.02 -5.12 28.84
CA VAL A 866 -32.10 -5.81 29.54
C VAL A 866 -33.34 -5.78 28.65
N SER A 867 -34.23 -6.76 28.88
CA SER A 867 -35.34 -6.99 27.97
C SER A 867 -36.40 -5.88 28.08
N GLY A 868 -36.67 -5.40 29.29
CA GLY A 868 -37.81 -4.56 29.53
C GLY A 868 -37.68 -3.15 28.97
N PRO A 869 -38.66 -2.30 29.27
CA PRO A 869 -38.57 -0.89 28.89
C PRO A 869 -37.35 -0.23 29.52
N ASP A 870 -36.75 0.70 28.78
CA ASP A 870 -35.51 1.36 29.18
C ASP A 870 -34.40 0.35 29.43
N GLY A 871 -34.51 -0.81 28.78
CA GLY A 871 -33.53 -1.88 28.94
C GLY A 871 -32.30 -1.75 28.10
N GLN A 872 -32.23 -0.75 27.24
CA GLN A 872 -31.03 -0.45 26.47
C GLN A 872 -30.47 0.93 26.81
N ASN A 873 -30.81 1.45 27.99
CA ASN A 873 -30.27 2.72 28.46
C ASN A 873 -29.29 2.43 29.60
N PRO A 874 -27.98 2.54 29.37
CA PRO A 874 -27.03 2.15 30.42
C PRO A 874 -27.17 2.96 31.69
N GLU A 875 -27.59 4.21 31.60
CA GLU A 875 -27.73 5.04 32.80
C GLU A 875 -28.84 4.52 33.71
N LYS A 876 -29.96 4.11 33.14
CA LYS A 876 -31.07 3.63 33.97
C LYS A 876 -30.85 2.20 34.42
N ILE A 877 -30.16 1.39 33.62
CA ILE A 877 -29.78 0.06 34.07
C ILE A 877 -28.84 0.16 35.26
N PHE A 878 -27.85 1.06 35.18
CA PHE A 878 -26.90 1.24 36.28
C PHE A 878 -27.61 1.73 37.54
N GLN A 879 -28.56 2.65 37.40
CA GLN A 879 -29.30 3.13 38.56
C GLN A 879 -30.14 2.02 39.17
N ASN A 880 -30.66 1.12 38.34
CA ASN A 880 -31.43 -0.01 38.87
C ASN A 880 -30.51 -1.05 39.52
N LEU A 881 -29.30 -1.22 39.00
CA LEU A 881 -28.35 -2.12 39.65
C LEU A 881 -27.98 -1.61 41.04
N CYS A 882 -27.82 -0.29 41.18
CA CYS A 882 -27.48 0.28 42.47
C CYS A 882 -28.58 0.04 43.50
N ASP A 883 -29.85 0.17 43.08
CA ASP A 883 -30.96 -0.03 44.00
C ASP A 883 -31.17 -1.50 44.30
N ILE A 884 -31.00 -2.36 43.30
CA ILE A 884 -31.11 -3.80 43.52
C ILE A 884 -29.99 -4.28 44.44
N THR A 885 -28.77 -3.78 44.22
CA THR A 885 -27.64 -4.18 45.04
C THR A 885 -27.86 -3.81 46.50
N ARG A 886 -28.38 -2.61 46.74
CA ARG A 886 -28.59 -2.14 48.11
C ARG A 886 -29.57 -3.02 48.86
N VAL A 887 -30.63 -3.47 48.17
CA VAL A 887 -31.61 -4.35 48.80
C VAL A 887 -31.00 -5.72 49.05
N LEU A 888 -30.31 -6.28 48.06
CA LEU A 888 -29.70 -7.59 48.21
C LEU A 888 -28.58 -7.57 49.24
N LEU A 889 -27.79 -6.50 49.26
CA LEU A 889 -26.73 -6.36 50.26
C LEU A 889 -27.33 -6.27 51.65
N TRP A 890 -28.39 -5.48 51.83
CA TRP A 890 -28.99 -5.34 53.14
C TRP A 890 -29.61 -6.65 53.63
N ARG A 891 -30.33 -7.34 52.74
CA ARG A 891 -31.00 -8.58 53.14
C ARG A 891 -30.00 -9.64 53.57
N TYR A 892 -28.90 -9.78 52.82
CA TYR A 892 -27.91 -10.79 53.17
C TYR A 892 -27.24 -10.48 54.50
N THR A 893 -26.89 -9.21 54.74
CA THR A 893 -26.19 -8.84 55.96
C THR A 893 -27.12 -8.79 57.16
N SER A 894 -28.36 -8.35 56.98
CA SER A 894 -29.27 -8.20 58.12
C SER A 894 -29.60 -9.53 58.77
N ILE A 895 -29.88 -10.56 57.96
CA ILE A 895 -30.26 -11.86 58.49
C ILE A 895 -29.35 -12.94 57.93
N PRO A 896 -28.68 -13.71 58.77
CA PRO A 896 -27.84 -14.81 58.27
C PRO A 896 -28.63 -16.06 57.98
N THR A 897 -27.97 -17.09 57.44
CA THR A 897 -28.64 -18.35 57.15
C THR A 897 -28.11 -19.48 58.03
N GLY A 908 -36.37 -24.49 47.87
CA GLY A 908 -34.99 -24.63 47.44
C GLY A 908 -34.01 -23.81 48.25
N LYS A 909 -33.18 -23.03 47.57
CA LYS A 909 -32.21 -22.18 48.24
C LYS A 909 -32.91 -21.09 49.04
N SER A 910 -32.30 -20.71 50.15
CA SER A 910 -32.87 -19.67 51.00
C SER A 910 -32.77 -18.31 50.31
N ILE A 911 -33.51 -17.34 50.85
CA ILE A 911 -33.51 -15.99 50.29
C ILE A 911 -32.13 -15.35 50.44
N SER A 912 -31.50 -15.55 51.58
CA SER A 912 -30.18 -14.96 51.81
C SER A 912 -29.15 -15.50 50.81
N LEU A 913 -29.21 -16.79 50.52
CA LEU A 913 -28.29 -17.36 49.54
C LEU A 913 -28.58 -16.81 48.14
N LEU A 914 -29.85 -16.59 47.81
CA LEU A 914 -30.19 -15.99 46.53
C LEU A 914 -29.65 -14.57 46.43
N CYS A 915 -29.75 -13.80 47.51
CA CYS A 915 -29.23 -12.44 47.52
C CYS A 915 -27.71 -12.43 47.36
N LEU A 916 -27.03 -13.38 48.00
CA LEU A 916 -25.58 -13.51 47.81
C LEU A 916 -25.25 -13.86 46.37
N GLU A 917 -26.03 -14.76 45.77
CA GLU A 917 -25.83 -15.10 44.37
C GLU A 917 -26.03 -13.90 43.46
N GLY A 918 -27.05 -13.09 43.74
CA GLY A 918 -27.26 -11.87 42.97
C GLY A 918 -26.15 -10.85 43.18
N LEU A 919 -25.62 -10.77 44.41
CA LEU A 919 -24.52 -9.85 44.68
C LEU A 919 -23.29 -10.20 43.85
N GLN A 920 -22.99 -11.50 43.73
CA GLN A 920 -21.85 -11.93 42.94
C GLN A 920 -22.01 -11.54 41.48
N LYS A 921 -23.21 -11.74 40.93
CA LYS A 921 -23.45 -11.40 39.53
C LYS A 921 -23.35 -9.90 39.30
N ILE A 922 -23.89 -9.09 40.22
CA ILE A 922 -23.87 -7.65 40.04
C ILE A 922 -22.44 -7.12 40.08
N PHE A 923 -21.63 -7.60 41.03
CA PHE A 923 -20.24 -7.16 41.12
C PHE A 923 -19.48 -7.51 39.85
N SER A 924 -19.68 -8.72 39.34
CA SER A 924 -19.05 -9.12 38.09
C SER A 924 -19.59 -8.27 36.93
N ALA A 925 -20.90 -8.02 36.91
CA ALA A 925 -21.48 -7.27 35.80
C ALA A 925 -21.10 -5.80 35.83
N VAL A 926 -21.02 -5.21 37.03
CA VAL A 926 -20.67 -3.80 37.13
C VAL A 926 -19.26 -3.56 36.60
N GLN A 927 -18.32 -4.40 37.01
CA GLN A 927 -16.94 -4.24 36.56
C GLN A 927 -16.79 -4.54 35.08
N GLN A 928 -17.59 -5.45 34.55
CA GLN A 928 -17.48 -5.80 33.13
C GLN A 928 -17.98 -4.67 32.23
N PHE A 929 -19.06 -4.01 32.63
CA PHE A 929 -19.72 -3.01 31.79
C PHE A 929 -19.53 -1.59 32.27
N TYR A 930 -19.85 -1.31 33.53
CA TYR A 930 -19.72 0.04 34.08
C TYR A 930 -18.42 0.19 34.85
N GLN A 931 -17.32 0.06 34.10
CA GLN A 931 -15.99 0.23 34.69
C GLN A 931 -15.73 1.65 35.19
N PRO A 932 -16.02 2.71 34.44
CA PRO A 932 -15.76 4.07 34.96
C PRO A 932 -16.74 4.51 36.03
N LYS A 933 -17.78 3.73 36.33
CA LYS A 933 -18.78 4.11 37.32
C LYS A 933 -18.61 3.35 38.63
N ILE A 934 -17.47 2.70 38.82
CA ILE A 934 -17.26 1.88 40.02
C ILE A 934 -17.24 2.76 41.27
N GLN A 935 -16.62 3.94 41.20
CA GLN A 935 -16.65 4.84 42.34
C GLN A 935 -18.07 5.28 42.67
N GLN A 936 -18.87 5.58 41.66
CA GLN A 936 -20.27 5.93 41.87
C GLN A 936 -21.12 4.74 42.28
N PHE A 937 -20.77 3.54 41.84
CA PHE A 937 -21.51 2.34 42.26
C PHE A 937 -21.29 2.06 43.74
N LEU A 938 -20.04 2.11 44.20
CA LEU A 938 -19.76 1.87 45.60
C LEU A 938 -20.20 3.03 46.48
N ARG A 939 -20.37 4.21 45.91
CA ARG A 939 -20.86 5.36 46.66
C ARG A 939 -22.35 5.23 46.98
N ALA A 940 -23.09 4.53 46.11
CA ALA A 940 -24.54 4.40 46.27
C ALA A 940 -24.90 3.25 47.19
N LEU A 941 -23.94 2.79 48.00
CA LEU A 941 -24.16 1.71 48.96
C LEU A 941 -24.05 2.26 50.37
N ASP A 942 -25.05 1.97 51.19
CA ASP A 942 -25.08 2.45 52.57
C ASP A 942 -25.96 1.56 53.43
N VAL A 956 -14.05 9.47 50.16
CA VAL A 956 -12.95 8.50 50.12
C VAL A 956 -12.76 7.97 48.71
N SER A 957 -11.97 6.91 48.58
CA SER A 957 -11.61 6.35 47.29
C SER A 957 -12.24 4.97 47.11
N VAL A 958 -12.00 4.40 45.92
CA VAL A 958 -12.55 3.10 45.56
C VAL A 958 -12.02 2.04 46.52
N THR A 959 -10.73 2.13 46.85
CA THR A 959 -10.11 1.14 47.73
C THR A 959 -10.73 1.18 49.13
N GLN A 960 -11.01 2.36 49.66
CA GLN A 960 -11.58 2.46 50.99
C GLN A 960 -12.99 1.90 51.05
N ARG A 961 -13.81 2.19 50.02
CA ARG A 961 -15.17 1.65 50.00
C ARG A 961 -15.16 0.15 49.73
N THR A 962 -14.29 -0.30 48.83
CA THR A 962 -14.19 -1.73 48.54
C THR A 962 -13.74 -2.50 49.76
N ALA A 963 -12.80 -1.96 50.52
CA ALA A 963 -12.32 -2.64 51.73
C ALA A 963 -13.44 -2.77 52.76
N PHE A 964 -14.30 -1.76 52.86
CA PHE A 964 -15.43 -1.85 53.78
C PHE A 964 -16.38 -2.98 53.40
N GLN A 965 -16.67 -3.10 52.10
CA GLN A 965 -17.50 -4.20 51.64
C GLN A 965 -16.77 -5.54 51.80
N ILE A 966 -15.46 -5.54 51.54
CA ILE A 966 -14.68 -6.77 51.66
C ILE A 966 -14.70 -7.29 53.09
N ARG A 967 -14.52 -6.40 54.07
CA ARG A 967 -14.52 -6.81 55.47
C ARG A 967 -15.88 -7.34 55.89
N GLN A 968 -16.96 -6.85 55.26
CA GLN A 968 -18.29 -7.36 55.56
C GLN A 968 -18.42 -8.82 55.14
N PHE A 969 -17.93 -9.16 53.95
CA PHE A 969 -17.99 -10.54 53.48
C PHE A 969 -16.93 -11.42 54.15
N GLN A 970 -15.84 -10.81 54.64
CA GLN A 970 -14.85 -11.57 55.38
C GLN A 970 -15.44 -12.14 56.67
N ARG A 971 -16.22 -11.33 57.38
CA ARG A 971 -16.82 -11.80 58.63
C ARG A 971 -17.82 -12.92 58.38
N SER A 972 -18.57 -12.83 57.27
CA SER A 972 -19.54 -13.88 56.95
C SER A 972 -18.84 -15.21 56.70
N LEU A 973 -17.70 -15.19 56.01
CA LEU A 973 -16.98 -16.44 55.75
C LEU A 973 -16.41 -17.01 57.04
N LEU A 974 -16.01 -16.15 57.98
CA LEU A 974 -15.53 -16.62 59.27
C LEU A 974 -16.58 -17.39 60.04
N ASN A 975 -17.85 -16.99 59.94
CA ASN A 975 -18.91 -17.69 60.64
C ASN A 975 -19.14 -19.08 60.06
N LEU A 976 -19.11 -19.21 58.74
CA LEU A 976 -19.28 -20.51 58.11
C LEU A 976 -18.14 -21.45 58.50
N LEU A 977 -16.91 -20.95 58.50
CA LEU A 977 -15.76 -21.77 58.85
C LEU A 977 -15.81 -22.17 60.33
N SER A 978 -16.31 -21.27 61.18
CA SER A 978 -16.38 -21.54 62.61
C SER A 978 -17.36 -22.63 62.97
N SER A 979 -18.24 -23.02 62.05
CA SER A 979 -19.24 -24.04 62.33
C SER A 979 -18.65 -25.43 62.09
N GLN A 980 -19.43 -26.47 62.34
CA GLN A 980 -18.95 -27.84 62.20
C GLN A 980 -18.92 -28.26 60.73
N GLU A 981 -18.30 -29.40 60.48
CA GLU A 981 -18.12 -29.88 59.11
C GLU A 981 -19.46 -30.20 58.46
N GLU A 982 -20.36 -30.87 59.19
CA GLU A 982 -21.65 -31.22 58.61
C GLU A 982 -22.51 -29.97 58.38
N ASP A 983 -22.33 -28.93 59.19
CA ASP A 983 -23.08 -27.69 59.05
C ASP A 983 -22.42 -26.72 58.07
N PHE A 984 -21.21 -27.02 57.61
CA PHE A 984 -20.49 -26.14 56.70
C PHE A 984 -21.26 -25.99 55.39
N ASN A 985 -21.79 -24.79 55.16
CA ASN A 985 -22.53 -24.48 53.94
C ASN A 985 -21.50 -24.31 52.82
N SER A 986 -21.27 -25.39 52.07
CA SER A 986 -20.28 -25.35 51.00
C SER A 986 -20.69 -24.37 49.90
N LYS A 987 -21.96 -24.37 49.53
CA LYS A 987 -22.41 -23.52 48.43
C LYS A 987 -22.23 -22.05 48.75
N GLU A 988 -22.52 -21.65 49.98
CA GLU A 988 -22.35 -20.26 50.37
C GLU A 988 -20.88 -19.88 50.47
N ALA A 989 -20.04 -20.81 50.96
CA ALA A 989 -18.63 -20.51 51.14
C ALA A 989 -17.93 -20.27 49.80
N LEU A 990 -18.17 -21.14 48.82
CA LEU A 990 -17.62 -20.90 47.49
C LEU A 990 -18.15 -19.60 46.90
N LEU A 991 -19.43 -19.33 47.10
CA LEU A 991 -20.02 -18.09 46.60
C LEU A 991 -19.43 -16.88 47.30
N LEU A 992 -19.14 -17.01 48.60
CA LEU A 992 -18.49 -15.92 49.32
C LEU A 992 -17.08 -15.66 48.80
N VAL A 993 -16.33 -16.71 48.51
CA VAL A 993 -14.98 -16.55 47.99
C VAL A 993 -15.02 -15.91 46.60
N THR A 994 -16.02 -16.25 45.80
CA THR A 994 -16.16 -15.63 44.49
C THR A 994 -16.43 -14.13 44.62
N VAL A 995 -17.23 -13.74 45.61
CA VAL A 995 -17.47 -12.31 45.86
C VAL A 995 -16.18 -11.63 46.29
N LEU A 996 -15.44 -12.26 47.21
CA LEU A 996 -14.19 -11.68 47.69
C LEU A 996 -13.16 -11.57 46.57
N THR A 997 -13.10 -12.57 45.70
CA THR A 997 -12.17 -12.53 44.58
C THR A 997 -12.46 -11.35 43.66
N SER A 998 -13.74 -11.15 43.34
CA SER A 998 -14.11 -10.05 42.44
C SER A 998 -13.85 -8.70 43.09
N LEU A 999 -14.19 -8.56 44.38
CA LEU A 999 -13.97 -7.30 45.07
C LEU A 999 -12.49 -7.00 45.23
N SER A 1000 -11.68 -8.02 45.51
CA SER A 1000 -10.26 -7.80 45.75
C SER A 1000 -9.55 -7.29 44.50
N LYS A 1001 -10.14 -7.48 43.31
CA LYS A 1001 -9.57 -6.91 42.10
C LYS A 1001 -9.64 -5.40 42.07
N LEU A 1002 -10.47 -4.79 42.92
CA LEU A 1002 -10.63 -3.35 42.94
C LEU A 1002 -9.61 -2.64 43.82
N LEU A 1003 -9.03 -3.34 44.80
CA LEU A 1003 -8.03 -2.73 45.66
C LEU A 1003 -6.75 -2.45 44.89
N GLU A 1004 -6.09 -1.36 45.27
CA GLU A 1004 -4.77 -1.06 44.72
C GLU A 1004 -3.73 -1.92 45.42
N PRO A 1005 -2.89 -2.64 44.67
CA PRO A 1005 -1.93 -3.56 45.32
C PRO A 1005 -0.97 -2.86 46.27
N SER A 1006 -0.58 -1.62 45.96
CA SER A 1006 0.32 -0.86 46.84
C SER A 1006 -0.54 -0.01 47.77
N SER A 1007 -1.17 -0.68 48.73
CA SER A 1007 -2.06 -0.03 49.69
C SER A 1007 -2.20 -0.91 50.91
N PRO A 1008 -2.39 -0.33 52.10
CA PRO A 1008 -2.58 -1.16 53.30
C PRO A 1008 -3.83 -2.02 53.25
N GLN A 1009 -4.84 -1.63 52.47
CA GLN A 1009 -6.05 -2.44 52.38
C GLN A 1009 -5.78 -3.75 51.65
N PHE A 1010 -4.98 -3.71 50.59
CA PHE A 1010 -4.63 -4.93 49.86
C PHE A 1010 -3.84 -5.87 50.75
N VAL A 1011 -2.91 -5.33 51.55
CA VAL A 1011 -2.11 -6.16 52.43
C VAL A 1011 -2.98 -6.89 53.43
N GLN A 1012 -4.01 -6.21 53.95
CA GLN A 1012 -4.92 -6.85 54.90
C GLN A 1012 -5.69 -7.98 54.24
N MET A 1013 -6.11 -7.79 52.99
CA MET A 1013 -6.78 -8.87 52.26
C MET A 1013 -5.84 -10.05 52.05
N LEU A 1014 -4.59 -9.79 51.68
CA LEU A 1014 -3.62 -10.87 51.56
C LEU A 1014 -3.32 -11.52 52.91
N SER A 1015 -3.21 -10.71 53.97
CA SER A 1015 -2.91 -11.26 55.29
C SER A 1015 -4.09 -12.04 55.85
N TRP A 1016 -5.32 -11.66 55.51
CA TRP A 1016 -6.48 -12.39 55.98
C TRP A 1016 -6.65 -13.71 55.25
N THR A 1017 -6.43 -13.71 53.93
CA THR A 1017 -6.53 -14.95 53.17
C THR A 1017 -5.48 -15.96 53.61
N SER A 1018 -4.26 -15.50 53.87
CA SER A 1018 -3.19 -16.39 54.33
C SER A 1018 -3.55 -17.03 55.66
N LYS A 1019 -4.09 -16.24 56.59
CA LYS A 1019 -4.45 -16.78 57.89
C LYS A 1019 -5.57 -17.81 57.78
N ILE A 1020 -6.54 -17.56 56.90
CA ILE A 1020 -7.63 -18.51 56.69
C ILE A 1020 -7.09 -19.83 56.15
N CYS A 1021 -6.16 -19.75 55.19
CA CYS A 1021 -5.60 -20.95 54.60
C CYS A 1021 -4.74 -21.74 55.59
N LYS A 1022 -4.09 -21.05 56.52
CA LYS A 1022 -3.20 -21.68 57.48
C LYS A 1022 -3.92 -22.31 58.67
N GLU A 1023 -5.19 -22.02 58.88
CA GLU A 1023 -5.89 -22.44 60.09
C GLU A 1023 -7.11 -23.32 59.86
N ASN A 1024 -7.76 -23.24 58.70
CA ASN A 1024 -8.99 -23.99 58.46
C ASN A 1024 -8.69 -25.23 57.62
N SER A 1025 -9.34 -26.34 57.98
CA SER A 1025 -9.04 -27.65 57.42
C SER A 1025 -10.33 -28.31 56.91
N ARG A 1026 -11.10 -27.56 56.15
CA ARG A 1026 -12.35 -28.09 55.61
C ARG A 1026 -12.09 -29.24 54.63
N GLU A 1027 -13.02 -30.19 54.62
CA GLU A 1027 -12.88 -31.37 53.79
C GLU A 1027 -13.30 -31.15 52.34
N ASP A 1028 -13.98 -30.04 52.04
CA ASP A 1028 -14.47 -29.80 50.69
C ASP A 1028 -13.33 -29.39 49.76
N ALA A 1029 -13.18 -30.12 48.66
CA ALA A 1029 -12.09 -29.85 47.73
C ALA A 1029 -12.36 -28.61 46.87
N LEU A 1030 -13.61 -28.38 46.50
CA LEU A 1030 -13.93 -27.20 45.69
C LEU A 1030 -13.67 -25.92 46.47
N PHE A 1031 -13.99 -25.91 47.77
CA PHE A 1031 -13.70 -24.74 48.59
C PHE A 1031 -12.20 -24.50 48.70
N CYS A 1032 -11.43 -25.58 48.91
CA CYS A 1032 -9.98 -25.43 48.99
C CYS A 1032 -9.39 -24.91 47.69
N LYS A 1033 -9.88 -25.41 46.55
CA LYS A 1033 -9.36 -24.96 45.27
C LYS A 1033 -9.65 -23.48 45.04
N SER A 1034 -10.85 -23.03 45.42
CA SER A 1034 -11.21 -21.63 45.24
C SER A 1034 -10.45 -20.72 46.20
N LEU A 1035 -10.29 -21.16 47.45
CA LEU A 1035 -9.58 -20.36 48.44
C LEU A 1035 -8.11 -20.19 48.07
N MET A 1036 -7.45 -21.28 47.65
CA MET A 1036 -6.05 -21.19 47.25
C MET A 1036 -5.87 -20.36 45.99
N ASN A 1037 -6.82 -20.42 45.06
CA ASN A 1037 -6.74 -19.57 43.88
C ASN A 1037 -6.87 -18.09 44.25
N LEU A 1038 -7.61 -17.78 45.30
CA LEU A 1038 -7.67 -16.41 45.80
C LEU A 1038 -6.36 -16.00 46.44
N LEU A 1039 -5.76 -16.90 47.23
CA LEU A 1039 -4.48 -16.60 47.86
C LEU A 1039 -3.39 -16.37 46.82
N PHE A 1040 -3.36 -17.20 45.77
CA PHE A 1040 -2.31 -17.07 44.76
C PHE A 1040 -2.52 -15.83 43.89
N SER A 1041 -3.78 -15.50 43.57
CA SER A 1041 -4.04 -14.28 42.81
C SER A 1041 -3.60 -13.04 43.56
N LEU A 1042 -3.85 -13.01 44.87
CA LEU A 1042 -3.41 -11.89 45.70
C LEU A 1042 -1.89 -11.89 45.84
N HIS A 1043 -1.29 -13.06 46.04
CA HIS A 1043 0.13 -13.14 46.38
C HIS A 1043 1.01 -12.74 45.20
N VAL A 1044 0.65 -13.19 44.00
CA VAL A 1044 1.48 -12.98 42.81
C VAL A 1044 1.62 -11.48 42.54
N SER A 1045 0.55 -10.73 42.75
CA SER A 1045 0.60 -9.28 42.60
C SER A 1045 1.34 -8.58 43.72
N TYR A 1046 1.71 -9.31 44.77
CA TYR A 1046 2.49 -8.79 45.88
C TYR A 1046 3.97 -9.16 45.78
N LYS A 1047 4.27 -10.44 45.60
CA LYS A 1047 5.65 -10.90 45.47
C LYS A 1047 5.64 -12.29 44.87
N SER A 1048 6.83 -12.81 44.62
CA SER A 1048 6.95 -14.12 43.99
C SER A 1048 6.45 -15.20 44.93
N PRO A 1049 5.64 -16.14 44.44
CA PRO A 1049 5.09 -17.18 45.33
C PRO A 1049 5.96 -18.42 45.46
N VAL A 1050 7.24 -18.31 45.09
CA VAL A 1050 8.11 -19.48 45.11
C VAL A 1050 8.30 -19.99 46.54
N ILE A 1051 8.38 -19.08 47.51
CA ILE A 1051 8.43 -19.50 48.91
C ILE A 1051 7.10 -20.12 49.31
N LEU A 1052 5.99 -19.51 48.87
CA LEU A 1052 4.68 -20.09 49.14
C LEU A 1052 4.51 -21.44 48.48
N LEU A 1053 4.97 -21.56 47.22
CA LEU A 1053 4.88 -22.84 46.52
C LEU A 1053 5.72 -23.91 47.21
N ARG A 1054 6.91 -23.53 47.69
CA ARG A 1054 7.79 -24.50 48.32
C ARG A 1054 7.19 -25.05 49.61
N ASP A 1055 6.51 -24.22 50.39
CA ASP A 1055 5.86 -24.66 51.62
C ASP A 1055 4.66 -25.55 51.36
N LEU A 1056 3.94 -25.34 50.26
CA LEU A 1056 2.79 -26.19 49.94
C LEU A 1056 3.24 -27.56 49.46
N SER A 1057 4.38 -27.62 48.77
CA SER A 1057 4.92 -28.90 48.32
C SER A 1057 5.34 -29.77 49.49
N GLN A 1058 5.86 -29.14 50.55
CA GLN A 1058 6.23 -29.90 51.74
C GLN A 1058 5.02 -30.49 52.44
N ASP A 1059 3.87 -29.81 52.38
CA ASP A 1059 2.65 -30.35 52.97
C ASP A 1059 2.12 -31.51 52.15
N ILE A 1060 2.13 -31.38 50.83
CA ILE A 1060 1.71 -32.48 49.97
C ILE A 1060 2.60 -33.70 50.17
N HIS A 1061 3.90 -33.48 50.32
CA HIS A 1061 4.83 -34.58 50.59
C HIS A 1061 4.52 -35.22 51.92
N GLY A 1062 4.18 -34.42 52.94
CA GLY A 1062 3.91 -34.96 54.25
C GLY A 1062 2.67 -35.84 54.29
N HIS A 1063 1.60 -35.40 53.64
CA HIS A 1063 0.35 -36.15 53.69
C HIS A 1063 0.40 -37.40 52.82
N LEU A 1064 0.98 -37.31 51.63
CA LEU A 1064 0.98 -38.43 50.71
C LEU A 1064 2.17 -39.36 50.90
N GLY A 1065 3.15 -38.99 51.72
CA GLY A 1065 4.28 -39.85 51.98
C GLY A 1065 5.35 -39.77 50.91
N ASP A 1066 6.35 -40.62 51.07
CA ASP A 1066 7.50 -40.68 50.18
C ASP A 1066 7.48 -41.96 49.36
N ILE A 1067 8.12 -41.90 48.19
CA ILE A 1067 8.14 -43.05 47.28
C ILE A 1067 9.13 -44.13 47.71
N ASP A 1068 10.01 -43.83 48.67
CA ASP A 1068 11.02 -44.81 49.07
C ASP A 1068 10.43 -45.96 49.86
N GLN A 1069 9.35 -45.71 50.61
CA GLN A 1069 8.66 -46.68 51.45
C GLN A 1069 9.55 -47.21 52.57
N ASP A 1070 10.71 -46.60 52.79
CA ASP A 1070 11.59 -46.99 53.89
C ASP A 1070 12.03 -45.81 54.75
N VAL A 1071 11.82 -44.58 54.31
CA VAL A 1071 12.13 -43.39 55.10
C VAL A 1071 10.83 -42.68 55.45
N GLU A 1072 10.85 -41.93 56.54
CA GLU A 1072 9.67 -41.23 57.03
C GLU A 1072 9.81 -39.74 56.73
N VAL A 1073 8.79 -39.16 56.12
CA VAL A 1073 8.77 -37.73 55.82
C VAL A 1073 8.00 -37.03 56.93
N GLU A 1074 8.59 -35.97 57.46
CA GLU A 1074 7.97 -35.25 58.59
C GLU A 1074 6.90 -34.30 58.09
N LYS A 1075 5.80 -34.22 58.82
CA LYS A 1075 4.66 -33.41 58.42
C LYS A 1075 4.86 -31.96 58.85
N THR A 1076 5.00 -31.06 57.87
CA THR A 1076 5.25 -29.66 58.18
C THR A 1076 4.01 -28.94 58.70
N ASN A 1077 2.85 -29.20 58.10
CA ASN A 1077 1.59 -28.55 58.46
C ASN A 1077 1.71 -27.03 58.38
N HIS A 1078 2.27 -26.56 57.27
CA HIS A 1078 2.33 -25.12 57.02
C HIS A 1078 0.95 -24.54 56.79
N PHE A 1079 0.09 -25.25 56.07
CA PHE A 1079 -1.27 -24.82 55.78
C PHE A 1079 -2.24 -25.92 56.18
N ALA A 1080 -3.25 -25.57 56.97
CA ALA A 1080 -4.25 -26.54 57.37
C ALA A 1080 -5.21 -26.89 56.25
N ILE A 1081 -5.34 -26.03 55.24
CA ILE A 1081 -6.25 -26.30 54.14
C ILE A 1081 -5.73 -27.44 53.27
N VAL A 1082 -4.43 -27.72 53.33
CA VAL A 1082 -3.84 -28.83 52.60
C VAL A 1082 -3.88 -30.06 53.50
N ASN A 1083 -4.98 -30.79 53.45
CA ASN A 1083 -5.16 -31.99 54.24
C ASN A 1083 -5.03 -33.23 53.35
N LEU A 1084 -5.28 -34.41 53.93
CA LEU A 1084 -5.03 -35.65 53.22
C LEU A 1084 -5.93 -35.82 52.00
N ARG A 1085 -7.14 -35.26 52.03
CA ARG A 1085 -8.05 -35.41 50.90
C ARG A 1085 -7.85 -34.34 49.83
N THR A 1086 -7.44 -33.13 50.23
CA THR A 1086 -7.23 -32.07 49.26
C THR A 1086 -5.80 -32.01 48.74
N ALA A 1087 -4.88 -32.78 49.34
CA ALA A 1087 -3.49 -32.75 48.90
C ALA A 1087 -3.35 -33.18 47.45
N ALA A 1088 -4.17 -34.12 47.02
CA ALA A 1088 -4.16 -34.56 45.63
C ALA A 1088 -5.55 -35.08 45.27
N PRO A 1089 -6.06 -34.77 44.06
CA PRO A 1089 -5.42 -33.99 42.99
C PRO A 1089 -5.79 -32.51 43.01
N THR A 1090 -6.00 -31.90 44.17
CA THR A 1090 -6.48 -30.53 44.23
C THR A 1090 -5.35 -29.52 44.44
N VAL A 1091 -4.62 -29.64 45.55
CA VAL A 1091 -3.51 -28.71 45.81
C VAL A 1091 -2.35 -29.00 44.87
N CYS A 1092 -2.05 -30.29 44.64
CA CYS A 1092 -0.92 -30.64 43.79
C CYS A 1092 -1.09 -30.11 42.38
N LEU A 1093 -2.28 -30.26 41.80
CA LEU A 1093 -2.52 -29.71 40.47
C LEU A 1093 -2.55 -28.19 40.49
N LEU A 1094 -2.91 -27.61 41.63
CA LEU A 1094 -2.99 -26.15 41.73
C LEU A 1094 -1.59 -25.53 41.83
N VAL A 1095 -0.71 -26.14 42.63
CA VAL A 1095 0.63 -25.59 42.79
C VAL A 1095 1.46 -25.82 41.54
N LEU A 1096 1.22 -26.91 40.83
CA LEU A 1096 1.96 -27.16 39.59
C LEU A 1096 1.62 -26.13 38.53
N SER A 1097 0.35 -25.71 38.46
CA SER A 1097 -0.02 -24.64 37.54
C SER A 1097 0.66 -23.33 37.91
N GLN A 1098 0.81 -23.06 39.21
CA GLN A 1098 1.46 -21.83 39.64
C GLN A 1098 2.95 -21.88 39.36
N ALA A 1099 3.59 -23.02 39.61
CA ALA A 1099 5.01 -23.17 39.27
C ALA A 1099 5.23 -23.06 37.77
N GLU A 1100 4.27 -23.51 36.98
CA GLU A 1100 4.36 -23.33 35.53
C GLU A 1100 4.32 -21.86 35.14
N LYS A 1101 3.57 -21.05 35.89
CA LYS A 1101 3.56 -19.62 35.65
C LYS A 1101 4.90 -18.99 36.02
N VAL A 1102 5.53 -19.47 37.10
CA VAL A 1102 6.83 -18.94 37.51
C VAL A 1102 7.87 -19.22 36.45
N LEU A 1103 7.88 -20.44 35.90
CA LEU A 1103 8.83 -20.79 34.87
C LEU A 1103 8.62 -19.97 33.61
N GLU A 1104 7.36 -19.70 33.25
CA GLU A 1104 7.07 -18.89 32.08
C GLU A 1104 7.57 -17.46 32.27
N GLU A 1105 7.55 -16.96 33.50
CA GLU A 1105 8.09 -15.64 33.79
C GLU A 1105 9.60 -15.62 33.70
N VAL A 1106 10.26 -16.62 34.31
CA VAL A 1106 11.72 -16.69 34.27
C VAL A 1106 12.21 -16.89 32.85
N ASP A 1107 11.56 -17.79 32.10
CA ASP A 1107 11.96 -18.00 30.72
C ASP A 1107 11.76 -16.75 29.87
N TRP A 1108 10.83 -15.88 30.27
CA TRP A 1108 10.65 -14.62 29.57
C TRP A 1108 11.80 -13.65 29.86
N LEU A 1109 12.28 -13.65 31.11
CA LEU A 1109 13.44 -12.83 31.46
C LEU A 1109 14.66 -13.27 30.66
N ILE A 1110 14.95 -14.57 30.64
CA ILE A 1110 16.14 -15.05 29.94
C ILE A 1110 16.07 -14.72 28.47
N THR A 1111 14.89 -14.91 27.86
CA THR A 1111 14.72 -14.54 26.45
C THR A 1111 14.93 -13.05 26.26
N LYS A 1112 14.35 -12.22 27.13
CA LYS A 1112 14.57 -10.79 27.07
C LYS A 1112 16.03 -10.44 27.37
N LEU A 1113 16.63 -11.14 28.33
CA LEU A 1113 18.00 -10.85 28.72
C LEU A 1113 18.99 -11.32 27.66
N LYS A 1114 18.76 -12.51 27.09
CA LYS A 1114 19.67 -13.03 26.08
C LYS A 1114 19.65 -12.19 24.82
N GLY A 1115 18.45 -11.80 24.36
CA GLY A 1115 18.36 -10.99 23.16
C GLY A 1115 18.83 -9.56 23.37
N GLN A 1116 18.91 -9.12 24.62
CA GLN A 1116 19.38 -7.78 24.91
C GLN A 1116 20.83 -7.59 24.47
N VAL A 1117 21.68 -8.58 24.74
CA VAL A 1117 23.08 -8.50 24.37
C VAL A 1117 23.29 -9.05 22.96
N PRO A 1133 20.58 -3.95 32.64
CA PRO A 1133 21.07 -4.41 33.94
C PRO A 1133 21.18 -5.93 34.03
N ASN A 1134 22.30 -6.47 33.54
CA ASN A 1134 22.49 -7.91 33.52
C ASN A 1134 22.80 -8.49 34.90
N GLN A 1135 23.28 -7.68 35.84
CA GLN A 1135 23.68 -8.18 37.15
C GLN A 1135 22.50 -8.44 38.08
N PRO A 1136 21.54 -7.49 38.24
CA PRO A 1136 20.45 -7.74 39.19
C PRO A 1136 19.43 -8.74 38.69
N VAL A 1137 19.22 -8.80 37.37
CA VAL A 1137 18.28 -9.75 36.81
C VAL A 1137 18.81 -11.18 36.92
N GLU A 1138 20.11 -11.36 36.71
CA GLU A 1138 20.69 -12.70 36.79
C GLU A 1138 20.56 -13.26 38.20
N LYS A 1139 20.78 -12.43 39.21
CA LYS A 1139 20.66 -12.90 40.59
C LYS A 1139 19.22 -13.28 40.93
N ALA A 1140 18.25 -12.49 40.46
CA ALA A 1140 16.85 -12.80 40.73
C ALA A 1140 16.41 -14.08 40.02
N ILE A 1141 16.86 -14.28 38.79
CA ILE A 1141 16.52 -15.48 38.05
C ILE A 1141 17.07 -16.71 38.76
N ILE A 1142 18.33 -16.64 39.19
CA ILE A 1142 18.95 -17.76 39.88
C ILE A 1142 18.29 -18.02 41.22
N MET A 1143 17.85 -16.95 41.90
CA MET A 1143 17.15 -17.12 43.18
C MET A 1143 15.78 -17.78 42.97
N GLN A 1144 15.09 -17.43 41.89
CA GLN A 1144 13.80 -18.05 41.60
C GLN A 1144 13.95 -19.53 41.27
N LEU A 1145 14.89 -19.85 40.39
CA LEU A 1145 15.13 -21.25 40.03
C LEU A 1145 15.69 -22.03 41.21
N GLY A 1146 16.44 -21.37 42.09
CA GLY A 1146 16.93 -22.05 43.27
C GLY A 1146 15.83 -22.45 44.22
N THR A 1147 14.84 -21.57 44.40
CA THR A 1147 13.71 -21.91 45.26
C THR A 1147 12.78 -22.90 44.59
N LEU A 1148 12.55 -22.73 43.28
CA LEU A 1148 11.67 -23.65 42.55
C LEU A 1148 12.28 -25.04 42.46
N LEU A 1149 13.60 -25.15 42.60
CA LEU A 1149 14.22 -26.47 42.67
C LEU A 1149 13.78 -27.21 43.93
N THR A 1150 13.68 -26.50 45.06
CA THR A 1150 13.25 -27.14 46.29
C THR A 1150 11.77 -27.52 46.23
N PHE A 1151 10.97 -26.73 45.52
CA PHE A 1151 9.57 -27.10 45.30
C PHE A 1151 9.46 -28.39 44.51
N PHE A 1152 10.25 -28.51 43.44
CA PHE A 1152 10.22 -29.72 42.63
C PHE A 1152 10.91 -30.89 43.34
N HIS A 1153 11.92 -30.59 44.16
CA HIS A 1153 12.61 -31.63 44.91
C HIS A 1153 11.67 -32.32 45.90
N GLU A 1154 10.68 -31.60 46.41
CA GLU A 1154 9.71 -32.19 47.32
C GLU A 1154 8.70 -33.07 46.58
N LEU A 1155 8.19 -32.60 45.44
CA LEU A 1155 7.16 -33.33 44.70
C LEU A 1155 7.72 -34.51 43.91
N VAL A 1156 8.98 -34.46 43.48
CA VAL A 1156 9.56 -35.57 42.71
C VAL A 1156 9.76 -36.81 43.56
N GLN A 1157 9.69 -36.68 44.88
CA GLN A 1157 9.74 -37.82 45.79
C GLN A 1157 8.48 -37.95 46.63
N THR A 1158 7.32 -37.64 46.04
CA THR A 1158 6.03 -37.82 46.69
C THR A 1158 5.26 -38.93 45.99
N ALA A 1159 4.54 -39.73 46.78
CA ALA A 1159 3.77 -40.86 46.25
C ALA A 1159 2.46 -40.34 45.64
N LEU A 1160 2.60 -39.64 44.52
CA LEU A 1160 1.46 -39.05 43.86
C LEU A 1160 0.58 -40.13 43.22
N PRO A 1161 -0.73 -39.91 43.15
CA PRO A 1161 -1.61 -40.87 42.47
C PRO A 1161 -1.33 -40.90 40.98
N SER A 1162 -1.65 -42.05 40.37
CA SER A 1162 -1.35 -42.36 38.97
C SER A 1162 -2.15 -41.52 37.99
N GLY A 1163 -2.94 -40.53 38.41
CA GLY A 1163 -3.74 -39.78 37.46
C GLY A 1163 -2.99 -38.66 36.78
N SER A 1164 -3.58 -37.48 36.77
CA SER A 1164 -2.97 -36.32 36.11
C SER A 1164 -1.93 -35.63 36.95
N CYS A 1165 -1.78 -36.00 38.23
CA CYS A 1165 -0.73 -35.42 39.05
C CYS A 1165 0.64 -35.84 38.55
N VAL A 1166 0.80 -37.12 38.23
CA VAL A 1166 2.07 -37.61 37.70
C VAL A 1166 2.35 -37.02 36.33
N ASP A 1167 1.33 -36.98 35.48
CA ASP A 1167 1.52 -36.46 34.11
C ASP A 1167 1.88 -34.99 34.14
N THR A 1168 1.27 -34.21 35.04
CA THR A 1168 1.55 -32.79 35.10
C THR A 1168 2.93 -32.52 35.70
N LEU A 1169 3.32 -33.31 36.72
CA LEU A 1169 4.65 -33.15 37.30
C LEU A 1169 5.74 -33.49 36.29
N LEU A 1170 5.54 -34.56 35.52
CA LEU A 1170 6.52 -34.94 34.50
C LEU A 1170 6.62 -33.85 33.43
N LYS A 1171 5.47 -33.30 33.02
CA LYS A 1171 5.48 -32.21 32.06
C LYS A 1171 6.10 -30.95 32.65
N ASP A 1172 5.90 -30.70 33.94
CA ASP A 1172 6.46 -29.52 34.58
C ASP A 1172 7.96 -29.68 34.84
N LEU A 1173 8.40 -30.90 35.18
CA LEU A 1173 9.83 -31.14 35.30
C LEU A 1173 10.54 -30.93 33.97
N CYS A 1174 9.89 -31.30 32.87
CA CYS A 1174 10.45 -31.03 31.55
C CYS A 1174 10.57 -29.52 31.30
N LYS A 1175 9.59 -28.75 31.78
CA LYS A 1175 9.68 -27.30 31.67
C LYS A 1175 10.75 -26.75 32.60
N MET A 1176 10.95 -27.37 33.76
CA MET A 1176 12.00 -26.95 34.67
C MET A 1176 13.36 -27.11 34.04
N TYR A 1177 13.59 -28.24 33.37
CA TYR A 1177 14.90 -28.51 32.77
C TYR A 1177 15.10 -27.70 31.49
N THR A 1178 14.02 -27.42 30.77
CA THR A 1178 14.12 -26.56 29.60
C THR A 1178 14.55 -25.15 30.00
N THR A 1179 14.00 -24.63 31.10
CA THR A 1179 14.38 -23.30 31.58
C THR A 1179 15.82 -23.28 32.07
N LEU A 1180 16.25 -24.34 32.75
CA LEU A 1180 17.65 -24.44 33.18
C LEU A 1180 18.59 -24.43 31.96
N THR A 1181 18.22 -25.18 30.92
CA THR A 1181 19.02 -25.17 29.70
C THR A 1181 19.07 -23.78 29.08
N ALA A 1182 17.93 -23.08 29.03
CA ALA A 1182 17.90 -21.74 28.48
C ALA A 1182 18.79 -20.80 29.28
N LEU A 1183 18.91 -21.03 30.59
CA LEU A 1183 19.82 -20.22 31.40
C LEU A 1183 21.28 -20.57 31.11
N VAL A 1184 21.58 -21.86 30.97
CA VAL A 1184 22.94 -22.28 30.65
C VAL A 1184 23.34 -21.75 29.27
N ARG A 1185 22.43 -21.83 28.31
CA ARG A 1185 22.73 -21.31 26.97
C ARG A 1185 22.95 -19.80 27.00
N TYR A 1186 22.32 -19.10 27.95
CA TYR A 1186 22.59 -17.67 28.11
C TYR A 1186 24.02 -17.44 28.58
N TYR A 1187 24.43 -18.14 29.64
CA TYR A 1187 25.81 -18.00 30.12
C TYR A 1187 26.80 -18.53 29.12
N LEU A 1188 26.41 -19.52 28.31
CA LEU A 1188 27.25 -19.97 27.21
C LEU A 1188 27.51 -18.83 26.22
N GLN A 1189 26.50 -17.99 25.98
CA GLN A 1189 26.64 -16.85 25.10
C GLN A 1189 27.41 -15.71 25.75
N VAL A 1190 27.28 -15.53 27.07
CA VAL A 1190 27.91 -14.41 27.74
C VAL A 1190 29.33 -14.73 28.21
N CYS A 1191 29.57 -15.93 28.72
CA CYS A 1191 30.90 -16.28 29.21
C CYS A 1191 31.90 -16.33 28.06
N GLN A 1192 32.79 -15.34 28.01
CA GLN A 1192 33.79 -15.26 26.96
C GLN A 1192 35.11 -15.90 27.39
N ILE A 1197 31.56 -17.56 34.89
CA ILE A 1197 30.47 -18.19 35.62
C ILE A 1197 30.52 -17.79 37.09
N PRO A 1198 29.54 -17.01 37.53
CA PRO A 1198 29.52 -16.53 38.91
C PRO A 1198 29.25 -17.67 39.89
N LYS A 1199 29.44 -17.36 41.18
CA LYS A 1199 29.29 -18.38 42.21
C LYS A 1199 27.84 -18.84 42.36
N ASN A 1200 26.87 -17.94 42.23
CA ASN A 1200 25.48 -18.34 42.36
C ASN A 1200 25.07 -19.29 41.24
N MET A 1201 25.55 -19.06 40.02
CA MET A 1201 25.31 -20.00 38.95
C MET A 1201 26.01 -21.34 39.21
N GLU A 1202 27.17 -21.29 39.87
CA GLU A 1202 27.85 -22.52 40.27
C GLU A 1202 26.99 -23.34 41.22
N LYS A 1203 26.40 -22.67 42.22
CA LYS A 1203 25.59 -23.37 43.21
C LYS A 1203 24.29 -23.90 42.61
N LEU A 1204 23.69 -23.13 41.70
CA LEU A 1204 22.43 -23.57 41.09
C LEU A 1204 22.65 -24.83 40.26
N VAL A 1205 23.73 -24.89 39.49
CA VAL A 1205 24.04 -26.11 38.73
C VAL A 1205 24.33 -27.26 39.68
N LYS A 1206 25.09 -26.99 40.75
CA LYS A 1206 25.36 -28.02 41.74
C LYS A 1206 24.09 -28.46 42.47
N LEU A 1207 23.20 -27.51 42.77
CA LEU A 1207 21.95 -27.85 43.46
C LEU A 1207 21.07 -28.73 42.60
N SER A 1208 20.97 -28.43 41.30
CA SER A 1208 20.12 -29.23 40.41
C SER A 1208 20.64 -30.65 40.29
N GLY A 1209 21.96 -30.82 40.24
CA GLY A 1209 22.55 -32.14 40.10
C GLY A 1209 22.57 -32.98 41.36
N SER A 1210 22.24 -32.39 42.51
CA SER A 1210 22.24 -33.11 43.76
C SER A 1210 20.85 -33.37 44.34
N HIS A 1211 19.86 -32.57 43.96
CA HIS A 1211 18.52 -32.71 44.52
C HIS A 1211 17.42 -32.94 43.49
N LEU A 1212 17.69 -32.75 42.20
CA LEU A 1212 16.64 -32.96 41.22
C LEU A 1212 16.92 -34.13 40.28
N THR A 1213 18.06 -34.10 39.61
CA THR A 1213 18.36 -35.08 38.56
C THR A 1213 18.40 -36.52 39.08
N PRO A 1214 19.11 -36.83 40.18
CA PRO A 1214 19.06 -38.21 40.69
C PRO A 1214 17.67 -38.61 41.15
N LEU A 1215 16.88 -37.68 41.69
CA LEU A 1215 15.55 -38.02 42.18
C LEU A 1215 14.53 -38.12 41.04
N CYS A 1216 14.80 -37.44 39.92
CA CYS A 1216 13.94 -37.61 38.75
C CYS A 1216 13.99 -39.04 38.23
N TYR A 1217 15.18 -39.64 38.21
CA TYR A 1217 15.31 -41.03 37.80
C TYR A 1217 14.61 -41.97 38.77
N SER A 1218 14.70 -41.68 40.07
CA SER A 1218 13.99 -42.49 41.05
C SER A 1218 12.47 -42.37 40.88
N PHE A 1219 11.99 -41.16 40.58
CA PHE A 1219 10.57 -40.97 40.33
C PHE A 1219 10.11 -41.74 39.09
N ILE A 1220 10.94 -41.73 38.03
CA ILE A 1220 10.57 -42.43 36.81
C ILE A 1220 10.43 -43.92 37.07
N SER A 1221 11.38 -44.50 37.80
CA SER A 1221 11.30 -45.91 38.17
C SER A 1221 10.07 -46.17 39.03
N TYR A 1222 9.78 -45.26 39.96
CA TYR A 1222 8.60 -45.39 40.81
C TYR A 1222 7.33 -45.40 39.98
N VAL A 1223 7.18 -44.44 39.07
CA VAL A 1223 5.94 -44.32 38.29
C VAL A 1223 5.72 -45.56 37.44
N GLN A 1224 6.79 -46.05 36.80
CA GLN A 1224 6.64 -47.15 35.85
C GLN A 1224 6.41 -48.47 36.55
N ASN A 1225 7.07 -48.69 37.70
CA ASN A 1225 6.97 -49.98 38.38
C ASN A 1225 5.58 -50.20 38.96
N LYS A 1226 5.04 -49.21 39.67
CA LYS A 1226 3.72 -49.36 40.27
C LYS A 1226 2.63 -49.14 39.23
N SER A 1227 1.57 -49.92 39.32
CA SER A 1227 0.48 -49.85 38.35
C SER A 1227 -0.81 -50.42 38.94
N VAL A 1243 -10.68 -50.99 21.88
CA VAL A 1243 -10.77 -50.68 20.46
C VAL A 1243 -9.65 -49.76 20.03
N ALA A 1244 -9.92 -48.90 19.05
CA ALA A 1244 -8.91 -47.97 18.56
C ALA A 1244 -8.54 -46.94 19.63
N THR A 1245 -9.48 -46.60 20.52
CA THR A 1245 -9.19 -45.62 21.56
C THR A 1245 -8.16 -46.14 22.54
N ALA A 1246 -8.17 -47.46 22.81
CA ALA A 1246 -7.19 -48.04 23.71
C ALA A 1246 -5.77 -47.88 23.16
N MET A 1247 -5.60 -48.01 21.85
CA MET A 1247 -4.30 -47.78 21.24
C MET A 1247 -3.89 -46.32 21.38
N ALA A 1248 -4.84 -45.40 21.24
CA ALA A 1248 -4.53 -43.98 21.39
C ALA A 1248 -4.07 -43.66 22.81
N ARG A 1249 -4.72 -44.24 23.82
CA ARG A 1249 -4.38 -43.95 25.21
C ARG A 1249 -2.97 -44.43 25.54
N VAL A 1250 -2.60 -45.64 25.10
CA VAL A 1250 -1.29 -46.17 25.43
C VAL A 1250 -0.19 -45.43 24.68
N LEU A 1251 -0.44 -45.05 23.42
CA LEU A 1251 0.53 -44.28 22.66
C LEU A 1251 0.64 -42.84 23.16
N ARG A 1252 -0.37 -42.35 23.87
CA ARG A 1252 -0.25 -41.05 24.53
C ARG A 1252 0.56 -41.13 25.81
N GLU A 1253 0.47 -42.26 26.51
CA GLU A 1253 1.18 -42.44 27.78
C GLU A 1253 2.66 -42.70 27.60
N THR A 1254 3.13 -42.90 26.38
CA THR A 1254 4.53 -43.22 26.13
C THR A 1254 5.40 -41.99 25.91
N LYS A 1255 4.80 -40.80 25.82
CA LYS A 1255 5.50 -39.55 25.58
C LYS A 1255 6.15 -38.91 26.82
N PRO A 1256 5.43 -38.77 27.95
CA PRO A 1256 5.92 -37.87 29.01
C PRO A 1256 7.29 -38.21 29.57
N ILE A 1257 7.64 -39.48 29.70
CA ILE A 1257 8.91 -39.85 30.32
C ILE A 1257 10.06 -39.67 29.33
N PRO A 1258 9.95 -40.11 28.06
CA PRO A 1258 11.01 -39.76 27.10
C PRO A 1258 11.19 -38.27 26.91
N ASN A 1259 10.13 -37.48 27.07
CA ASN A 1259 10.26 -36.02 26.98
C ASN A 1259 11.13 -35.47 28.09
N LEU A 1260 10.98 -36.01 29.30
CA LEU A 1260 11.82 -35.57 30.42
C LEU A 1260 13.26 -36.01 30.23
N ILE A 1261 13.47 -37.24 29.75
CA ILE A 1261 14.82 -37.75 29.54
C ILE A 1261 15.56 -36.91 28.52
N PHE A 1262 14.87 -36.51 27.46
CA PHE A 1262 15.48 -35.60 26.49
C PHE A 1262 15.84 -34.26 27.14
N ALA A 1263 14.96 -33.75 28.00
CA ALA A 1263 15.20 -32.47 28.65
C ALA A 1263 16.41 -32.53 29.57
N ILE A 1264 16.54 -33.62 30.33
CA ILE A 1264 17.69 -33.76 31.22
C ILE A 1264 18.98 -33.91 30.42
N GLU A 1265 18.96 -34.74 29.37
CA GLU A 1265 20.15 -34.96 28.57
C GLU A 1265 20.52 -33.71 27.78
N GLN A 1266 19.51 -32.99 27.28
CA GLN A 1266 19.78 -31.71 26.62
C GLN A 1266 20.40 -30.71 27.58
N TYR A 1267 19.97 -30.74 28.84
CA TYR A 1267 20.56 -29.88 29.86
C TYR A 1267 22.01 -30.24 30.12
N GLU A 1268 22.32 -31.53 30.23
CA GLU A 1268 23.68 -31.95 30.49
C GLU A 1268 24.58 -31.76 29.27
N LYS A 1269 24.01 -31.80 28.07
CA LYS A 1269 24.79 -31.52 26.87
C LYS A 1269 25.32 -30.09 26.89
N PHE A 1270 24.46 -29.13 27.20
CA PHE A 1270 24.87 -27.72 27.23
C PHE A 1270 25.68 -27.38 28.47
N LEU A 1271 25.60 -28.21 29.52
CA LEU A 1271 26.51 -28.06 30.65
C LEU A 1271 27.93 -28.46 30.28
N ILE A 1272 28.07 -29.42 29.36
CA ILE A 1272 29.40 -29.77 28.85
C ILE A 1272 29.95 -28.65 27.98
N HIS A 1273 29.10 -28.05 27.14
CA HIS A 1273 29.54 -26.91 26.34
C HIS A 1273 29.98 -25.74 27.22
N LEU A 1274 29.23 -25.45 28.28
CA LEU A 1274 29.60 -24.37 29.19
C LEU A 1274 30.84 -24.72 29.99
N SER A 1275 31.01 -26.00 30.35
CA SER A 1275 32.17 -26.38 31.13
C SER A 1275 33.45 -26.29 30.31
N LYS A 1276 33.34 -26.31 28.98
CA LYS A 1276 34.52 -26.19 28.14
C LYS A 1276 34.84 -24.74 27.83
N LYS A 1277 33.81 -23.94 27.52
CA LYS A 1277 34.03 -22.52 27.24
C LYS A 1277 34.52 -21.78 28.48
N SER A 1278 33.95 -22.09 29.65
CA SER A 1278 34.28 -21.41 30.88
C SER A 1278 35.46 -22.03 31.62
N LYS A 1279 35.97 -23.17 31.15
CA LYS A 1279 37.11 -23.87 31.71
C LYS A 1279 36.90 -24.30 33.17
N VAL A 1280 35.65 -24.36 33.63
CA VAL A 1280 35.31 -24.90 34.93
C VAL A 1280 34.40 -26.10 34.73
N ASN A 1281 34.77 -27.22 35.33
CA ASN A 1281 34.08 -28.50 35.08
C ASN A 1281 32.78 -28.52 35.87
N LEU A 1282 31.66 -28.36 35.16
CA LEU A 1282 30.34 -28.41 35.79
C LEU A 1282 29.78 -29.83 35.90
N MET A 1283 30.44 -30.81 35.29
CA MET A 1283 29.98 -32.19 35.36
C MET A 1283 30.48 -32.90 36.60
N GLN A 1284 31.34 -32.27 37.40
CA GLN A 1284 31.69 -32.83 38.70
C GLN A 1284 30.51 -32.75 39.67
N HIS A 1285 29.58 -31.83 39.45
CA HIS A 1285 28.38 -31.73 40.27
C HIS A 1285 27.32 -32.73 39.84
N MET A 1286 27.45 -33.34 38.67
CA MET A 1286 26.44 -34.23 38.13
C MET A 1286 26.93 -35.67 38.20
N LYS A 1287 26.08 -36.55 38.71
CA LYS A 1287 26.38 -37.98 38.72
C LYS A 1287 26.16 -38.52 37.31
N LEU A 1288 26.46 -39.80 37.10
CA LEU A 1288 26.27 -40.43 35.81
C LEU A 1288 24.78 -40.72 35.58
N SER A 1289 24.35 -40.54 34.34
CA SER A 1289 22.95 -40.79 34.00
C SER A 1289 22.59 -42.24 34.26
N THR A 1290 21.40 -42.44 34.83
CA THR A 1290 20.90 -43.77 35.16
C THR A 1290 19.87 -44.19 34.11
N SER A 1291 20.04 -45.39 33.56
CA SER A 1291 19.18 -45.90 32.52
C SER A 1291 18.40 -47.12 33.01
N ARG A 1292 17.26 -47.35 32.39
CA ARG A 1292 16.36 -48.43 32.77
C ARG A 1292 16.29 -49.46 31.65
N ASP A 1293 16.21 -50.73 32.05
CA ASP A 1293 16.01 -51.84 31.12
C ASP A 1293 14.69 -52.52 31.46
N PHE A 1294 13.79 -52.61 30.47
CA PHE A 1294 12.59 -53.40 30.64
C PHE A 1294 12.96 -54.89 30.66
N LYS A 1295 12.33 -55.64 31.55
CA LYS A 1295 12.53 -57.10 31.60
C LYS A 1295 11.22 -57.74 32.06
N ILE A 1296 10.58 -58.46 31.14
CA ILE A 1296 9.23 -58.95 31.35
C ILE A 1296 9.24 -60.22 32.21
N LYS A 1297 8.24 -60.34 33.07
CA LYS A 1297 8.11 -61.48 33.97
C LYS A 1297 7.27 -62.59 33.36
N LEU B 258 -41.66 -19.83 3.62
CA LEU B 258 -42.11 -21.13 3.14
C LEU B 258 -41.46 -22.27 3.93
N ASP B 259 -41.97 -23.47 3.73
CA ASP B 259 -41.41 -24.64 4.40
C ASP B 259 -39.98 -24.88 3.89
N PRO B 260 -39.01 -25.05 4.80
CA PRO B 260 -37.64 -25.33 4.33
C PRO B 260 -37.53 -26.56 3.44
N ASN B 261 -38.30 -27.61 3.72
CA ASN B 261 -38.27 -28.80 2.88
C ASN B 261 -38.98 -28.54 1.55
N PHE B 262 -40.10 -27.81 1.58
CA PHE B 262 -40.79 -27.46 0.35
C PHE B 262 -39.94 -26.50 -0.49
N LEU B 263 -39.26 -25.56 0.16
CA LEU B 263 -38.36 -24.67 -0.56
C LEU B 263 -37.19 -25.43 -1.16
N LEU B 264 -36.71 -26.45 -0.46
CA LEU B 264 -35.60 -27.26 -0.97
C LEU B 264 -36.01 -28.01 -2.23
N LYS B 265 -37.22 -28.58 -2.23
CA LYS B 265 -37.65 -29.40 -3.36
C LYS B 265 -37.83 -28.56 -4.62
N VAL B 266 -38.45 -27.38 -4.49
CA VAL B 266 -38.68 -26.54 -5.66
C VAL B 266 -37.36 -26.02 -6.21
N ARG B 267 -36.41 -25.69 -5.32
CA ARG B 267 -35.10 -25.25 -5.76
C ARG B 267 -34.36 -26.38 -6.48
N GLN B 268 -34.53 -27.62 -6.00
CA GLN B 268 -33.93 -28.76 -6.67
C GLN B 268 -34.52 -28.93 -8.07
N LEU B 269 -35.84 -28.76 -8.20
CA LEU B 269 -36.46 -28.81 -9.53
C LEU B 269 -36.02 -27.63 -10.38
N VAL B 270 -35.75 -26.47 -9.75
CA VAL B 270 -35.26 -25.31 -10.47
C VAL B 270 -33.91 -25.63 -11.11
N MET B 271 -33.02 -26.27 -10.35
CA MET B 271 -31.70 -26.62 -10.85
C MET B 271 -31.66 -27.96 -11.58
N ASP B 272 -32.75 -28.73 -11.55
CA ASP B 272 -32.77 -30.02 -12.22
C ASP B 272 -32.60 -29.86 -13.73
N LYS B 273 -33.41 -29.00 -14.34
CA LYS B 273 -33.37 -28.75 -15.77
C LYS B 273 -32.55 -27.52 -16.12
N LEU B 274 -31.51 -27.21 -15.33
CA LEU B 274 -30.73 -26.01 -15.56
C LEU B 274 -30.05 -26.03 -16.92
N SER B 275 -29.71 -27.22 -17.42
CA SER B 275 -29.04 -27.32 -18.71
C SER B 275 -29.97 -27.00 -19.88
N SER B 276 -31.25 -27.36 -19.76
CA SER B 276 -32.18 -27.26 -20.88
C SER B 276 -32.84 -25.89 -21.01
N ILE B 277 -32.61 -24.98 -20.07
CA ILE B 277 -33.25 -23.67 -20.11
C ILE B 277 -32.56 -22.77 -21.14
N ARG B 278 -33.17 -21.62 -21.43
CA ARG B 278 -32.67 -20.69 -22.43
C ARG B 278 -31.48 -19.91 -21.89
N LEU B 279 -31.05 -18.88 -22.62
CA LEU B 279 -29.89 -18.07 -22.23
C LEU B 279 -30.28 -16.85 -21.42
N GLU B 280 -31.37 -16.17 -21.80
CA GLU B 280 -31.76 -14.95 -21.11
C GLU B 280 -32.31 -15.23 -19.71
N ASP B 281 -32.89 -16.41 -19.50
CA ASP B 281 -33.42 -16.72 -18.18
C ASP B 281 -32.34 -17.23 -17.22
N LEU B 282 -31.14 -17.52 -17.73
CA LEU B 282 -30.06 -17.97 -16.87
C LEU B 282 -29.75 -16.98 -15.74
N PRO B 283 -29.69 -15.67 -15.97
CA PRO B 283 -29.48 -14.76 -14.82
C PRO B 283 -30.55 -14.86 -13.74
N VAL B 284 -31.82 -14.77 -14.11
CA VAL B 284 -32.88 -14.69 -13.10
C VAL B 284 -33.03 -16.02 -12.36
N ILE B 285 -32.88 -17.14 -13.07
CA ILE B 285 -33.02 -18.44 -12.41
C ILE B 285 -31.88 -18.66 -11.43
N ILE B 286 -30.67 -18.26 -11.80
CA ILE B 286 -29.54 -18.31 -10.87
C ILE B 286 -29.70 -17.27 -9.78
N LYS B 287 -30.21 -16.09 -10.14
CA LYS B 287 -30.48 -15.05 -9.15
C LYS B 287 -31.37 -15.60 -8.03
N PHE B 288 -32.33 -16.44 -8.39
CA PHE B 288 -33.17 -17.08 -7.38
C PHE B 288 -32.36 -18.02 -6.50
N ILE B 289 -31.49 -18.83 -7.12
CA ILE B 289 -30.82 -19.90 -6.38
C ILE B 289 -29.82 -19.34 -5.38
N LEU B 290 -29.02 -18.35 -5.80
CA LEU B 290 -27.94 -17.86 -4.96
C LEU B 290 -28.47 -17.23 -3.68
N HIS B 291 -29.55 -16.45 -3.78
CA HIS B 291 -30.18 -15.91 -2.57
C HIS B 291 -30.90 -17.00 -1.77
N SER B 292 -31.36 -18.05 -2.44
CA SER B 292 -31.97 -19.17 -1.74
C SER B 292 -30.91 -20.09 -1.17
N VAL B 293 -30.02 -19.56 -0.34
CA VAL B 293 -28.90 -20.31 0.21
C VAL B 293 -28.80 -20.01 1.71
N THR B 294 -28.66 -21.07 2.50
CA THR B 294 -28.48 -20.96 3.94
C THR B 294 -27.01 -21.17 4.28
N ALA B 295 -26.70 -21.04 5.57
CA ALA B 295 -25.32 -21.17 6.03
C ALA B 295 -24.78 -22.57 5.77
N MET B 296 -25.54 -23.60 6.15
CA MET B 296 -25.07 -24.97 5.98
C MET B 296 -25.18 -25.42 4.52
N ASP B 297 -26.26 -25.01 3.84
CA ASP B 297 -26.50 -25.50 2.48
C ASP B 297 -25.55 -24.87 1.48
N THR B 298 -24.77 -23.86 1.90
CA THR B 298 -23.93 -23.10 0.99
C THR B 298 -22.94 -23.97 0.24
N LEU B 299 -22.22 -24.83 0.95
CA LEU B 299 -21.18 -25.65 0.33
C LEU B 299 -21.78 -26.65 -0.67
N GLU B 300 -22.88 -27.29 -0.29
CA GLU B 300 -23.45 -28.33 -1.13
C GLU B 300 -24.13 -27.73 -2.37
N VAL B 301 -24.88 -26.64 -2.18
CA VAL B 301 -25.56 -26.02 -3.30
C VAL B 301 -24.56 -25.47 -4.32
N ILE B 302 -23.51 -24.81 -3.83
CA ILE B 302 -22.60 -24.13 -4.73
C ILE B 302 -21.78 -25.13 -5.55
N SER B 303 -21.49 -26.29 -4.96
CA SER B 303 -20.79 -27.34 -5.71
C SER B 303 -21.64 -27.87 -6.84
N GLU B 304 -22.94 -28.06 -6.59
CA GLU B 304 -23.85 -28.50 -7.65
C GLU B 304 -23.94 -27.44 -8.75
N LEU B 305 -24.08 -26.17 -8.37
CA LEU B 305 -24.19 -25.11 -9.37
C LEU B 305 -22.91 -24.96 -10.17
N ARG B 306 -21.77 -25.33 -9.57
CA ARG B 306 -20.51 -25.29 -10.31
C ARG B 306 -20.51 -26.30 -11.46
N GLU B 307 -21.10 -27.46 -11.26
CA GLU B 307 -21.17 -28.49 -12.28
C GLU B 307 -22.43 -28.45 -13.12
N LYS B 308 -23.57 -28.09 -12.52
CA LYS B 308 -24.83 -28.01 -13.24
C LYS B 308 -24.87 -26.87 -14.25
N LEU B 309 -23.89 -25.98 -14.21
CA LEU B 309 -23.82 -24.84 -15.12
C LEU B 309 -22.82 -25.16 -16.23
N ASP B 310 -23.23 -24.93 -17.46
CA ASP B 310 -22.38 -25.17 -18.63
C ASP B 310 -22.04 -23.88 -19.37
N LEU B 311 -23.05 -23.05 -19.66
CA LEU B 311 -22.91 -21.74 -20.30
C LEU B 311 -22.42 -21.84 -21.74
N GLN B 312 -22.14 -23.04 -22.23
CA GLN B 312 -21.68 -23.24 -23.61
C GLN B 312 -22.77 -22.86 -24.60
N SER B 342 -27.63 -11.27 -29.22
CA SER B 342 -27.61 -11.02 -27.78
C SER B 342 -26.96 -12.19 -27.04
N GLY B 343 -26.38 -13.11 -27.80
CA GLY B 343 -25.70 -14.24 -27.18
C GLY B 343 -24.49 -13.82 -26.38
N GLN B 344 -23.72 -12.85 -26.91
CA GLN B 344 -22.56 -12.35 -26.18
C GLN B 344 -23.00 -11.50 -25.00
N SER B 345 -24.12 -10.77 -25.14
CA SER B 345 -24.56 -9.89 -24.06
C SER B 345 -25.13 -10.67 -22.88
N CYS B 346 -25.92 -11.71 -23.16
CA CYS B 346 -26.60 -12.44 -22.09
C CYS B 346 -25.59 -13.10 -21.16
N ILE B 347 -24.46 -13.55 -21.69
CA ILE B 347 -23.40 -14.10 -20.86
C ILE B 347 -22.87 -13.04 -19.90
N ILE B 348 -22.68 -11.82 -20.41
CA ILE B 348 -22.23 -10.72 -19.56
C ILE B 348 -23.27 -10.42 -18.48
N LEU B 349 -24.55 -10.45 -18.86
CA LEU B 349 -25.62 -10.24 -17.89
C LEU B 349 -25.62 -11.34 -16.82
N LEU B 350 -25.33 -12.58 -17.23
CA LEU B 350 -25.23 -13.68 -16.28
C LEU B 350 -24.16 -13.41 -15.23
N PHE B 351 -22.96 -13.02 -15.68
CA PHE B 351 -21.88 -12.74 -14.74
C PHE B 351 -22.16 -11.48 -13.94
N ASP B 352 -22.88 -10.52 -14.54
CA ASP B 352 -23.26 -9.32 -13.80
C ASP B 352 -24.15 -9.67 -12.62
N VAL B 353 -25.07 -10.63 -12.80
CA VAL B 353 -25.91 -11.08 -11.70
C VAL B 353 -25.05 -11.73 -10.62
N ILE B 354 -24.11 -12.59 -11.02
CA ILE B 354 -23.26 -13.28 -10.04
C ILE B 354 -22.40 -12.26 -9.28
N LYS B 355 -21.85 -11.27 -9.99
CA LYS B 355 -21.04 -10.25 -9.34
C LYS B 355 -21.85 -9.49 -8.30
N SER B 356 -23.10 -9.15 -8.63
CA SER B 356 -23.98 -8.52 -7.64
C SER B 356 -24.36 -9.48 -6.53
N ALA B 357 -24.59 -10.75 -6.88
CA ALA B 357 -25.06 -11.71 -5.88
C ALA B 357 -24.03 -11.95 -4.79
N ILE B 358 -22.76 -12.09 -5.16
CA ILE B 358 -21.70 -12.35 -4.19
C ILE B 358 -20.98 -11.08 -3.76
N ARG B 359 -21.46 -9.91 -4.19
CA ARG B 359 -20.80 -8.65 -3.82
C ARG B 359 -20.81 -8.45 -2.31
N TYR B 360 -21.93 -8.75 -1.66
CA TYR B 360 -22.05 -8.62 -0.22
C TYR B 360 -21.97 -9.96 0.50
N GLU B 361 -21.59 -11.03 -0.20
CA GLU B 361 -21.60 -12.38 0.36
C GLU B 361 -20.21 -13.00 0.24
N LYS B 362 -19.47 -13.02 1.35
CA LYS B 362 -18.17 -13.65 1.36
C LYS B 362 -18.27 -15.17 1.42
N THR B 363 -19.29 -15.71 2.09
CA THR B 363 -19.41 -17.16 2.23
C THR B 363 -19.61 -17.83 0.88
N ILE B 364 -20.45 -17.27 0.02
CA ILE B 364 -20.69 -17.87 -1.28
C ILE B 364 -19.45 -17.80 -2.14
N SER B 365 -18.75 -16.66 -2.12
CA SER B 365 -17.52 -16.53 -2.88
C SER B 365 -16.46 -17.52 -2.40
N GLU B 366 -16.33 -17.66 -1.08
CA GLU B 366 -15.38 -18.63 -0.53
C GLU B 366 -15.82 -20.05 -0.81
N ALA B 367 -17.13 -20.31 -0.86
CA ALA B 367 -17.62 -21.66 -1.13
C ALA B 367 -17.33 -22.07 -2.56
N TRP B 368 -17.30 -21.11 -3.49
CA TRP B 368 -16.95 -21.43 -4.87
C TRP B 368 -15.54 -22.00 -4.97
N ILE B 369 -14.58 -21.38 -4.27
CA ILE B 369 -13.18 -21.77 -4.40
C ILE B 369 -12.97 -23.17 -3.82
N LYS B 370 -13.69 -23.50 -2.74
CA LYS B 370 -13.59 -24.84 -2.16
C LYS B 370 -14.03 -25.90 -3.15
N ALA B 371 -15.06 -25.60 -3.96
CA ALA B 371 -15.47 -26.53 -5.00
C ALA B 371 -14.36 -26.73 -6.02
N ILE B 372 -13.69 -25.65 -6.41
CA ILE B 372 -12.59 -25.74 -7.37
C ILE B 372 -11.38 -26.43 -6.74
N GLU B 373 -11.11 -26.12 -5.46
CA GLU B 373 -9.98 -26.73 -4.77
C GLU B 373 -10.17 -28.24 -4.63
N ASN B 374 -11.39 -28.68 -4.32
CA ASN B 374 -11.64 -30.10 -4.11
C ASN B 374 -11.49 -30.89 -5.41
N THR B 375 -11.85 -30.28 -6.54
CA THR B 375 -11.73 -30.95 -7.83
C THR B 375 -10.27 -31.32 -8.10
N ALA B 376 -10.06 -32.57 -8.53
CA ALA B 376 -8.72 -33.08 -8.77
C ALA B 376 -8.53 -33.63 -10.18
N SER B 377 -9.44 -33.35 -11.10
CA SER B 377 -9.36 -33.83 -12.47
C SER B 377 -9.31 -32.65 -13.42
N VAL B 378 -8.37 -32.70 -14.37
CA VAL B 378 -8.19 -31.59 -15.31
C VAL B 378 -9.42 -31.42 -16.19
N SER B 379 -10.06 -32.54 -16.56
CA SER B 379 -11.18 -32.48 -17.49
C SER B 379 -12.33 -31.65 -16.93
N GLU B 380 -12.56 -31.73 -15.62
CA GLU B 380 -13.68 -31.01 -15.03
C GLU B 380 -13.51 -29.50 -15.13
N HIS B 381 -12.28 -29.02 -14.99
CA HIS B 381 -12.03 -27.58 -15.11
C HIS B 381 -12.40 -27.09 -16.50
N LYS B 382 -13.12 -25.97 -16.56
CA LYS B 382 -13.67 -25.44 -17.80
C LYS B 382 -13.39 -23.94 -17.86
N VAL B 383 -13.86 -23.33 -18.95
CA VAL B 383 -13.71 -21.87 -19.11
C VAL B 383 -14.46 -21.14 -18.01
N PHE B 384 -15.67 -21.59 -17.69
CA PHE B 384 -16.45 -20.96 -16.64
C PHE B 384 -15.76 -21.06 -15.28
N ASP B 385 -14.94 -22.09 -15.09
CA ASP B 385 -14.21 -22.23 -13.83
C ASP B 385 -13.18 -21.11 -13.67
N LEU B 386 -12.39 -20.86 -14.72
CA LEU B 386 -11.34 -19.85 -14.62
C LEU B 386 -11.93 -18.45 -14.56
N VAL B 387 -13.05 -18.22 -15.26
CA VAL B 387 -13.67 -16.89 -15.25
C VAL B 387 -14.14 -16.54 -13.84
N MET B 388 -14.78 -17.49 -13.17
CA MET B 388 -15.27 -17.23 -11.82
C MET B 388 -14.13 -16.96 -10.85
N LEU B 389 -13.03 -17.68 -11.00
CA LEU B 389 -11.91 -17.52 -10.07
C LEU B 389 -11.29 -16.13 -10.17
N PHE B 390 -11.36 -15.51 -11.35
CA PHE B 390 -10.92 -14.12 -11.49
C PHE B 390 -11.95 -13.15 -10.94
N ILE B 391 -13.24 -13.48 -11.04
CA ILE B 391 -14.28 -12.59 -10.54
C ILE B 391 -14.19 -12.45 -9.03
N ILE B 392 -14.01 -13.56 -8.32
CA ILE B 392 -13.89 -13.51 -6.87
C ILE B 392 -12.66 -12.70 -6.48
N TYR B 393 -11.60 -12.76 -7.28
CA TYR B 393 -10.39 -12.02 -6.99
C TYR B 393 -10.64 -10.53 -7.03
N SER B 394 -11.27 -10.04 -8.10
CA SER B 394 -11.49 -8.61 -8.26
C SER B 394 -12.59 -8.11 -7.35
N THR B 395 -13.71 -8.85 -7.25
CA THR B 395 -14.88 -8.34 -6.54
C THR B 395 -14.61 -8.23 -5.04
N ASN B 396 -14.10 -9.29 -4.42
CA ASN B 396 -13.87 -9.33 -2.99
C ASN B 396 -12.37 -9.37 -2.72
N THR B 397 -11.90 -8.42 -1.92
CA THR B 397 -10.48 -8.34 -1.57
C THR B 397 -10.13 -9.14 -0.33
N GLN B 398 -11.11 -9.71 0.34
CA GLN B 398 -10.84 -10.53 1.53
C GLN B 398 -10.45 -11.95 1.18
N THR B 399 -10.44 -12.26 -0.12
CA THR B 399 -10.03 -13.58 -0.58
C THR B 399 -8.86 -13.52 -1.54
N LYS B 400 -8.05 -12.45 -1.48
CA LYS B 400 -6.88 -12.34 -2.35
C LYS B 400 -5.90 -13.47 -2.09
N LYS B 401 -5.61 -13.74 -0.81
CA LYS B 401 -4.64 -14.77 -0.47
C LYS B 401 -5.15 -16.16 -0.81
N TYR B 402 -6.42 -16.44 -0.51
CA TYR B 402 -6.93 -17.80 -0.66
C TYR B 402 -7.01 -18.19 -2.14
N ILE B 403 -7.37 -17.23 -3.00
CA ILE B 403 -7.35 -17.48 -4.44
C ILE B 403 -5.93 -17.70 -4.94
N ASP B 404 -4.96 -16.94 -4.42
CA ASP B 404 -3.58 -17.12 -4.85
C ASP B 404 -3.05 -18.51 -4.49
N ARG B 405 -3.29 -18.95 -3.24
CA ARG B 405 -2.72 -20.21 -2.79
C ARG B 405 -3.30 -21.40 -3.55
N VAL B 406 -4.61 -21.37 -3.82
CA VAL B 406 -5.21 -22.46 -4.58
C VAL B 406 -4.72 -22.45 -6.02
N LEU B 407 -4.54 -21.25 -6.59
CA LEU B 407 -4.09 -21.15 -7.98
C LEU B 407 -2.71 -21.77 -8.16
N ARG B 408 -1.81 -21.57 -7.18
CA ARG B 408 -0.50 -22.19 -7.25
C ARG B 408 -0.60 -23.70 -7.32
N ASN B 409 -1.48 -24.28 -6.49
CA ASN B 409 -1.62 -25.73 -6.43
C ASN B 409 -2.15 -26.29 -7.74
N LYS B 410 -3.16 -25.65 -8.32
CA LYS B 410 -3.75 -26.14 -9.56
C LYS B 410 -2.76 -26.07 -10.71
N ILE B 411 -2.01 -24.97 -10.81
CA ILE B 411 -1.01 -24.85 -11.87
C ILE B 411 0.11 -25.87 -11.67
N ARG B 412 0.62 -25.98 -10.43
CA ARG B 412 1.74 -26.87 -10.17
C ARG B 412 1.34 -28.33 -10.38
N SER B 413 0.10 -28.68 -10.04
CA SER B 413 -0.37 -30.04 -10.22
C SER B 413 -0.89 -30.31 -11.62
N GLY B 414 -0.87 -29.31 -12.50
CA GLY B 414 -1.30 -29.49 -13.88
C GLY B 414 -2.77 -29.37 -14.12
N CYS B 415 -3.55 -28.96 -13.12
CA CYS B 415 -5.00 -28.83 -13.30
C CYS B 415 -5.34 -27.71 -14.27
N ILE B 416 -4.64 -26.58 -14.17
CA ILE B 416 -4.87 -25.43 -15.04
C ILE B 416 -3.77 -25.43 -16.10
N GLN B 417 -4.16 -25.36 -17.36
CA GLN B 417 -3.24 -25.47 -18.48
C GLN B 417 -3.27 -24.21 -19.33
N GLU B 418 -2.32 -24.13 -20.26
CA GLU B 418 -2.26 -23.01 -21.20
C GLU B 418 -3.51 -22.99 -22.09
N GLN B 419 -3.93 -24.15 -22.58
CA GLN B 419 -5.10 -24.21 -23.45
C GLN B 419 -6.37 -23.78 -22.73
N LEU B 420 -6.52 -24.12 -21.45
CA LEU B 420 -7.66 -23.62 -20.69
C LEU B 420 -7.60 -22.10 -20.56
N LEU B 421 -6.41 -21.56 -20.28
CA LEU B 421 -6.25 -20.12 -20.20
C LEU B 421 -6.45 -19.47 -21.57
N GLN B 422 -5.93 -20.09 -22.62
CA GLN B 422 -6.11 -19.55 -23.97
C GLN B 422 -7.58 -19.53 -24.36
N SER B 423 -8.28 -20.62 -24.10
CA SER B 423 -9.70 -20.69 -24.44
C SER B 423 -10.51 -19.71 -23.60
N THR B 424 -10.12 -19.52 -22.34
CA THR B 424 -10.84 -18.59 -21.46
C THR B 424 -10.80 -17.17 -22.01
N PHE B 425 -9.60 -16.69 -22.36
CA PHE B 425 -9.47 -15.33 -22.89
C PHE B 425 -10.11 -15.21 -24.27
N SER B 426 -10.00 -16.26 -25.08
CA SER B 426 -10.39 -16.16 -26.49
C SER B 426 -11.88 -15.83 -26.63
N VAL B 427 -12.74 -16.50 -25.87
CA VAL B 427 -14.17 -16.38 -26.10
C VAL B 427 -14.85 -15.55 -25.02
N HIS B 428 -14.20 -15.33 -23.88
CA HIS B 428 -14.77 -14.55 -22.79
C HIS B 428 -13.80 -13.44 -22.37
N TYR B 429 -13.26 -12.71 -23.34
CA TYR B 429 -12.46 -11.54 -23.00
C TYR B 429 -13.33 -10.32 -22.71
N LEU B 430 -14.63 -10.38 -23.02
CA LEU B 430 -15.50 -9.24 -22.75
C LEU B 430 -15.70 -9.04 -21.25
N VAL B 431 -15.83 -10.13 -20.50
CA VAL B 431 -16.04 -10.04 -19.06
C VAL B 431 -14.72 -9.89 -18.31
N LEU B 432 -13.63 -10.46 -18.86
CA LEU B 432 -12.33 -10.35 -18.21
C LEU B 432 -11.76 -8.94 -18.37
N LYS B 433 -12.14 -8.25 -19.45
CA LYS B 433 -11.58 -6.92 -19.72
C LYS B 433 -11.93 -5.92 -18.63
N ASP B 434 -13.06 -6.13 -17.94
CA ASP B 434 -13.47 -5.19 -16.90
C ASP B 434 -12.47 -5.16 -15.76
N MET B 435 -11.74 -6.26 -15.55
CA MET B 435 -10.83 -6.39 -14.42
C MET B 435 -9.37 -6.57 -14.85
N CYS B 436 -8.92 -5.82 -15.86
CA CYS B 436 -7.55 -5.99 -16.32
C CYS B 436 -6.54 -5.64 -15.23
N SER B 437 -6.87 -4.64 -14.41
CA SER B 437 -5.99 -4.28 -13.30
C SER B 437 -5.88 -5.43 -12.30
N SER B 438 -6.99 -6.11 -12.04
CA SER B 438 -6.98 -7.23 -11.10
C SER B 438 -6.20 -8.42 -11.66
N ILE B 439 -6.37 -8.70 -12.96
CA ILE B 439 -5.66 -9.81 -13.58
C ILE B 439 -4.16 -9.56 -13.58
N LEU B 440 -3.76 -8.33 -13.91
CA LEU B 440 -2.34 -8.01 -13.97
C LEU B 440 -1.69 -8.07 -12.59
N SER B 441 -2.42 -7.67 -11.54
CA SER B 441 -1.90 -7.84 -10.19
C SER B 441 -1.71 -9.31 -9.86
N LEU B 442 -2.63 -10.17 -10.33
CA LEU B 442 -2.45 -11.60 -10.17
C LEU B 442 -1.27 -12.11 -10.99
N ALA B 443 -1.12 -11.61 -12.22
CA ALA B 443 -0.01 -12.03 -13.06
C ALA B 443 1.33 -11.62 -12.47
N GLN B 444 1.41 -10.42 -11.90
CA GLN B 444 2.66 -9.93 -11.32
C GLN B 444 3.06 -10.78 -10.12
N SER B 445 2.10 -11.15 -9.28
CA SER B 445 2.41 -11.97 -8.12
C SER B 445 2.87 -13.36 -8.53
N LEU B 446 2.27 -13.93 -9.58
CA LEU B 446 2.69 -15.25 -10.05
C LEU B 446 4.12 -15.24 -10.55
N LEU B 447 4.58 -14.11 -11.07
CA LEU B 447 5.92 -14.05 -11.66
C LEU B 447 7.01 -13.98 -10.61
N HIS B 448 6.67 -13.67 -9.36
CA HIS B 448 7.63 -13.62 -8.27
C HIS B 448 7.96 -15.01 -7.72
N SER B 449 7.45 -16.07 -8.33
CA SER B 449 7.60 -17.41 -7.80
C SER B 449 8.91 -18.03 -8.23
N LEU B 450 9.15 -19.25 -7.73
CA LEU B 450 10.37 -19.99 -8.02
C LEU B 450 10.15 -21.26 -8.82
N ASP B 451 8.90 -21.58 -9.15
CA ASP B 451 8.59 -22.77 -9.94
C ASP B 451 8.27 -22.36 -11.38
N GLN B 452 8.82 -23.12 -12.34
CA GLN B 452 8.66 -22.76 -13.75
C GLN B 452 7.21 -22.85 -14.19
N SER B 453 6.43 -23.77 -13.62
CA SER B 453 5.03 -23.88 -13.98
C SER B 453 4.26 -22.61 -13.62
N ILE B 454 4.52 -22.06 -12.43
CA ILE B 454 3.87 -20.83 -12.02
C ILE B 454 4.39 -19.65 -12.83
N ILE B 455 5.70 -19.59 -13.04
CA ILE B 455 6.31 -18.49 -13.78
C ILE B 455 5.79 -18.47 -15.22
N SER B 456 5.70 -19.64 -15.85
CA SER B 456 5.21 -19.69 -17.22
C SER B 456 3.76 -19.24 -17.31
N PHE B 457 2.93 -19.63 -16.34
CA PHE B 457 1.54 -19.20 -16.33
C PHE B 457 1.43 -17.68 -16.14
N GLY B 458 2.23 -17.12 -15.22
CA GLY B 458 2.21 -15.69 -15.01
C GLY B 458 2.63 -14.92 -16.25
N SER B 459 3.63 -15.43 -16.97
CA SER B 459 4.01 -14.81 -18.23
C SER B 459 2.90 -14.89 -19.26
N LEU B 460 2.20 -16.03 -19.31
CA LEU B 460 1.07 -16.17 -20.22
C LEU B 460 -0.06 -15.21 -19.84
N LEU B 461 -0.29 -15.02 -18.55
CA LEU B 461 -1.31 -14.08 -18.11
C LEU B 461 -0.99 -12.67 -18.57
N TYR B 462 0.30 -12.34 -18.68
CA TYR B 462 0.71 -11.06 -19.24
C TYR B 462 0.46 -10.99 -20.73
N LYS B 463 0.78 -12.07 -21.45
CA LYS B 463 0.68 -12.06 -22.90
C LYS B 463 -0.77 -12.04 -23.36
N TYR B 464 -1.65 -12.81 -22.69
CA TYR B 464 -3.04 -12.85 -23.10
C TYR B 464 -3.76 -11.55 -22.76
N ALA B 465 -3.37 -10.89 -21.67
CA ALA B 465 -3.94 -9.60 -21.34
C ALA B 465 -3.57 -8.56 -22.39
N PHE B 466 -2.33 -8.59 -22.87
CA PHE B 466 -1.91 -7.66 -23.91
C PHE B 466 -2.64 -7.93 -25.22
N LYS B 467 -2.91 -9.19 -25.51
CA LYS B 467 -3.49 -9.54 -26.81
C LYS B 467 -4.95 -9.13 -26.92
N PHE B 468 -5.75 -9.37 -25.88
CA PHE B 468 -7.19 -9.28 -25.99
C PHE B 468 -7.79 -8.02 -25.40
N PHE B 469 -7.06 -7.28 -24.56
CA PHE B 469 -7.62 -6.11 -23.90
C PHE B 469 -7.40 -4.87 -24.77
N ASP B 470 -7.78 -3.71 -24.23
CA ASP B 470 -7.76 -2.47 -24.99
C ASP B 470 -6.39 -1.80 -24.86
N THR B 471 -6.29 -0.58 -25.39
CA THR B 471 -5.01 0.13 -25.40
C THR B 471 -4.52 0.45 -24.00
N TYR B 472 -5.43 0.91 -23.12
CA TYR B 472 -5.00 1.37 -21.81
C TYR B 472 -4.45 0.22 -20.97
N CYS B 473 -5.09 -0.94 -21.00
CA CYS B 473 -4.57 -2.08 -20.24
C CYS B 473 -3.32 -2.66 -20.87
N GLN B 474 -3.11 -2.44 -22.17
CA GLN B 474 -1.86 -2.86 -22.80
C GLN B 474 -0.68 -2.05 -22.28
N GLN B 475 -0.88 -0.75 -22.06
CA GLN B 475 0.17 0.07 -21.45
C GLN B 475 0.46 -0.39 -20.03
N GLU B 476 -0.55 -0.88 -19.32
CA GLU B 476 -0.33 -1.44 -17.99
C GLU B 476 0.52 -2.70 -18.08
N VAL B 477 0.32 -3.51 -19.12
CA VAL B 477 1.10 -4.73 -19.27
C VAL B 477 2.58 -4.39 -19.48
N VAL B 478 2.85 -3.43 -20.38
CA VAL B 478 4.23 -3.04 -20.65
C VAL B 478 4.84 -2.38 -19.43
N GLY B 479 4.09 -1.51 -18.75
CA GLY B 479 4.61 -0.88 -17.55
C GLY B 479 4.90 -1.87 -16.44
N ALA B 480 4.06 -2.91 -16.32
CA ALA B 480 4.33 -3.96 -15.35
C ALA B 480 5.60 -4.73 -15.69
N LEU B 481 5.81 -5.00 -16.99
CA LEU B 481 7.01 -5.73 -17.40
C LEU B 481 8.26 -4.91 -17.15
N VAL B 482 8.20 -3.60 -17.42
CA VAL B 482 9.37 -2.73 -17.20
C VAL B 482 9.76 -2.73 -15.73
N THR B 483 8.79 -2.77 -14.83
CA THR B 483 9.08 -2.86 -13.40
C THR B 483 9.81 -4.15 -13.07
N HIS B 484 9.41 -5.26 -13.68
CA HIS B 484 10.07 -6.54 -13.41
C HIS B 484 11.52 -6.51 -13.87
N ILE B 485 11.77 -5.95 -15.06
CA ILE B 485 13.14 -5.85 -15.58
C ILE B 485 14.00 -4.94 -14.71
N CYS B 486 13.40 -3.94 -14.06
CA CYS B 486 14.13 -3.04 -13.17
C CYS B 486 14.08 -3.50 -11.72
N SER B 487 13.49 -4.67 -11.45
CA SER B 487 13.38 -5.14 -10.07
C SER B 487 14.73 -5.56 -9.50
N GLY B 488 15.49 -6.34 -10.27
CA GLY B 488 16.79 -6.79 -9.80
C GLY B 488 16.92 -8.31 -9.77
N ASN B 489 15.79 -9.01 -9.73
CA ASN B 489 15.81 -10.47 -9.70
C ASN B 489 16.25 -11.02 -11.06
N GLU B 490 17.19 -11.96 -11.05
CA GLU B 490 17.63 -12.59 -12.28
C GLU B 490 16.49 -13.35 -12.94
N ALA B 491 15.68 -14.05 -12.13
CA ALA B 491 14.58 -14.82 -12.68
C ALA B 491 13.51 -13.93 -13.30
N GLU B 492 13.16 -12.82 -12.63
CA GLU B 492 12.12 -11.94 -13.14
C GLU B 492 12.59 -11.19 -14.38
N VAL B 493 13.83 -10.68 -14.36
CA VAL B 493 14.32 -9.91 -15.50
C VAL B 493 14.40 -10.80 -16.74
N ASP B 494 14.89 -12.02 -16.58
CA ASP B 494 14.99 -12.95 -17.70
C ASP B 494 13.61 -13.27 -18.26
N THR B 495 12.64 -13.56 -17.38
CA THR B 495 11.31 -13.94 -17.84
C THR B 495 10.59 -12.75 -18.48
N ALA B 496 10.67 -11.58 -17.85
CA ALA B 496 9.98 -10.41 -18.37
C ALA B 496 10.54 -9.98 -19.71
N LEU B 497 11.85 -10.16 -19.91
CA LEU B 497 12.45 -9.84 -21.20
C LEU B 497 11.96 -10.80 -22.29
N ASP B 498 11.73 -12.07 -21.92
CA ASP B 498 11.16 -13.01 -22.87
C ASP B 498 9.72 -12.64 -23.23
N VAL B 499 8.94 -12.18 -22.25
CA VAL B 499 7.58 -11.75 -22.52
C VAL B 499 7.59 -10.53 -23.45
N LEU B 500 8.50 -9.59 -23.20
CA LEU B 500 8.58 -8.40 -24.05
C LEU B 500 8.91 -8.78 -25.49
N LEU B 501 9.82 -9.72 -25.69
CA LEU B 501 10.16 -10.17 -27.03
C LEU B 501 8.97 -10.83 -27.71
N GLU B 502 8.22 -11.65 -26.96
CA GLU B 502 7.04 -12.28 -27.53
C GLU B 502 5.99 -11.24 -27.92
N LEU B 503 5.79 -10.23 -27.08
CA LEU B 503 4.82 -9.18 -27.39
C LEU B 503 5.23 -8.41 -28.64
N VAL B 504 6.53 -8.13 -28.79
CA VAL B 504 7.00 -7.39 -29.96
C VAL B 504 6.77 -8.19 -31.24
N VAL B 505 7.10 -9.48 -31.21
CA VAL B 505 6.90 -10.33 -32.38
C VAL B 505 5.42 -10.51 -32.65
N LEU B 506 4.62 -10.72 -31.61
CA LEU B 506 3.19 -10.96 -31.77
C LEU B 506 2.48 -9.72 -32.30
N ASN B 507 2.59 -8.61 -31.58
CA ASN B 507 1.90 -7.37 -31.91
C ASN B 507 2.90 -6.22 -31.94
N PRO B 508 3.70 -6.12 -33.00
CA PRO B 508 4.63 -4.98 -33.10
C PRO B 508 3.93 -3.63 -33.14
N SER B 509 2.74 -3.56 -33.74
CA SER B 509 2.04 -2.29 -33.83
C SER B 509 1.62 -1.77 -32.46
N ALA B 510 1.14 -2.66 -31.58
CA ALA B 510 0.76 -2.24 -30.24
C ALA B 510 2.00 -1.89 -29.41
N MET B 511 3.05 -2.68 -29.52
CA MET B 511 4.30 -2.36 -28.84
C MET B 511 5.01 -1.17 -29.46
N MET B 512 4.62 -0.76 -30.66
CA MET B 512 5.25 0.36 -31.34
C MET B 512 5.06 1.65 -30.57
N MET B 513 3.85 1.88 -30.04
CA MET B 513 3.54 3.10 -29.31
C MET B 513 3.89 2.99 -27.83
N ASN B 514 4.39 1.85 -27.37
CA ASN B 514 4.82 1.67 -25.99
C ASN B 514 6.35 1.72 -25.88
N ALA B 515 7.03 2.19 -26.91
CA ALA B 515 8.49 2.17 -26.91
C ALA B 515 9.08 3.18 -25.93
N VAL B 516 8.33 4.22 -25.58
CA VAL B 516 8.83 5.22 -24.64
C VAL B 516 9.10 4.58 -23.29
N PHE B 517 8.19 3.73 -22.82
CA PHE B 517 8.38 3.04 -21.55
C PHE B 517 9.48 1.98 -21.65
N VAL B 518 9.57 1.29 -22.78
CA VAL B 518 10.63 0.29 -22.96
C VAL B 518 11.99 0.98 -23.02
N LYS B 519 12.05 2.15 -23.66
CA LYS B 519 13.29 2.92 -23.70
C LYS B 519 13.73 3.35 -22.30
N GLY B 520 12.80 3.45 -21.36
CA GLY B 520 13.13 3.90 -20.02
C GLY B 520 13.99 2.93 -19.23
N ILE B 521 14.04 1.66 -19.66
CA ILE B 521 14.89 0.69 -18.97
C ILE B 521 16.35 1.02 -19.13
N LEU B 522 16.71 1.77 -20.18
CA LEU B 522 18.10 2.13 -20.44
C LEU B 522 18.67 3.01 -19.34
N ASP B 523 17.80 3.65 -18.56
CA ASP B 523 18.23 4.47 -17.44
C ASP B 523 18.63 3.65 -16.22
N TYR B 524 18.36 2.34 -16.23
CA TYR B 524 18.66 1.46 -15.11
C TYR B 524 19.52 0.28 -15.55
N LEU B 525 20.54 0.53 -16.36
CA LEU B 525 21.42 -0.54 -16.79
C LEU B 525 22.48 -0.88 -15.74
N ASP B 526 22.54 -0.10 -14.65
CA ASP B 526 23.53 -0.38 -13.61
C ASP B 526 23.27 -1.71 -12.91
N ASN B 527 22.01 -2.02 -12.63
CA ASN B 527 21.65 -3.25 -11.93
C ASN B 527 21.18 -4.35 -12.88
N ILE B 528 21.71 -4.38 -14.10
CA ILE B 528 21.35 -5.39 -15.09
C ILE B 528 22.63 -6.05 -15.59
N SER B 529 22.63 -7.38 -15.64
CA SER B 529 23.79 -8.13 -16.07
C SER B 529 24.04 -7.97 -17.56
N PRO B 530 25.29 -8.14 -18.00
CA PRO B 530 25.58 -8.00 -19.45
C PRO B 530 24.79 -8.96 -20.32
N GLN B 531 24.47 -10.15 -19.83
CA GLN B 531 23.65 -11.08 -20.61
C GLN B 531 22.25 -10.52 -20.81
N GLN B 532 21.69 -9.89 -19.79
CA GLN B 532 20.36 -9.31 -19.92
C GLN B 532 20.38 -8.00 -20.70
N ILE B 533 21.51 -7.28 -20.67
CA ILE B 533 21.64 -6.06 -21.47
C ILE B 533 21.57 -6.40 -22.96
N ARG B 534 22.21 -7.50 -23.36
CA ARG B 534 22.17 -7.92 -24.76
C ARG B 534 20.74 -8.26 -25.17
N LYS B 535 19.99 -8.94 -24.30
CA LYS B 535 18.61 -9.27 -24.60
C LYS B 535 17.74 -8.02 -24.63
N LEU B 536 17.98 -7.07 -23.73
CA LEU B 536 17.22 -5.82 -23.72
C LEU B 536 17.44 -5.04 -25.01
N PHE B 537 18.66 -5.04 -25.53
CA PHE B 537 18.92 -4.37 -26.80
C PHE B 537 18.30 -5.12 -27.96
N TYR B 538 18.20 -6.45 -27.86
CA TYR B 538 17.66 -7.24 -28.95
C TYR B 538 16.18 -6.94 -29.15
N VAL B 539 15.41 -6.88 -28.06
CA VAL B 539 13.99 -6.57 -28.18
C VAL B 539 13.79 -5.13 -28.62
N LEU B 540 14.64 -4.22 -28.16
CA LEU B 540 14.56 -2.82 -28.61
C LEU B 540 14.89 -2.71 -30.09
N SER B 541 15.89 -3.45 -30.55
CA SER B 541 16.29 -3.36 -31.96
C SER B 541 15.27 -4.01 -32.88
N THR B 542 14.74 -5.17 -32.48
CA THR B 542 13.75 -5.85 -33.31
C THR B 542 12.42 -5.12 -33.33
N LEU B 543 12.12 -4.32 -32.29
CA LEU B 543 10.91 -3.51 -32.30
C LEU B 543 11.09 -2.27 -33.16
N ALA B 544 12.27 -1.68 -33.16
CA ALA B 544 12.50 -0.46 -33.94
C ALA B 544 12.53 -0.75 -35.43
N PHE B 545 12.96 -1.94 -35.84
CA PHE B 545 13.07 -2.29 -37.24
C PHE B 545 11.98 -3.26 -37.68
N SER B 546 10.91 -3.39 -36.89
CA SER B 546 9.81 -4.28 -37.27
C SER B 546 9.06 -3.75 -38.48
N LYS B 547 8.77 -2.45 -38.49
CA LYS B 547 8.04 -1.82 -39.58
C LYS B 547 8.89 -0.71 -40.18
N GLN B 548 8.48 -0.26 -41.37
CA GLN B 548 9.14 0.85 -42.04
C GLN B 548 8.33 2.15 -41.96
N ASN B 549 7.30 2.18 -41.12
CA ASN B 549 6.47 3.37 -40.99
C ASN B 549 7.26 4.51 -40.33
N GLU B 550 6.64 5.69 -40.31
CA GLU B 550 7.31 6.86 -39.74
C GLU B 550 7.51 6.72 -38.24
N ALA B 551 6.65 5.95 -37.57
CA ALA B 551 6.83 5.74 -36.14
C ALA B 551 8.11 4.98 -35.84
N SER B 552 8.43 3.97 -36.65
CA SER B 552 9.66 3.21 -36.46
C SER B 552 10.89 4.08 -36.68
N SER B 553 10.86 4.93 -37.71
CA SER B 553 12.03 5.74 -38.04
C SER B 553 12.40 6.68 -36.90
N HIS B 554 11.42 7.13 -36.12
CA HIS B 554 11.73 7.94 -34.94
C HIS B 554 12.48 7.12 -33.90
N ILE B 555 12.04 5.88 -33.66
CA ILE B 555 12.71 5.02 -32.69
C ILE B 555 14.06 4.56 -33.22
N GLN B 556 14.16 4.28 -34.53
CA GLN B 556 15.43 3.83 -35.11
C GLN B 556 16.52 4.87 -34.89
N ASP B 557 16.23 6.13 -35.23
CA ASP B 557 17.23 7.18 -35.00
C ASP B 557 17.38 7.50 -33.52
N ASP B 558 16.37 7.17 -32.71
CA ASP B 558 16.50 7.34 -31.26
C ASP B 558 17.45 6.31 -30.68
N MET B 559 17.40 5.07 -31.18
CA MET B 559 18.29 4.02 -30.68
C MET B 559 19.73 4.28 -31.11
N HIS B 560 19.92 4.83 -32.31
CA HIS B 560 21.27 5.14 -32.77
C HIS B 560 21.95 6.15 -31.87
N LEU B 561 21.21 7.17 -31.43
CA LEU B 561 21.82 8.24 -30.64
C LEU B 561 22.10 7.80 -29.22
N VAL B 562 21.28 6.90 -28.68
CA VAL B 562 21.52 6.39 -27.33
C VAL B 562 22.85 5.64 -27.29
N ILE B 563 23.08 4.79 -28.28
CA ILE B 563 24.33 4.04 -28.35
C ILE B 563 25.49 4.95 -28.71
N ARG B 564 25.24 5.92 -29.60
CA ARG B 564 26.30 6.84 -30.01
C ARG B 564 26.88 7.61 -28.83
N LYS B 565 26.04 7.98 -27.87
CA LYS B 565 26.49 8.70 -26.69
C LYS B 565 26.91 7.76 -25.57
N GLN B 566 26.73 6.45 -25.73
CA GLN B 566 27.31 5.44 -24.84
C GLN B 566 28.67 4.98 -25.34
N LEU B 567 28.86 4.90 -26.65
CA LEU B 567 30.14 4.49 -27.22
C LEU B 567 31.23 5.51 -26.86
N SER B 568 30.89 6.78 -26.87
CA SER B 568 31.84 7.85 -26.59
C SER B 568 31.94 8.19 -25.10
N SER B 569 31.17 7.51 -24.25
CA SER B 569 31.18 7.80 -22.82
C SER B 569 32.56 7.54 -22.22
N THR B 570 32.98 8.45 -21.34
CA THR B 570 34.25 8.26 -20.65
C THR B 570 34.19 7.08 -19.69
N VAL B 571 33.02 6.85 -19.09
CA VAL B 571 32.84 5.69 -18.22
C VAL B 571 33.05 4.42 -19.04
N PHE B 572 33.89 3.52 -18.54
CA PHE B 572 34.26 2.34 -19.31
C PHE B 572 33.09 1.36 -19.43
N LYS B 573 32.28 1.26 -18.37
CA LYS B 573 31.17 0.30 -18.40
C LYS B 573 30.16 0.68 -19.48
N TYR B 574 29.87 1.97 -19.63
CA TYR B 574 28.92 2.40 -20.64
C TYR B 574 29.53 2.32 -22.04
N LYS B 575 30.85 2.43 -22.15
CA LYS B 575 31.51 2.20 -23.42
C LYS B 575 31.31 0.76 -23.89
N LEU B 576 31.40 -0.19 -22.95
CA LEU B 576 31.17 -1.59 -23.29
C LEU B 576 29.70 -1.86 -23.60
N ILE B 577 28.79 -1.19 -22.89
CA ILE B 577 27.36 -1.33 -23.17
C ILE B 577 27.05 -0.82 -24.57
N GLY B 578 27.72 0.27 -24.98
CA GLY B 578 27.52 0.77 -26.32
C GLY B 578 27.97 -0.21 -27.39
N ILE B 579 29.04 -0.97 -27.13
CA ILE B 579 29.51 -1.95 -28.09
C ILE B 579 28.52 -3.10 -28.20
N ILE B 580 28.01 -3.57 -27.07
CA ILE B 580 27.04 -4.66 -27.07
C ILE B 580 25.77 -4.24 -27.80
N GLY B 581 25.28 -3.04 -27.51
CA GLY B 581 24.05 -2.58 -28.14
C GLY B 581 24.21 -2.32 -29.63
N ALA B 582 25.37 -1.79 -30.04
CA ALA B 582 25.57 -1.46 -31.44
C ALA B 582 25.77 -2.69 -32.29
N VAL B 583 26.47 -3.69 -31.76
CA VAL B 583 26.62 -4.95 -32.47
C VAL B 583 25.28 -5.67 -32.56
N THR B 584 24.48 -5.61 -31.48
CA THR B 584 23.16 -6.22 -31.50
C THR B 584 22.26 -5.55 -32.53
N MET B 585 22.28 -4.22 -32.59
CA MET B 585 21.44 -3.52 -33.56
C MET B 585 21.85 -3.85 -34.99
N ALA B 586 23.15 -3.95 -35.24
CA ALA B 586 23.63 -4.28 -36.58
C ALA B 586 23.16 -5.66 -37.02
N GLY B 587 22.93 -6.57 -36.09
CA GLY B 587 22.42 -7.89 -36.46
C GLY B 587 21.04 -7.83 -37.05
N ILE B 588 20.13 -7.10 -36.39
CA ILE B 588 18.79 -6.90 -36.95
C ILE B 588 18.87 -6.00 -38.18
N MET B 589 19.77 -5.01 -38.16
CA MET B 589 19.91 -4.10 -39.28
C MET B 589 20.28 -4.83 -40.55
N ALA B 590 21.23 -5.76 -40.46
CA ALA B 590 21.74 -6.49 -41.62
C ALA B 590 21.18 -7.89 -41.74
N ALA B 591 20.14 -8.22 -40.96
CA ALA B 591 19.59 -9.57 -41.01
C ALA B 591 19.06 -9.90 -42.40
N ASP B 592 19.39 -11.10 -42.87
CA ASP B 592 18.98 -11.53 -44.20
C ASP B 592 17.55 -12.08 -44.15
N ARG B 593 16.73 -11.65 -45.11
CA ARG B 593 15.34 -12.08 -45.17
C ARG B 593 15.06 -12.83 -46.47
N LEU B 606 18.36 -6.38 -48.66
CA LEU B 606 18.92 -5.18 -48.03
C LEU B 606 19.44 -4.21 -49.10
N SER B 607 18.87 -3.01 -49.12
CA SER B 607 19.28 -2.01 -50.10
C SER B 607 20.64 -1.44 -49.76
N ASP B 608 21.22 -0.71 -50.72
CA ASP B 608 22.55 -0.14 -50.53
C ASP B 608 22.57 0.87 -49.39
N GLU B 609 21.53 1.71 -49.30
CA GLU B 609 21.52 2.77 -48.30
C GLU B 609 21.38 2.19 -46.89
N GLN B 610 20.73 1.03 -46.77
CA GLN B 610 20.76 0.31 -45.50
C GLN B 610 22.11 -0.34 -45.26
N CYS B 611 22.73 -0.85 -46.33
CA CYS B 611 24.02 -1.55 -46.18
C CYS B 611 25.12 -0.58 -45.75
N THR B 612 25.10 0.65 -46.28
CA THR B 612 26.09 1.63 -45.85
C THR B 612 25.77 2.17 -44.45
N GLN B 613 24.50 2.13 -44.06
CA GLN B 613 24.12 2.63 -42.75
C GLN B 613 24.58 1.69 -41.64
N VAL B 614 24.41 0.38 -41.85
CA VAL B 614 24.92 -0.59 -40.89
C VAL B 614 26.43 -0.61 -40.89
N THR B 615 27.04 -0.41 -42.07
CA THR B 615 28.50 -0.33 -42.16
C THR B 615 29.03 0.87 -41.38
N SER B 616 28.35 2.01 -41.46
CA SER B 616 28.78 3.19 -40.72
C SER B 616 28.68 2.96 -39.22
N LEU B 617 27.68 2.20 -38.78
CA LEU B 617 27.57 1.87 -37.36
C LEU B 617 28.75 1.04 -36.90
N LEU B 618 29.17 0.06 -37.71
CA LEU B 618 30.33 -0.75 -37.35
C LEU B 618 31.60 0.09 -37.34
N GLN B 619 31.74 1.02 -38.28
CA GLN B 619 32.90 1.91 -38.30
C GLN B 619 32.94 2.77 -37.04
N LEU B 620 31.76 3.15 -36.53
CA LEU B 620 31.71 3.90 -35.27
C LEU B 620 32.20 3.05 -34.11
N VAL B 621 31.78 1.79 -34.06
CA VAL B 621 32.18 0.91 -32.94
C VAL B 621 33.67 0.63 -33.01
N HIS B 622 34.18 0.41 -34.22
CA HIS B 622 35.61 0.16 -34.39
C HIS B 622 36.43 1.34 -33.89
N SER B 623 36.04 2.56 -34.28
CA SER B 623 36.80 3.74 -33.90
C SER B 623 36.80 3.96 -32.39
N CYS B 624 35.65 3.76 -31.75
CA CYS B 624 35.55 4.05 -30.32
C CYS B 624 36.36 3.06 -29.49
N SER B 625 36.41 1.79 -29.90
CA SER B 625 37.06 0.76 -29.11
C SER B 625 38.52 0.57 -29.47
N GLU B 626 39.07 1.36 -30.39
CA GLU B 626 40.45 1.20 -30.83
C GLU B 626 41.45 1.39 -29.68
N GLN B 627 41.21 2.41 -28.86
CA GLN B 627 42.20 2.76 -27.83
C GLN B 627 42.30 1.66 -26.76
N SER B 628 41.17 1.23 -26.22
CA SER B 628 41.20 0.25 -25.14
C SER B 628 41.33 -1.16 -25.71
N PRO B 629 42.31 -1.94 -25.25
CA PRO B 629 42.46 -3.30 -25.79
C PRO B 629 41.33 -4.24 -25.37
N GLN B 630 40.93 -4.20 -24.10
CA GLN B 630 39.86 -5.08 -23.65
C GLN B 630 38.52 -4.69 -24.27
N ALA B 631 38.29 -3.39 -24.47
CA ALA B 631 37.09 -2.96 -25.18
C ALA B 631 37.15 -3.38 -26.64
N SER B 632 38.34 -3.33 -27.24
CA SER B 632 38.49 -3.82 -28.60
C SER B 632 38.24 -5.32 -28.69
N ALA B 633 38.64 -6.06 -27.66
CA ALA B 633 38.41 -7.50 -27.64
C ALA B 633 36.92 -7.81 -27.58
N LEU B 634 36.15 -7.02 -26.82
CA LEU B 634 34.71 -7.25 -26.73
C LEU B 634 34.04 -7.03 -28.09
N TYR B 635 34.51 -6.04 -28.85
CA TYR B 635 33.95 -5.79 -30.17
C TYR B 635 34.16 -7.00 -31.08
N TYR B 636 35.36 -7.58 -31.06
CA TYR B 636 35.63 -8.75 -31.88
C TYR B 636 34.81 -9.96 -31.43
N ASP B 637 34.69 -10.15 -30.11
CA ASP B 637 33.94 -11.30 -29.60
C ASP B 637 32.46 -11.17 -29.94
N GLU B 638 31.87 -9.99 -29.71
CA GLU B 638 30.45 -9.82 -29.96
C GLU B 638 30.14 -9.87 -31.45
N PHE B 639 31.00 -9.29 -32.29
CA PHE B 639 30.72 -9.26 -33.72
C PHE B 639 30.99 -10.60 -34.38
N ALA B 640 31.91 -11.39 -33.82
CA ALA B 640 32.16 -12.73 -34.34
C ALA B 640 30.97 -13.65 -34.05
N ASN B 641 30.40 -13.54 -32.85
CA ASN B 641 29.24 -14.36 -32.52
C ASN B 641 28.06 -14.01 -33.41
N LEU B 642 27.98 -12.75 -33.85
CA LEU B 642 26.90 -12.33 -34.75
C LEU B 642 27.06 -12.96 -36.13
N ILE B 643 28.29 -12.99 -36.65
CA ILE B 643 28.53 -13.59 -37.96
C ILE B 643 28.23 -15.08 -37.93
N GLN B 644 28.65 -15.75 -36.86
CA GLN B 644 28.52 -17.21 -36.80
C GLN B 644 27.06 -17.64 -36.71
N HIS B 645 26.29 -17.04 -35.81
CA HIS B 645 24.98 -17.55 -35.45
C HIS B 645 23.84 -16.83 -36.15
N GLU B 646 24.12 -15.84 -37.00
CA GLU B 646 23.08 -15.13 -37.72
C GLU B 646 23.42 -15.09 -39.20
N LYS B 647 22.39 -15.15 -40.03
CA LYS B 647 22.55 -15.03 -41.47
C LYS B 647 22.24 -13.60 -41.89
N LEU B 648 23.24 -12.93 -42.45
CA LEU B 648 23.15 -11.52 -42.79
C LEU B 648 23.15 -11.38 -44.32
N ASP B 649 22.91 -10.15 -44.76
CA ASP B 649 22.88 -9.87 -46.19
C ASP B 649 24.27 -10.06 -46.78
N PRO B 650 24.38 -10.62 -47.99
CA PRO B 650 25.71 -10.82 -48.60
C PRO B 650 26.51 -9.53 -48.77
N LYS B 651 25.85 -8.42 -49.09
CA LYS B 651 26.58 -7.16 -49.25
C LYS B 651 27.20 -6.71 -47.93
N ALA B 652 26.50 -6.93 -46.82
CA ALA B 652 27.06 -6.60 -45.51
C ALA B 652 28.31 -7.44 -45.24
N LEU B 653 28.28 -8.71 -45.60
CA LEU B 653 29.46 -9.57 -45.44
C LEU B 653 30.59 -9.10 -46.34
N GLU B 654 30.26 -8.51 -47.49
CA GLU B 654 31.29 -8.10 -48.44
C GLU B 654 32.21 -7.04 -47.85
N TRP B 655 31.62 -6.04 -47.18
CA TRP B 655 32.43 -4.97 -46.61
C TRP B 655 33.21 -5.45 -45.39
N VAL B 656 32.56 -6.19 -44.50
CA VAL B 656 33.19 -6.57 -43.25
C VAL B 656 34.39 -7.48 -43.50
N GLY B 657 34.26 -8.42 -44.44
CA GLY B 657 35.37 -9.31 -44.74
C GLY B 657 36.54 -8.57 -45.35
N HIS B 658 36.25 -7.56 -46.17
CA HIS B 658 37.31 -6.80 -46.82
C HIS B 658 38.13 -6.00 -45.81
N THR B 659 37.45 -5.31 -44.89
CA THR B 659 38.16 -4.45 -43.95
C THR B 659 38.93 -5.27 -42.92
N ILE B 660 38.39 -6.41 -42.51
CA ILE B 660 39.04 -7.24 -41.51
C ILE B 660 40.28 -7.92 -42.10
N CYS B 661 40.16 -8.43 -43.33
CA CYS B 661 41.27 -9.17 -43.92
C CYS B 661 42.50 -8.29 -44.11
N ASN B 662 42.31 -7.07 -44.61
CA ASN B 662 43.45 -6.20 -44.86
C ASN B 662 44.02 -5.64 -43.56
N ASP B 663 43.15 -5.28 -42.61
CA ASP B 663 43.62 -4.75 -41.34
C ASP B 663 44.38 -5.80 -40.55
N PHE B 664 43.89 -7.04 -40.54
CA PHE B 664 44.59 -8.11 -39.85
C PHE B 664 45.97 -8.35 -40.46
N GLN B 665 46.04 -8.34 -41.79
CA GLN B 665 47.33 -8.51 -42.45
C GLN B 665 48.30 -7.41 -42.08
N ASP B 666 47.81 -6.16 -42.01
CA ASP B 666 48.68 -5.04 -41.66
C ASP B 666 49.01 -5.01 -40.17
N ALA B 667 48.16 -5.59 -39.33
CA ALA B 667 48.36 -5.51 -37.90
C ALA B 667 49.37 -6.54 -37.40
N PHE B 668 49.11 -7.82 -37.65
CA PHE B 668 49.90 -8.90 -37.09
C PHE B 668 50.80 -9.59 -38.11
N VAL B 669 50.30 -9.83 -39.32
CA VAL B 669 51.05 -10.58 -40.31
C VAL B 669 52.21 -9.75 -40.82
N VAL B 670 53.43 -10.30 -40.75
CA VAL B 670 54.62 -9.65 -41.27
C VAL B 670 55.39 -10.66 -42.13
N ASP B 671 56.23 -10.13 -43.01
CA ASP B 671 57.04 -10.97 -43.87
C ASP B 671 58.15 -11.64 -43.06
N SER B 672 58.44 -12.89 -43.41
CA SER B 672 59.48 -13.66 -42.74
C SER B 672 60.87 -13.36 -43.29
N CYS B 673 60.96 -12.68 -44.43
CA CYS B 673 62.26 -12.35 -45.01
C CYS B 673 63.01 -11.35 -44.15
N VAL B 674 62.31 -10.31 -43.68
CA VAL B 674 62.95 -9.29 -42.87
C VAL B 674 63.23 -9.84 -41.48
N VAL B 675 64.49 -9.78 -41.06
CA VAL B 675 64.90 -10.26 -39.75
C VAL B 675 64.35 -9.32 -38.68
N PRO B 676 64.08 -9.80 -37.47
CA PRO B 676 63.58 -8.90 -36.42
C PRO B 676 64.68 -8.03 -35.86
N GLU B 677 64.30 -6.81 -35.45
CA GLU B 677 65.21 -5.86 -34.84
C GLU B 677 64.53 -5.23 -33.64
N GLY B 678 65.34 -4.78 -32.68
CA GLY B 678 64.82 -4.11 -31.51
C GLY B 678 65.83 -4.16 -30.38
N ASP B 679 65.39 -3.63 -29.23
CA ASP B 679 66.18 -3.64 -28.01
C ASP B 679 65.79 -4.78 -27.07
N PHE B 680 65.40 -5.91 -27.64
CA PHE B 680 64.88 -7.01 -26.83
C PHE B 680 66.00 -7.59 -25.96
N PRO B 681 65.71 -7.90 -24.69
CA PRO B 681 66.73 -8.55 -23.86
C PRO B 681 66.77 -10.05 -24.07
N PHE B 682 66.10 -10.52 -25.12
CA PHE B 682 66.02 -11.93 -25.44
C PHE B 682 66.35 -12.16 -26.91
N PRO B 683 66.87 -13.34 -27.25
CA PRO B 683 67.06 -13.66 -28.68
C PRO B 683 65.72 -13.93 -29.36
N VAL B 684 65.42 -13.17 -30.41
CA VAL B 684 64.11 -13.24 -31.06
C VAL B 684 64.27 -14.00 -32.37
N LYS B 685 63.51 -15.10 -32.51
CA LYS B 685 63.58 -15.93 -33.70
C LYS B 685 62.18 -16.37 -34.09
N ALA B 686 62.09 -17.06 -35.23
CA ALA B 686 60.83 -17.63 -35.71
C ALA B 686 60.71 -19.05 -35.20
N LEU B 687 59.60 -19.34 -34.53
CA LEU B 687 59.41 -20.62 -33.87
C LEU B 687 58.08 -21.24 -34.27
N TYR B 688 58.00 -22.56 -34.10
CA TYR B 688 56.76 -23.32 -34.28
C TYR B 688 56.20 -23.19 -35.69
N GLY B 689 57.09 -23.20 -36.67
CA GLY B 689 56.67 -23.26 -38.05
C GLY B 689 56.36 -24.69 -38.47
N LEU B 690 55.81 -24.81 -39.68
CA LEU B 690 55.46 -26.10 -40.24
C LEU B 690 56.28 -26.34 -41.51
N GLU B 691 56.54 -27.62 -41.79
CA GLU B 691 57.36 -28.07 -42.92
C GLU B 691 58.59 -27.19 -43.15
N ASP B 697 60.70 -16.47 -47.94
CA ASP B 697 59.51 -16.00 -48.63
C ASP B 697 58.25 -16.57 -47.99
N GLY B 698 57.83 -15.95 -46.89
CA GLY B 698 56.63 -16.40 -46.19
C GLY B 698 56.16 -15.37 -45.20
N ILE B 699 54.96 -15.61 -44.67
CA ILE B 699 54.35 -14.71 -43.69
C ILE B 699 54.55 -15.29 -42.30
N ALA B 700 54.43 -14.45 -41.28
CA ALA B 700 54.60 -14.88 -39.90
C ALA B 700 53.78 -13.97 -38.98
N ILE B 701 53.52 -14.45 -37.78
CA ILE B 701 52.78 -13.71 -36.77
C ILE B 701 53.78 -12.94 -35.92
N ASN B 702 53.63 -11.62 -35.89
CA ASN B 702 54.58 -10.73 -35.24
C ASN B 702 54.16 -10.54 -33.77
N LEU B 703 54.12 -11.66 -33.05
CA LEU B 703 53.54 -11.66 -31.72
C LEU B 703 54.40 -10.96 -30.67
N LEU B 704 55.70 -11.26 -30.63
CA LEU B 704 56.54 -10.84 -29.51
C LEU B 704 56.84 -9.34 -29.48
N PRO B 705 57.28 -8.71 -30.58
CA PRO B 705 57.58 -7.27 -30.51
C PRO B 705 56.41 -6.41 -30.09
N LEU B 706 55.20 -6.74 -30.53
CA LEU B 706 54.03 -5.99 -30.07
C LEU B 706 53.77 -6.21 -28.59
N LEU B 707 53.99 -7.43 -28.10
CA LEU B 707 53.87 -7.67 -26.67
C LEU B 707 54.93 -6.93 -25.88
N PHE B 708 56.15 -6.86 -26.41
CA PHE B 708 57.23 -6.16 -25.71
C PHE B 708 56.98 -4.65 -25.71
N SER B 709 56.52 -4.11 -26.85
CA SER B 709 56.26 -2.68 -26.94
C SER B 709 55.15 -2.23 -26.01
N GLN B 710 54.30 -3.15 -25.54
CA GLN B 710 53.23 -2.84 -24.61
C GLN B 710 53.69 -2.96 -23.15
N ASP B 711 55.00 -2.91 -22.92
CA ASP B 711 55.57 -3.01 -21.58
C ASP B 711 55.12 -1.85 -20.70
N VAL B 729 46.70 -2.65 -33.46
CA VAL B 729 45.92 -3.56 -32.64
C VAL B 729 46.81 -4.21 -31.58
N SER B 730 46.33 -4.24 -30.35
CA SER B 730 47.09 -4.86 -29.27
C SER B 730 47.19 -6.37 -29.48
N PRO B 731 48.32 -6.99 -29.10
CA PRO B 731 48.42 -8.44 -29.22
C PRO B 731 47.42 -9.19 -28.36
N LEU B 732 46.89 -8.55 -27.32
CA LEU B 732 45.87 -9.18 -26.48
C LEU B 732 44.60 -9.48 -27.26
N CYS B 733 44.40 -8.84 -28.40
CA CYS B 733 43.23 -9.05 -29.23
C CYS B 733 43.49 -9.96 -30.42
N LEU B 734 44.67 -10.59 -30.49
CA LEU B 734 45.04 -11.38 -31.66
C LEU B 734 44.11 -12.57 -31.85
N ALA B 735 43.81 -13.31 -30.77
CA ALA B 735 42.93 -14.48 -30.90
C ALA B 735 41.50 -14.08 -31.24
N PRO B 736 40.84 -13.18 -30.50
CA PRO B 736 39.46 -12.81 -30.88
C PRO B 736 39.37 -12.17 -32.26
N TYR B 737 40.41 -11.46 -32.69
CA TYR B 737 40.37 -10.83 -34.00
C TYR B 737 40.47 -11.87 -35.11
N PHE B 738 41.34 -12.88 -34.94
CA PHE B 738 41.48 -13.91 -35.96
C PHE B 738 40.21 -14.73 -36.11
N ARG B 739 39.53 -15.01 -34.99
CA ARG B 739 38.25 -15.72 -35.08
C ARG B 739 37.24 -14.93 -35.91
N LEU B 740 37.25 -13.61 -35.76
CA LEU B 740 36.39 -12.76 -36.58
C LEU B 740 36.78 -12.84 -38.05
N LEU B 741 38.09 -12.83 -38.33
CA LEU B 741 38.56 -12.94 -39.71
C LEU B 741 38.15 -14.27 -40.33
N ARG B 742 38.32 -15.36 -39.58
CA ARG B 742 38.03 -16.68 -40.12
C ARG B 742 36.55 -16.82 -40.44
N LEU B 743 35.67 -16.35 -39.55
CA LEU B 743 34.24 -16.50 -39.78
C LEU B 743 33.76 -15.65 -40.96
N CYS B 744 34.29 -14.43 -41.09
CA CYS B 744 33.88 -13.56 -42.18
C CYS B 744 34.32 -14.14 -43.52
N VAL B 745 35.54 -14.68 -43.59
CA VAL B 745 35.99 -15.33 -44.82
C VAL B 745 35.13 -16.54 -45.13
N GLU B 746 34.79 -17.32 -44.10
CA GLU B 746 34.01 -18.54 -44.30
C GLU B 746 32.62 -18.21 -44.84
N ARG B 747 31.99 -17.15 -44.31
CA ARG B 747 30.62 -16.83 -44.71
C ARG B 747 30.53 -16.43 -46.18
N GLN B 748 31.48 -15.62 -46.65
CA GLN B 748 31.44 -15.17 -48.04
C GLN B 748 31.67 -16.32 -49.01
N HIS B 749 32.62 -17.20 -48.70
CA HIS B 749 32.97 -18.31 -49.58
C HIS B 749 32.23 -19.59 -49.23
N ASN B 750 31.28 -19.53 -48.31
CA ASN B 750 30.41 -20.67 -47.96
C ASN B 750 31.24 -21.86 -47.48
N GLY B 751 32.01 -21.64 -46.42
CA GLY B 751 32.81 -22.68 -45.82
C GLY B 751 34.18 -22.88 -46.43
N ASN B 752 34.52 -22.12 -47.46
CA ASN B 752 35.79 -22.32 -48.15
C ASN B 752 36.84 -21.37 -47.59
N LEU B 753 38.06 -21.88 -47.36
CA LEU B 753 39.04 -21.15 -46.57
C LEU B 753 40.45 -21.19 -47.15
N GLU B 754 40.60 -21.05 -48.47
CA GLU B 754 41.95 -21.01 -49.03
C GLU B 754 42.67 -19.71 -48.70
N GLU B 755 41.92 -18.64 -48.41
CA GLU B 755 42.54 -17.33 -48.24
C GLU B 755 43.43 -17.28 -47.01
N ILE B 756 43.14 -18.08 -45.98
CA ILE B 756 43.89 -18.02 -44.74
C ILE B 756 44.68 -19.31 -44.53
N ASP B 757 45.05 -19.98 -45.63
CA ASP B 757 45.85 -21.18 -45.53
C ASP B 757 47.23 -20.89 -44.92
N GLY B 758 47.83 -19.77 -45.30
CA GLY B 758 49.17 -19.46 -44.83
C GLY B 758 49.25 -19.17 -43.34
N LEU B 759 48.12 -18.87 -42.70
CA LEU B 759 48.14 -18.57 -41.27
C LEU B 759 48.33 -19.83 -40.43
N LEU B 760 47.92 -20.99 -40.93
CA LEU B 760 48.07 -22.23 -40.18
C LEU B 760 49.54 -22.60 -40.01
N ASP B 761 50.30 -22.57 -41.10
CA ASP B 761 51.68 -23.03 -41.08
C ASP B 761 52.69 -21.92 -40.87
N CYS B 762 52.25 -20.68 -40.74
CA CYS B 762 53.20 -19.58 -40.57
C CYS B 762 53.89 -19.69 -39.22
N PRO B 763 55.17 -19.35 -39.13
CA PRO B 763 55.87 -19.37 -37.84
C PRO B 763 55.38 -18.26 -36.93
N ILE B 764 55.82 -18.31 -35.68
CA ILE B 764 55.50 -17.32 -34.67
C ILE B 764 56.82 -16.74 -34.15
N PHE B 765 56.91 -15.41 -34.15
CA PHE B 765 58.10 -14.73 -33.64
C PHE B 765 58.14 -14.88 -32.12
N LEU B 766 59.01 -15.77 -31.64
CA LEU B 766 59.10 -16.10 -30.23
C LEU B 766 60.57 -16.25 -29.83
N THR B 767 60.82 -16.14 -28.53
CA THR B 767 62.16 -16.23 -27.99
C THR B 767 62.50 -17.68 -27.66
N ASP B 768 63.66 -17.89 -27.03
CA ASP B 768 64.11 -19.21 -26.61
C ASP B 768 63.31 -19.63 -25.38
N LEU B 769 62.09 -20.12 -25.64
CA LEU B 769 61.15 -20.40 -24.56
C LEU B 769 61.55 -21.60 -23.70
N GLU B 770 62.46 -22.43 -24.16
CA GLU B 770 62.92 -23.54 -23.35
C GLU B 770 63.76 -23.04 -22.19
N PRO B 771 63.45 -23.43 -20.95
CA PRO B 771 64.25 -22.98 -19.80
C PRO B 771 65.67 -23.53 -19.85
N GLY B 772 66.64 -22.66 -20.10
CA GLY B 772 68.04 -23.08 -20.15
C GLY B 772 68.73 -23.02 -18.80
N GLU B 773 68.14 -23.69 -17.80
CA GLU B 773 68.69 -23.72 -16.44
C GLU B 773 68.86 -22.31 -15.87
N LYS B 774 67.90 -21.43 -16.19
CA LYS B 774 67.91 -20.06 -15.69
C LYS B 774 66.56 -19.67 -15.11
N LEU B 775 65.76 -20.64 -14.67
CA LEU B 775 64.43 -20.35 -14.17
C LEU B 775 64.47 -19.51 -12.90
N GLU B 776 65.40 -19.83 -12.00
CA GLU B 776 65.51 -19.07 -10.76
C GLU B 776 66.11 -17.69 -10.99
N SER B 777 67.08 -17.59 -11.90
CA SER B 777 67.72 -16.31 -12.17
C SER B 777 66.78 -15.34 -12.88
N MET B 778 65.71 -15.85 -13.49
CA MET B 778 64.76 -15.00 -14.18
C MET B 778 64.10 -14.03 -13.22
N SER B 779 64.04 -12.76 -13.62
CA SER B 779 63.44 -11.74 -12.77
C SER B 779 61.92 -11.81 -12.86
N ALA B 780 61.25 -11.09 -11.94
CA ALA B 780 59.79 -11.09 -11.90
C ALA B 780 59.19 -10.50 -13.16
N LYS B 781 59.79 -9.42 -13.67
CA LYS B 781 59.26 -8.79 -14.88
C LYS B 781 59.40 -9.71 -16.08
N GLU B 782 60.49 -10.48 -16.13
CA GLU B 782 60.73 -11.33 -17.30
C GLU B 782 59.77 -12.51 -17.33
N ARG B 783 59.57 -13.18 -16.19
CA ARG B 783 58.63 -14.30 -16.16
C ARG B 783 57.21 -13.84 -16.39
N SER B 784 56.82 -12.70 -15.80
CA SER B 784 55.47 -12.18 -15.99
C SER B 784 55.22 -11.85 -17.46
N PHE B 785 56.23 -11.28 -18.12
CA PHE B 785 56.15 -11.04 -19.55
C PHE B 785 56.06 -12.34 -20.32
N MET B 786 56.87 -13.33 -19.94
CA MET B 786 56.95 -14.57 -20.70
C MET B 786 55.72 -15.44 -20.46
N CYS B 787 55.16 -15.38 -19.25
CA CYS B 787 53.94 -16.13 -18.99
C CYS B 787 52.81 -15.64 -19.86
N SER B 788 52.71 -14.31 -20.04
CA SER B 788 51.75 -13.76 -20.99
C SER B 788 52.10 -14.16 -22.42
N LEU B 789 53.40 -14.34 -22.70
CA LEU B 789 53.80 -14.81 -24.02
C LEU B 789 53.27 -16.20 -24.31
N ILE B 790 53.30 -17.09 -23.31
CA ILE B 790 52.81 -18.45 -23.51
C ILE B 790 51.29 -18.44 -23.70
N PHE B 791 50.58 -17.65 -22.89
CA PHE B 791 49.13 -17.58 -22.99
C PHE B 791 48.68 -17.08 -24.35
N LEU B 792 49.33 -16.03 -24.86
CA LEU B 792 48.96 -15.52 -26.18
C LEU B 792 49.31 -16.52 -27.27
N THR B 793 50.41 -17.26 -27.10
CA THR B 793 50.76 -18.29 -28.09
C THR B 793 49.79 -19.46 -28.04
N LEU B 794 49.41 -19.89 -26.83
CA LEU B 794 48.43 -20.97 -26.71
C LEU B 794 47.08 -20.55 -27.27
N ASN B 795 46.65 -19.33 -26.96
CA ASN B 795 45.35 -18.86 -27.43
C ASN B 795 45.33 -18.72 -28.95
N TRP B 796 46.46 -18.32 -29.54
CA TRP B 796 46.54 -18.26 -31.00
C TRP B 796 46.44 -19.65 -31.61
N PHE B 797 47.13 -20.64 -31.02
CA PHE B 797 47.09 -21.99 -31.55
C PHE B 797 45.72 -22.63 -31.36
N ARG B 798 45.06 -22.36 -30.23
CA ARG B 798 43.71 -22.88 -30.01
C ARG B 798 42.74 -22.32 -31.05
N GLU B 799 42.86 -21.03 -31.37
CA GLU B 799 42.00 -20.44 -32.38
C GLU B 799 42.35 -20.93 -33.77
N ILE B 800 43.63 -21.20 -34.02
CA ILE B 800 44.04 -21.80 -35.29
C ILE B 800 43.40 -23.17 -35.47
N VAL B 801 43.40 -23.97 -34.40
CA VAL B 801 42.77 -25.29 -34.46
C VAL B 801 41.28 -25.16 -34.73
N ASN B 802 40.63 -24.18 -34.09
CA ASN B 802 39.21 -23.94 -34.33
C ASN B 802 38.91 -23.67 -35.81
N ALA B 803 39.81 -22.95 -36.48
CA ALA B 803 39.56 -22.55 -37.86
C ALA B 803 39.59 -23.74 -38.82
N PHE B 804 40.62 -24.58 -38.71
CA PHE B 804 40.87 -25.63 -39.69
C PHE B 804 40.54 -27.03 -39.17
N CYS B 805 39.64 -27.13 -38.19
CA CYS B 805 39.25 -28.43 -37.66
C CYS B 805 38.20 -29.12 -38.50
N GLN B 806 37.64 -28.44 -39.52
CA GLN B 806 36.60 -29.01 -40.35
C GLN B 806 37.07 -29.32 -41.76
N GLU B 807 38.38 -29.43 -41.96
CA GLU B 807 38.93 -29.71 -43.27
C GLU B 807 38.84 -31.21 -43.57
N THR B 808 39.27 -31.59 -44.78
CA THR B 808 39.12 -32.97 -45.24
C THR B 808 40.44 -33.51 -45.79
N SER B 809 41.24 -32.64 -46.39
CA SER B 809 42.45 -33.09 -47.08
C SER B 809 43.43 -33.72 -46.09
N PRO B 810 44.18 -34.74 -46.50
CA PRO B 810 45.06 -35.43 -45.54
C PRO B 810 46.14 -34.55 -44.95
N GLU B 811 46.96 -33.91 -45.79
CA GLU B 811 47.98 -33.01 -45.27
C GLU B 811 47.37 -31.82 -44.56
N MET B 812 46.12 -31.47 -44.91
CA MET B 812 45.41 -30.40 -44.22
C MET B 812 45.15 -30.79 -42.77
N LYS B 813 44.77 -32.06 -42.55
CA LYS B 813 44.51 -32.54 -41.20
C LYS B 813 45.80 -32.74 -40.41
N GLY B 814 46.85 -33.20 -41.07
CA GLY B 814 48.11 -33.43 -40.37
C GLY B 814 48.70 -32.16 -39.80
N LYS B 815 48.50 -31.05 -40.49
CA LYS B 815 48.95 -29.76 -39.96
C LYS B 815 48.17 -29.38 -38.71
N VAL B 816 46.87 -29.68 -38.68
CA VAL B 816 46.05 -29.39 -37.50
C VAL B 816 46.51 -30.24 -36.32
N LEU B 817 46.77 -31.52 -36.57
CA LEU B 817 47.27 -32.40 -35.51
C LEU B 817 48.63 -31.93 -35.01
N THR B 818 49.48 -31.47 -35.93
CA THR B 818 50.77 -30.92 -35.52
C THR B 818 50.61 -29.69 -34.64
N ARG B 819 49.65 -28.82 -34.99
CA ARG B 819 49.33 -27.69 -34.13
C ARG B 819 48.76 -28.17 -32.80
N LEU B 820 47.91 -29.20 -32.84
CA LEU B 820 47.38 -29.77 -31.61
C LEU B 820 48.48 -30.34 -30.74
N LYS B 821 49.47 -30.99 -31.35
CA LYS B 821 50.64 -31.44 -30.62
C LYS B 821 51.43 -30.26 -30.05
N HIS B 822 51.52 -29.17 -30.82
CA HIS B 822 52.23 -27.99 -30.34
C HIS B 822 51.52 -27.39 -29.12
N ILE B 823 50.19 -27.40 -29.11
CA ILE B 823 49.45 -26.90 -27.97
C ILE B 823 49.78 -27.70 -26.72
N VAL B 824 49.81 -29.03 -26.85
CA VAL B 824 50.01 -29.89 -25.67
C VAL B 824 51.41 -29.68 -25.11
N GLU B 825 52.43 -29.75 -25.98
CA GLU B 825 53.81 -29.68 -25.49
C GLU B 825 54.13 -28.29 -24.95
N LEU B 826 53.64 -27.24 -25.61
CA LEU B 826 53.91 -25.89 -25.14
C LEU B 826 53.14 -25.60 -23.87
N GLN B 827 52.04 -26.32 -23.65
CA GLN B 827 51.29 -26.18 -22.41
C GLN B 827 52.08 -26.72 -21.23
N ILE B 828 52.85 -27.79 -21.45
CA ILE B 828 53.69 -28.34 -20.38
C ILE B 828 54.75 -27.33 -19.97
N ILE B 829 55.27 -26.57 -20.94
CA ILE B 829 56.28 -25.55 -20.64
C ILE B 829 55.70 -24.47 -19.75
N LEU B 830 54.38 -24.28 -19.79
CA LEU B 830 53.75 -23.24 -18.97
C LEU B 830 53.97 -23.48 -17.48
N GLU B 831 53.82 -24.72 -17.02
CA GLU B 831 53.96 -24.99 -15.59
C GLU B 831 55.36 -24.72 -15.08
N LYS B 832 56.37 -24.73 -15.95
CA LYS B 832 57.72 -24.40 -15.51
C LYS B 832 57.79 -22.97 -15.01
N TYR B 833 57.32 -22.02 -15.83
CA TYR B 833 57.31 -20.63 -15.40
C TYR B 833 56.12 -20.32 -14.51
N LEU B 834 55.06 -21.15 -14.57
CA LEU B 834 53.96 -20.98 -13.63
C LEU B 834 54.39 -21.33 -12.22
N ALA B 835 55.31 -22.29 -12.08
CA ALA B 835 55.77 -22.69 -10.75
C ALA B 835 56.53 -21.57 -10.07
N VAL B 836 57.33 -20.81 -10.83
CA VAL B 836 58.18 -19.76 -10.26
C VAL B 836 57.33 -18.48 -10.15
N THR B 837 56.05 -18.57 -10.47
CA THR B 837 55.15 -17.42 -10.49
C THR B 837 53.89 -17.71 -9.69
N PRO B 838 53.97 -17.70 -8.36
CA PRO B 838 52.73 -17.81 -7.55
C PRO B 838 51.65 -16.82 -7.94
N ASP B 839 51.94 -15.53 -7.90
CA ASP B 839 50.94 -14.47 -8.06
C ASP B 839 51.12 -13.80 -9.41
N TYR B 840 50.13 -13.96 -10.29
CA TYR B 840 50.14 -13.34 -11.61
C TYR B 840 48.76 -13.50 -12.23
N VAL B 841 48.36 -12.48 -12.98
CA VAL B 841 47.04 -12.47 -13.62
C VAL B 841 47.22 -12.52 -15.13
N PRO B 842 46.76 -13.58 -15.79
CA PRO B 842 46.93 -13.70 -17.24
C PRO B 842 46.13 -12.65 -17.98
N PRO B 843 46.62 -12.17 -19.12
CA PRO B 843 45.85 -11.21 -19.91
C PRO B 843 44.58 -11.83 -20.46
N LEU B 844 43.55 -11.01 -20.63
CA LEU B 844 42.28 -11.48 -21.19
C LEU B 844 42.19 -11.16 -22.67
N ASN B 924 41.34 -23.36 -13.28
CA ASN B 924 40.50 -22.38 -13.97
C ASN B 924 41.09 -22.01 -15.33
N SER B 925 41.60 -23.02 -16.04
CA SER B 925 42.17 -22.77 -17.36
C SER B 925 41.11 -22.30 -18.34
N HIS B 926 39.89 -22.85 -18.24
CA HIS B 926 38.82 -22.50 -19.17
C HIS B 926 38.46 -21.02 -19.07
N ALA B 927 38.70 -20.39 -17.93
CA ALA B 927 38.39 -18.97 -17.77
C ALA B 927 39.29 -18.10 -18.64
N PHE B 928 40.55 -18.50 -18.79
CA PHE B 928 41.53 -17.69 -19.51
C PHE B 928 41.85 -18.19 -20.89
N PHE B 929 41.67 -19.48 -21.17
CA PHE B 929 42.00 -20.03 -22.47
C PHE B 929 40.79 -19.93 -23.41
N ARG B 930 41.08 -19.78 -24.70
CA ARG B 930 40.03 -19.63 -25.69
C ARG B 930 39.21 -20.91 -25.80
N GLU B 931 37.90 -20.74 -25.99
CA GLU B 931 37.01 -21.88 -26.14
C GLU B 931 37.31 -22.64 -27.43
N LEU B 932 37.22 -23.96 -27.36
CA LEU B 932 37.36 -24.81 -28.53
C LEU B 932 35.99 -25.12 -29.11
N ASP B 933 35.89 -25.06 -30.44
CA ASP B 933 34.62 -25.33 -31.09
C ASP B 933 34.26 -26.81 -30.98
N ILE B 934 32.95 -27.08 -31.05
CA ILE B 934 32.48 -28.45 -30.93
C ILE B 934 32.96 -29.29 -32.11
N GLU B 935 33.22 -28.65 -33.25
CA GLU B 935 33.69 -29.37 -34.42
C GLU B 935 35.17 -29.75 -34.32
N VAL B 936 35.88 -29.26 -33.30
CA VAL B 936 37.28 -29.62 -33.13
C VAL B 936 37.43 -31.12 -32.87
N PHE B 937 36.49 -31.69 -32.12
CA PHE B 937 36.55 -33.10 -31.76
C PHE B 937 36.32 -34.03 -32.95
N SER B 938 36.06 -33.49 -34.14
CA SER B 938 35.95 -34.33 -35.33
C SER B 938 37.29 -34.92 -35.76
N ILE B 939 38.40 -34.47 -35.18
CA ILE B 939 39.71 -35.01 -35.52
C ILE B 939 40.03 -36.18 -34.61
N LEU B 940 39.04 -36.61 -33.82
CA LEU B 940 39.17 -37.84 -33.05
C LEU B 940 39.10 -39.08 -33.93
N HIS B 941 38.72 -38.92 -35.21
CA HIS B 941 38.71 -40.06 -36.13
C HIS B 941 40.11 -40.58 -36.42
N CYS B 942 41.14 -39.80 -36.08
CA CYS B 942 42.51 -40.26 -36.25
C CYS B 942 42.82 -41.38 -35.27
N GLY B 943 43.60 -42.36 -35.73
CA GLY B 943 43.97 -43.46 -34.86
C GLY B 943 44.96 -43.05 -33.79
N LEU B 944 45.15 -43.94 -32.83
CA LEU B 944 46.05 -43.70 -31.70
C LEU B 944 47.24 -44.65 -31.76
N VAL B 945 48.43 -44.11 -31.52
CA VAL B 945 49.67 -44.87 -31.44
C VAL B 945 50.43 -44.41 -30.21
N THR B 946 51.02 -45.35 -29.48
CA THR B 946 51.74 -45.06 -28.24
C THR B 946 53.22 -45.35 -28.46
N LYS B 947 54.06 -44.67 -27.69
CA LYS B 947 55.50 -44.90 -27.79
C LYS B 947 55.87 -46.31 -27.33
N PHE B 948 55.20 -46.80 -26.29
CA PHE B 948 55.57 -48.06 -25.65
C PHE B 948 54.41 -49.06 -25.68
N ILE B 949 54.79 -50.33 -25.77
CA ILE B 949 53.91 -51.50 -25.74
C ILE B 949 52.72 -51.30 -26.69
N LEU B 950 53.02 -51.03 -27.95
CA LEU B 950 52.10 -51.21 -29.07
C LEU B 950 52.89 -51.28 -30.38
N VAL B 961 53.62 -40.18 -41.50
CA VAL B 961 52.56 -39.18 -41.38
C VAL B 961 52.48 -38.68 -39.95
N VAL B 962 51.47 -37.86 -39.67
CA VAL B 962 51.22 -37.33 -38.34
C VAL B 962 49.94 -37.97 -37.82
N GLN B 963 50.01 -38.59 -36.64
CA GLN B 963 48.91 -39.35 -36.08
C GLN B 963 48.74 -38.98 -34.61
N LEU B 964 47.53 -39.19 -34.10
CA LEU B 964 47.16 -38.74 -32.76
C LEU B 964 48.04 -39.39 -31.70
N GLY B 965 48.53 -38.59 -30.76
CA GLY B 965 49.36 -39.08 -29.68
C GLY B 965 48.59 -39.19 -28.38
N PRO B 966 49.14 -39.95 -27.43
CA PRO B 966 48.47 -40.13 -26.14
C PRO B 966 48.23 -38.82 -25.41
N PRO B 967 49.20 -37.89 -25.37
CA PRO B 967 48.89 -36.61 -24.70
C PRO B 967 47.88 -35.76 -25.46
N GLU B 968 47.92 -35.82 -26.79
CA GLU B 968 46.95 -35.05 -27.59
C GLU B 968 45.54 -35.59 -27.41
N LEU B 969 45.40 -36.91 -27.30
CA LEU B 969 44.09 -37.50 -27.06
C LEU B 969 43.52 -37.06 -25.70
N LEU B 970 44.37 -37.01 -24.68
CA LEU B 970 43.92 -36.57 -23.37
C LEU B 970 43.46 -35.12 -23.40
N PHE B 971 44.16 -34.28 -24.15
CA PHE B 971 43.77 -32.87 -24.26
C PHE B 971 42.39 -32.75 -24.90
N LEU B 972 42.12 -33.53 -25.95
CA LEU B 972 40.82 -33.49 -26.59
C LEU B 972 39.74 -34.09 -25.71
N LEU B 973 40.06 -35.20 -25.03
CA LEU B 973 39.07 -35.86 -24.18
C LEU B 973 38.72 -35.01 -22.97
N GLU B 974 39.72 -34.36 -22.36
CA GLU B 974 39.45 -33.52 -21.19
C GLU B 974 38.53 -32.36 -21.56
N ASP B 975 38.76 -31.73 -22.71
CA ASP B 975 37.92 -30.62 -23.13
C ASP B 975 36.50 -31.08 -23.44
N LEU B 976 36.37 -32.23 -24.12
CA LEU B 976 35.05 -32.74 -24.46
C LEU B 976 34.27 -33.17 -23.22
N SER B 977 34.96 -33.76 -22.24
CA SER B 977 34.30 -34.17 -21.01
C SER B 977 33.78 -32.96 -20.24
N GLN B 978 34.56 -31.88 -20.19
CA GLN B 978 34.12 -30.67 -19.50
C GLN B 978 32.91 -30.06 -20.19
N LYS B 979 32.87 -30.09 -21.52
CA LYS B 979 31.73 -29.57 -22.24
C LYS B 979 30.46 -30.35 -21.93
N LEU B 980 30.56 -31.68 -21.88
CA LEU B 980 29.39 -32.49 -21.55
C LEU B 980 28.94 -32.27 -20.12
N GLU B 981 29.91 -32.16 -19.19
CA GLU B 981 29.60 -31.94 -17.78
C GLU B 981 28.94 -30.60 -17.53
N SER B 982 29.13 -29.62 -18.41
CA SER B 982 28.56 -28.29 -18.25
C SER B 982 27.10 -28.20 -18.66
N MET B 983 26.67 -28.98 -19.64
CA MET B 983 25.28 -28.92 -20.11
C MET B 983 24.49 -30.14 -19.64
N LEU B 984 24.98 -31.34 -19.96
CA LEU B 984 24.25 -32.56 -19.61
C LEU B 984 24.21 -32.74 -18.10
N THR B 985 25.22 -32.27 -17.38
CA THR B 985 25.25 -32.37 -15.93
C THR B 985 25.28 -30.99 -15.30
N ARG B 1001 30.23 -19.63 -14.28
CA ARG B 1001 29.90 -20.91 -14.91
C ARG B 1001 29.89 -20.78 -16.43
N ASN B 1002 29.21 -19.74 -16.93
CA ASN B 1002 29.16 -19.51 -18.37
C ASN B 1002 30.51 -19.11 -18.94
N ILE B 1003 31.46 -18.72 -18.09
CA ILE B 1003 32.80 -18.39 -18.57
C ILE B 1003 33.48 -19.65 -19.06
N GLY B 1004 34.02 -19.59 -20.28
CA GLY B 1004 34.60 -20.76 -20.90
C GLY B 1004 33.63 -21.67 -21.61
N PHE B 1005 32.33 -21.36 -21.54
CA PHE B 1005 31.33 -22.17 -22.25
C PHE B 1005 30.30 -21.30 -22.96
N SER B 1006 30.67 -20.08 -23.37
CA SER B 1006 29.72 -19.21 -24.04
C SER B 1006 29.26 -19.79 -25.36
N HIS B 1007 30.22 -20.18 -26.22
CA HIS B 1007 29.88 -20.76 -27.51
C HIS B 1007 29.18 -22.10 -27.38
N LEU B 1008 29.55 -22.91 -26.39
CA LEU B 1008 28.90 -24.20 -26.18
C LEU B 1008 27.44 -24.04 -25.78
N GLN B 1009 27.16 -23.10 -24.89
CA GLN B 1009 25.79 -22.85 -24.43
C GLN B 1009 24.90 -22.29 -25.53
N GLN B 1010 25.48 -21.83 -26.64
CA GLN B 1010 24.70 -21.26 -27.72
C GLN B 1010 24.04 -22.33 -28.60
N ARG B 1011 24.35 -23.59 -28.36
CA ARG B 1011 23.65 -24.71 -28.97
C ARG B 1011 22.91 -25.49 -27.88
N SER B 1012 21.67 -25.88 -28.16
CA SER B 1012 20.88 -26.60 -27.19
C SER B 1012 21.44 -28.00 -26.96
N ALA B 1013 21.02 -28.61 -25.85
CA ALA B 1013 21.53 -29.93 -25.49
C ALA B 1013 21.17 -30.97 -26.54
N GLN B 1014 20.10 -30.75 -27.30
CA GLN B 1014 19.69 -31.72 -28.31
C GLN B 1014 20.76 -31.87 -29.40
N GLU B 1015 21.35 -30.75 -29.82
CA GLU B 1015 22.39 -30.82 -30.84
C GLU B 1015 23.71 -31.33 -30.27
N ILE B 1016 24.02 -30.96 -29.02
CA ILE B 1016 25.30 -31.34 -28.43
C ILE B 1016 25.41 -32.85 -28.30
N VAL B 1017 24.36 -33.49 -27.80
CA VAL B 1017 24.36 -34.95 -27.72
C VAL B 1017 24.39 -35.56 -29.11
N HIS B 1018 23.64 -34.97 -30.05
CA HIS B 1018 23.66 -35.45 -31.43
C HIS B 1018 25.04 -35.29 -32.05
N CYS B 1019 25.70 -34.15 -31.76
CA CYS B 1019 27.06 -33.95 -32.25
C CYS B 1019 28.03 -34.96 -31.63
N VAL B 1020 27.89 -35.25 -30.34
CA VAL B 1020 28.74 -36.25 -29.70
C VAL B 1020 28.42 -37.64 -30.24
N PHE B 1021 27.15 -37.89 -30.57
CA PHE B 1021 26.77 -39.20 -31.09
C PHE B 1021 27.48 -39.52 -32.40
N GLN B 1022 27.70 -38.51 -33.24
CA GLN B 1022 28.48 -38.72 -34.46
C GLN B 1022 29.93 -39.09 -34.15
N LEU B 1023 30.38 -38.83 -32.92
CA LEU B 1023 31.72 -39.20 -32.49
C LEU B 1023 31.77 -40.56 -31.81
N LEU B 1024 30.64 -41.26 -31.72
CA LEU B 1024 30.59 -42.51 -30.97
C LEU B 1024 31.51 -43.57 -31.56
N THR B 1025 31.42 -43.78 -32.87
CA THR B 1025 32.23 -44.82 -33.51
C THR B 1025 33.73 -44.56 -33.41
N PRO B 1026 34.27 -43.38 -33.72
CA PRO B 1026 35.70 -43.16 -33.52
C PRO B 1026 36.12 -43.15 -32.06
N MET B 1027 35.18 -42.95 -31.14
CA MET B 1027 35.48 -42.89 -29.72
C MET B 1027 35.43 -44.26 -29.04
N CYS B 1028 34.58 -45.17 -29.53
CA CYS B 1028 34.68 -46.56 -29.10
C CYS B 1028 35.96 -47.20 -29.60
N ASN B 1029 36.45 -46.79 -30.77
CA ASN B 1029 37.69 -47.32 -31.30
C ASN B 1029 38.88 -46.94 -30.40
N HIS B 1030 38.88 -45.71 -29.89
CA HIS B 1030 39.94 -45.31 -28.96
C HIS B 1030 39.87 -46.12 -27.67
N LEU B 1031 38.65 -46.40 -27.20
CA LEU B 1031 38.49 -47.22 -26.00
C LEU B 1031 39.02 -48.64 -26.22
N GLU B 1032 38.74 -49.21 -27.40
CA GLU B 1032 39.23 -50.54 -27.71
C GLU B 1032 40.74 -50.56 -27.79
N ASN B 1033 41.35 -49.53 -28.38
CA ASN B 1033 42.80 -49.50 -28.53
C ASN B 1033 43.48 -49.39 -27.16
N ILE B 1034 42.95 -48.53 -26.28
CA ILE B 1034 43.51 -48.42 -24.93
C ILE B 1034 43.25 -49.69 -24.14
N HIS B 1035 42.09 -50.30 -24.34
CA HIS B 1035 41.81 -51.59 -23.71
C HIS B 1035 42.82 -52.64 -24.15
N ASN B 1036 43.11 -52.70 -25.45
CA ASN B 1036 44.14 -53.61 -25.93
C ASN B 1036 45.52 -53.20 -25.44
N TYR B 1037 45.70 -51.91 -25.16
CA TYR B 1037 46.98 -51.44 -24.63
C TYR B 1037 47.24 -52.01 -23.24
N PHE B 1038 46.26 -51.89 -22.34
CA PHE B 1038 46.48 -52.29 -20.96
C PHE B 1038 46.57 -53.80 -20.81
N GLN B 1039 45.91 -54.55 -21.68
CA GLN B 1039 45.99 -56.00 -21.63
C GLN B 1039 47.42 -56.49 -21.89
N CYS B 1040 48.14 -55.84 -22.81
CA CYS B 1040 49.50 -56.26 -23.14
C CYS B 1040 50.50 -55.98 -22.02
N LEU B 1041 50.15 -55.16 -21.03
CA LEU B 1041 50.96 -54.99 -19.84
C LEU B 1041 50.75 -56.10 -18.82
N ALA B 1042 50.11 -57.20 -19.22
CA ALA B 1042 50.00 -58.35 -18.34
C ALA B 1042 51.37 -58.94 -18.01
N ALA B 1043 52.25 -58.99 -19.01
CA ALA B 1043 53.61 -59.47 -18.80
C ALA B 1043 54.63 -58.35 -19.00
N LYS B 1055 58.17 -43.97 -19.49
CA LYS B 1055 57.45 -45.23 -19.46
C LYS B 1055 56.28 -45.15 -18.49
N VAL B 1056 56.57 -44.76 -17.25
CA VAL B 1056 55.51 -44.60 -16.25
C VAL B 1056 54.58 -43.45 -16.60
N GLN B 1057 55.11 -42.35 -17.12
CA GLN B 1057 54.25 -41.23 -17.51
C GLN B 1057 53.30 -41.64 -18.62
N GLU B 1058 53.74 -42.51 -19.52
CA GLU B 1058 52.84 -43.05 -20.53
C GLU B 1058 51.68 -43.80 -19.90
N TYR B 1059 51.95 -44.56 -18.84
CA TYR B 1059 50.89 -45.30 -18.16
C TYR B 1059 49.86 -44.36 -17.54
N HIS B 1060 50.32 -43.26 -16.94
CA HIS B 1060 49.40 -42.31 -16.35
C HIS B 1060 48.52 -41.63 -17.39
N ILE B 1061 49.12 -41.24 -18.52
CA ILE B 1061 48.38 -40.54 -19.57
C ILE B 1061 47.28 -41.43 -20.13
N MET B 1062 47.62 -42.70 -20.42
CA MET B 1062 46.61 -43.63 -20.93
C MET B 1062 45.55 -43.94 -19.87
N SER B 1063 45.94 -43.97 -18.60
CA SER B 1063 44.97 -44.18 -17.54
C SER B 1063 43.98 -43.02 -17.48
N SER B 1064 44.46 -41.79 -17.63
CA SER B 1064 43.57 -40.63 -17.67
C SER B 1064 42.69 -40.67 -18.91
N CYS B 1065 43.24 -41.10 -20.04
CA CYS B 1065 42.44 -41.22 -21.26
C CYS B 1065 41.32 -42.25 -21.09
N TYR B 1066 41.62 -43.36 -20.41
CA TYR B 1066 40.61 -44.38 -20.18
C TYR B 1066 39.45 -43.85 -19.35
N GLN B 1067 39.77 -43.10 -18.29
CA GLN B 1067 38.75 -42.56 -17.41
C GLN B 1067 37.93 -41.48 -18.11
N ARG B 1068 38.59 -40.65 -18.92
CA ARG B 1068 37.88 -39.59 -19.64
C ARG B 1068 36.88 -40.18 -20.62
N LEU B 1069 37.26 -41.26 -21.30
CA LEU B 1069 36.35 -41.91 -22.23
C LEU B 1069 35.11 -42.43 -21.53
N LEU B 1070 35.30 -43.12 -20.40
CA LEU B 1070 34.16 -43.67 -19.67
C LEU B 1070 33.27 -42.57 -19.13
N GLN B 1071 33.87 -41.47 -18.65
CA GLN B 1071 33.07 -40.34 -18.19
C GLN B 1071 32.24 -39.74 -19.32
N ILE B 1072 32.84 -39.63 -20.51
CA ILE B 1072 32.09 -39.15 -21.68
C ILE B 1072 30.99 -40.15 -22.04
N PHE B 1073 31.32 -41.44 -22.04
CA PHE B 1073 30.34 -42.47 -22.34
C PHE B 1073 29.20 -42.44 -21.33
N HIS B 1074 29.52 -42.35 -20.04
CA HIS B 1074 28.48 -42.29 -19.03
C HIS B 1074 27.65 -41.01 -19.15
N GLY B 1075 28.31 -39.87 -19.34
CA GLY B 1075 27.58 -38.62 -19.45
C GLY B 1075 26.68 -38.58 -20.67
N LEU B 1076 27.08 -39.26 -21.75
CA LEU B 1076 26.28 -39.28 -22.97
C LEU B 1076 24.96 -40.02 -22.73
N PHE B 1077 25.04 -41.28 -22.30
CA PHE B 1077 23.83 -42.07 -22.12
C PHE B 1077 23.01 -41.59 -20.95
N ALA B 1078 23.65 -41.18 -19.85
CA ALA B 1078 22.94 -40.70 -18.68
C ALA B 1078 22.57 -39.22 -18.89
N TRP B 1079 21.69 -39.00 -19.85
CA TRP B 1079 21.18 -37.68 -20.18
C TRP B 1079 19.68 -37.66 -19.94
N SER B 1080 19.21 -36.63 -19.23
CA SER B 1080 17.80 -36.56 -18.87
C SER B 1080 16.91 -36.42 -20.11
N GLY B 1081 17.49 -36.02 -21.24
CA GLY B 1081 16.72 -35.89 -22.45
C GLY B 1081 16.28 -37.22 -23.03
N PHE B 1082 17.00 -38.30 -22.71
CA PHE B 1082 16.63 -39.61 -23.23
C PHE B 1082 15.33 -40.13 -22.62
N SER B 1083 14.90 -39.57 -21.49
CA SER B 1083 13.60 -39.95 -20.93
C SER B 1083 12.47 -39.51 -21.86
N GLN B 1084 12.66 -38.40 -22.57
CA GLN B 1084 11.64 -37.92 -23.49
C GLN B 1084 11.48 -38.89 -24.65
N PRO B 1085 10.28 -39.04 -25.21
CA PRO B 1085 10.09 -40.01 -26.30
C PRO B 1085 10.54 -39.52 -27.66
N GLU B 1086 10.83 -38.22 -27.82
CA GLU B 1086 11.17 -37.70 -29.14
C GLU B 1086 12.52 -38.22 -29.61
N ASN B 1087 13.49 -38.36 -28.71
CA ASN B 1087 14.85 -38.72 -29.08
C ASN B 1087 15.18 -40.17 -28.76
N GLN B 1088 14.17 -41.04 -28.68
CA GLN B 1088 14.43 -42.46 -28.46
C GLN B 1088 15.13 -43.08 -29.66
N ASN B 1089 14.82 -42.58 -30.87
CA ASN B 1089 15.51 -43.06 -32.07
C ASN B 1089 16.99 -42.74 -32.00
N LEU B 1090 17.33 -41.56 -31.47
CA LEU B 1090 18.73 -41.21 -31.25
C LEU B 1090 19.38 -42.16 -30.26
N LEU B 1091 18.65 -42.52 -29.19
CA LEU B 1091 19.16 -43.49 -28.23
C LEU B 1091 19.36 -44.85 -28.89
N TYR B 1092 18.42 -45.26 -29.74
CA TYR B 1092 18.53 -46.54 -30.41
C TYR B 1092 19.77 -46.58 -31.30
N SER B 1093 20.04 -45.49 -32.02
CA SER B 1093 21.22 -45.43 -32.88
C SER B 1093 22.50 -45.53 -32.06
N ALA B 1094 22.55 -44.85 -30.91
CA ALA B 1094 23.72 -44.95 -30.04
C ALA B 1094 23.91 -46.36 -29.51
N LEU B 1095 22.81 -47.02 -29.11
CA LEU B 1095 22.91 -48.37 -28.59
C LEU B 1095 23.29 -49.36 -29.68
N HIS B 1096 22.84 -49.13 -30.91
CA HIS B 1096 23.20 -50.02 -32.00
C HIS B 1096 24.69 -49.94 -32.33
N VAL B 1097 25.32 -48.79 -32.09
CA VAL B 1097 26.75 -48.65 -32.35
C VAL B 1097 27.54 -49.60 -31.47
N LEU B 1098 27.23 -49.63 -30.17
CA LEU B 1098 27.94 -50.50 -29.25
C LEU B 1098 27.71 -51.97 -29.58
N SER B 1099 26.46 -52.33 -29.89
CA SER B 1099 26.16 -53.72 -30.22
C SER B 1099 26.83 -54.16 -31.51
N SER B 1100 27.13 -53.21 -32.41
CA SER B 1100 27.78 -53.52 -33.67
C SER B 1100 29.29 -53.69 -33.52
N ARG B 1101 29.85 -53.44 -32.35
CA ARG B 1101 31.28 -53.60 -32.12
C ARG B 1101 31.67 -55.07 -31.91
N LEU B 1102 30.70 -55.96 -31.77
CA LEU B 1102 30.97 -57.38 -31.63
C LEU B 1102 30.45 -58.14 -32.84
N LYS B 1103 29.15 -58.00 -33.13
CA LYS B 1103 28.52 -58.66 -34.26
C LYS B 1103 27.51 -57.71 -34.89
N GLN B 1104 27.45 -57.72 -36.22
CA GLN B 1104 26.52 -56.85 -36.94
C GLN B 1104 26.12 -57.48 -38.28
N SER B 1108 16.36 -53.44 -37.84
CA SER B 1108 15.42 -53.10 -36.78
C SER B 1108 15.43 -54.17 -35.69
N GLN B 1109 16.57 -54.31 -35.02
CA GLN B 1109 16.68 -55.27 -33.93
C GLN B 1109 15.83 -54.84 -32.76
N PRO B 1110 15.34 -55.76 -31.93
CA PRO B 1110 14.60 -55.36 -30.73
C PRO B 1110 15.46 -54.53 -29.80
N LEU B 1111 14.83 -53.57 -29.11
CA LEU B 1111 15.58 -52.66 -28.26
C LEU B 1111 16.29 -53.40 -27.14
N GLU B 1112 15.61 -54.35 -26.50
CA GLU B 1112 16.21 -55.05 -25.35
C GLU B 1112 17.44 -55.84 -25.78
N GLU B 1113 17.47 -56.34 -27.02
CA GLU B 1113 18.65 -57.02 -27.51
C GLU B 1113 19.84 -56.07 -27.59
N LEU B 1114 19.60 -54.81 -27.94
CA LEU B 1114 20.67 -53.83 -28.00
C LEU B 1114 21.29 -53.59 -26.63
N LEU B 1115 20.45 -53.44 -25.61
CA LEU B 1115 20.93 -53.21 -24.24
C LEU B 1115 21.76 -54.38 -23.75
N SER B 1116 21.28 -55.60 -23.96
CA SER B 1116 22.03 -56.78 -23.54
C SER B 1116 23.37 -56.86 -24.26
N GLN B 1117 23.38 -56.56 -25.55
CA GLN B 1117 24.63 -56.58 -26.31
C GLN B 1117 25.53 -55.41 -25.91
N SER B 1118 24.95 -54.22 -25.74
CA SER B 1118 25.75 -53.05 -25.36
C SER B 1118 26.38 -53.24 -23.99
N VAL B 1119 25.61 -53.77 -23.03
CA VAL B 1119 26.16 -54.03 -21.70
C VAL B 1119 27.26 -55.09 -21.77
N HIS B 1120 27.02 -56.16 -22.54
CA HIS B 1120 28.01 -57.22 -22.66
C HIS B 1120 29.31 -56.69 -23.29
N TYR B 1121 29.19 -55.82 -24.29
CA TYR B 1121 30.38 -55.22 -24.89
C TYR B 1121 31.13 -54.35 -23.89
N LEU B 1122 30.40 -53.56 -23.09
CA LEU B 1122 31.04 -52.65 -22.16
C LEU B 1122 31.60 -53.39 -20.95
N GLN B 1123 30.91 -54.43 -20.50
CA GLN B 1123 31.34 -55.19 -19.33
C GLN B 1123 32.69 -55.88 -19.56
N ASN B 1124 33.07 -56.11 -20.82
CA ASN B 1124 34.34 -56.75 -21.12
C ASN B 1124 35.53 -55.87 -20.73
N PHE B 1125 35.30 -54.59 -20.48
CA PHE B 1125 36.38 -53.65 -20.20
C PHE B 1125 36.83 -53.68 -18.74
N HIS B 1126 36.17 -54.48 -17.89
CA HIS B 1126 36.49 -54.47 -16.46
C HIS B 1126 37.90 -54.98 -16.20
N GLN B 1127 38.38 -55.92 -17.01
CA GLN B 1127 39.69 -56.50 -16.78
C GLN B 1127 40.81 -55.50 -17.05
N SER B 1128 40.61 -54.64 -18.04
CA SER B 1128 41.68 -53.72 -18.45
C SER B 1128 41.74 -52.49 -17.56
N ILE B 1129 40.73 -52.25 -16.74
CA ILE B 1129 40.63 -51.03 -15.94
C ILE B 1129 41.82 -50.92 -15.01
N PRO B 1130 42.59 -49.83 -15.07
CA PRO B 1130 43.79 -49.72 -14.24
C PRO B 1130 43.63 -48.93 -12.94
N SER B 1131 42.49 -48.27 -12.73
CA SER B 1131 42.33 -47.39 -11.57
C SER B 1131 40.93 -47.55 -11.01
N PHE B 1132 40.79 -47.17 -9.73
CA PHE B 1132 39.50 -47.27 -9.06
C PHE B 1132 38.48 -46.32 -9.69
N GLN B 1133 38.92 -45.13 -10.08
CA GLN B 1133 38.00 -44.16 -10.66
C GLN B 1133 37.44 -44.65 -11.99
N CYS B 1134 38.25 -45.33 -12.79
CA CYS B 1134 37.76 -45.90 -14.04
C CYS B 1134 36.73 -47.00 -13.77
N ALA B 1135 36.97 -47.82 -12.75
CA ALA B 1135 36.03 -48.88 -12.41
C ALA B 1135 34.68 -48.30 -11.98
N LEU B 1136 34.70 -47.23 -11.18
CA LEU B 1136 33.45 -46.60 -10.77
C LEU B 1136 32.71 -46.02 -11.96
N TYR B 1137 33.44 -45.41 -12.91
CA TYR B 1137 32.80 -44.84 -14.09
C TYR B 1137 32.18 -45.91 -14.96
N LEU B 1138 32.85 -47.06 -15.11
CA LEU B 1138 32.26 -48.16 -15.88
C LEU B 1138 31.02 -48.71 -15.18
N ILE B 1139 31.07 -48.82 -13.85
CA ILE B 1139 29.91 -49.32 -13.11
C ILE B 1139 28.72 -48.39 -13.30
N ARG B 1140 28.94 -47.09 -13.13
CA ARG B 1140 27.85 -46.14 -13.28
C ARG B 1140 27.32 -46.12 -14.71
N LEU B 1141 28.21 -46.28 -15.69
CA LEU B 1141 27.77 -46.34 -17.08
C LEU B 1141 26.89 -47.56 -17.34
N LEU B 1142 27.23 -48.70 -16.71
CA LEU B 1142 26.40 -49.90 -16.89
C LEU B 1142 25.01 -49.72 -16.31
N MET B 1143 24.92 -49.07 -15.14
CA MET B 1143 23.62 -48.92 -14.48
C MET B 1143 22.67 -48.07 -15.29
N VAL B 1144 23.14 -46.96 -15.85
CA VAL B 1144 22.24 -46.06 -16.57
C VAL B 1144 21.73 -46.73 -17.85
N ILE B 1145 22.56 -47.54 -18.50
CA ILE B 1145 22.10 -48.29 -19.66
C ILE B 1145 21.08 -49.35 -19.23
N LEU B 1146 21.37 -50.07 -18.14
CA LEU B 1146 20.47 -51.11 -17.66
C LEU B 1146 19.18 -50.53 -17.10
N GLU B 1147 19.12 -49.22 -16.86
CA GLU B 1147 17.89 -48.61 -16.38
C GLU B 1147 16.78 -48.70 -17.42
N LYS B 1148 17.14 -48.59 -18.70
CA LYS B 1148 16.14 -48.66 -19.76
C LYS B 1148 15.48 -50.04 -19.80
N SER B 1149 16.22 -51.09 -19.45
CA SER B 1149 15.66 -52.44 -19.44
C SER B 1149 14.65 -52.58 -18.32
N THR B 1150 13.45 -53.08 -18.65
CA THR B 1150 12.41 -53.24 -17.66
C THR B 1150 12.74 -54.38 -16.70
N ALA B 1151 13.15 -55.53 -17.22
CA ALA B 1151 13.45 -56.70 -16.40
C ALA B 1151 14.83 -56.55 -15.80
N SER B 1152 14.90 -56.39 -14.48
CA SER B 1152 16.16 -56.19 -13.78
C SER B 1152 16.43 -57.25 -12.72
N ALA B 1153 15.77 -58.41 -12.80
CA ALA B 1153 16.03 -59.47 -11.83
C ALA B 1153 17.47 -59.97 -11.94
N GLN B 1154 17.95 -60.16 -13.16
CA GLN B 1154 19.34 -60.54 -13.40
C GLN B 1154 20.24 -59.34 -13.56
N ASN B 1155 19.70 -58.21 -14.02
CA ASN B 1155 20.50 -57.01 -14.20
C ASN B 1155 21.11 -56.54 -12.89
N LYS B 1156 20.38 -56.70 -11.78
CA LYS B 1156 20.90 -56.31 -10.49
C LYS B 1156 22.09 -57.17 -10.09
N GLU B 1157 22.03 -58.47 -10.39
CA GLU B 1157 23.09 -59.38 -9.99
C GLU B 1157 24.40 -59.08 -10.72
N LYS B 1158 24.33 -58.82 -12.03
CA LYS B 1158 25.55 -58.55 -12.78
C LYS B 1158 26.17 -57.22 -12.35
N ILE B 1159 25.33 -56.24 -11.97
CA ILE B 1159 25.85 -55.01 -11.39
C ILE B 1159 26.51 -55.32 -10.05
N ALA B 1160 25.85 -56.13 -9.21
CA ALA B 1160 26.40 -56.46 -7.91
C ALA B 1160 27.64 -57.33 -8.02
N SER B 1161 27.64 -58.30 -8.94
CA SER B 1161 28.79 -59.18 -9.09
C SER B 1161 30.02 -58.41 -9.57
N LEU B 1162 29.83 -57.49 -10.53
CA LEU B 1162 30.94 -56.66 -10.97
C LEU B 1162 31.42 -55.74 -9.86
N ALA B 1163 30.48 -55.17 -9.09
CA ALA B 1163 30.86 -54.26 -8.02
C ALA B 1163 31.68 -54.97 -6.95
N ARG B 1164 31.31 -56.21 -6.61
CA ARG B 1164 32.08 -56.96 -5.63
C ARG B 1164 33.48 -57.27 -6.14
N GLN B 1165 33.60 -57.58 -7.44
CA GLN B 1165 34.91 -57.87 -8.01
C GLN B 1165 35.84 -56.67 -7.91
N PHE B 1166 35.31 -55.47 -8.17
CA PHE B 1166 36.12 -54.26 -8.02
C PHE B 1166 36.52 -54.05 -6.56
N LEU B 1167 35.59 -54.32 -5.63
CA LEU B 1167 35.92 -54.21 -4.22
C LEU B 1167 36.98 -55.22 -3.80
N CYS B 1168 36.89 -56.44 -4.34
CA CYS B 1168 37.83 -57.49 -4.00
C CYS B 1168 39.15 -57.39 -4.74
N ARG B 1169 39.24 -56.53 -5.75
CA ARG B 1169 40.48 -56.40 -6.52
C ARG B 1169 41.54 -55.67 -5.71
N VAL B 1170 42.81 -55.97 -6.01
CA VAL B 1170 43.94 -55.30 -5.38
C VAL B 1170 44.36 -54.12 -6.24
N TRP B 1171 43.76 -52.95 -5.97
CA TRP B 1171 44.07 -51.77 -6.76
C TRP B 1171 45.48 -51.28 -6.43
N PRO B 1172 46.34 -51.11 -7.43
CA PRO B 1172 47.71 -50.65 -7.15
C PRO B 1172 47.73 -49.21 -6.65
N SER B 1173 48.75 -48.92 -5.86
CA SER B 1173 48.90 -47.59 -5.27
C SER B 1173 50.30 -47.04 -5.48
N ASN B 1180 45.52 -44.28 -3.34
CA ASN B 1180 44.99 -43.48 -4.45
C ASN B 1180 43.47 -43.43 -4.39
N ILE B 1181 42.86 -44.47 -3.82
CA ILE B 1181 41.41 -44.54 -3.73
C ILE B 1181 40.92 -43.54 -2.68
N SER B 1182 39.96 -42.71 -3.08
CA SER B 1182 39.35 -41.74 -2.18
C SER B 1182 38.17 -42.38 -1.47
N ASN B 1183 37.89 -41.89 -0.26
CA ASN B 1183 36.77 -42.42 0.52
C ASN B 1183 35.44 -42.14 -0.16
N ASP B 1184 35.34 -41.00 -0.84
CA ASP B 1184 34.09 -40.65 -1.54
C ASP B 1184 33.77 -41.65 -2.64
N GLN B 1185 34.79 -42.07 -3.40
CA GLN B 1185 34.56 -43.04 -4.46
C GLN B 1185 34.31 -44.43 -3.88
N LEU B 1186 35.04 -44.79 -2.83
CA LEU B 1186 34.83 -46.09 -2.19
C LEU B 1186 33.47 -46.14 -1.52
N HIS B 1187 33.01 -45.02 -0.96
CA HIS B 1187 31.65 -44.95 -0.43
C HIS B 1187 30.62 -45.17 -1.52
N ALA B 1188 30.86 -44.58 -2.70
CA ALA B 1188 29.90 -44.72 -3.81
C ALA B 1188 29.83 -46.16 -4.29
N LEU B 1189 30.97 -46.84 -4.36
CA LEU B 1189 30.98 -48.22 -4.84
C LEU B 1189 30.30 -49.16 -3.86
N LEU B 1190 30.49 -48.93 -2.55
CA LEU B 1190 29.84 -49.77 -1.56
C LEU B 1190 28.33 -49.64 -1.62
N CYS B 1191 27.82 -48.43 -1.83
CA CYS B 1191 26.37 -48.25 -1.95
C CYS B 1191 25.84 -49.00 -3.16
N ILE B 1192 26.57 -48.99 -4.27
CA ILE B 1192 26.14 -49.71 -5.46
C ILE B 1192 26.11 -51.20 -5.21
N TYR B 1193 27.16 -51.73 -4.55
CA TYR B 1193 27.22 -53.16 -4.29
C TYR B 1193 26.13 -53.60 -3.33
N LEU B 1194 25.90 -52.83 -2.26
CA LEU B 1194 24.92 -53.23 -1.26
C LEU B 1194 23.49 -53.06 -1.75
N GLU B 1195 23.21 -51.97 -2.47
CA GLU B 1195 21.85 -51.73 -2.95
C GLU B 1195 21.44 -52.72 -4.04
N HIS B 1196 22.40 -53.37 -4.70
CA HIS B 1196 22.10 -54.23 -5.83
C HIS B 1196 22.23 -55.71 -5.51
N THR B 1197 22.90 -56.07 -4.41
CA THR B 1197 23.03 -57.47 -4.05
C THR B 1197 21.68 -58.07 -3.72
N GLU B 1198 21.56 -59.39 -3.88
CA GLU B 1198 20.28 -60.05 -3.68
C GLU B 1198 19.82 -59.97 -2.23
N SER B 1199 20.75 -60.12 -1.29
CA SER B 1199 20.44 -60.10 0.14
C SER B 1199 21.42 -59.14 0.82
N ILE B 1200 20.93 -57.95 1.16
CA ILE B 1200 21.78 -56.94 1.79
C ILE B 1200 22.20 -57.39 3.19
N LEU B 1201 21.32 -58.10 3.89
CA LEU B 1201 21.64 -58.54 5.24
C LEU B 1201 22.77 -59.56 5.23
N LYS B 1202 22.75 -60.50 4.28
CA LYS B 1202 23.83 -61.47 4.17
C LYS B 1202 25.12 -60.81 3.70
N ALA B 1203 25.01 -59.80 2.84
CA ALA B 1203 26.20 -59.07 2.40
C ALA B 1203 26.85 -58.33 3.57
N ILE B 1204 26.02 -57.67 4.39
CA ILE B 1204 26.54 -56.98 5.57
C ILE B 1204 27.14 -57.99 6.54
N GLU B 1205 26.48 -59.13 6.73
CA GLU B 1205 26.99 -60.16 7.61
C GLU B 1205 28.36 -60.66 7.17
N GLU B 1206 28.59 -60.75 5.87
CA GLU B 1206 29.87 -61.24 5.36
C GLU B 1206 30.98 -60.23 5.54
N ILE B 1207 30.72 -58.96 5.28
CA ILE B 1207 31.75 -57.93 5.44
C ILE B 1207 32.11 -57.76 6.91
N ALA B 1208 31.09 -57.63 7.77
CA ALA B 1208 31.34 -57.40 9.19
C ALA B 1208 31.76 -58.67 9.92
N GLY B 1209 31.24 -59.83 9.52
CA GLY B 1209 31.54 -61.08 10.20
C GLY B 1209 32.74 -61.82 9.70
N VAL B 1210 33.23 -61.51 8.51
CA VAL B 1210 34.39 -62.21 7.94
C VAL B 1210 35.48 -61.21 7.59
N GLY B 1211 35.12 -60.17 6.85
CA GLY B 1211 36.12 -59.21 6.41
C GLY B 1211 36.75 -58.44 7.56
N VAL B 1212 35.93 -57.93 8.47
CA VAL B 1212 36.46 -57.16 9.60
C VAL B 1212 37.30 -58.02 10.54
N PRO B 1213 36.89 -59.23 10.94
CA PRO B 1213 37.75 -60.02 11.84
C PRO B 1213 39.15 -60.29 11.29
N GLU B 1214 39.27 -60.58 10.00
CA GLU B 1214 40.59 -60.86 9.44
C GLU B 1214 41.40 -59.58 9.27
N LEU B 1215 40.71 -58.44 9.14
CA LEU B 1215 41.40 -57.15 9.15
C LEU B 1215 42.08 -56.90 10.49
N ILE B 1216 41.41 -57.25 11.59
CA ILE B 1216 41.99 -57.06 12.91
C ILE B 1216 43.22 -57.93 13.10
N ASN B 1217 43.15 -59.18 12.66
CA ASN B 1217 44.29 -60.09 12.80
C ASN B 1217 45.43 -59.69 11.88
N SER B 1218 45.13 -59.00 10.78
CA SER B 1218 46.16 -58.57 9.85
C SER B 1218 47.04 -57.49 10.48
N PRO B 1219 48.25 -57.30 9.96
CA PRO B 1219 49.12 -56.24 10.49
C PRO B 1219 48.47 -54.87 10.35
N LYS B 1220 49.07 -53.89 11.05
CA LYS B 1220 48.50 -52.56 11.11
C LYS B 1220 48.44 -51.91 9.72
N ASP B 1221 49.53 -52.02 8.96
CA ASP B 1221 49.57 -51.50 7.60
C ASP B 1221 49.27 -52.60 6.59
N ALA B 1222 48.05 -53.14 6.68
CA ALA B 1222 47.61 -54.23 5.84
C ALA B 1222 46.15 -54.01 5.47
N SER B 1223 45.55 -55.05 4.87
CA SER B 1223 44.17 -54.99 4.43
C SER B 1223 43.53 -56.36 4.57
N SER B 1224 42.21 -56.39 4.53
CA SER B 1224 41.48 -57.65 4.57
C SER B 1224 41.79 -58.48 3.33
N SER B 1225 41.93 -59.80 3.53
CA SER B 1225 42.21 -60.69 2.41
C SER B 1225 41.03 -60.75 1.44
N THR B 1226 39.83 -60.92 1.98
CA THR B 1226 38.64 -60.98 1.12
C THR B 1226 38.33 -59.64 0.49
N PHE B 1227 38.56 -58.55 1.22
CA PHE B 1227 38.29 -57.19 0.74
C PHE B 1227 39.57 -56.38 0.87
N PRO B 1228 40.44 -56.40 -0.14
CA PRO B 1228 41.68 -55.62 -0.07
C PRO B 1228 41.45 -54.13 0.03
N THR B 1229 40.28 -53.62 -0.33
CA THR B 1229 39.92 -52.23 -0.15
C THR B 1229 39.47 -51.91 1.27
N LEU B 1230 39.58 -52.87 2.18
CA LEU B 1230 39.17 -52.71 3.57
C LEU B 1230 40.41 -52.74 4.45
N THR B 1231 40.89 -51.56 4.82
CA THR B 1231 42.02 -51.39 5.73
C THR B 1231 41.58 -50.60 6.95
N ARG B 1232 42.52 -50.37 7.87
CA ARG B 1232 42.23 -49.58 9.06
C ARG B 1232 41.81 -48.15 8.69
N HIS B 1233 42.41 -47.59 7.64
CA HIS B 1233 42.09 -46.22 7.23
C HIS B 1233 40.75 -46.11 6.53
N THR B 1234 40.29 -47.17 5.86
CA THR B 1234 39.03 -47.14 5.14
C THR B 1234 37.91 -47.88 5.85
N PHE B 1235 38.12 -48.30 7.11
CA PHE B 1235 37.09 -49.02 7.83
C PHE B 1235 35.88 -48.12 8.09
N VAL B 1236 36.12 -46.84 8.36
CA VAL B 1236 35.03 -45.91 8.66
C VAL B 1236 34.07 -45.84 7.48
N VAL B 1237 34.60 -45.86 6.26
CA VAL B 1237 33.76 -45.84 5.07
C VAL B 1237 32.90 -47.10 5.01
N PHE B 1238 33.52 -48.26 5.26
CA PHE B 1238 32.77 -49.51 5.28
C PHE B 1238 31.72 -49.51 6.38
N PHE B 1239 32.11 -49.04 7.56
CA PHE B 1239 31.18 -49.00 8.69
C PHE B 1239 30.01 -48.06 8.43
N ARG B 1240 30.30 -46.88 7.89
CA ARG B 1240 29.25 -45.89 7.65
C ARG B 1240 28.24 -46.38 6.62
N VAL B 1241 28.72 -47.01 5.55
CA VAL B 1241 27.82 -47.51 4.51
C VAL B 1241 26.97 -48.65 5.06
N MET B 1242 27.60 -49.59 5.77
CA MET B 1242 26.87 -50.76 6.26
C MET B 1242 25.77 -50.35 7.24
N MET B 1243 26.07 -49.42 8.15
CA MET B 1243 25.07 -48.97 9.11
C MET B 1243 23.94 -48.20 8.42
N ALA B 1244 24.30 -47.32 7.47
CA ALA B 1244 23.28 -46.56 6.76
C ALA B 1244 22.42 -47.46 5.88
N GLU B 1245 23.04 -48.45 5.21
CA GLU B 1245 22.27 -49.34 4.36
C GLU B 1245 21.37 -50.26 5.18
N LEU B 1246 21.85 -50.71 6.34
CA LEU B 1246 21.04 -51.55 7.20
C LEU B 1246 19.81 -50.79 7.69
N GLU B 1247 19.99 -49.53 8.06
CA GLU B 1247 18.86 -48.72 8.52
C GLU B 1247 17.86 -48.49 7.41
N LYS B 1248 18.33 -48.26 6.18
CA LYS B 1248 17.42 -48.08 5.05
C LYS B 1248 16.61 -49.34 4.77
N THR B 1249 17.27 -50.51 4.87
CA THR B 1249 16.57 -51.77 4.67
C THR B 1249 15.47 -51.95 5.71
N VAL B 1250 15.77 -51.61 6.97
CA VAL B 1250 14.83 -51.80 8.06
C VAL B 1250 13.60 -50.90 7.87
N LYS B 1251 13.79 -49.68 7.36
CA LYS B 1251 12.68 -48.77 7.15
C LYS B 1251 11.65 -49.31 6.17
N LYS B 1252 12.01 -50.27 5.34
CA LYS B 1252 11.13 -50.78 4.29
C LYS B 1252 10.33 -52.00 4.72
N ILE B 1253 10.52 -52.48 5.95
CA ILE B 1253 9.81 -53.66 6.45
C ILE B 1253 8.54 -53.18 7.14
N GLU B 1254 7.40 -53.39 6.50
CA GLU B 1254 6.18 -52.91 7.14
C GLU B 1254 5.60 -54.00 8.05
N PRO B 1255 4.95 -53.61 9.15
CA PRO B 1255 4.35 -54.60 10.05
C PRO B 1255 3.12 -55.28 9.46
N GLY B 1256 2.54 -54.76 8.39
CA GLY B 1256 1.36 -55.38 7.82
C GLY B 1256 0.15 -55.19 8.72
N THR B 1257 -0.70 -56.22 8.75
CA THR B 1257 -1.89 -56.23 9.59
C THR B 1257 -1.96 -57.55 10.35
N ALA B 1258 -2.84 -57.58 11.35
CA ALA B 1258 -3.04 -58.78 12.16
C ALA B 1258 -3.82 -59.87 11.43
N ALA B 1259 -4.40 -59.57 10.28
CA ALA B 1259 -5.20 -60.53 9.53
C ALA B 1259 -4.41 -61.23 8.43
N ASP B 1260 -3.09 -61.05 8.38
CA ASP B 1260 -2.26 -61.69 7.38
C ASP B 1260 -1.98 -63.14 7.77
N SER B 1261 -1.32 -63.85 6.86
CA SER B 1261 -0.99 -65.25 7.10
C SER B 1261 -0.02 -65.38 8.27
N GLN B 1262 -0.16 -66.47 9.02
CA GLN B 1262 0.73 -66.71 10.16
C GLN B 1262 2.17 -66.90 9.69
N GLN B 1263 2.36 -67.56 8.55
CA GLN B 1263 3.70 -67.70 8.00
C GLN B 1263 4.29 -66.36 7.60
N ILE B 1264 3.45 -65.45 7.10
CA ILE B 1264 3.91 -64.11 6.76
C ILE B 1264 4.43 -63.40 8.02
N HIS B 1265 3.66 -63.49 9.11
CA HIS B 1265 4.11 -62.91 10.37
C HIS B 1265 5.39 -63.58 10.86
N GLU B 1266 5.47 -64.91 10.72
CA GLU B 1266 6.68 -65.62 11.12
C GLU B 1266 7.86 -65.23 10.26
N GLU B 1267 7.63 -65.06 8.95
CA GLU B 1267 8.72 -64.67 8.05
C GLU B 1267 9.24 -63.28 8.38
N LYS B 1268 8.34 -62.33 8.61
CA LYS B 1268 8.75 -60.98 8.97
C LYS B 1268 9.50 -60.96 10.29
N LEU B 1269 9.02 -61.74 11.27
CA LEU B 1269 9.70 -61.85 12.55
C LEU B 1269 11.09 -62.46 12.37
N LEU B 1270 11.21 -63.47 11.52
CA LEU B 1270 12.53 -64.03 11.21
C LEU B 1270 13.39 -63.00 10.49
N TYR B 1271 12.78 -62.20 9.60
CA TYR B 1271 13.51 -61.15 8.92
C TYR B 1271 14.03 -60.11 9.91
N TRP B 1272 13.21 -59.72 10.89
CA TRP B 1272 13.64 -58.75 11.88
C TRP B 1272 14.77 -59.28 12.74
N ASN B 1273 14.75 -60.58 13.05
CA ASN B 1273 15.80 -61.15 13.88
C ASN B 1273 17.15 -61.11 13.20
N MET B 1274 17.17 -61.31 11.87
CA MET B 1274 18.41 -61.19 11.13
C MET B 1274 18.93 -59.75 11.15
N ALA B 1275 18.04 -58.77 11.00
CA ALA B 1275 18.45 -57.38 11.03
C ALA B 1275 19.05 -57.00 12.39
N VAL B 1276 18.48 -57.53 13.47
CA VAL B 1276 19.02 -57.25 14.80
C VAL B 1276 20.40 -57.89 14.96
N ARG B 1277 20.58 -59.09 14.43
CA ARG B 1277 21.89 -59.74 14.51
C ARG B 1277 22.94 -58.94 13.73
N ASP B 1278 22.58 -58.49 12.53
CA ASP B 1278 23.50 -57.66 11.76
C ASP B 1278 23.77 -56.34 12.47
N PHE B 1279 22.74 -55.76 13.09
CA PHE B 1279 22.95 -54.57 13.91
C PHE B 1279 23.87 -54.86 15.08
N SER B 1280 23.70 -56.02 15.71
CA SER B 1280 24.52 -56.38 16.87
C SER B 1280 25.99 -56.50 16.49
N ILE B 1281 26.28 -57.13 15.35
CA ILE B 1281 27.67 -57.30 14.93
C ILE B 1281 28.31 -55.95 14.63
N LEU B 1282 27.58 -55.08 13.92
CA LEU B 1282 28.12 -53.77 13.58
C LEU B 1282 28.37 -52.93 14.83
N ILE B 1283 27.39 -52.91 15.75
CA ILE B 1283 27.53 -52.10 16.96
C ILE B 1283 28.66 -52.59 17.84
N ASN B 1284 28.85 -53.90 17.93
CA ASN B 1284 29.89 -54.47 18.78
C ASN B 1284 31.30 -54.20 18.27
N LEU B 1285 31.45 -53.71 17.05
CA LEU B 1285 32.76 -53.44 16.48
C LEU B 1285 33.39 -52.16 17.03
N ILE B 1286 32.63 -51.37 17.79
CA ILE B 1286 33.20 -50.16 18.36
C ILE B 1286 34.15 -50.44 19.52
N LYS B 1287 34.19 -51.68 20.02
CA LYS B 1287 35.13 -52.04 21.06
C LYS B 1287 36.57 -52.00 20.54
N VAL B 1288 36.80 -52.50 19.33
CA VAL B 1288 38.14 -52.51 18.78
C VAL B 1288 38.43 -51.22 18.02
N PHE B 1289 37.46 -50.74 17.24
CA PHE B 1289 37.59 -49.45 16.55
C PHE B 1289 36.81 -48.42 17.36
N ASP B 1290 37.52 -47.64 18.17
CA ASP B 1290 36.90 -46.70 19.10
C ASP B 1290 37.44 -45.29 18.83
N SER B 1291 37.46 -44.91 17.56
CA SER B 1291 37.82 -43.56 17.15
C SER B 1291 36.54 -42.75 16.94
N HIS B 1292 36.68 -41.43 17.06
CA HIS B 1292 35.53 -40.52 16.95
C HIS B 1292 34.70 -40.70 15.68
N PRO B 1293 35.28 -40.80 14.48
CA PRO B 1293 34.43 -41.02 13.29
C PRO B 1293 33.61 -42.29 13.35
N VAL B 1294 34.15 -43.35 13.94
CA VAL B 1294 33.41 -44.60 14.07
C VAL B 1294 32.28 -44.44 15.10
N LEU B 1295 32.60 -43.83 16.25
CA LEU B 1295 31.60 -43.64 17.28
C LEU B 1295 30.50 -42.70 16.81
N HIS B 1296 30.86 -41.66 16.07
CA HIS B 1296 29.86 -40.72 15.55
C HIS B 1296 28.88 -41.44 14.63
N VAL B 1297 29.38 -42.32 13.77
CA VAL B 1297 28.51 -43.07 12.86
C VAL B 1297 27.63 -44.04 13.66
N CYS B 1298 28.24 -44.77 14.59
CA CYS B 1298 27.50 -45.71 15.40
C CYS B 1298 26.46 -45.01 16.26
N LEU B 1299 26.82 -43.85 16.82
CA LEU B 1299 25.89 -43.10 17.67
C LEU B 1299 24.76 -42.50 16.85
N LYS B 1300 25.07 -42.00 15.64
CA LYS B 1300 24.06 -41.37 14.81
C LYS B 1300 23.12 -42.39 14.18
N TYR B 1301 23.66 -43.50 13.69
CA TYR B 1301 22.85 -44.49 13.00
C TYR B 1301 22.26 -45.53 13.93
N GLY B 1302 22.77 -45.66 15.15
CA GLY B 1302 22.09 -46.48 16.15
C GLY B 1302 20.73 -45.91 16.51
N ARG B 1303 20.65 -44.59 16.61
CA ARG B 1303 19.36 -43.93 16.89
C ARG B 1303 18.38 -44.18 15.76
N LEU B 1304 18.83 -44.08 14.52
CA LEU B 1304 17.94 -44.27 13.38
C LEU B 1304 17.46 -45.72 13.28
N PHE B 1305 18.34 -46.67 13.60
CA PHE B 1305 17.92 -48.07 13.61
C PHE B 1305 16.85 -48.33 14.68
N VAL B 1306 17.04 -47.77 15.87
CA VAL B 1306 16.07 -47.95 16.94
C VAL B 1306 14.75 -47.27 16.59
N GLU B 1307 14.82 -46.08 15.98
CA GLU B 1307 13.60 -45.38 15.59
C GLU B 1307 12.80 -46.20 14.58
N ALA B 1308 13.47 -46.83 13.62
CA ALA B 1308 12.77 -47.68 12.67
C ALA B 1308 12.27 -48.95 13.33
N PHE B 1309 12.99 -49.42 14.37
CA PHE B 1309 12.56 -50.63 15.07
C PHE B 1309 11.23 -50.41 15.79
N LEU B 1310 11.13 -49.32 16.56
CA LEU B 1310 9.90 -49.07 17.31
C LEU B 1310 8.79 -48.50 16.44
N LYS B 1311 9.07 -48.13 15.20
CA LYS B 1311 8.04 -47.67 14.28
C LYS B 1311 7.56 -48.76 13.34
N GLN B 1312 8.43 -49.70 12.97
CA GLN B 1312 8.09 -50.74 12.02
C GLN B 1312 7.98 -52.13 12.62
N CYS B 1313 8.80 -52.46 13.62
CA CYS B 1313 8.76 -53.78 14.24
C CYS B 1313 7.79 -53.86 15.42
N MET B 1314 7.66 -52.79 16.20
CA MET B 1314 6.78 -52.78 17.36
C MET B 1314 5.31 -52.98 16.98
N PRO B 1315 4.79 -52.29 15.95
CA PRO B 1315 3.41 -52.62 15.53
C PRO B 1315 3.24 -54.07 15.13
N LEU B 1316 4.27 -54.68 14.53
CA LEU B 1316 4.20 -56.11 14.22
C LEU B 1316 4.16 -56.94 15.50
N LEU B 1317 4.90 -56.53 16.52
CA LEU B 1317 4.90 -57.26 17.79
C LEU B 1317 3.55 -57.13 18.48
N ASP B 1318 2.85 -56.01 18.26
CA ASP B 1318 1.49 -55.87 18.79
C ASP B 1318 0.55 -56.90 18.17
N PHE B 1319 0.66 -57.10 16.86
CA PHE B 1319 -0.22 -58.04 16.18
C PHE B 1319 0.04 -59.47 16.60
N SER B 1320 1.31 -59.86 16.65
CA SER B 1320 1.71 -61.25 16.91
C SER B 1320 2.51 -61.30 18.21
N PHE B 1321 1.80 -61.42 19.33
CA PHE B 1321 2.42 -61.64 20.63
C PHE B 1321 1.87 -62.84 21.36
N ARG B 1322 0.59 -63.16 21.18
CA ARG B 1322 0.01 -64.35 21.79
C ARG B 1322 0.42 -65.61 21.05
N LYS B 1323 0.17 -65.66 19.73
CA LYS B 1323 0.55 -66.81 18.94
C LYS B 1323 2.07 -66.98 18.93
N HIS B 1324 2.79 -65.88 18.76
CA HIS B 1324 4.26 -65.87 18.78
C HIS B 1324 4.68 -65.16 20.06
N ARG B 1325 5.02 -65.92 21.09
CA ARG B 1325 5.45 -65.36 22.36
C ARG B 1325 6.92 -65.62 22.65
N GLU B 1326 7.39 -66.85 22.46
CA GLU B 1326 8.80 -67.13 22.68
C GLU B 1326 9.68 -66.37 21.68
N ASP B 1327 9.23 -66.27 20.44
CA ASP B 1327 9.99 -65.55 19.42
C ASP B 1327 10.08 -64.06 19.75
N VAL B 1328 8.96 -63.46 20.18
CA VAL B 1328 8.95 -62.03 20.47
C VAL B 1328 9.84 -61.71 21.66
N LEU B 1329 9.74 -62.52 22.72
CA LEU B 1329 10.61 -62.32 23.88
C LEU B 1329 12.07 -62.52 23.53
N SER B 1330 12.38 -63.51 22.69
CA SER B 1330 13.76 -63.72 22.26
C SER B 1330 14.25 -62.54 21.43
N LEU B 1331 13.40 -62.03 20.54
CA LEU B 1331 13.79 -60.88 19.74
C LEU B 1331 14.05 -59.65 20.61
N LEU B 1332 13.16 -59.40 21.58
CA LEU B 1332 13.33 -58.23 22.44
C LEU B 1332 14.51 -58.40 23.38
N GLU B 1333 14.75 -59.62 23.87
CA GLU B 1333 15.87 -59.85 24.77
C GLU B 1333 17.20 -59.66 24.04
N THR B 1334 17.31 -60.19 22.83
CA THR B 1334 18.53 -60.00 22.05
C THR B 1334 18.74 -58.53 21.68
N PHE B 1335 17.66 -57.85 21.28
CA PHE B 1335 17.77 -56.43 20.97
C PHE B 1335 18.08 -55.60 22.22
N GLN B 1336 17.73 -56.12 23.39
CA GLN B 1336 18.04 -55.40 24.63
C GLN B 1336 19.55 -55.36 24.88
N LEU B 1337 20.27 -56.40 24.49
CA LEU B 1337 21.71 -56.40 24.63
C LEU B 1337 22.35 -55.32 23.76
N ASP B 1338 21.80 -55.10 22.57
CA ASP B 1338 22.33 -54.07 21.69
C ASP B 1338 22.06 -52.67 22.25
N THR B 1339 20.85 -52.45 22.78
CA THR B 1339 20.52 -51.14 23.31
C THR B 1339 21.33 -50.79 24.54
N ARG B 1340 21.75 -51.80 25.32
CA ARG B 1340 22.62 -51.53 26.47
C ARG B 1340 23.96 -50.98 26.02
N LEU B 1341 24.51 -51.51 24.93
CA LEU B 1341 25.76 -50.98 24.40
C LEU B 1341 25.58 -49.56 23.87
N LEU B 1342 24.39 -49.25 23.37
CA LEU B 1342 24.09 -47.87 22.99
C LEU B 1342 24.09 -46.94 24.20
N HIS B 1343 23.57 -47.42 25.33
CA HIS B 1343 23.61 -46.63 26.56
C HIS B 1343 25.04 -46.39 27.02
N HIS B 1344 25.89 -47.42 26.95
CA HIS B 1344 27.28 -47.26 27.36
C HIS B 1344 28.03 -46.33 26.43
N LEU B 1345 27.69 -46.36 25.13
CA LEU B 1345 28.27 -45.42 24.19
C LEU B 1345 27.87 -43.98 24.52
N CYS B 1346 26.61 -43.78 24.89
CA CYS B 1346 26.15 -42.45 25.30
C CYS B 1346 26.91 -41.98 26.54
N GLY B 1347 27.10 -42.87 27.51
CA GLY B 1347 27.87 -42.50 28.69
C GLY B 1347 29.33 -42.24 28.37
N HIS B 1348 29.89 -43.01 27.45
CA HIS B 1348 31.28 -42.82 27.05
C HIS B 1348 31.48 -41.45 26.41
N SER B 1349 30.53 -41.03 25.56
CA SER B 1349 30.64 -39.74 24.91
C SER B 1349 30.59 -38.59 25.92
N LYS B 1350 29.69 -38.69 26.90
CA LYS B 1350 29.55 -37.62 27.88
C LYS B 1350 30.72 -37.59 28.87
N ILE B 1351 31.28 -38.75 29.20
CA ILE B 1351 32.38 -38.80 30.16
C ILE B 1351 33.61 -38.08 29.61
N HIS B 1352 33.90 -38.27 28.33
CA HIS B 1352 35.04 -37.62 27.69
C HIS B 1352 34.72 -36.23 27.17
N GLN B 1353 33.47 -35.81 27.25
CA GLN B 1353 33.05 -34.43 26.93
C GLN B 1353 33.44 -34.04 25.51
N ASP B 1354 33.10 -34.91 24.56
CA ASP B 1354 33.36 -34.65 23.15
C ASP B 1354 32.12 -33.98 22.56
N THR B 1355 32.23 -32.69 22.23
CA THR B 1355 31.06 -31.93 21.80
C THR B 1355 30.48 -32.50 20.51
N ARG B 1356 31.33 -33.03 19.62
CA ARG B 1356 30.83 -33.61 18.39
C ARG B 1356 30.10 -34.92 18.65
N LEU B 1357 30.43 -35.61 19.75
CA LEU B 1357 29.75 -36.85 20.09
C LEU B 1357 28.52 -36.60 20.95
N THR B 1358 28.65 -35.76 21.97
CA THR B 1358 27.56 -35.53 22.90
C THR B 1358 26.37 -34.85 22.26
N GLN B 1359 26.51 -34.29 21.06
CA GLN B 1359 25.40 -33.63 20.40
C GLN B 1359 24.43 -34.59 19.73
N HIS B 1360 24.73 -35.89 19.75
CA HIS B 1360 23.76 -36.92 19.38
C HIS B 1360 23.15 -37.62 20.57
N VAL B 1361 23.74 -37.49 21.77
CA VAL B 1361 23.29 -38.25 22.93
C VAL B 1361 21.86 -37.92 23.33
N PRO B 1362 21.43 -36.66 23.45
CA PRO B 1362 20.07 -36.39 23.93
C PRO B 1362 18.97 -37.03 23.08
N LEU B 1363 19.14 -37.08 21.76
CA LEU B 1363 18.12 -37.65 20.91
C LEU B 1363 18.12 -39.18 20.94
N LEU B 1364 19.30 -39.79 21.09
CA LEU B 1364 19.34 -41.24 21.20
C LEU B 1364 18.82 -41.70 22.56
N LYS B 1365 19.09 -40.93 23.61
CA LYS B 1365 18.58 -41.29 24.93
C LYS B 1365 17.06 -41.26 24.96
N LYS B 1366 16.45 -40.28 24.28
CA LYS B 1366 15.00 -40.22 24.25
C LYS B 1366 14.41 -41.42 23.52
N THR B 1367 15.00 -41.79 22.38
CA THR B 1367 14.51 -42.95 21.64
C THR B 1367 14.79 -44.26 22.38
N LEU B 1368 15.91 -44.33 23.11
CA LEU B 1368 16.18 -45.52 23.90
C LEU B 1368 15.15 -45.69 25.01
N GLU B 1369 14.77 -44.58 25.67
CA GLU B 1369 13.70 -44.65 26.67
C GLU B 1369 12.33 -44.79 26.01
N LEU B 1370 12.14 -44.19 24.84
CA LEU B 1370 10.87 -44.34 24.13
C LEU B 1370 10.64 -45.79 23.73
N LEU B 1371 11.72 -46.54 23.44
CA LEU B 1371 11.59 -47.96 23.19
C LEU B 1371 11.11 -48.70 24.44
N VAL B 1372 11.66 -48.34 25.60
CA VAL B 1372 11.29 -49.00 26.84
C VAL B 1372 9.82 -48.77 27.16
N CYS B 1373 9.35 -47.54 27.00
CA CYS B 1373 7.94 -47.26 27.23
C CYS B 1373 7.06 -47.93 26.17
N ARG B 1374 7.58 -48.06 24.96
CA ARG B 1374 6.80 -48.69 23.89
C ARG B 1374 6.60 -50.18 24.15
N VAL B 1375 7.57 -50.82 24.80
CA VAL B 1375 7.42 -52.23 25.17
C VAL B 1375 6.28 -52.39 26.16
N LYS B 1376 6.21 -51.50 27.14
CA LYS B 1376 5.13 -51.55 28.13
C LYS B 1376 3.77 -51.35 27.46
N ALA B 1377 3.69 -50.44 26.50
CA ALA B 1377 2.45 -50.24 25.77
C ALA B 1377 2.04 -51.50 25.03
N MET B 1378 3.02 -52.26 24.53
CA MET B 1378 2.71 -53.53 23.88
C MET B 1378 2.06 -54.50 24.86
N LEU B 1379 2.58 -54.56 26.08
CA LEU B 1379 2.04 -55.50 27.07
C LEU B 1379 0.62 -55.11 27.48
N THR B 1380 0.36 -53.81 27.61
CA THR B 1380 -0.99 -53.37 27.95
C THR B 1380 -2.00 -53.76 26.88
N LEU B 1381 -1.62 -53.63 25.61
CA LEU B 1381 -2.52 -54.01 24.53
C LEU B 1381 -2.80 -55.51 24.52
N ASN B 1382 -1.92 -56.29 25.14
CA ASN B 1382 -2.11 -57.73 25.28
C ASN B 1382 -2.50 -58.12 26.71
N ASN B 1383 -2.95 -57.16 27.51
CA ASN B 1383 -3.42 -57.42 28.88
C ASN B 1383 -2.34 -58.09 29.73
N CYS B 1384 -1.10 -57.62 29.59
CA CYS B 1384 0.03 -58.14 30.35
C CYS B 1384 0.77 -57.01 31.04
N ARG B 1385 0.03 -56.05 31.61
CA ARG B 1385 0.67 -54.92 32.28
C ARG B 1385 1.45 -55.35 33.50
N GLU B 1386 0.94 -56.32 34.26
CA GLU B 1386 1.63 -56.77 35.45
C GLU B 1386 2.91 -57.52 35.12
N ALA B 1387 3.09 -57.92 33.86
CA ALA B 1387 4.33 -58.57 33.45
C ALA B 1387 5.47 -57.58 33.29
N PHE B 1388 5.17 -56.33 32.96
CA PHE B 1388 6.20 -55.31 32.77
C PHE B 1388 6.83 -54.95 34.12
N TRP B 1389 8.14 -54.71 34.09
CA TRP B 1389 8.89 -54.38 35.30
C TRP B 1389 10.25 -53.84 34.89
N LEU B 1390 10.62 -52.68 35.43
CA LEU B 1390 11.86 -52.01 35.06
C LEU B 1390 12.99 -52.37 36.03
N GLY B 1391 14.20 -52.03 35.62
CA GLY B 1391 15.37 -52.16 36.48
C GLY B 1391 16.46 -51.24 35.98
N ASN B 1392 17.31 -50.81 36.92
CA ASN B 1392 18.38 -49.88 36.58
C ASN B 1392 19.62 -50.64 36.10
N LEU B 1393 20.02 -50.41 34.86
CA LEU B 1393 21.20 -51.07 34.33
C LEU B 1393 22.47 -50.45 34.90
N LYS B 1394 23.50 -51.27 35.03
CA LYS B 1394 24.79 -50.81 35.54
C LYS B 1394 25.54 -50.03 34.46
N ASN B 1395 26.18 -48.95 34.87
CA ASN B 1395 26.97 -48.15 33.94
C ASN B 1395 28.27 -48.87 33.62
N ARG B 1396 28.54 -49.07 32.33
CA ARG B 1396 29.69 -49.84 31.89
C ARG B 1396 30.50 -49.02 30.90
N ASP B 1397 31.75 -49.43 30.71
CA ASP B 1397 32.62 -48.84 29.71
C ASP B 1397 32.31 -49.40 28.33
N LEU B 1398 33.04 -48.91 27.32
CA LEU B 1398 32.92 -49.48 25.98
C LEU B 1398 33.43 -50.92 25.97
N GLN B 1399 34.50 -51.19 26.71
CA GLN B 1399 35.00 -52.56 26.80
C GLN B 1399 34.07 -53.44 27.62
N GLY B 1400 33.30 -52.84 28.52
CA GLY B 1400 32.42 -53.57 29.43
C GLY B 1400 32.74 -53.41 30.89
N GLU B 1401 33.75 -52.62 31.25
CA GLU B 1401 34.11 -52.43 32.64
C GLU B 1401 33.09 -51.51 33.32
N GLU B 1402 32.61 -51.93 34.50
CA GLU B 1402 31.65 -51.13 35.25
C GLU B 1402 32.27 -49.82 35.69
N ILE B 1403 31.49 -48.74 35.64
CA ILE B 1403 31.97 -47.41 35.97
C ILE B 1403 31.44 -47.08 37.37
N LYS B 1404 32.26 -47.35 38.38
CA LYS B 1404 31.90 -47.04 39.77
C LYS B 1404 33.13 -47.15 40.67
N SER C 4 -2.42 40.55 -1.84
CA SER C 4 -2.84 39.56 -2.81
C SER C 4 -3.14 40.21 -4.16
N MET C 5 -2.53 39.68 -5.21
CA MET C 5 -2.69 40.19 -6.57
C MET C 5 -3.02 39.02 -7.49
N GLN C 6 -3.28 39.36 -8.75
CA GLN C 6 -3.59 38.37 -9.78
C GLN C 6 -2.57 38.49 -10.91
N ILE C 7 -1.95 37.36 -11.26
CA ILE C 7 -0.99 37.30 -12.35
C ILE C 7 -1.49 36.28 -13.37
N PHE C 8 -0.89 36.33 -14.55
CA PHE C 8 -1.25 35.44 -15.65
C PHE C 8 -0.08 34.50 -15.95
N VAL C 9 -0.43 33.28 -16.35
CA VAL C 9 0.55 32.27 -16.77
C VAL C 9 0.09 31.74 -18.12
N LYS C 10 0.92 31.88 -19.13
CA LYS C 10 0.63 31.30 -20.44
C LYS C 10 1.19 29.88 -20.49
N THR C 11 0.30 28.91 -20.62
CA THR C 11 0.66 27.51 -20.42
C THR C 11 1.28 26.93 -21.69
N LEU C 12 1.45 25.61 -21.71
CA LEU C 12 2.15 24.96 -22.81
C LEU C 12 1.39 25.06 -24.13
N THR C 13 0.07 25.20 -24.07
CA THR C 13 -0.74 25.37 -25.26
C THR C 13 -0.93 26.83 -25.65
N GLY C 14 -0.34 27.75 -24.90
CA GLY C 14 -0.57 29.17 -25.11
C GLY C 14 -1.82 29.70 -24.45
N LYS C 15 -2.54 28.88 -23.69
CA LYS C 15 -3.78 29.27 -23.05
C LYS C 15 -3.48 29.90 -21.71
N THR C 16 -4.06 31.09 -21.47
CA THR C 16 -3.74 31.86 -20.28
C THR C 16 -4.61 31.42 -19.10
N ILE C 17 -3.96 31.21 -17.96
CA ILE C 17 -4.64 30.93 -16.70
C ILE C 17 -4.28 32.04 -15.71
N THR C 18 -4.95 32.04 -14.57
CA THR C 18 -4.79 33.08 -13.57
C THR C 18 -4.41 32.46 -12.23
N LEU C 19 -3.61 33.20 -11.46
CA LEU C 19 -3.21 32.81 -10.12
C LEU C 19 -3.40 33.97 -9.17
N GLU C 20 -3.76 33.65 -7.93
CA GLU C 20 -3.84 34.62 -6.84
C GLU C 20 -2.60 34.45 -5.97
N VAL C 21 -1.74 35.45 -5.95
CA VAL C 21 -0.45 35.36 -5.29
C VAL C 21 -0.22 36.59 -4.43
N GLU C 22 0.70 36.45 -3.49
CA GLU C 22 1.24 37.49 -2.63
C GLU C 22 2.60 37.94 -3.16
N PRO C 23 2.98 39.19 -2.96
CA PRO C 23 4.34 39.62 -3.31
C PRO C 23 5.41 38.88 -2.53
N SER C 24 5.07 38.28 -1.39
CA SER C 24 6.01 37.54 -0.57
C SER C 24 6.04 36.05 -0.88
N ASP C 25 5.22 35.59 -1.83
CA ASP C 25 5.21 34.17 -2.17
C ASP C 25 6.52 33.78 -2.86
N THR C 26 7.05 32.62 -2.47
CA THR C 26 8.25 32.09 -3.08
C THR C 26 7.92 31.41 -4.40
N ILE C 27 8.95 31.26 -5.24
CA ILE C 27 8.77 30.63 -6.54
C ILE C 27 8.30 29.18 -6.38
N GLU C 28 8.63 28.54 -5.26
CA GLU C 28 8.09 27.21 -4.99
C GLU C 28 6.58 27.26 -4.84
N ASN C 29 6.07 28.29 -4.17
CA ASN C 29 4.63 28.41 -3.96
C ASN C 29 3.89 28.66 -5.27
N VAL C 30 4.45 29.51 -6.13
CA VAL C 30 3.83 29.78 -7.42
C VAL C 30 3.81 28.52 -8.28
N LYS C 31 4.88 27.75 -8.26
CA LYS C 31 4.95 26.54 -9.06
C LYS C 31 3.96 25.48 -8.55
N ALA C 32 3.69 25.48 -7.24
CA ALA C 32 2.70 24.56 -6.70
C ALA C 32 1.29 24.96 -7.13
N LYS C 33 1.03 26.26 -7.24
CA LYS C 33 -0.27 26.73 -7.71
C LYS C 33 -0.52 26.32 -9.15
N ILE C 34 0.52 26.39 -10.00
CA ILE C 34 0.37 25.97 -11.39
C ILE C 34 0.09 24.49 -11.48
N GLN C 35 0.68 23.69 -10.58
CA GLN C 35 0.44 22.26 -10.58
C GLN C 35 -1.02 21.94 -10.30
N ASP C 36 -1.65 22.73 -9.42
CA ASP C 36 -3.07 22.53 -9.14
C ASP C 36 -3.94 22.83 -10.36
N LYS C 37 -3.50 23.76 -11.21
CA LYS C 37 -4.27 24.15 -12.37
C LYS C 37 -3.83 23.45 -13.66
N GLU C 38 -2.64 22.88 -13.69
CA GLU C 38 -2.11 22.33 -14.94
C GLU C 38 -1.67 20.88 -14.78
N GLY C 39 -1.29 20.48 -13.57
CA GLY C 39 -0.86 19.13 -13.33
C GLY C 39 0.59 18.83 -13.62
N ILE C 40 1.39 19.85 -13.94
CA ILE C 40 2.81 19.68 -14.23
C ILE C 40 3.58 19.78 -12.91
N PRO C 41 4.40 18.80 -12.56
CA PRO C 41 5.11 18.85 -11.28
C PRO C 41 6.01 20.07 -11.22
N PRO C 42 6.17 20.65 -10.03
CA PRO C 42 6.99 21.86 -9.91
C PRO C 42 8.44 21.69 -10.33
N ASP C 43 8.98 20.48 -10.21
CA ASP C 43 10.37 20.26 -10.62
C ASP C 43 10.55 20.22 -12.12
N GLN C 44 9.48 20.04 -12.89
CA GLN C 44 9.52 20.08 -14.33
C GLN C 44 9.16 21.43 -14.90
N GLN C 45 8.88 22.42 -14.07
CA GLN C 45 8.38 23.71 -14.50
C GLN C 45 9.51 24.73 -14.63
N ARG C 46 9.49 25.48 -15.71
CA ARG C 46 10.37 26.63 -15.90
C ARG C 46 9.49 27.85 -16.14
N LEU C 47 9.64 28.87 -15.30
CA LEU C 47 8.81 30.06 -15.35
C LEU C 47 9.66 31.22 -15.85
N ILE C 48 9.21 31.86 -16.93
CA ILE C 48 9.94 32.94 -17.57
C ILE C 48 9.13 34.21 -17.38
N PHE C 49 9.70 35.19 -16.69
CA PHE C 49 9.08 36.50 -16.55
C PHE C 49 10.00 37.56 -17.12
N ALA C 50 9.50 38.30 -18.12
CA ALA C 50 10.25 39.39 -18.74
C ALA C 50 11.60 38.92 -19.26
N GLY C 51 11.63 37.71 -19.81
CA GLY C 51 12.85 37.14 -20.36
C GLY C 51 13.78 36.52 -19.35
N LYS C 52 13.42 36.52 -18.07
CA LYS C 52 14.27 35.96 -17.01
C LYS C 52 13.57 34.77 -16.38
N GLN C 53 14.29 33.68 -16.22
CA GLN C 53 13.75 32.50 -15.57
C GLN C 53 13.72 32.71 -14.06
N LEU C 54 12.57 32.41 -13.45
CA LEU C 54 12.43 32.59 -12.01
C LEU C 54 13.21 31.51 -11.28
N GLU C 55 14.09 31.93 -10.38
CA GLU C 55 14.94 31.00 -9.64
C GLU C 55 14.28 30.57 -8.36
N ASP C 56 14.37 29.28 -8.07
CA ASP C 56 13.81 28.75 -6.83
C ASP C 56 14.51 29.35 -5.62
N GLY C 57 13.74 29.60 -4.57
CA GLY C 57 14.24 30.18 -3.34
C GLY C 57 13.99 31.66 -3.19
N ARG C 58 13.66 32.35 -4.27
CA ARG C 58 13.37 33.78 -4.24
C ARG C 58 11.87 34.00 -4.19
N THR C 59 11.46 35.25 -4.04
CA THR C 59 10.07 35.64 -3.96
C THR C 59 9.66 36.46 -5.18
N LEU C 60 8.36 36.64 -5.34
CA LEU C 60 7.86 37.41 -6.48
C LEU C 60 8.23 38.88 -6.37
N SER C 61 8.49 39.37 -5.16
CA SER C 61 8.90 40.77 -5.01
C SER C 61 10.33 40.99 -5.49
N ASP C 62 11.15 39.93 -5.52
CA ASP C 62 12.53 40.06 -5.98
C ASP C 62 12.56 40.41 -7.47
N TYR C 63 11.63 39.89 -8.25
CA TYR C 63 11.55 40.16 -9.68
C TYR C 63 10.59 41.29 -10.02
N ASN C 64 10.04 41.97 -9.03
CA ASN C 64 9.09 43.07 -9.24
C ASN C 64 7.87 42.59 -10.02
N ILE C 65 7.37 41.41 -9.65
CA ILE C 65 6.17 40.86 -10.25
C ILE C 65 4.97 41.44 -9.52
N GLN C 66 4.07 42.07 -10.26
CA GLN C 66 2.92 42.77 -9.70
C GLN C 66 1.65 42.25 -10.35
N LYS C 67 0.54 42.94 -10.10
CA LYS C 67 -0.74 42.54 -10.68
C LYS C 67 -0.70 42.68 -12.20
N GLU C 68 -1.32 41.73 -12.88
CA GLU C 68 -1.40 41.64 -14.34
C GLU C 68 -0.08 41.30 -15.00
N SER C 69 0.94 40.92 -14.23
CA SER C 69 2.18 40.44 -14.81
C SER C 69 1.99 39.03 -15.34
N THR C 70 2.62 38.74 -16.48
CA THR C 70 2.42 37.48 -17.20
C THR C 70 3.69 36.65 -17.11
N LEU C 71 3.57 35.44 -16.59
CA LEU C 71 4.62 34.44 -16.64
C LEU C 71 4.39 33.51 -17.82
N HIS C 72 5.46 32.87 -18.27
CA HIS C 72 5.40 31.88 -19.34
C HIS C 72 5.90 30.55 -18.81
N LEU C 73 5.12 29.50 -19.01
CA LEU C 73 5.44 28.18 -18.51
C LEU C 73 5.99 27.33 -19.64
N VAL C 74 7.21 26.81 -19.45
CA VAL C 74 7.83 25.88 -20.38
C VAL C 74 8.40 24.73 -19.57
N LEU C 75 8.70 23.64 -20.25
CA LEU C 75 9.35 22.47 -19.67
C LEU C 75 10.80 22.41 -20.14
N ARG C 76 11.48 21.35 -19.73
CA ARG C 76 12.87 21.14 -20.10
C ARG C 76 12.94 20.06 -21.18
N LEU C 77 13.50 20.42 -22.33
CA LEU C 77 13.77 19.48 -23.41
C LEU C 77 15.25 19.10 -23.30
N ARG C 78 15.52 18.05 -22.55
CA ARG C 78 16.89 17.68 -22.20
C ARG C 78 17.55 16.93 -23.35
N GLY C 79 18.75 17.36 -23.72
CA GLY C 79 19.50 16.71 -24.78
C GLY C 79 20.98 16.79 -24.49
N GLY C 80 21.73 15.89 -25.11
CA GLY C 80 23.16 15.81 -24.90
C GLY C 80 23.82 14.68 -25.66
N ASN D 77 37.22 16.28 -47.82
CA ASN D 77 35.78 16.40 -47.70
C ASN D 77 35.38 17.25 -46.49
N LEU D 78 36.37 17.59 -45.67
CA LEU D 78 36.09 18.41 -44.50
C LEU D 78 35.77 19.83 -44.91
N LEU D 79 34.66 20.36 -44.41
CA LEU D 79 34.30 21.74 -44.68
C LEU D 79 35.12 22.67 -43.79
N PRO D 80 35.39 23.89 -44.24
CA PRO D 80 36.17 24.86 -43.45
C PRO D 80 35.36 25.52 -42.33
N PHE D 81 34.65 24.70 -41.55
CA PHE D 81 33.81 25.18 -40.46
C PHE D 81 34.09 24.33 -39.24
N VAL D 82 34.50 24.98 -38.15
CA VAL D 82 34.94 24.27 -36.95
C VAL D 82 33.72 23.81 -36.16
N GLY D 83 33.64 22.51 -35.89
CA GLY D 83 32.64 21.98 -35.00
C GLY D 83 33.12 22.03 -33.55
N LEU D 84 32.32 21.43 -32.67
CA LEU D 84 32.64 21.39 -31.26
C LEU D 84 32.56 19.96 -30.76
N ASN D 85 33.57 19.55 -29.99
CA ASN D 85 33.62 18.19 -29.47
C ASN D 85 32.65 18.03 -28.31
N ASN D 86 32.02 16.86 -28.26
CA ASN D 86 31.12 16.52 -27.17
C ASN D 86 31.93 16.10 -25.95
N LEU D 87 31.86 16.89 -24.88
CA LEU D 87 32.53 16.56 -23.64
C LEU D 87 31.70 15.67 -22.73
N GLY D 88 30.69 15.01 -23.28
CA GLY D 88 29.82 14.15 -22.51
C GLY D 88 28.49 14.81 -22.21
N ASN D 89 27.46 14.48 -23.02
CA ASN D 89 26.12 15.02 -22.87
C ASN D 89 26.11 16.54 -22.91
N THR D 90 26.87 17.12 -23.85
CA THR D 90 26.95 18.57 -23.98
C THR D 90 26.59 19.06 -25.38
N SER D 91 25.75 18.32 -26.10
CA SER D 91 25.28 18.81 -27.39
C SER D 91 24.24 19.92 -27.22
N TYR D 92 23.65 20.04 -26.03
CA TYR D 92 22.80 21.20 -25.75
C TYR D 92 23.61 22.49 -25.81
N LEU D 93 24.83 22.47 -25.29
CA LEU D 93 25.69 23.65 -25.32
C LEU D 93 26.33 23.84 -26.69
N ASN D 94 26.68 22.75 -27.37
CA ASN D 94 27.31 22.86 -28.68
C ASN D 94 26.36 23.49 -29.71
N SER D 95 25.08 23.09 -29.67
CA SER D 95 24.13 23.65 -30.61
C SER D 95 23.90 25.13 -30.37
N ILE D 96 23.91 25.55 -29.10
CA ILE D 96 23.73 26.96 -28.78
C ILE D 96 24.96 27.77 -29.20
N LEU D 97 26.16 27.23 -28.94
CA LEU D 97 27.38 27.96 -29.24
C LEU D 97 27.54 28.18 -30.75
N GLN D 98 27.19 27.17 -31.56
CA GLN D 98 27.30 27.32 -33.00
C GLN D 98 26.31 28.35 -33.53
N VAL D 99 25.12 28.42 -32.94
CA VAL D 99 24.16 29.45 -33.32
C VAL D 99 24.65 30.83 -32.89
N LEU D 100 25.14 30.92 -31.65
CA LEU D 100 25.64 32.21 -31.16
C LEU D 100 26.87 32.66 -31.94
N TYR D 101 27.73 31.73 -32.33
CA TYR D 101 28.92 32.10 -33.09
C TYR D 101 28.55 32.73 -34.43
N PHE D 102 27.57 32.16 -35.12
CA PHE D 102 27.13 32.67 -36.40
C PHE D 102 26.07 33.76 -36.29
N CYS D 103 25.66 34.10 -35.07
CA CYS D 103 24.68 35.16 -34.90
C CYS D 103 25.29 36.50 -35.32
N PRO D 104 24.59 37.30 -36.12
CA PRO D 104 25.19 38.55 -36.62
C PRO D 104 25.42 39.55 -35.50
N GLY D 105 26.68 39.91 -35.29
CA GLY D 105 27.06 40.90 -34.31
C GLY D 105 27.40 40.35 -32.94
N PHE D 106 27.18 39.06 -32.70
CA PHE D 106 27.48 38.49 -31.39
C PHE D 106 28.98 38.38 -31.15
N LYS D 107 29.71 37.91 -32.16
CA LYS D 107 31.17 37.83 -32.05
C LYS D 107 31.77 39.22 -31.90
N SER D 108 31.26 40.18 -32.66
CA SER D 108 31.74 41.56 -32.57
C SER D 108 31.51 42.13 -31.18
N GLY D 109 30.33 41.86 -30.62
CA GLY D 109 30.00 42.39 -29.30
C GLY D 109 30.88 41.81 -28.21
N VAL D 110 31.07 40.49 -28.22
CA VAL D 110 31.85 39.84 -27.17
C VAL D 110 33.30 40.32 -27.21
N LYS D 111 33.83 40.54 -28.42
CA LYS D 111 35.17 41.09 -28.56
C LYS D 111 35.26 42.47 -27.91
N HIS D 112 34.24 43.31 -28.12
CA HIS D 112 34.23 44.65 -27.56
C HIS D 112 34.21 44.63 -26.03
N LEU D 113 33.39 43.74 -25.46
CA LEU D 113 33.36 43.61 -24.01
C LEU D 113 34.69 43.11 -23.47
N PHE D 114 35.32 42.18 -24.17
CA PHE D 114 36.61 41.67 -23.72
C PHE D 114 37.67 42.76 -23.70
N ASN D 115 37.64 43.63 -24.71
CA ASN D 115 38.57 44.75 -24.76
C ASN D 115 38.40 45.66 -23.55
N ILE D 116 37.14 45.94 -23.20
CA ILE D 116 36.87 46.79 -22.03
C ILE D 116 37.35 46.11 -20.76
N ILE D 117 37.06 44.83 -20.61
CA ILE D 117 37.46 44.10 -19.41
C ILE D 117 38.99 43.99 -19.32
N SER D 118 39.64 43.67 -20.44
CA SER D 118 41.09 43.53 -20.42
C SER D 118 41.78 44.85 -20.09
N ARG D 119 41.32 45.95 -20.69
CA ARG D 119 41.87 47.26 -20.35
C ARG D 119 41.54 47.64 -18.91
N LYS D 120 40.33 47.29 -18.45
CA LYS D 120 39.97 47.57 -17.06
C LYS D 120 40.84 46.77 -16.10
N LYS D 121 41.11 45.51 -16.42
CA LYS D 121 41.96 44.69 -15.56
C LYS D 121 43.40 45.21 -15.56
N GLU D 122 43.92 45.62 -16.71
CA GLU D 122 45.28 46.12 -16.79
C GLU D 122 45.44 47.50 -16.18
N ALA D 123 44.34 48.22 -15.98
CA ALA D 123 44.39 49.55 -15.39
C ALA D 123 44.48 49.47 -13.86
N SER D 143 33.46 37.12 -12.08
CA SER D 143 32.25 37.70 -12.67
C SER D 143 32.44 37.96 -14.16
N TYR D 144 33.66 38.30 -14.55
CA TYR D 144 33.99 38.55 -15.95
C TYR D 144 34.45 37.30 -16.67
N GLU D 145 34.42 36.14 -16.02
CA GLU D 145 34.97 34.92 -16.60
C GLU D 145 34.19 34.48 -17.83
N LEU D 146 32.86 34.60 -17.81
CA LEU D 146 32.06 34.13 -18.94
C LEU D 146 32.39 34.90 -20.20
N ILE D 147 32.59 36.21 -20.09
CA ILE D 147 33.01 37.00 -21.24
C ILE D 147 34.38 36.54 -21.72
N CYS D 148 35.29 36.28 -20.78
CA CYS D 148 36.61 35.77 -21.15
C CYS D 148 36.51 34.39 -21.78
N SER D 149 35.68 33.51 -21.23
CA SER D 149 35.53 32.17 -21.79
C SER D 149 34.94 32.22 -23.19
N LEU D 150 33.96 33.08 -23.41
CA LEU D 150 33.40 33.24 -24.76
C LEU D 150 34.45 33.74 -25.73
N GLN D 151 35.29 34.68 -25.31
CA GLN D 151 36.32 35.20 -26.19
C GLN D 151 37.31 34.11 -26.58
N SER D 152 37.72 33.27 -25.62
CA SER D 152 38.67 32.21 -25.90
C SER D 152 38.12 31.22 -26.92
N LEU D 153 36.84 30.87 -26.77
CA LEU D 153 36.22 29.93 -27.71
C LEU D 153 36.12 30.52 -29.10
N ILE D 154 35.74 31.80 -29.20
CA ILE D 154 35.62 32.44 -30.50
C ILE D 154 36.97 32.51 -31.21
N ILE D 155 38.02 32.87 -30.47
CA ILE D 155 39.36 32.90 -31.04
C ILE D 155 39.78 31.51 -31.48
N SER D 156 39.52 30.51 -30.63
CA SER D 156 39.92 29.14 -30.94
C SER D 156 39.25 28.65 -32.22
N VAL D 157 37.95 28.91 -32.37
CA VAL D 157 37.25 28.54 -33.59
C VAL D 157 37.85 29.28 -34.79
N GLU D 158 38.26 30.54 -34.57
CA GLU D 158 38.77 31.36 -35.66
C GLU D 158 40.12 30.85 -36.15
N GLN D 159 40.99 30.42 -35.23
CA GLN D 159 42.34 30.01 -35.61
C GLN D 159 42.35 28.69 -36.35
N LEU D 160 41.61 27.69 -35.84
CA LEU D 160 41.52 26.41 -36.53
C LEU D 160 40.90 26.56 -37.92
N GLN D 161 39.93 27.47 -38.06
CA GLN D 161 39.39 27.76 -39.37
C GLN D 161 40.46 28.36 -40.28
N ALA D 162 41.30 29.23 -39.73
CA ALA D 162 42.38 29.86 -40.47
C ALA D 162 43.43 28.83 -40.88
N SER D 163 43.83 27.97 -39.93
CA SER D 163 44.87 26.98 -40.21
C SER D 163 44.43 25.97 -41.27
N PHE D 164 43.16 25.57 -41.22
CA PHE D 164 42.65 24.61 -42.21
C PHE D 164 42.74 25.16 -43.62
N LEU D 165 42.44 26.45 -43.78
CA LEU D 165 42.52 27.06 -45.10
C LEU D 165 43.96 27.08 -45.63
N LEU D 166 44.92 27.40 -44.77
CA LEU D 166 46.31 27.43 -45.19
C LEU D 166 46.85 26.04 -45.49
N ASN D 167 46.64 25.10 -44.54
CA ASN D 167 47.17 23.74 -44.65
C ASN D 167 46.05 22.74 -44.41
N PRO D 168 45.23 22.46 -45.42
CA PRO D 168 44.15 21.48 -45.25
C PRO D 168 44.64 20.05 -45.02
N GLU D 169 45.89 19.75 -45.34
CA GLU D 169 46.43 18.41 -45.17
C GLU D 169 46.69 18.06 -43.71
N LYS D 170 46.68 19.03 -42.81
CA LYS D 170 46.96 18.78 -41.40
C LYS D 170 45.81 18.08 -40.69
N TYR D 171 44.60 18.15 -41.25
CA TYR D 171 43.41 17.59 -40.63
C TYR D 171 42.78 16.58 -41.57
N THR D 172 42.48 15.38 -41.06
CA THR D 172 41.98 14.29 -41.88
C THR D 172 40.56 13.88 -41.50
N ASP D 173 40.32 13.54 -40.24
CA ASP D 173 39.02 13.02 -39.84
C ASP D 173 38.01 14.13 -39.62
N GLU D 174 38.29 15.06 -38.71
CA GLU D 174 37.33 16.09 -38.36
C GLU D 174 38.05 17.30 -37.80
N LEU D 175 37.47 18.47 -38.02
CA LEU D 175 38.00 19.74 -37.54
C LEU D 175 37.05 20.27 -36.47
N ALA D 176 37.52 20.29 -35.22
CA ALA D 176 36.69 20.69 -34.10
C ALA D 176 37.58 21.13 -32.95
N THR D 177 36.94 21.78 -31.96
CA THR D 177 37.61 22.22 -30.75
C THR D 177 36.71 21.91 -29.56
N GLN D 178 37.25 22.08 -28.36
CA GLN D 178 36.55 21.74 -27.14
C GLN D 178 36.24 23.00 -26.33
N PRO D 179 34.97 23.25 -25.98
CA PRO D 179 34.62 24.36 -25.10
C PRO D 179 34.77 24.02 -23.63
N ARG D 180 35.90 23.43 -23.26
CA ARG D 180 36.11 22.99 -21.88
C ARG D 180 36.14 24.17 -20.92
N ARG D 181 36.80 25.26 -21.30
CA ARG D 181 36.87 26.42 -20.42
C ARG D 181 35.50 27.08 -20.26
N LEU D 182 34.76 27.21 -21.36
CA LEU D 182 33.44 27.82 -21.30
C LEU D 182 32.48 26.97 -20.49
N LEU D 183 32.55 25.64 -20.65
CA LEU D 183 31.71 24.75 -19.87
C LEU D 183 32.02 24.87 -18.39
N ASN D 184 33.30 24.99 -18.04
CA ASN D 184 33.69 25.09 -16.63
C ASN D 184 33.14 26.38 -16.00
N THR D 185 33.12 27.47 -16.76
CA THR D 185 32.55 28.72 -16.25
C THR D 185 31.07 28.56 -15.94
N LEU D 186 30.35 27.83 -16.79
CA LEU D 186 28.93 27.61 -16.56
C LEU D 186 28.69 26.83 -15.28
N ARG D 187 29.61 25.94 -14.93
CA ARG D 187 29.46 25.17 -13.69
C ARG D 187 29.58 26.06 -12.47
N GLU D 188 30.41 27.10 -12.53
CA GLU D 188 30.51 28.04 -11.42
C GLU D 188 29.26 28.92 -11.34
N LEU D 189 28.81 29.43 -12.48
CA LEU D 189 27.64 30.31 -12.51
C LEU D 189 26.38 29.55 -12.13
N ASN D 190 26.19 28.36 -12.69
CA ASN D 190 25.00 27.56 -12.42
C ASN D 190 25.43 26.16 -12.00
N PRO D 191 25.13 25.74 -10.77
CA PRO D 191 25.59 24.42 -10.32
C PRO D 191 24.97 23.25 -11.06
N MET D 192 23.86 23.44 -11.79
CA MET D 192 23.23 22.29 -12.44
C MET D 192 24.12 21.71 -13.53
N TYR D 193 25.04 22.50 -14.08
CA TYR D 193 25.89 22.04 -15.16
C TYR D 193 27.07 21.20 -14.67
N GLU D 194 27.28 21.09 -13.36
CA GLU D 194 28.30 20.19 -12.84
C GLU D 194 27.89 18.75 -13.06
N GLY D 195 28.79 17.98 -13.68
CA GLY D 195 28.50 16.61 -14.03
C GLY D 195 28.52 16.41 -15.54
N TYR D 196 27.81 15.38 -15.99
CA TYR D 196 27.71 15.07 -17.41
C TYR D 196 26.28 14.66 -17.75
N LEU D 197 25.31 15.42 -17.25
CA LEU D 197 23.90 15.18 -17.51
C LEU D 197 23.44 15.93 -18.76
N GLN D 198 22.19 15.71 -19.11
CA GLN D 198 21.58 16.32 -20.29
C GLN D 198 20.72 17.49 -19.88
N HIS D 199 20.80 18.58 -20.65
CA HIS D 199 20.20 19.85 -20.25
C HIS D 199 19.45 20.46 -21.42
N ASP D 200 18.61 21.44 -21.10
CA ASP D 200 17.83 22.15 -22.10
C ASP D 200 18.70 23.16 -22.84
N ALA D 201 18.53 23.23 -24.16
CA ALA D 201 19.32 24.14 -24.97
C ALA D 201 18.86 25.58 -24.82
N GLN D 202 17.55 25.82 -24.69
CA GLN D 202 17.07 27.18 -24.47
C GLN D 202 17.51 27.70 -23.11
N GLU D 203 17.53 26.83 -22.10
CA GLU D 203 17.92 27.24 -20.76
C GLU D 203 19.37 27.69 -20.71
N VAL D 204 20.27 26.97 -21.39
CA VAL D 204 21.68 27.35 -21.36
C VAL D 204 21.90 28.62 -22.17
N LEU D 205 21.13 28.83 -23.23
CA LEU D 205 21.19 30.09 -23.97
C LEU D 205 20.72 31.24 -23.09
N GLN D 206 19.68 31.01 -22.30
CA GLN D 206 19.19 32.03 -21.38
C GLN D 206 20.23 32.35 -20.31
N CYS D 207 20.91 31.33 -19.79
CA CYS D 207 21.94 31.56 -18.79
C CYS D 207 23.11 32.34 -19.37
N ILE D 208 23.50 32.03 -20.60
CA ILE D 208 24.62 32.72 -21.23
C ILE D 208 24.26 34.18 -21.51
N LEU D 209 23.07 34.41 -22.08
CA LEU D 209 22.66 35.77 -22.41
C LEU D 209 22.34 36.57 -21.15
N GLY D 210 21.79 35.91 -20.13
CA GLY D 210 21.48 36.61 -18.90
C GLY D 210 22.71 37.14 -18.19
N ASN D 211 23.78 36.34 -18.15
CA ASN D 211 25.00 36.76 -17.47
C ASN D 211 25.78 37.77 -18.29
N ILE D 212 25.65 37.75 -19.62
CA ILE D 212 26.29 38.77 -20.45
C ILE D 212 25.70 40.14 -20.12
N GLN D 213 24.38 40.22 -19.98
CA GLN D 213 23.73 41.49 -19.65
C GLN D 213 24.11 41.96 -18.26
N GLU D 214 24.26 41.03 -17.31
CA GLU D 214 24.70 41.43 -15.97
C GLU D 214 26.10 42.04 -16.00
N THR D 215 27.00 41.42 -16.77
CA THR D 215 28.34 41.98 -16.91
C THR D 215 28.31 43.34 -17.59
N CYS D 216 27.45 43.49 -18.61
CA CYS D 216 27.30 44.79 -19.27
C CYS D 216 26.80 45.85 -18.29
N GLN D 217 25.81 45.49 -17.47
CA GLN D 217 25.26 46.44 -16.51
C GLN D 217 26.30 46.84 -15.47
N LEU D 218 27.05 45.88 -14.95
CA LEU D 218 28.08 46.19 -13.97
C LEU D 218 29.18 47.06 -14.58
N LEU D 219 29.60 46.74 -15.80
CA LEU D 219 30.63 47.54 -16.46
C LEU D 219 30.12 48.95 -16.75
N LYS D 220 28.88 49.06 -17.22
CA LYS D 220 28.30 50.38 -17.48
C LYS D 220 28.11 51.15 -16.18
N LYS D 221 27.77 50.45 -15.09
CA LYS D 221 27.68 51.11 -13.79
C LYS D 221 29.02 51.66 -13.35
N GLU D 222 30.10 50.89 -13.55
CA GLU D 222 31.43 51.37 -13.23
C GLU D 222 31.82 52.55 -14.11
N GLU D 223 31.47 52.49 -15.38
CA GLU D 223 31.76 53.57 -16.31
C GLU D 223 30.81 54.74 -16.13
N GLY D 423 27.34 49.24 -28.26
CA GLY D 423 28.55 48.85 -27.58
C GLY D 423 28.30 48.09 -26.29
N PHE D 424 27.89 48.83 -25.24
CA PHE D 424 27.59 48.23 -23.95
C PHE D 424 26.25 47.51 -23.93
N GLU D 425 25.38 47.78 -24.90
CA GLU D 425 24.04 47.21 -24.93
C GLU D 425 24.02 45.98 -25.83
N LEU D 426 24.79 44.94 -25.47
CA LEU D 426 24.95 43.81 -26.37
C LEU D 426 23.65 43.02 -26.50
N VAL D 427 23.12 42.51 -25.39
CA VAL D 427 21.93 41.66 -25.46
C VAL D 427 20.71 42.47 -25.84
N GLU D 428 20.60 43.69 -25.29
CA GLU D 428 19.39 44.48 -25.47
C GLU D 428 19.14 44.84 -26.93
N LYS D 429 20.19 45.25 -27.64
CA LYS D 429 20.01 45.57 -29.06
C LYS D 429 19.84 44.31 -29.91
N LEU D 430 20.37 43.18 -29.45
CA LEU D 430 20.37 41.97 -30.25
C LEU D 430 19.14 41.11 -30.03
N PHE D 431 18.88 40.72 -28.78
CA PHE D 431 17.88 39.70 -28.49
C PHE D 431 16.67 40.21 -27.69
N GLN D 432 16.70 41.42 -27.17
CA GLN D 432 15.66 41.89 -26.26
C GLN D 432 14.70 42.83 -26.97
N GLY D 433 13.40 42.57 -26.81
CA GLY D 433 12.36 43.43 -27.33
C GLY D 433 11.39 43.82 -26.24
N GLN D 434 10.33 44.53 -26.66
CA GLN D 434 9.32 45.04 -25.76
C GLN D 434 7.96 44.48 -26.14
N LEU D 435 7.21 44.02 -25.14
CA LEU D 435 5.85 43.54 -25.33
C LEU D 435 4.85 44.50 -24.68
N VAL D 436 3.70 44.64 -25.32
CA VAL D 436 2.57 45.37 -24.75
C VAL D 436 1.43 44.37 -24.56
N LEU D 437 1.06 44.12 -23.31
CA LEU D 437 0.02 43.17 -22.98
C LEU D 437 -1.21 43.94 -22.55
N ARG D 438 -2.29 43.81 -23.30
CA ARG D 438 -3.53 44.56 -23.06
C ARG D 438 -4.60 43.62 -22.54
N THR D 439 -5.28 44.02 -21.48
CA THR D 439 -6.45 43.33 -20.97
C THR D 439 -7.68 44.21 -21.18
N ARG D 440 -8.75 43.62 -21.68
CA ARG D 440 -10.01 44.32 -21.92
C ARG D 440 -11.11 43.60 -21.15
N CYS D 441 -11.54 44.19 -20.05
CA CYS D 441 -12.68 43.66 -19.32
C CYS D 441 -13.92 43.66 -20.21
N LEU D 442 -14.65 42.56 -20.20
CA LEU D 442 -15.84 42.47 -21.04
C LEU D 442 -17.07 43.07 -20.37
N GLU D 443 -16.99 43.43 -19.09
CA GLU D 443 -18.09 44.13 -18.44
C GLU D 443 -18.02 45.63 -18.71
N CYS D 444 -16.95 46.28 -18.26
CA CYS D 444 -16.84 47.73 -18.37
C CYS D 444 -16.15 48.18 -19.64
N GLU D 445 -15.47 47.27 -20.34
CA GLU D 445 -14.73 47.56 -21.57
C GLU D 445 -13.60 48.56 -21.33
N SER D 446 -13.02 48.56 -20.13
CA SER D 446 -11.85 49.37 -19.84
C SER D 446 -10.58 48.60 -20.19
N LEU D 447 -9.57 49.33 -20.66
CA LEU D 447 -8.32 48.74 -21.11
C LEU D 447 -7.23 48.98 -20.08
N THR D 448 -6.50 47.92 -19.73
CA THR D 448 -5.31 48.01 -18.91
C THR D 448 -4.14 47.41 -19.69
N GLU D 449 -2.97 48.02 -19.54
CA GLU D 449 -1.79 47.63 -20.31
C GLU D 449 -0.63 47.35 -19.37
N ARG D 450 0.27 46.50 -19.85
CA ARG D 450 1.52 46.20 -19.17
C ARG D 450 2.65 46.26 -20.18
N ARG D 451 3.84 46.59 -19.68
CA ARG D 451 5.07 46.57 -20.47
C ARG D 451 5.99 45.50 -19.91
N GLU D 452 6.41 44.56 -20.77
CA GLU D 452 7.32 43.51 -20.36
C GLU D 452 8.33 43.27 -21.46
N ASP D 453 9.60 43.11 -21.06
CA ASP D 453 10.64 42.75 -22.01
C ASP D 453 10.52 41.27 -22.38
N PHE D 454 11.19 40.90 -23.47
CA PHE D 454 11.26 39.51 -23.86
C PHE D 454 12.51 39.28 -24.69
N GLN D 455 13.07 38.09 -24.56
CA GLN D 455 14.19 37.66 -25.39
C GLN D 455 13.81 36.59 -26.40
N ASP D 456 12.86 35.72 -26.06
CA ASP D 456 12.36 34.71 -26.96
C ASP D 456 10.85 34.71 -26.93
N ILE D 457 10.24 34.29 -28.03
CA ILE D 457 8.79 34.19 -28.17
C ILE D 457 8.42 32.71 -28.06
N SER D 458 7.85 32.32 -26.93
CA SER D 458 7.45 30.93 -26.70
C SER D 458 6.06 30.72 -27.25
N VAL D 459 5.93 29.83 -28.23
CA VAL D 459 4.65 29.63 -28.91
C VAL D 459 4.28 28.15 -28.89
N PRO D 460 3.01 27.81 -28.90
CA PRO D 460 2.62 26.40 -28.97
C PRO D 460 2.76 25.83 -30.37
N VAL D 461 2.86 24.50 -30.42
CA VAL D 461 2.92 23.79 -31.69
C VAL D 461 1.70 22.93 -31.94
N GLN D 462 0.81 22.76 -30.96
CA GLN D 462 -0.32 21.85 -31.06
C GLN D 462 -1.56 22.50 -30.47
N GLU D 463 -2.71 21.93 -30.78
CA GLU D 463 -3.99 22.40 -30.28
C GLU D 463 -4.46 21.56 -29.09
N ASP D 464 -4.88 22.25 -28.03
CA ASP D 464 -5.47 21.60 -26.87
C ASP D 464 -6.16 22.63 -25.98
N MET D 483 -2.14 21.10 -41.83
CA MET D 483 -1.02 21.37 -40.95
C MET D 483 -1.06 22.79 -40.41
N LYS D 484 -0.37 23.02 -39.30
CA LYS D 484 -0.28 24.33 -38.68
C LYS D 484 1.05 25.00 -39.02
N THR D 485 1.01 26.31 -39.16
CA THR D 485 2.17 27.09 -39.58
C THR D 485 2.68 27.91 -38.41
N LEU D 486 3.80 28.61 -38.64
CA LEU D 486 4.32 29.52 -37.62
C LEU D 486 3.37 30.70 -37.41
N ARG D 487 2.62 31.08 -38.44
CA ARG D 487 1.62 32.13 -38.28
C ARG D 487 0.57 31.75 -37.25
N TRP D 488 0.11 30.48 -37.29
CA TRP D 488 -0.87 30.03 -36.31
C TRP D 488 -0.30 30.03 -34.91
N ALA D 489 0.98 29.66 -34.76
CA ALA D 489 1.59 29.61 -33.44
C ALA D 489 1.69 30.98 -32.80
N ILE D 490 2.10 31.99 -33.58
CA ILE D 490 2.16 33.35 -33.05
C ILE D 490 0.77 33.92 -32.83
N SER D 491 -0.22 33.50 -33.62
CA SER D 491 -1.60 33.88 -33.34
C SER D 491 -2.04 33.35 -31.98
N GLN D 492 -1.72 32.08 -31.68
CA GLN D 492 -2.04 31.54 -30.36
C GLN D 492 -1.25 32.23 -29.26
N PHE D 493 -0.23 33.01 -29.62
CA PHE D 493 0.56 33.72 -28.63
C PHE D 493 0.05 35.15 -28.45
N ALA D 494 -0.11 35.90 -29.55
CA ALA D 494 -0.33 37.33 -29.47
C ALA D 494 -1.71 37.80 -29.94
N SER D 495 -2.48 36.95 -30.59
CA SER D 495 -3.83 37.34 -30.95
C SER D 495 -4.75 37.34 -29.73
N VAL D 496 -5.92 37.94 -29.89
CA VAL D 496 -6.82 38.16 -28.76
C VAL D 496 -7.34 36.82 -28.25
N GLU D 497 -7.28 36.63 -26.93
CA GLU D 497 -7.77 35.45 -26.27
C GLU D 497 -8.74 35.84 -25.17
N ARG D 498 -9.81 35.08 -25.03
CA ARG D 498 -10.82 35.31 -24.01
C ARG D 498 -10.54 34.39 -22.83
N ILE D 499 -10.30 34.98 -21.65
CA ILE D 499 -10.13 34.22 -20.42
C ILE D 499 -11.47 34.22 -19.69
N VAL D 500 -12.06 33.04 -19.52
CA VAL D 500 -13.42 32.89 -19.01
C VAL D 500 -13.41 31.79 -17.95
N GLY D 501 -14.58 31.60 -17.34
CA GLY D 501 -14.80 30.49 -16.44
C GLY D 501 -13.95 30.52 -15.18
N GLU D 502 -13.03 29.55 -15.07
CA GLU D 502 -12.16 29.45 -13.90
C GLU D 502 -11.03 30.47 -13.93
N ASP D 503 -10.82 31.16 -15.05
CA ASP D 503 -9.71 32.08 -15.20
C ASP D 503 -10.22 33.49 -15.50
N LYS D 504 -11.23 33.93 -14.76
CA LYS D 504 -11.79 35.25 -14.97
C LYS D 504 -10.83 36.33 -14.46
N TYR D 505 -10.80 37.44 -15.17
CA TYR D 505 -9.96 38.57 -14.80
C TYR D 505 -10.63 39.39 -13.71
N PHE D 506 -9.85 39.78 -12.70
CA PHE D 506 -10.38 40.63 -11.63
C PHE D 506 -10.24 42.08 -12.05
N CYS D 507 -11.33 42.68 -12.48
CA CYS D 507 -11.35 44.09 -12.84
C CYS D 507 -11.41 44.93 -11.58
N GLU D 508 -10.45 45.84 -11.41
CA GLU D 508 -10.48 46.76 -10.29
C GLU D 508 -11.42 47.94 -10.53
N ASN D 509 -11.84 48.16 -11.77
CA ASN D 509 -12.86 49.15 -12.05
C ASN D 509 -14.26 48.63 -11.70
N CYS D 510 -14.50 47.34 -11.90
CA CYS D 510 -15.75 46.71 -11.50
C CYS D 510 -15.69 46.15 -10.10
N HIS D 511 -14.49 46.00 -9.52
CA HIS D 511 -14.31 45.35 -8.22
C HIS D 511 -14.95 43.97 -8.22
N HIS D 512 -14.81 43.27 -9.34
CA HIS D 512 -15.51 42.01 -9.54
C HIS D 512 -14.69 41.13 -10.47
N TYR D 513 -14.98 39.82 -10.44
CA TYR D 513 -14.39 38.89 -11.38
C TYR D 513 -15.19 38.91 -12.66
N THR D 514 -14.52 39.23 -13.77
CA THR D 514 -15.18 39.39 -15.06
C THR D 514 -14.41 38.65 -16.13
N GLU D 515 -15.09 38.35 -17.23
CA GLU D 515 -14.42 37.83 -18.41
C GLU D 515 -13.67 38.96 -19.11
N ALA D 516 -12.53 38.63 -19.68
CA ALA D 516 -11.70 39.64 -20.32
C ALA D 516 -11.04 39.08 -21.57
N GLU D 517 -10.59 39.98 -22.43
CA GLU D 517 -9.83 39.65 -23.63
C GLU D 517 -8.39 40.10 -23.43
N ARG D 518 -7.44 39.21 -23.71
CA ARG D 518 -6.03 39.50 -23.59
C ARG D 518 -5.38 39.42 -24.96
N SER D 519 -4.60 40.45 -25.30
CA SER D 519 -3.87 40.50 -26.55
C SER D 519 -2.48 41.04 -26.29
N LEU D 520 -1.49 40.48 -26.98
CA LEU D 520 -0.10 40.89 -26.85
C LEU D 520 0.33 41.58 -28.14
N LEU D 521 1.13 42.63 -28.00
CA LEU D 521 1.59 43.40 -29.15
C LEU D 521 3.09 43.65 -29.04
N PHE D 522 3.76 43.64 -30.18
CA PHE D 522 5.20 43.87 -30.25
C PHE D 522 5.45 45.37 -30.37
N ASP D 523 6.07 45.96 -29.35
CA ASP D 523 6.35 47.38 -29.36
C ASP D 523 7.74 47.66 -29.91
N LYS D 524 8.76 47.13 -29.25
CA LYS D 524 10.13 47.28 -29.72
C LYS D 524 10.66 45.94 -30.21
N MET D 525 11.27 45.96 -31.39
CA MET D 525 11.77 44.72 -31.98
C MET D 525 13.28 44.66 -31.88
N PRO D 526 13.84 43.50 -31.57
CA PRO D 526 15.29 43.34 -31.53
C PRO D 526 15.85 43.00 -32.91
N GLU D 527 17.17 42.87 -32.96
CA GLU D 527 17.83 42.47 -34.20
C GLU D 527 17.61 40.99 -34.50
N VAL D 528 17.49 40.15 -33.47
CA VAL D 528 17.32 38.72 -33.63
C VAL D 528 16.03 38.31 -32.94
N ILE D 529 15.14 37.67 -33.69
CA ILE D 529 13.88 37.15 -33.17
C ILE D 529 14.09 35.67 -32.89
N THR D 530 14.09 35.30 -31.60
CA THR D 530 14.20 33.91 -31.20
C THR D 530 12.81 33.37 -30.89
N ILE D 531 12.47 32.25 -31.51
CA ILE D 531 11.18 31.60 -31.32
C ILE D 531 11.42 30.29 -30.60
N HIS D 532 10.87 30.17 -29.39
CA HIS D 532 10.97 28.96 -28.59
C HIS D 532 9.73 28.12 -28.83
N LEU D 533 9.91 26.94 -29.43
CA LEU D 533 8.80 26.09 -29.78
C LEU D 533 8.50 25.12 -28.64
N LYS D 534 7.29 25.18 -28.11
CA LYS D 534 6.86 24.28 -27.04
C LYS D 534 6.50 22.93 -27.63
N CYS D 535 7.52 22.22 -28.12
CA CYS D 535 7.34 20.90 -28.72
C CYS D 535 7.26 19.82 -27.64
N PHE D 536 6.32 20.01 -26.73
CA PHE D 536 6.11 19.18 -25.56
C PHE D 536 4.78 19.54 -24.92
N ALA D 537 4.10 18.52 -24.41
CA ALA D 537 2.74 18.63 -23.91
C ALA D 537 2.60 17.92 -22.58
N ALA D 538 1.47 18.15 -21.93
CA ALA D 538 1.15 17.54 -20.64
C ALA D 538 -0.26 17.00 -20.69
N SER D 539 -0.53 15.99 -19.85
CA SER D 539 -1.86 15.40 -19.78
C SER D 539 -2.48 15.60 -18.41
N GLY D 549 3.22 12.29 -17.18
CA GLY D 549 2.30 12.64 -18.24
C GLY D 549 2.93 13.51 -19.31
N LEU D 550 4.12 14.02 -19.03
CA LEU D 550 4.81 14.88 -19.98
C LEU D 550 5.31 14.07 -21.17
N SER D 551 5.06 14.57 -22.38
CA SER D 551 5.46 13.89 -23.60
C SER D 551 6.01 14.92 -24.56
N LYS D 552 6.59 14.43 -25.65
CA LYS D 552 7.18 15.27 -26.68
C LYS D 552 6.31 15.24 -27.93
N ILE D 553 6.08 16.41 -28.51
CA ILE D 553 5.34 16.52 -29.76
C ILE D 553 6.36 16.50 -30.90
N ASN D 554 6.29 15.45 -31.71
CA ASN D 554 7.24 15.26 -32.80
C ASN D 554 6.79 15.88 -34.12
N THR D 555 5.57 16.41 -34.18
CA THR D 555 5.08 17.04 -35.40
C THR D 555 5.45 18.51 -35.40
N PRO D 556 6.24 18.97 -36.35
CA PRO D 556 6.64 20.39 -36.38
C PRO D 556 5.55 21.24 -37.03
N LEU D 557 5.80 22.55 -37.01
CA LEU D 557 4.97 23.50 -37.76
C LEU D 557 5.56 23.67 -39.16
N LEU D 558 4.90 24.50 -39.97
CA LEU D 558 5.43 24.86 -41.28
C LEU D 558 6.27 26.12 -41.11
N THR D 559 7.56 25.92 -40.89
CA THR D 559 8.47 27.04 -40.62
C THR D 559 8.80 27.77 -41.91
N PRO D 560 8.53 29.07 -42.00
CA PRO D 560 8.88 29.83 -43.19
C PRO D 560 10.25 30.48 -43.09
N LEU D 561 10.85 30.72 -44.26
CA LEU D 561 12.12 31.44 -44.31
C LEU D 561 11.92 32.93 -44.08
N LYS D 562 10.74 33.46 -44.40
CA LYS D 562 10.44 34.87 -44.25
C LYS D 562 9.36 35.03 -43.20
N LEU D 563 9.60 35.92 -42.23
CA LEU D 563 8.67 36.15 -41.14
C LEU D 563 8.41 37.64 -40.98
N SER D 564 7.14 38.02 -40.91
CA SER D 564 6.74 39.40 -40.66
C SER D 564 5.87 39.44 -39.43
N LEU D 565 6.29 40.21 -38.43
CA LEU D 565 5.53 40.38 -37.19
C LEU D 565 4.66 41.63 -37.22
N GLU D 566 4.31 42.14 -38.41
CA GLU D 566 3.50 43.34 -38.51
C GLU D 566 2.09 43.13 -38.01
N GLU D 567 1.55 41.92 -38.18
CA GLU D 567 0.17 41.64 -37.79
C GLU D 567 -0.03 41.85 -36.29
N TRP D 568 1.03 41.66 -35.49
CA TRP D 568 0.90 41.71 -34.04
C TRP D 568 1.70 42.88 -33.45
N SER D 569 1.93 43.93 -34.23
CA SER D 569 2.74 45.05 -33.78
C SER D 569 1.88 46.27 -33.49
N THR D 570 2.32 47.08 -32.54
CA THR D 570 1.58 48.28 -32.17
C THR D 570 1.51 49.28 -33.32
N LYS D 571 2.50 49.28 -34.19
CA LYS D 571 2.61 50.19 -35.32
C LYS D 571 2.80 49.40 -36.59
N PRO D 572 2.37 49.95 -37.74
CA PRO D 572 2.60 49.25 -39.01
C PRO D 572 4.05 49.36 -39.45
N THR D 573 4.66 48.22 -39.72
CA THR D 573 6.08 48.16 -40.07
C THR D 573 6.26 47.41 -41.38
N ASN D 574 7.29 47.80 -42.13
CA ASN D 574 7.69 47.11 -43.34
C ASN D 574 8.90 46.23 -43.12
N ASP D 575 9.29 45.99 -41.87
CA ASP D 575 10.49 45.24 -41.55
C ASP D 575 10.15 43.75 -41.44
N SER D 576 10.79 42.95 -42.29
CA SER D 576 10.64 41.50 -42.27
C SER D 576 11.91 40.85 -41.76
N TYR D 577 11.79 39.61 -41.33
CA TYR D 577 12.90 38.87 -40.75
C TYR D 577 13.17 37.61 -41.55
N GLY D 578 14.44 37.23 -41.66
CA GLY D 578 14.86 36.07 -42.41
C GLY D 578 15.48 35.02 -41.49
N LEU D 579 15.06 33.78 -41.69
CA LEU D 579 15.54 32.68 -40.85
C LEU D 579 17.01 32.39 -41.15
N PHE D 580 17.81 32.21 -40.10
CA PHE D 580 19.23 31.93 -40.28
C PHE D 580 19.77 30.85 -39.36
N ALA D 581 18.97 30.30 -38.44
CA ALA D 581 19.48 29.27 -37.55
C ALA D 581 18.31 28.50 -36.96
N VAL D 582 18.46 27.18 -36.88
CA VAL D 582 17.48 26.29 -36.27
C VAL D 582 18.22 25.35 -35.32
N VAL D 583 17.73 25.23 -34.09
CA VAL D 583 18.23 24.27 -33.12
C VAL D 583 17.21 23.16 -33.01
N MET D 584 17.62 21.93 -33.33
CA MET D 584 16.73 20.79 -33.33
C MET D 584 17.03 19.87 -32.16
N HIS D 585 16.03 19.06 -31.81
CA HIS D 585 16.15 18.05 -30.78
C HIS D 585 15.74 16.71 -31.38
N SER D 586 16.58 15.70 -31.22
CA SER D 586 16.30 14.35 -31.69
C SER D 586 16.07 13.45 -30.49
N GLY D 587 14.93 12.77 -30.48
CA GLY D 587 14.56 11.92 -29.37
C GLY D 587 13.05 11.73 -29.30
N ILE D 588 12.60 10.64 -28.71
CA ILE D 588 11.16 10.39 -28.58
C ILE D 588 10.62 10.84 -27.23
N THR D 589 11.47 11.30 -26.32
CA THR D 589 11.05 11.81 -25.02
C THR D 589 11.65 13.19 -24.81
N ILE D 590 11.17 13.86 -23.77
CA ILE D 590 11.72 15.17 -23.41
C ILE D 590 12.85 15.06 -22.40
N SER D 591 12.99 13.94 -21.72
CA SER D 591 13.99 13.79 -20.67
C SER D 591 15.38 13.46 -21.20
N SER D 592 15.50 13.06 -22.46
CA SER D 592 16.80 12.76 -23.04
C SER D 592 16.70 12.90 -24.56
N GLY D 593 17.86 13.00 -25.19
CA GLY D 593 17.89 13.16 -26.63
C GLY D 593 19.21 13.75 -27.08
N HIS D 594 19.18 14.30 -28.29
CA HIS D 594 20.36 14.87 -28.92
C HIS D 594 19.99 16.22 -29.53
N TYR D 595 20.88 17.20 -29.40
CA TYR D 595 20.67 18.53 -29.92
C TYR D 595 21.60 18.78 -31.09
N THR D 596 21.04 19.27 -32.20
CA THR D 596 21.83 19.67 -33.36
C THR D 596 21.38 21.06 -33.80
N ALA D 597 22.28 21.76 -34.46
CA ALA D 597 22.02 23.11 -34.97
C ALA D 597 22.23 23.15 -36.47
N SER D 598 21.38 23.91 -37.15
CA SER D 598 21.48 24.12 -38.59
C SER D 598 21.51 25.62 -38.84
N VAL D 599 22.60 26.11 -39.40
CA VAL D 599 22.85 27.55 -39.52
C VAL D 599 23.09 27.90 -40.98
N LYS D 600 22.49 29.00 -41.42
CA LYS D 600 22.75 29.54 -42.76
C LYS D 600 23.99 30.42 -42.76
N VAL D 601 24.75 30.34 -43.84
CA VAL D 601 26.05 31.02 -43.95
C VAL D 601 25.83 32.38 -44.58
N THR D 602 26.27 33.43 -43.87
CA THR D 602 26.16 34.80 -44.38
C THR D 602 27.54 35.35 -44.71
N VAL D 738 39.62 32.69 -47.57
CA VAL D 738 38.63 33.76 -47.65
C VAL D 738 37.86 33.67 -48.96
N GLN D 739 38.59 33.52 -50.07
CA GLN D 739 37.94 33.36 -51.36
C GLN D 739 37.18 32.04 -51.46
N SER D 740 37.70 30.98 -50.82
CA SER D 740 37.06 29.68 -50.86
C SER D 740 35.84 29.58 -49.96
N LEU D 741 35.67 30.51 -49.01
CA LEU D 741 34.51 30.49 -48.12
C LEU D 741 33.25 30.99 -48.81
N LYS D 742 33.38 31.76 -49.90
CA LYS D 742 32.22 32.33 -50.56
C LYS D 742 31.43 31.32 -51.36
N GLU D 743 31.95 30.10 -51.54
CA GLU D 743 31.20 29.05 -52.22
C GLU D 743 30.12 28.43 -51.34
N TYR D 744 30.13 28.72 -50.04
CA TYR D 744 29.11 28.24 -49.12
C TYR D 744 28.07 29.29 -48.79
N GLU D 745 28.13 30.46 -49.41
CA GLU D 745 27.16 31.51 -49.15
C GLU D 745 25.77 31.07 -49.57
N GLY D 746 24.79 31.31 -48.71
CA GLY D 746 23.43 30.90 -48.98
C GLY D 746 23.15 29.44 -48.75
N LYS D 747 24.04 28.72 -48.08
CA LYS D 747 23.87 27.30 -47.79
C LYS D 747 23.76 27.10 -46.28
N TRP D 748 23.24 25.94 -45.91
CA TRP D 748 22.98 25.59 -44.52
C TRP D 748 23.97 24.54 -44.04
N LEU D 749 24.59 24.78 -42.89
CA LEU D 749 25.49 23.83 -42.27
C LEU D 749 24.79 23.16 -41.10
N LEU D 750 24.86 21.84 -41.04
CA LEU D 750 24.33 21.08 -39.92
C LEU D 750 25.48 20.74 -38.98
N PHE D 751 25.35 21.15 -37.72
CA PHE D 751 26.40 20.96 -36.71
C PHE D 751 25.97 19.81 -35.80
N ASP D 752 26.40 18.61 -36.13
CA ASP D 752 26.19 17.44 -35.29
C ASP D 752 27.49 17.23 -34.50
N ASP D 753 27.59 17.94 -33.37
CA ASP D 753 28.80 17.96 -32.56
C ASP D 753 30.01 18.36 -33.39
N SER D 754 30.92 17.42 -33.62
CA SER D 754 32.17 17.70 -34.32
C SER D 754 32.08 17.44 -35.83
N GLU D 755 30.92 17.03 -36.33
CA GLU D 755 30.74 16.77 -37.75
C GLU D 755 29.93 17.89 -38.38
N VAL D 756 30.42 18.45 -39.48
CA VAL D 756 29.77 19.55 -40.17
C VAL D 756 29.47 19.10 -41.59
N LYS D 757 28.19 19.17 -41.97
CA LYS D 757 27.75 18.88 -43.32
C LYS D 757 27.30 20.19 -43.98
N VAL D 758 26.81 20.08 -45.22
CA VAL D 758 26.29 21.24 -45.94
C VAL D 758 25.07 20.79 -46.72
N THR D 759 24.07 21.66 -46.80
CA THR D 759 22.80 21.33 -47.43
C THR D 759 22.31 22.53 -48.22
N GLU D 760 21.78 22.27 -49.41
CA GLU D 760 21.16 23.34 -50.19
C GLU D 760 19.88 23.81 -49.51
N GLU D 761 19.51 25.07 -49.78
CA GLU D 761 18.38 25.68 -49.10
C GLU D 761 17.09 24.93 -49.38
N LYS D 762 16.86 24.56 -50.64
CA LYS D 762 15.61 23.89 -50.98
C LYS D 762 15.52 22.52 -50.33
N ASP D 763 16.67 21.87 -50.12
CA ASP D 763 16.66 20.57 -49.45
C ASP D 763 16.47 20.72 -47.95
N PHE D 764 17.02 21.79 -47.36
CA PHE D 764 16.92 21.96 -45.92
C PHE D 764 15.48 22.28 -45.50
N LEU D 765 14.79 23.13 -46.24
CA LEU D 765 13.40 23.43 -45.91
C LEU D 765 12.51 22.21 -46.07
N ASN D 766 12.76 21.36 -47.07
CA ASN D 766 12.00 20.13 -47.19
C ASN D 766 12.24 19.21 -46.02
N SER D 767 13.45 19.23 -45.45
CA SER D 767 13.74 18.44 -44.27
C SER D 767 12.95 18.94 -43.06
N LEU D 768 12.64 20.24 -43.02
CA LEU D 768 11.82 20.80 -41.95
C LEU D 768 10.34 20.58 -42.14
N SER D 769 9.90 20.18 -43.34
CA SER D 769 8.48 20.09 -43.63
C SER D 769 7.85 18.94 -42.83
N PRO D 770 6.70 19.18 -42.20
CA PRO D 770 6.01 18.07 -41.52
C PRO D 770 5.54 16.96 -42.45
N SER D 771 5.41 17.25 -43.75
CA SER D 771 4.98 16.21 -44.69
C SER D 771 6.00 15.08 -44.75
N THR D 772 7.28 15.42 -44.82
CA THR D 772 8.36 14.45 -44.71
C THR D 772 8.80 14.43 -43.26
N SER D 773 8.16 13.56 -42.46
CA SER D 773 8.30 13.52 -41.02
C SER D 773 9.77 13.43 -40.60
N PRO D 774 10.32 14.48 -39.99
CA PRO D 774 11.72 14.45 -39.58
C PRO D 774 11.88 13.95 -38.16
N THR D 775 13.00 13.25 -37.93
CA THR D 775 13.32 12.77 -36.60
C THR D 775 13.90 13.87 -35.70
N SER D 776 14.40 14.94 -36.30
CA SER D 776 14.88 16.10 -35.54
C SER D 776 13.77 17.13 -35.46
N THR D 777 13.27 17.37 -34.26
CA THR D 777 12.18 18.32 -34.05
C THR D 777 12.76 19.72 -33.88
N PRO D 778 12.34 20.70 -34.67
CA PRO D 778 12.79 22.08 -34.43
C PRO D 778 12.38 22.55 -33.04
N TYR D 779 13.28 23.23 -32.38
CA TYR D 779 13.07 23.66 -31.01
C TYR D 779 13.30 25.16 -30.82
N LEU D 780 14.28 25.74 -31.52
CA LEU D 780 14.53 27.16 -31.48
C LEU D 780 14.72 27.65 -32.90
N LEU D 781 13.99 28.71 -33.27
CA LEU D 781 14.14 29.36 -34.55
C LEU D 781 14.70 30.75 -34.35
N PHE D 782 15.70 31.12 -35.14
CA PHE D 782 16.36 32.41 -35.05
C PHE D 782 16.14 33.17 -36.34
N TYR D 783 15.55 34.36 -36.25
CA TYR D 783 15.32 35.23 -37.39
C TYR D 783 16.09 36.53 -37.19
N LYS D 784 16.79 36.97 -38.22
CA LYS D 784 17.55 38.21 -38.18
C LYS D 784 16.84 39.27 -39.02
N LYS D 785 16.98 40.53 -38.60
CA LYS D 785 16.34 41.62 -39.30
C LYS D 785 17.05 41.90 -40.62
N LEU D 786 16.27 42.01 -41.69
CA LEU D 786 16.83 42.27 -43.01
C LEU D 786 17.09 43.76 -43.22
N ARG E 30 -15.92 20.50 -2.84
CA ARG E 30 -15.10 21.67 -2.54
C ARG E 30 -15.05 21.93 -1.04
N LYS E 31 -14.20 22.88 -0.64
CA LYS E 31 -14.08 23.29 0.74
C LYS E 31 -15.08 24.40 1.02
N VAL E 32 -15.77 24.29 2.15
CA VAL E 32 -16.81 25.24 2.53
C VAL E 32 -16.17 26.43 3.24
N GLN E 33 -16.54 27.63 2.82
CA GLN E 33 -16.09 28.86 3.46
C GLN E 33 -17.26 29.53 4.17
N VAL E 34 -16.93 30.23 5.26
CA VAL E 34 -17.90 30.99 6.03
C VAL E 34 -17.63 32.47 5.77
N SER E 35 -18.64 33.20 5.32
CA SER E 35 -18.51 34.62 5.05
C SER E 35 -19.72 35.35 5.61
N TYR E 36 -19.53 36.63 5.91
CA TYR E 36 -20.61 37.46 6.44
C TYR E 36 -20.42 38.88 5.97
N VAL E 37 -21.50 39.66 6.02
CA VAL E 37 -21.53 41.03 5.52
C VAL E 37 -21.68 41.97 6.70
N ILE E 38 -20.82 42.99 6.76
CA ILE E 38 -20.94 44.06 7.74
C ILE E 38 -21.78 45.17 7.12
N ARG E 39 -22.99 45.35 7.63
CA ARG E 39 -23.96 46.26 7.03
C ARG E 39 -24.95 46.68 8.10
N ASP E 40 -25.90 47.53 7.71
CA ASP E 40 -27.03 47.88 8.55
C ASP E 40 -28.15 46.87 8.36
N GLU E 41 -29.11 46.89 9.28
CA GLU E 41 -30.26 46.01 9.15
C GLU E 41 -31.08 46.34 7.91
N VAL E 42 -31.26 47.64 7.63
CA VAL E 42 -32.01 48.10 6.47
C VAL E 42 -31.04 48.87 5.58
N GLU E 43 -30.82 48.36 4.37
CA GLU E 43 -30.07 49.07 3.35
C GLU E 43 -31.10 49.64 2.38
N LYS E 44 -31.54 50.86 2.66
CA LYS E 44 -32.63 51.45 1.90
C LYS E 44 -32.21 51.78 0.47
N TYR E 45 -30.97 52.24 0.29
CA TYR E 45 -30.50 52.71 -1.00
C TYR E 45 -29.47 51.76 -1.58
N ASN E 46 -29.34 51.79 -2.91
CA ASN E 46 -28.37 50.95 -3.59
C ASN E 46 -26.95 51.33 -3.16
N ARG E 47 -26.13 50.33 -2.88
CA ARG E 47 -24.74 50.52 -2.52
C ARG E 47 -23.78 50.23 -3.67
N ASN E 48 -24.30 50.14 -4.89
CA ASN E 48 -23.53 49.84 -6.10
C ASN E 48 -24.40 50.20 -7.29
N GLY E 49 -23.95 49.85 -8.49
CA GLY E 49 -24.71 50.11 -9.68
C GLY E 49 -25.95 49.23 -9.78
N VAL E 50 -26.79 49.56 -10.75
CA VAL E 50 -28.04 48.85 -10.99
C VAL E 50 -27.96 48.21 -12.38
N ASN E 51 -28.15 46.89 -12.44
CA ASN E 51 -27.98 46.16 -13.68
C ASN E 51 -29.25 46.06 -14.50
N ALA E 52 -30.41 45.99 -13.87
CA ALA E 52 -31.67 45.76 -14.58
C ALA E 52 -32.77 46.61 -13.96
N LEU E 53 -33.84 46.80 -14.74
CA LEU E 53 -35.01 47.56 -14.32
C LEU E 53 -36.27 46.85 -14.79
N GLN E 54 -37.29 46.87 -13.94
CA GLN E 54 -38.61 46.35 -14.29
C GLN E 54 -39.66 47.28 -13.73
N LEU E 55 -40.60 47.68 -14.57
CA LEU E 55 -41.64 48.64 -14.18
C LEU E 55 -42.99 47.93 -14.14
N ASP E 56 -43.72 48.12 -13.04
CA ASP E 56 -45.04 47.54 -12.88
C ASP E 56 -46.10 48.61 -13.13
N PRO E 57 -46.82 48.57 -14.25
CA PRO E 57 -47.81 49.62 -14.52
C PRO E 57 -49.06 49.52 -13.66
N ALA E 58 -49.38 48.33 -13.15
CA ALA E 58 -50.59 48.18 -12.36
C ALA E 58 -50.47 48.86 -11.00
N LEU E 59 -49.36 48.65 -10.30
CA LEU E 59 -49.15 49.21 -8.97
C LEU E 59 -48.24 50.43 -8.99
N ASN E 60 -47.74 50.84 -10.15
CA ASN E 60 -46.79 51.95 -10.27
C ASN E 60 -45.55 51.71 -9.41
N ARG E 61 -44.90 50.57 -9.63
CA ARG E 61 -43.75 50.14 -8.86
C ARG E 61 -42.58 49.87 -9.79
N LEU E 62 -41.40 50.30 -9.38
CA LEU E 62 -40.16 50.05 -10.11
C LEU E 62 -39.30 49.07 -9.33
N PHE E 63 -38.75 48.09 -10.04
CA PHE E 63 -37.84 47.11 -9.46
C PHE E 63 -36.43 47.39 -10.00
N THR E 64 -35.45 47.44 -9.12
CA THR E 64 -34.06 47.66 -9.49
C THR E 64 -33.24 46.46 -9.07
N ALA E 65 -32.56 45.83 -10.03
CA ALA E 65 -31.64 44.74 -9.75
C ALA E 65 -30.26 45.34 -9.53
N GLY E 66 -29.87 45.48 -8.26
CA GLY E 66 -28.64 46.18 -7.94
C GLY E 66 -27.42 45.28 -8.01
N ARG E 67 -26.27 45.90 -8.19
CA ARG E 67 -25.00 45.19 -8.13
C ARG E 67 -24.59 44.87 -6.70
N ASP E 68 -25.30 45.43 -5.71
CA ASP E 68 -25.06 45.11 -4.31
C ASP E 68 -25.83 43.88 -3.84
N SER E 69 -26.33 43.07 -4.77
CA SER E 69 -27.00 41.79 -4.53
C SER E 69 -28.37 41.94 -3.89
N ILE E 70 -29.02 43.09 -4.04
CA ILE E 70 -30.32 43.33 -3.43
C ILE E 70 -31.26 43.88 -4.49
N ILE E 71 -32.47 43.31 -4.56
CA ILE E 71 -33.54 43.81 -5.40
C ILE E 71 -34.45 44.68 -4.55
N ARG E 72 -34.76 45.87 -5.03
CA ARG E 72 -35.56 46.82 -4.28
C ARG E 72 -36.78 47.25 -5.09
N ILE E 73 -37.87 47.55 -4.37
CA ILE E 73 -39.12 47.99 -4.96
C ILE E 73 -39.32 49.46 -4.61
N TRP E 74 -39.61 50.27 -5.63
CA TRP E 74 -39.76 51.71 -5.46
C TRP E 74 -41.10 52.14 -6.03
N SER E 75 -41.74 53.09 -5.36
CA SER E 75 -43.00 53.67 -5.82
C SER E 75 -42.68 54.85 -6.74
N VAL E 76 -43.15 54.78 -7.98
CA VAL E 76 -42.82 55.78 -8.98
C VAL E 76 -43.81 56.93 -8.94
N ASN E 77 -44.70 56.92 -7.94
CA ASN E 77 -45.64 58.02 -7.77
C ASN E 77 -44.88 59.28 -7.37
N GLN E 78 -45.16 60.39 -8.05
CA GLN E 78 -44.46 61.63 -7.80
C GLN E 78 -44.73 62.18 -6.40
N HIS E 79 -45.89 61.87 -5.83
CA HIS E 79 -46.26 62.43 -4.52
C HIS E 79 -45.31 61.93 -3.43
N LYS E 80 -44.96 60.64 -3.46
CA LYS E 80 -44.17 60.05 -2.38
C LYS E 80 -42.77 60.64 -2.35
N GLN E 81 -42.43 61.31 -1.24
CA GLN E 81 -41.08 61.80 -1.05
C GLN E 81 -40.12 60.67 -0.73
N ASP E 82 -40.62 59.59 -0.14
CA ASP E 82 -39.82 58.40 0.11
C ASP E 82 -40.36 57.25 -0.72
N PRO E 83 -39.76 56.97 -1.88
CA PRO E 83 -40.30 55.91 -2.76
C PRO E 83 -39.98 54.50 -2.30
N TYR E 84 -39.14 54.32 -1.28
CA TYR E 84 -38.72 52.99 -0.88
C TYR E 84 -39.91 52.19 -0.36
N ILE E 85 -39.96 50.92 -0.76
CA ILE E 85 -41.05 50.03 -0.36
C ILE E 85 -40.49 48.81 0.36
N ALA E 86 -39.65 48.04 -0.33
CA ALA E 86 -39.13 46.80 0.25
C ALA E 86 -37.79 46.47 -0.37
N SER E 87 -37.04 45.61 0.32
CA SER E 87 -35.77 45.09 -0.16
C SER E 87 -35.89 43.58 -0.28
N MET E 88 -35.51 43.04 -1.44
CA MET E 88 -35.60 41.61 -1.71
C MET E 88 -34.18 41.06 -1.68
N GLU E 89 -33.74 40.65 -0.49
CA GLU E 89 -32.33 40.33 -0.23
C GLU E 89 -32.18 38.83 -0.02
N HIS E 90 -31.86 38.10 -1.08
CA HIS E 90 -31.52 36.70 -0.92
C HIS E 90 -30.32 36.27 -1.77
N HIS E 91 -29.90 37.07 -2.76
CA HIS E 91 -28.73 36.79 -3.58
C HIS E 91 -27.44 37.12 -2.82
N THR E 92 -26.33 36.58 -3.31
CA THR E 92 -25.02 36.82 -2.72
C THR E 92 -24.02 37.45 -3.66
N ASP E 93 -24.44 37.88 -4.86
CA ASP E 93 -23.55 38.52 -5.81
C ASP E 93 -24.38 39.42 -6.70
N TRP E 94 -23.76 39.96 -7.76
CA TRP E 94 -24.45 40.86 -8.68
C TRP E 94 -25.74 40.23 -9.18
N VAL E 95 -26.81 41.01 -9.17
CA VAL E 95 -28.07 40.62 -9.81
C VAL E 95 -28.06 41.23 -11.20
N ASN E 96 -28.11 40.37 -12.21
CA ASN E 96 -27.87 40.81 -13.59
C ASN E 96 -29.14 41.12 -14.37
N ASP E 97 -30.20 40.32 -14.19
CA ASP E 97 -31.43 40.54 -14.92
C ASP E 97 -32.61 40.19 -14.04
N ILE E 98 -33.74 40.87 -14.27
CA ILE E 98 -35.00 40.57 -13.62
C ILE E 98 -36.11 40.70 -14.65
N VAL E 99 -37.11 39.83 -14.57
CA VAL E 99 -38.30 39.92 -15.40
C VAL E 99 -39.52 39.84 -14.49
N LEU E 100 -40.49 40.72 -14.73
CA LEU E 100 -41.72 40.76 -13.95
C LEU E 100 -42.81 40.08 -14.74
N CYS E 101 -43.27 38.93 -14.26
CA CYS E 101 -44.19 38.08 -15.00
C CYS E 101 -45.44 37.82 -14.17
N CYS E 102 -46.42 37.17 -14.81
CA CYS E 102 -47.69 36.80 -14.18
C CYS E 102 -48.42 38.01 -13.62
N ASN E 103 -48.56 39.04 -14.46
CA ASN E 103 -49.28 40.27 -14.10
C ASN E 103 -48.72 40.91 -12.85
N GLY E 104 -47.39 40.90 -12.73
CA GLY E 104 -46.72 41.55 -11.61
C GLY E 104 -46.76 40.78 -10.31
N LYS E 105 -47.13 39.51 -10.33
CA LYS E 105 -47.17 38.71 -9.11
C LYS E 105 -45.88 37.93 -8.87
N THR E 106 -45.12 37.64 -9.92
CA THR E 106 -43.90 36.85 -9.81
C THR E 106 -42.75 37.62 -10.43
N LEU E 107 -41.59 37.56 -9.79
CA LEU E 107 -40.36 38.14 -10.30
C LEU E 107 -39.31 37.05 -10.43
N ILE E 108 -38.69 36.94 -11.60
CA ILE E 108 -37.57 36.04 -11.82
C ILE E 108 -36.31 36.87 -11.90
N SER E 109 -35.25 36.42 -11.23
CA SER E 109 -34.00 37.15 -11.17
C SER E 109 -32.83 36.23 -11.51
N ALA E 110 -31.84 36.79 -12.20
CA ALA E 110 -30.59 36.11 -12.51
C ALA E 110 -29.45 36.84 -11.83
N SER E 111 -28.42 36.09 -11.45
CA SER E 111 -27.35 36.69 -10.65
C SER E 111 -26.01 36.05 -10.96
N SER E 112 -24.95 36.74 -10.55
CA SER E 112 -23.59 36.25 -10.70
C SER E 112 -23.26 35.11 -9.74
N ASP E 113 -24.11 34.83 -8.76
CA ASP E 113 -23.93 33.66 -7.92
C ASP E 113 -24.43 32.37 -8.57
N THR E 114 -24.62 32.40 -9.89
CA THR E 114 -24.96 31.24 -10.72
C THR E 114 -26.33 30.67 -10.43
N THR E 115 -27.25 31.45 -9.88
CA THR E 115 -28.58 30.98 -9.53
C THR E 115 -29.66 31.84 -10.16
N VAL E 116 -30.76 31.19 -10.51
CA VAL E 116 -31.99 31.86 -10.95
C VAL E 116 -33.02 31.66 -9.85
N LYS E 117 -33.68 32.75 -9.44
CA LYS E 117 -34.56 32.71 -8.28
C LYS E 117 -35.94 33.23 -8.63
N VAL E 118 -36.96 32.60 -8.05
CA VAL E 118 -38.35 32.99 -8.22
C VAL E 118 -38.78 33.74 -6.97
N TRP E 119 -39.40 34.90 -7.17
CA TRP E 119 -39.78 35.78 -6.07
C TRP E 119 -41.28 36.03 -6.09
N ASN E 120 -41.81 36.37 -4.93
CA ASN E 120 -43.18 36.87 -4.79
C ASN E 120 -43.09 38.39 -4.85
N ALA E 121 -43.38 38.96 -6.01
CA ALA E 121 -43.20 40.39 -6.21
C ALA E 121 -44.17 41.23 -5.41
N HIS E 122 -45.24 40.65 -4.88
CA HIS E 122 -46.21 41.39 -4.08
C HIS E 122 -45.79 41.48 -2.63
N LYS E 123 -45.24 40.40 -2.07
CA LYS E 123 -44.74 40.39 -0.70
C LYS E 123 -43.24 40.64 -0.60
N GLY E 124 -42.45 40.09 -1.53
CA GLY E 124 -41.03 40.38 -1.56
C GLY E 124 -40.16 39.33 -0.90
N PHE E 125 -40.44 38.06 -1.14
CA PHE E 125 -39.63 36.97 -0.59
C PHE E 125 -39.33 35.97 -1.69
N CYS E 126 -38.15 35.35 -1.59
CA CYS E 126 -37.73 34.37 -2.58
C CYS E 126 -38.45 33.05 -2.35
N MET E 127 -39.02 32.50 -3.42
CA MET E 127 -39.78 31.27 -3.31
C MET E 127 -38.93 30.03 -3.59
N SER E 128 -38.12 30.06 -4.65
CA SER E 128 -37.31 28.92 -5.01
C SER E 128 -36.05 29.40 -5.71
N THR E 129 -35.05 28.51 -5.77
CA THR E 129 -33.77 28.80 -6.41
C THR E 129 -33.45 27.71 -7.42
N LEU E 130 -33.16 28.10 -8.66
CA LEU E 130 -32.80 27.17 -9.72
C LEU E 130 -31.27 27.15 -9.85
N ARG E 131 -30.69 25.97 -9.73
CA ARG E 131 -29.25 25.79 -9.71
C ARG E 131 -28.76 24.99 -10.92
N THR E 132 -29.36 25.24 -12.09
CA THR E 132 -28.97 24.52 -13.29
C THR E 132 -27.78 25.14 -14.02
N HIS E 133 -27.51 26.41 -13.80
CA HIS E 133 -26.42 27.09 -14.49
C HIS E 133 -25.09 26.84 -13.79
N LYS E 134 -24.03 26.83 -14.58
CA LYS E 134 -22.69 26.55 -14.08
C LYS E 134 -21.81 27.78 -13.95
N ASP E 135 -22.24 28.92 -14.48
CA ASP E 135 -21.47 30.15 -14.42
C ASP E 135 -22.43 31.30 -14.16
N TYR E 136 -21.94 32.53 -14.32
CA TYR E 136 -22.77 33.70 -14.10
C TYR E 136 -23.98 33.66 -15.03
N VAL E 137 -25.15 34.00 -14.49
CA VAL E 137 -26.37 34.09 -15.28
C VAL E 137 -26.59 35.56 -15.59
N LYS E 138 -26.60 35.91 -16.88
CA LYS E 138 -26.56 37.30 -17.30
C LYS E 138 -27.84 37.81 -17.93
N ALA E 139 -28.67 36.95 -18.49
CA ALA E 139 -29.82 37.38 -19.27
C ALA E 139 -31.06 36.59 -18.88
N LEU E 140 -32.21 37.27 -18.97
CA LEU E 140 -33.51 36.65 -18.74
C LEU E 140 -34.43 37.11 -19.86
N ALA E 141 -35.00 36.17 -20.60
CA ALA E 141 -35.98 36.49 -21.63
C ALA E 141 -37.38 36.11 -21.16
N TYR E 142 -38.37 36.87 -21.60
CA TYR E 142 -39.74 36.69 -21.15
C TYR E 142 -40.70 36.76 -22.32
N ALA E 143 -41.62 35.80 -22.37
CA ALA E 143 -42.71 35.79 -23.34
C ALA E 143 -44.01 35.96 -22.56
N LYS E 144 -44.68 37.09 -22.76
CA LYS E 144 -45.84 37.42 -21.92
C LYS E 144 -47.00 36.48 -22.17
N ASP E 145 -47.24 36.10 -23.42
CA ASP E 145 -48.44 35.31 -23.75
C ASP E 145 -48.36 33.91 -23.16
N LYS E 146 -47.22 33.23 -23.34
CA LYS E 146 -47.08 31.86 -22.87
C LYS E 146 -46.56 31.77 -21.44
N GLU E 147 -46.27 32.89 -20.79
CA GLU E 147 -45.66 32.92 -19.47
C GLU E 147 -44.39 32.07 -19.45
N LEU E 148 -43.59 32.21 -20.50
CA LEU E 148 -42.37 31.42 -20.68
C LEU E 148 -41.16 32.31 -20.43
N VAL E 149 -40.24 31.82 -19.60
CA VAL E 149 -39.06 32.58 -19.20
C VAL E 149 -37.83 31.74 -19.51
N ALA E 150 -36.84 32.35 -20.17
CA ALA E 150 -35.59 31.70 -20.50
C ALA E 150 -34.43 32.39 -19.78
N SER E 151 -33.48 31.60 -19.29
CA SER E 151 -32.32 32.10 -18.58
C SER E 151 -31.06 31.63 -19.28
N ALA E 152 -30.18 32.56 -19.61
CA ALA E 152 -28.91 32.26 -20.26
C ALA E 152 -27.77 32.93 -19.50
N GLY E 153 -26.58 32.35 -19.64
CA GLY E 153 -25.43 32.87 -18.91
C GLY E 153 -24.09 32.59 -19.53
N LEU E 154 -23.03 32.73 -18.73
CA LEU E 154 -21.66 32.55 -19.21
C LEU E 154 -21.26 31.09 -19.35
N ASP E 155 -22.09 30.15 -18.91
CA ASP E 155 -21.84 28.73 -19.12
C ASP E 155 -22.32 28.25 -20.49
N ARG E 156 -22.67 29.17 -21.39
CA ARG E 156 -23.12 28.90 -22.76
C ARG E 156 -24.43 28.12 -22.81
N GLN E 157 -25.18 28.07 -21.71
CA GLN E 157 -26.44 27.34 -21.67
C GLN E 157 -27.61 28.30 -21.68
N ILE E 158 -28.72 27.86 -22.27
CA ILE E 158 -29.97 28.61 -22.30
C ILE E 158 -31.07 27.64 -21.86
N PHE E 159 -31.65 27.89 -20.70
CA PHE E 159 -32.72 27.04 -20.18
C PHE E 159 -34.07 27.72 -20.34
N LEU E 160 -35.08 26.93 -20.67
CA LEU E 160 -36.45 27.39 -20.82
C LEU E 160 -37.27 26.99 -19.60
N TRP E 161 -38.07 27.93 -19.09
CA TRP E 161 -38.87 27.68 -17.91
C TRP E 161 -40.28 28.19 -18.12
N ASP E 162 -41.26 27.45 -17.60
CA ASP E 162 -42.64 27.91 -17.54
C ASP E 162 -42.90 28.42 -16.13
N VAL E 163 -43.37 29.67 -16.02
CA VAL E 163 -43.48 30.30 -14.72
C VAL E 163 -44.54 29.61 -13.86
N ASN E 164 -45.64 29.18 -14.48
CA ASN E 164 -46.72 28.55 -13.74
C ASN E 164 -46.23 27.27 -13.05
N THR E 165 -45.40 26.49 -13.75
CA THR E 165 -44.78 25.32 -13.11
C THR E 165 -43.83 25.73 -11.99
N LEU E 166 -43.05 26.80 -12.22
CA LEU E 166 -42.13 27.25 -11.18
C LEU E 166 -42.87 27.78 -9.95
N THR E 167 -43.94 28.53 -10.18
CA THR E 167 -44.69 29.10 -9.05
C THR E 167 -45.47 28.04 -8.29
N ALA E 168 -45.85 26.96 -8.97
CA ALA E 168 -46.62 25.90 -8.33
C ALA E 168 -45.76 24.95 -7.50
N LEU E 169 -44.44 25.13 -7.51
CA LEU E 169 -43.57 24.25 -6.75
C LEU E 169 -43.82 24.39 -5.24
N THR E 170 -43.74 23.25 -4.54
CA THR E 170 -43.93 23.21 -3.10
C THR E 170 -42.77 22.43 -2.49
N ALA E 171 -42.85 22.21 -1.17
CA ALA E 171 -41.80 21.46 -0.49
C ALA E 171 -41.72 20.02 -0.99
N SER E 172 -42.87 19.40 -1.23
CA SER E 172 -42.89 18.04 -1.78
C SER E 172 -42.71 18.06 -3.29
N ASN E 173 -43.42 18.95 -3.98
CA ASN E 173 -43.31 19.10 -5.42
C ASN E 173 -42.19 20.10 -5.72
N ASN E 174 -40.97 19.58 -5.81
CA ASN E 174 -39.80 20.41 -6.08
C ASN E 174 -38.99 19.90 -7.27
N THR E 175 -39.62 19.19 -8.19
CA THR E 175 -38.95 18.67 -9.37
C THR E 175 -39.53 19.31 -10.62
N VAL E 176 -38.65 19.68 -11.55
CA VAL E 176 -39.02 20.36 -12.78
C VAL E 176 -38.27 19.73 -13.94
N THR E 177 -38.96 19.52 -15.06
CA THR E 177 -38.30 19.08 -16.27
C THR E 177 -37.66 20.28 -16.97
N THR E 178 -36.44 20.09 -17.46
CA THR E 178 -35.65 21.17 -18.03
C THR E 178 -35.55 20.98 -19.54
N SER E 179 -35.83 22.05 -20.29
CA SER E 179 -35.65 22.08 -21.73
C SER E 179 -34.63 23.17 -22.04
N SER E 180 -33.43 22.76 -22.45
CA SER E 180 -32.31 23.66 -22.62
C SER E 180 -31.95 23.77 -24.10
N LEU E 181 -31.87 25.00 -24.60
CA LEU E 181 -31.38 25.24 -25.95
C LEU E 181 -29.88 24.98 -26.01
N SER E 182 -29.39 24.63 -27.20
CA SER E 182 -27.99 24.31 -27.39
C SER E 182 -27.52 24.85 -28.72
N GLY E 183 -26.21 24.92 -28.88
CA GLY E 183 -25.61 25.34 -30.13
C GLY E 183 -24.73 26.56 -30.01
N ASN E 184 -24.78 27.24 -28.87
CA ASN E 184 -24.01 28.45 -28.68
C ASN E 184 -22.63 28.11 -28.13
N LYS E 185 -21.59 28.57 -28.82
CA LYS E 185 -20.22 28.17 -28.53
C LYS E 185 -19.47 29.18 -27.66
N ASP E 186 -20.14 30.19 -27.14
CA ASP E 186 -19.49 31.17 -26.29
C ASP E 186 -20.51 31.77 -25.35
N SER E 187 -20.02 32.52 -24.37
CA SER E 187 -20.84 32.97 -23.25
C SER E 187 -21.90 33.98 -23.70
N ILE E 188 -23.14 33.73 -23.30
CA ILE E 188 -24.27 34.59 -23.66
C ILE E 188 -24.29 35.82 -22.77
N TYR E 189 -24.47 36.99 -23.38
CA TYR E 189 -24.60 38.23 -22.63
C TYR E 189 -25.99 38.86 -22.74
N SER E 190 -26.81 38.46 -23.71
CA SER E 190 -28.16 39.00 -23.86
C SER E 190 -29.07 37.92 -24.40
N LEU E 191 -30.37 38.08 -24.13
CA LEU E 191 -31.39 37.12 -24.53
C LEU E 191 -32.69 37.85 -24.78
N ALA E 192 -33.46 37.38 -25.75
CA ALA E 192 -34.74 38.00 -26.08
C ALA E 192 -35.72 36.96 -26.59
N MET E 193 -37.00 37.20 -26.32
CA MET E 193 -38.08 36.43 -26.91
C MET E 193 -39.17 37.40 -27.36
N ASN E 194 -40.03 36.92 -28.26
CA ASN E 194 -41.15 37.73 -28.71
C ASN E 194 -42.34 37.58 -27.76
N GLN E 195 -43.35 38.41 -27.99
CA GLN E 195 -44.55 38.42 -27.17
C GLN E 195 -45.26 37.07 -27.21
N LEU E 196 -45.29 36.45 -28.39
CA LEU E 196 -46.04 35.22 -28.60
C LEU E 196 -45.27 33.97 -28.18
N GLY E 197 -44.02 34.11 -27.77
CA GLY E 197 -43.25 32.96 -27.33
C GLY E 197 -42.92 31.95 -28.41
N THR E 198 -42.64 32.41 -29.62
CA THR E 198 -42.29 31.53 -30.73
C THR E 198 -40.91 31.78 -31.30
N ILE E 199 -40.22 32.83 -30.85
CA ILE E 199 -38.88 33.17 -31.34
C ILE E 199 -38.03 33.54 -30.12
N ILE E 200 -36.83 32.99 -30.05
CA ILE E 200 -35.86 33.35 -29.01
C ILE E 200 -34.51 33.61 -29.68
N VAL E 201 -33.89 34.74 -29.33
CA VAL E 201 -32.62 35.17 -29.90
C VAL E 201 -31.61 35.32 -28.78
N SER E 202 -30.37 34.90 -29.04
CA SER E 202 -29.30 34.94 -28.07
C SER E 202 -28.13 35.76 -28.59
N GLY E 203 -27.60 36.63 -27.75
CA GLY E 203 -26.41 37.42 -28.08
C GLY E 203 -25.27 37.02 -27.16
N SER E 204 -24.08 36.92 -27.73
CA SER E 204 -22.92 36.40 -27.00
C SER E 204 -21.66 37.07 -27.55
N THR E 205 -20.51 36.59 -27.08
CA THR E 205 -19.23 37.05 -27.61
C THR E 205 -18.84 36.31 -28.89
N GLU E 206 -19.69 35.41 -29.37
CA GLU E 206 -19.48 34.81 -30.69
C GLU E 206 -19.62 35.82 -31.81
N LYS E 207 -20.15 37.01 -31.51
CA LYS E 207 -20.40 38.08 -32.47
C LYS E 207 -21.51 37.75 -33.45
N VAL E 208 -22.26 36.68 -33.20
CA VAL E 208 -23.36 36.25 -34.06
C VAL E 208 -24.59 36.06 -33.20
N LEU E 209 -25.76 36.14 -33.83
CA LEU E 209 -27.05 35.97 -33.16
C LEU E 209 -27.63 34.62 -33.54
N ARG E 210 -27.92 33.80 -32.54
CA ARG E 210 -28.50 32.48 -32.75
C ARG E 210 -29.96 32.51 -32.37
N VAL E 211 -30.82 31.99 -33.25
CA VAL E 211 -32.26 32.02 -33.07
C VAL E 211 -32.79 30.59 -33.01
N TRP E 212 -33.63 30.32 -32.01
CA TRP E 212 -34.30 29.03 -31.87
C TRP E 212 -35.80 29.23 -31.86
N ASP E 213 -36.52 28.11 -31.83
CA ASP E 213 -37.95 28.12 -31.57
C ASP E 213 -38.18 27.50 -30.20
N PRO E 214 -38.63 28.26 -29.20
CA PRO E 214 -38.76 27.69 -27.85
C PRO E 214 -39.71 26.51 -27.77
N ARG E 215 -40.71 26.43 -28.63
CA ARG E 215 -41.67 25.32 -28.58
C ARG E 215 -41.00 24.00 -28.96
N THR E 216 -40.24 24.00 -30.05
CA THR E 216 -39.60 22.79 -30.53
C THR E 216 -38.12 22.69 -30.16
N CYS E 217 -37.55 23.76 -29.58
CA CYS E 217 -36.14 23.80 -29.18
C CYS E 217 -35.23 23.48 -30.36
N ALA E 218 -35.60 23.96 -31.53
CA ALA E 218 -34.87 23.70 -32.77
C ALA E 218 -34.20 24.97 -33.26
N LYS E 219 -32.98 24.81 -33.77
CA LYS E 219 -32.24 25.95 -34.31
C LYS E 219 -32.91 26.46 -35.57
N LEU E 220 -32.99 27.78 -35.70
CA LEU E 220 -33.61 28.41 -36.87
C LEU E 220 -32.60 29.05 -37.81
N MET E 221 -31.74 29.92 -37.29
CA MET E 221 -30.85 30.69 -38.14
C MET E 221 -29.67 31.18 -37.31
N LYS E 222 -28.65 31.66 -38.01
CA LYS E 222 -27.42 32.17 -37.39
C LYS E 222 -27.12 33.54 -38.01
N LEU E 223 -27.67 34.59 -37.40
CA LEU E 223 -27.45 35.94 -37.89
C LEU E 223 -26.00 36.36 -37.67
N LYS E 224 -25.41 36.99 -38.69
CA LYS E 224 -24.03 37.43 -38.62
C LYS E 224 -23.93 38.86 -39.13
N GLY E 225 -22.88 39.55 -38.69
CA GLY E 225 -22.68 40.94 -39.08
C GLY E 225 -22.10 41.80 -37.98
N HIS E 226 -22.34 41.43 -36.72
CA HIS E 226 -21.72 42.16 -35.61
C HIS E 226 -20.26 41.76 -35.47
N THR E 227 -19.44 42.73 -35.06
CA THR E 227 -18.01 42.52 -34.93
C THR E 227 -17.54 42.58 -33.48
N ASP E 228 -18.45 42.43 -32.53
CA ASP E 228 -18.10 42.48 -31.11
C ASP E 228 -19.23 41.85 -30.32
N ASN E 229 -19.09 41.88 -28.99
CA ASN E 229 -20.08 41.29 -28.10
C ASN E 229 -21.39 42.06 -28.17
N VAL E 230 -22.50 41.33 -28.05
CA VAL E 230 -23.84 41.90 -28.09
C VAL E 230 -24.44 41.82 -26.69
N LYS E 231 -24.88 42.96 -26.17
CA LYS E 231 -25.45 43.02 -24.83
C LYS E 231 -26.92 43.40 -24.82
N ALA E 232 -27.50 43.78 -25.96
CA ALA E 232 -28.89 44.20 -26.03
C ALA E 232 -29.60 43.51 -27.17
N LEU E 233 -30.82 43.04 -26.92
CA LEU E 233 -31.62 42.35 -27.92
C LEU E 233 -33.09 42.71 -27.73
N LEU E 234 -33.79 42.92 -28.84
CA LEU E 234 -35.22 43.21 -28.81
C LEU E 234 -35.90 42.47 -29.96
N LEU E 235 -37.19 42.19 -29.78
CA LEU E 235 -38.02 41.60 -30.80
C LEU E 235 -39.40 42.26 -30.78
N ASN E 236 -40.08 42.22 -31.92
CA ASN E 236 -41.42 42.78 -32.00
C ASN E 236 -42.43 41.77 -31.46
N ARG E 237 -43.72 42.09 -31.59
CA ARG E 237 -44.76 41.22 -31.03
C ARG E 237 -44.79 39.87 -31.73
N ASP E 238 -44.74 39.87 -33.06
CA ASP E 238 -44.85 38.63 -33.83
C ASP E 238 -43.50 37.97 -34.08
N GLY E 239 -42.40 38.57 -33.64
CA GLY E 239 -41.09 37.95 -33.78
C GLY E 239 -40.57 37.80 -35.19
N THR E 240 -40.76 38.83 -36.03
CA THR E 240 -40.22 38.81 -37.38
C THR E 240 -39.08 39.80 -37.57
N GLN E 241 -38.88 40.74 -36.66
CA GLN E 241 -37.77 41.68 -36.72
C GLN E 241 -37.07 41.72 -35.36
N CYS E 242 -35.75 41.93 -35.40
CA CYS E 242 -34.95 41.91 -34.19
C CYS E 242 -34.03 43.12 -34.17
N LEU E 243 -33.95 43.78 -33.02
CA LEU E 243 -33.02 44.89 -32.80
C LEU E 243 -31.92 44.43 -31.86
N SER E 244 -30.67 44.70 -32.24
CA SER E 244 -29.52 44.31 -31.43
C SER E 244 -28.52 45.45 -31.36
N GLY E 245 -28.03 45.72 -30.16
CA GLY E 245 -26.95 46.67 -29.94
C GLY E 245 -25.72 45.93 -29.44
N SER E 246 -24.54 46.36 -29.89
CA SER E 246 -23.32 45.63 -29.62
C SER E 246 -22.24 46.57 -29.10
N SER E 247 -21.21 45.96 -28.52
CA SER E 247 -20.05 46.69 -28.02
C SER E 247 -19.25 47.36 -29.14
N ASP E 248 -19.50 46.99 -30.40
CA ASP E 248 -18.88 47.69 -31.51
C ASP E 248 -19.49 49.06 -31.77
N GLY E 249 -20.58 49.39 -31.09
CA GLY E 249 -21.17 50.71 -31.21
C GLY E 249 -22.20 50.86 -32.30
N THR E 250 -22.73 49.75 -32.83
CA THR E 250 -23.71 49.79 -33.90
C THR E 250 -24.98 49.09 -33.49
N ILE E 251 -26.11 49.62 -33.94
CA ILE E 251 -27.41 48.99 -33.75
C ILE E 251 -27.86 48.43 -35.09
N ARG E 252 -28.21 47.15 -35.11
CA ARG E 252 -28.60 46.46 -36.34
C ARG E 252 -30.04 45.99 -36.23
N LEU E 253 -30.84 46.32 -37.23
CA LEU E 253 -32.19 45.81 -37.35
C LEU E 253 -32.18 44.60 -38.28
N TRP E 254 -32.71 43.48 -37.80
CA TRP E 254 -32.68 42.23 -38.55
C TRP E 254 -34.08 41.85 -39.00
N SER E 255 -34.14 41.12 -40.11
CA SER E 255 -35.38 40.54 -40.61
C SER E 255 -35.26 39.03 -40.48
N LEU E 256 -36.12 38.43 -39.65
CA LEU E 256 -36.04 36.99 -39.44
C LEU E 256 -36.58 36.23 -40.65
N GLY E 257 -37.53 36.82 -41.37
CA GLY E 257 -38.04 36.18 -42.58
C GLY E 257 -36.97 36.04 -43.64
N GLN E 258 -36.19 37.10 -43.86
CA GLN E 258 -35.15 37.10 -44.87
C GLN E 258 -33.79 36.66 -44.32
N GLN E 259 -33.65 36.57 -43.00
CA GLN E 259 -32.40 36.17 -42.36
C GLN E 259 -31.23 37.06 -42.79
N ARG E 260 -31.46 38.36 -42.68
CA ARG E 260 -30.45 39.33 -43.08
C ARG E 260 -30.60 40.60 -42.25
N CYS E 261 -29.54 41.40 -42.24
CA CYS E 261 -29.54 42.68 -41.56
C CYS E 261 -30.06 43.74 -42.52
N ILE E 262 -31.25 44.26 -42.25
CA ILE E 262 -31.89 45.19 -43.18
C ILE E 262 -31.52 46.64 -42.92
N ALA E 263 -30.88 46.95 -41.80
CA ALA E 263 -30.47 48.31 -41.50
C ALA E 263 -29.43 48.27 -40.38
N THR E 264 -28.52 49.24 -40.42
CA THR E 264 -27.50 49.40 -39.40
C THR E 264 -27.45 50.87 -38.98
N TYR E 265 -27.42 51.12 -37.68
CA TYR E 265 -27.42 52.48 -37.14
C TYR E 265 -26.16 52.66 -36.30
N ARG E 266 -25.39 53.70 -36.62
CA ARG E 266 -24.18 54.04 -35.91
C ARG E 266 -24.37 55.44 -35.31
N VAL E 267 -24.93 55.50 -34.11
CA VAL E 267 -25.23 56.75 -33.44
C VAL E 267 -24.46 56.93 -32.14
N HIS E 268 -23.64 55.96 -31.75
CA HIS E 268 -22.91 55.99 -30.48
C HIS E 268 -21.41 55.92 -30.74
N ASP E 269 -20.65 56.71 -29.97
CA ASP E 269 -19.20 56.67 -30.07
C ASP E 269 -18.64 55.37 -29.51
N GLU E 270 -19.24 54.84 -28.45
CA GLU E 270 -18.74 53.62 -27.82
C GLU E 270 -19.81 52.54 -27.84
N GLY E 271 -19.57 51.43 -27.14
CA GLY E 271 -20.45 50.28 -27.25
C GLY E 271 -21.86 50.57 -26.73
N VAL E 272 -22.84 49.94 -27.38
CA VAL E 272 -24.24 50.09 -27.01
C VAL E 272 -24.60 48.98 -26.03
N TRP E 273 -25.08 49.36 -24.85
CA TRP E 273 -25.33 48.41 -23.78
C TRP E 273 -26.80 48.23 -23.43
N ALA E 274 -27.66 49.17 -23.77
CA ALA E 274 -29.08 49.09 -23.42
C ALA E 274 -29.92 49.54 -24.61
N LEU E 275 -31.02 48.83 -24.85
CA LEU E 275 -31.93 49.13 -25.94
C LEU E 275 -33.37 49.12 -25.43
N GLN E 276 -34.17 50.06 -25.92
CA GLN E 276 -35.61 50.07 -25.67
C GLN E 276 -36.32 50.49 -26.95
N VAL E 277 -37.49 49.89 -27.19
CA VAL E 277 -38.28 50.17 -28.38
C VAL E 277 -39.72 50.39 -27.95
N ASN E 278 -40.47 51.13 -28.77
CA ASN E 278 -41.86 51.39 -28.45
C ASN E 278 -42.75 50.25 -28.94
N ASP E 279 -44.03 50.33 -28.58
CA ASP E 279 -44.98 49.30 -28.96
C ASP E 279 -45.17 49.20 -30.47
N ALA E 280 -45.02 50.31 -31.19
CA ALA E 280 -45.11 50.31 -32.63
C ALA E 280 -43.84 49.81 -33.30
N PHE E 281 -42.76 49.63 -32.53
CA PHE E 281 -41.49 49.11 -33.05
C PHE E 281 -40.94 49.99 -34.17
N THR E 282 -41.01 51.30 -33.99
CA THR E 282 -40.51 52.26 -34.97
C THR E 282 -39.42 53.18 -34.44
N HIS E 283 -39.35 53.39 -33.12
CA HIS E 283 -38.31 54.21 -32.52
C HIS E 283 -37.55 53.38 -31.50
N VAL E 284 -36.22 53.46 -31.56
CA VAL E 284 -35.35 52.70 -30.67
C VAL E 284 -34.62 53.68 -29.75
N TYR E 285 -34.56 53.34 -28.47
CA TYR E 285 -33.84 54.14 -27.47
C TYR E 285 -32.61 53.35 -27.05
N SER E 286 -31.44 53.98 -27.17
CA SER E 286 -30.19 53.30 -26.95
C SER E 286 -29.30 54.07 -26.00
N GLY E 287 -28.52 53.34 -25.22
CA GLY E 287 -27.55 53.93 -24.32
C GLY E 287 -26.43 52.95 -24.07
N GLY E 288 -25.25 53.48 -23.77
CA GLY E 288 -24.09 52.63 -23.57
C GLY E 288 -23.00 53.30 -22.77
N ARG E 289 -21.75 52.95 -23.11
CA ARG E 289 -20.60 53.42 -22.34
C ARG E 289 -20.34 54.90 -22.53
N ASP E 290 -20.81 55.49 -23.63
CA ASP E 290 -20.55 56.91 -23.88
C ASP E 290 -21.39 57.82 -22.99
N ARG E 291 -22.32 57.26 -22.22
CA ARG E 291 -23.18 57.95 -21.25
C ARG E 291 -24.29 58.76 -21.91
N LYS E 292 -24.47 58.66 -23.22
CA LYS E 292 -25.48 59.43 -23.93
C LYS E 292 -26.61 58.51 -24.38
N ILE E 293 -27.83 59.02 -24.34
CA ILE E 293 -29.03 58.28 -24.71
C ILE E 293 -29.68 58.98 -25.89
N TYR E 294 -30.01 58.19 -26.93
CA TYR E 294 -30.55 58.73 -28.17
C TYR E 294 -31.87 58.05 -28.50
N CYS E 295 -32.74 58.80 -29.17
CA CYS E 295 -33.98 58.27 -29.73
C CYS E 295 -33.87 58.35 -31.24
N THR E 296 -33.83 57.20 -31.89
CA THR E 296 -33.61 57.11 -33.34
C THR E 296 -34.81 56.44 -34.00
N ASP E 297 -35.28 57.05 -35.08
CA ASP E 297 -36.37 56.48 -35.87
C ASP E 297 -35.83 55.35 -36.72
N LEU E 298 -36.50 54.19 -36.68
CA LEU E 298 -36.05 53.05 -37.46
C LEU E 298 -36.28 53.25 -38.95
N ARG E 299 -37.35 53.96 -39.32
CA ARG E 299 -37.63 54.19 -40.73
C ARG E 299 -36.55 55.06 -41.36
N ASN E 300 -36.10 56.09 -40.65
CA ASN E 300 -35.02 56.96 -41.11
C ASN E 300 -34.04 57.28 -40.00
N PRO E 301 -32.79 56.83 -40.10
CA PRO E 301 -31.80 57.09 -39.04
C PRO E 301 -31.41 58.55 -38.92
N ASP E 302 -31.77 59.39 -39.88
CA ASP E 302 -31.41 60.81 -39.80
C ASP E 302 -32.06 61.47 -38.60
N ILE E 303 -33.32 61.12 -38.31
CA ILE E 303 -34.03 61.70 -37.18
C ILE E 303 -33.51 61.08 -35.89
N ARG E 304 -32.61 61.79 -35.22
CA ARG E 304 -32.02 61.33 -33.97
C ARG E 304 -32.15 62.45 -32.95
N VAL E 305 -32.52 62.08 -31.72
CA VAL E 305 -32.73 63.05 -30.64
C VAL E 305 -31.87 62.63 -29.46
N LEU E 306 -31.05 63.56 -28.98
CA LEU E 306 -30.26 63.32 -27.77
C LEU E 306 -31.13 63.56 -26.55
N ILE E 307 -31.58 62.49 -25.92
CA ILE E 307 -32.49 62.62 -24.78
C ILE E 307 -31.79 63.27 -23.60
N CYS E 308 -30.59 62.79 -23.27
CA CYS E 308 -29.87 63.27 -22.10
C CYS E 308 -28.42 62.82 -22.21
N GLU E 309 -27.62 63.21 -21.22
CA GLU E 309 -26.23 62.78 -21.09
C GLU E 309 -26.02 62.40 -19.62
N GLU E 310 -25.96 61.10 -19.36
CA GLU E 310 -25.87 60.62 -17.99
C GLU E 310 -24.47 60.83 -17.43
N LYS E 311 -24.37 60.67 -16.11
CA LYS E 311 -23.11 60.84 -15.39
C LYS E 311 -22.30 59.56 -15.28
N ALA E 312 -22.81 58.45 -15.79
CA ALA E 312 -22.13 57.16 -15.73
C ALA E 312 -22.56 56.34 -16.93
N PRO E 313 -21.80 55.32 -17.29
CA PRO E 313 -22.21 54.44 -18.39
C PRO E 313 -23.58 53.81 -18.13
N VAL E 314 -24.40 53.76 -19.17
CA VAL E 314 -25.77 53.29 -19.06
C VAL E 314 -25.78 51.76 -19.14
N LEU E 315 -26.26 51.11 -18.10
CA LEU E 315 -26.30 49.65 -18.06
C LEU E 315 -27.63 49.09 -18.56
N LYS E 316 -28.74 49.72 -18.17
CA LYS E 316 -30.06 49.26 -18.58
C LYS E 316 -31.00 50.46 -18.61
N MET E 317 -32.04 50.34 -19.43
CA MET E 317 -33.07 51.36 -19.51
C MET E 317 -34.44 50.67 -19.49
N GLU E 318 -35.42 51.37 -18.92
CA GLU E 318 -36.80 50.90 -18.88
C GLU E 318 -37.71 52.01 -19.38
N LEU E 319 -38.58 51.68 -20.33
CA LEU E 319 -39.50 52.65 -20.90
C LEU E 319 -40.81 52.66 -20.12
N ASP E 320 -41.37 53.85 -19.96
CA ASP E 320 -42.68 54.01 -19.33
C ASP E 320 -43.75 53.87 -20.40
N ARG E 321 -44.42 52.72 -20.43
CA ARG E 321 -45.36 52.40 -21.49
C ARG E 321 -46.82 52.70 -21.11
N SER E 322 -47.02 53.58 -20.13
CA SER E 322 -48.39 53.94 -19.75
C SER E 322 -49.12 54.65 -20.88
N ALA E 323 -48.40 55.47 -21.64
CA ALA E 323 -48.98 56.20 -22.76
C ALA E 323 -48.08 56.06 -23.98
N ASP E 324 -48.68 56.23 -25.15
CA ASP E 324 -47.95 56.17 -26.43
C ASP E 324 -48.00 57.55 -27.08
N PRO E 325 -46.86 58.22 -27.29
CA PRO E 325 -45.47 57.82 -27.02
C PRO E 325 -45.14 57.73 -25.53
N PRO E 326 -44.12 56.96 -25.17
CA PRO E 326 -43.75 56.81 -23.76
C PRO E 326 -43.43 58.16 -23.13
N PRO E 327 -44.07 58.51 -22.02
CA PRO E 327 -43.78 59.80 -21.37
C PRO E 327 -42.35 59.93 -20.87
N ALA E 328 -41.75 58.84 -20.40
CA ALA E 328 -40.45 58.92 -19.73
C ALA E 328 -39.72 57.61 -19.89
N ILE E 329 -38.45 57.60 -19.45
CA ILE E 329 -37.61 56.41 -19.49
C ILE E 329 -36.80 56.35 -18.20
N TRP E 330 -36.71 55.16 -17.62
CA TRP E 330 -35.90 54.94 -16.42
C TRP E 330 -34.55 54.38 -16.83
N VAL E 331 -33.47 54.96 -16.29
CA VAL E 331 -32.12 54.64 -16.72
C VAL E 331 -31.32 54.17 -15.52
N ALA E 332 -30.70 53.00 -15.64
CA ALA E 332 -29.81 52.45 -14.64
C ALA E 332 -28.37 52.52 -15.11
N THR E 333 -27.49 53.05 -14.27
CA THR E 333 -26.09 53.23 -14.64
C THR E 333 -25.19 52.52 -13.64
N THR E 334 -23.88 52.70 -13.77
CA THR E 334 -22.93 52.13 -12.82
C THR E 334 -22.94 52.84 -11.48
N LYS E 335 -23.63 53.98 -11.38
CA LYS E 335 -23.81 54.67 -10.11
C LYS E 335 -25.02 54.11 -9.38
N SER E 336 -25.10 54.43 -8.09
CA SER E 336 -26.18 53.92 -7.25
C SER E 336 -27.47 54.70 -7.40
N THR E 337 -27.47 55.78 -8.18
CA THR E 337 -28.65 56.61 -8.38
C THR E 337 -29.38 56.18 -9.64
N VAL E 338 -30.71 56.08 -9.55
CA VAL E 338 -31.57 55.75 -10.68
C VAL E 338 -32.38 56.98 -11.03
N ASN E 339 -32.33 57.38 -12.29
CA ASN E 339 -32.96 58.61 -12.76
C ASN E 339 -34.05 58.31 -13.77
N LYS E 340 -35.07 59.17 -13.79
CA LYS E 340 -36.16 59.10 -14.76
C LYS E 340 -36.13 60.35 -15.61
N TRP E 341 -36.06 60.18 -16.92
CA TRP E 341 -35.98 61.29 -17.87
C TRP E 341 -37.27 61.35 -18.68
N THR E 342 -37.90 62.52 -18.70
CA THR E 342 -39.11 62.70 -19.48
C THR E 342 -38.81 62.69 -20.97
N LEU E 343 -39.79 62.22 -21.75
CA LEU E 343 -39.67 62.14 -23.20
C LEU E 343 -40.75 62.98 -23.88
N LYS E 344 -41.11 64.11 -23.27
CA LYS E 344 -42.12 65.00 -23.82
C LYS E 344 -41.45 65.99 -24.77
N GLY E 345 -41.65 65.80 -26.07
CA GLY E 345 -41.08 66.69 -27.07
C GLY E 345 -40.09 66.05 -28.01
N ILE E 346 -39.87 64.73 -27.93
CA ILE E 346 -38.96 64.09 -28.86
C ILE E 346 -39.50 64.18 -30.29
N HIS E 347 -40.78 63.88 -30.46
CA HIS E 347 -41.41 63.91 -31.78
C HIS E 347 -42.01 65.27 -32.09
N ASN E 348 -41.86 66.25 -31.21
CA ASN E 348 -42.37 67.60 -31.45
C ASN E 348 -41.37 68.39 -32.30
N ILE E 363 -24.60 68.44 -29.82
CA ILE E 363 -26.06 68.49 -29.84
C ILE E 363 -26.58 68.87 -28.47
N THR E 364 -27.59 69.75 -28.45
CA THR E 364 -28.22 70.13 -27.19
C THR E 364 -29.15 69.02 -26.72
N PRO E 365 -28.97 68.51 -25.51
CA PRO E 365 -29.84 67.42 -25.03
C PRO E 365 -31.25 67.93 -24.78
N LEU E 366 -32.23 67.03 -24.97
CA LEU E 366 -33.61 67.39 -24.68
C LEU E 366 -33.81 67.69 -23.20
N CYS E 367 -33.19 66.90 -22.34
CA CYS E 367 -33.28 67.07 -20.90
C CYS E 367 -31.92 67.43 -20.32
N THR E 368 -31.94 68.24 -19.27
CA THR E 368 -30.73 68.57 -18.51
C THR E 368 -30.74 68.01 -17.11
N GLN E 369 -31.91 67.94 -16.47
CA GLN E 369 -32.04 67.34 -15.14
C GLN E 369 -33.13 66.27 -15.18
N PRO E 370 -32.91 65.13 -14.52
CA PRO E 370 -33.94 64.09 -14.47
C PRO E 370 -35.19 64.58 -13.76
N ASP E 371 -36.34 64.12 -14.24
CA ASP E 371 -37.61 64.50 -13.64
C ASP E 371 -37.71 63.92 -12.23
N GLN E 372 -37.46 62.63 -12.08
CA GLN E 372 -37.51 61.95 -10.80
C GLN E 372 -36.20 61.25 -10.53
N VAL E 373 -35.76 61.29 -9.28
CA VAL E 373 -34.45 60.77 -8.88
C VAL E 373 -34.66 59.81 -7.72
N ILE E 374 -34.13 58.59 -7.86
CA ILE E 374 -34.10 57.64 -6.74
C ILE E 374 -32.72 57.70 -6.12
N LYS E 375 -32.66 57.98 -4.82
CA LYS E 375 -31.41 58.18 -4.13
C LYS E 375 -30.60 56.89 -4.09
N GLY E 376 -29.27 57.04 -4.03
CA GLY E 376 -28.39 55.91 -3.92
C GLY E 376 -27.33 56.14 -2.87
N GLY E 377 -26.80 55.04 -2.35
CA GLY E 377 -25.80 55.07 -1.31
C GLY E 377 -24.39 55.17 -1.86
N ALA E 378 -23.43 54.84 -1.00
CA ALA E 378 -22.01 54.89 -1.34
C ALA E 378 -21.43 53.48 -1.36
N SER E 379 -20.50 53.26 -2.28
CA SER E 379 -19.86 51.96 -2.45
C SER E 379 -18.45 52.01 -1.88
N ILE E 380 -18.11 51.03 -1.05
CA ILE E 380 -16.76 50.95 -0.52
C ILE E 380 -15.83 50.49 -1.63
N ILE E 381 -14.85 51.32 -1.97
CA ILE E 381 -13.96 51.04 -3.08
C ILE E 381 -12.52 50.78 -2.65
N GLN E 382 -12.12 51.18 -1.44
CA GLN E 382 -10.77 50.94 -0.96
C GLN E 382 -10.84 50.37 0.45
N CYS E 383 -9.88 49.51 0.77
CA CYS E 383 -9.89 48.79 2.03
C CYS E 383 -8.47 48.58 2.50
N HIS E 384 -8.24 48.78 3.80
CA HIS E 384 -6.94 48.52 4.41
C HIS E 384 -7.14 47.83 5.75
N ILE E 385 -6.51 46.68 5.93
CA ILE E 385 -6.55 45.95 7.18
C ILE E 385 -5.38 46.41 8.03
N LEU E 386 -5.66 46.89 9.23
CA LEU E 386 -4.63 47.43 10.09
C LEU E 386 -3.75 46.31 10.65
N ASN E 387 -2.67 46.71 11.34
CA ASN E 387 -1.66 45.77 11.76
C ASN E 387 -2.14 44.81 12.84
N ASP E 388 -3.22 45.14 13.54
CA ASP E 388 -3.76 44.24 14.56
C ASP E 388 -4.67 43.17 13.99
N LYS E 389 -4.99 43.23 12.69
CA LYS E 389 -5.90 42.29 12.04
C LYS E 389 -7.26 42.27 12.74
N ARG E 390 -7.69 43.43 13.23
CA ARG E 390 -8.99 43.57 13.88
C ARG E 390 -9.77 44.79 13.39
N HIS E 391 -9.12 45.81 12.85
CA HIS E 391 -9.78 47.02 12.40
C HIS E 391 -9.44 47.29 10.95
N ILE E 392 -10.38 47.87 10.22
CA ILE E 392 -10.22 48.16 8.79
C ILE E 392 -10.58 49.61 8.54
N LEU E 393 -9.74 50.29 7.77
CA LEU E 393 -10.05 51.61 7.24
C LEU E 393 -10.57 51.46 5.81
N THR E 394 -11.74 52.04 5.54
CA THR E 394 -12.35 51.96 4.23
C THR E 394 -12.61 53.36 3.68
N LYS E 395 -12.54 53.47 2.36
CA LYS E 395 -12.88 54.70 1.65
C LYS E 395 -13.92 54.37 0.59
N ASP E 396 -15.00 55.15 0.56
CA ASP E 396 -16.10 54.89 -0.35
C ASP E 396 -16.09 55.87 -1.52
N THR E 397 -17.12 55.77 -2.38
CA THR E 397 -17.22 56.61 -3.56
C THR E 397 -17.49 58.07 -3.22
N ASN E 398 -17.92 58.37 -1.99
CA ASN E 398 -18.10 59.74 -1.54
C ASN E 398 -16.85 60.31 -0.88
N ASN E 399 -15.74 59.57 -0.94
CA ASN E 399 -14.46 59.92 -0.33
C ASN E 399 -14.50 59.94 1.19
N ASN E 400 -15.59 59.46 1.79
CA ASN E 400 -15.65 59.35 3.24
C ASN E 400 -14.83 58.16 3.71
N VAL E 401 -14.14 58.34 4.83
CA VAL E 401 -13.32 57.30 5.42
C VAL E 401 -13.97 56.84 6.72
N ALA E 402 -14.07 55.53 6.89
CA ALA E 402 -14.74 54.96 8.05
C ALA E 402 -13.81 53.96 8.74
N TYR E 403 -14.04 53.77 10.03
CA TYR E 403 -13.28 52.85 10.86
C TYR E 403 -14.20 51.72 11.30
N TRP E 404 -13.80 50.49 11.03
CA TRP E 404 -14.64 49.33 11.26
C TRP E 404 -13.94 48.36 12.20
N ASP E 405 -14.76 47.57 12.90
CA ASP E 405 -14.29 46.51 13.78
C ASP E 405 -14.76 45.18 13.20
N VAL E 406 -13.83 44.40 12.64
CA VAL E 406 -14.20 43.14 12.03
C VAL E 406 -14.72 42.16 13.07
N LEU E 407 -14.05 42.08 14.22
CA LEU E 407 -14.41 41.10 15.23
C LEU E 407 -15.83 41.33 15.73
N LYS E 408 -16.17 42.59 16.01
CA LYS E 408 -17.53 42.92 16.43
C LYS E 408 -18.48 43.15 15.25
N ALA E 409 -17.96 43.13 14.02
CA ALA E 409 -18.76 43.24 12.80
C ALA E 409 -19.62 44.51 12.82
N CYS E 410 -18.98 45.64 13.13
CA CYS E 410 -19.69 46.91 13.23
C CYS E 410 -18.71 48.03 12.88
N LYS E 411 -19.28 49.21 12.62
CA LYS E 411 -18.49 50.39 12.32
C LYS E 411 -18.14 51.11 13.62
N VAL E 412 -16.90 51.57 13.72
CA VAL E 412 -16.46 52.27 14.93
C VAL E 412 -16.79 53.76 14.83
N GLU E 413 -16.35 54.41 13.76
CA GLU E 413 -16.57 55.84 13.63
C GLU E 413 -16.37 56.27 12.19
N ASP E 414 -17.07 57.35 11.81
CA ASP E 414 -16.86 58.01 10.54
C ASP E 414 -15.78 59.07 10.68
N LEU E 415 -14.82 59.07 9.77
CA LEU E 415 -13.71 60.01 9.81
C LEU E 415 -13.86 61.11 8.77
N GLY E 416 -14.97 61.18 8.07
CA GLY E 416 -15.16 62.22 7.08
C GLY E 416 -14.23 62.07 5.89
N LYS E 417 -13.98 63.19 5.22
CA LYS E 417 -13.11 63.22 4.05
C LYS E 417 -11.65 63.44 4.42
N VAL E 418 -11.12 62.63 5.34
CA VAL E 418 -9.72 62.67 5.70
C VAL E 418 -8.93 61.85 4.69
N ASP E 419 -7.70 62.29 4.38
CA ASP E 419 -6.86 61.55 3.45
C ASP E 419 -6.68 60.11 3.90
N PHE E 420 -6.95 59.19 2.98
CA PHE E 420 -6.96 57.77 3.33
C PHE E 420 -5.56 57.26 3.66
N GLU E 421 -4.57 57.65 2.86
CA GLU E 421 -3.20 57.20 3.11
C GLU E 421 -2.65 57.79 4.41
N ASP E 422 -2.95 59.06 4.69
CA ASP E 422 -2.50 59.67 5.93
C ASP E 422 -3.11 58.98 7.14
N GLU E 423 -4.40 58.63 7.06
CA GLU E 423 -5.05 57.95 8.18
C GLU E 423 -4.43 56.59 8.45
N ILE E 424 -3.95 55.92 7.40
CA ILE E 424 -3.25 54.65 7.59
C ILE E 424 -1.96 54.87 8.36
N LYS E 425 -1.20 55.91 8.01
CA LYS E 425 0.04 56.21 8.72
C LYS E 425 -0.22 56.68 10.15
N LYS E 426 -1.30 57.44 10.37
CA LYS E 426 -1.63 57.91 11.71
C LYS E 426 -2.16 56.80 12.61
N ARG E 427 -2.45 55.63 12.06
CA ARG E 427 -2.94 54.50 12.86
C ARG E 427 -2.00 53.31 12.80
N PHE E 428 -0.78 53.49 12.28
CA PHE E 428 0.19 52.41 12.24
C PHE E 428 0.60 52.01 13.65
N LYS E 429 0.73 50.71 13.88
CA LYS E 429 1.16 50.18 15.16
C LYS E 429 2.22 49.10 14.92
N MET E 430 3.22 49.06 15.80
CA MET E 430 4.32 48.11 15.66
C MET E 430 3.95 46.77 16.32
N VAL E 431 2.93 46.14 15.74
CA VAL E 431 2.49 44.80 16.14
C VAL E 431 2.28 43.99 14.88
N TYR E 432 2.36 42.67 14.99
CA TYR E 432 2.11 41.78 13.88
C TYR E 432 1.15 40.67 14.33
N VAL E 433 0.05 40.53 13.62
CA VAL E 433 -0.90 39.44 13.83
C VAL E 433 -1.04 38.71 12.50
N PRO E 434 -1.03 37.38 12.47
CA PRO E 434 -1.19 36.67 11.20
C PRO E 434 -2.55 36.93 10.58
N ASN E 435 -2.59 36.92 9.25
CA ASN E 435 -3.85 37.07 8.53
C ASN E 435 -4.79 35.94 8.88
N TRP E 436 -6.06 36.28 9.15
CA TRP E 436 -7.06 35.28 9.45
C TRP E 436 -8.39 35.52 8.74
N PHE E 437 -8.48 36.50 7.85
CA PHE E 437 -9.70 36.74 7.10
C PHE E 437 -9.34 37.45 5.80
N SER E 438 -10.29 37.45 4.88
CA SER E 438 -10.14 38.14 3.60
C SER E 438 -11.35 39.04 3.38
N VAL E 439 -11.13 40.11 2.62
CA VAL E 439 -12.14 41.12 2.38
C VAL E 439 -12.41 41.21 0.88
N ASP E 440 -13.68 41.19 0.51
CA ASP E 440 -14.10 41.42 -0.87
C ASP E 440 -15.16 42.52 -0.90
N LEU E 441 -15.07 43.39 -1.91
CA LEU E 441 -15.94 44.54 -2.03
C LEU E 441 -16.79 44.48 -3.30
N LYS E 442 -17.15 43.27 -3.73
CA LYS E 442 -17.86 43.11 -5.00
C LYS E 442 -19.26 43.69 -4.96
N THR E 443 -19.90 43.75 -3.78
CA THR E 443 -21.23 44.29 -3.65
C THR E 443 -21.24 45.73 -3.12
N GLY E 444 -20.08 46.36 -3.04
CA GLY E 444 -20.02 47.68 -2.46
C GLY E 444 -20.13 47.73 -0.95
N MET E 445 -20.11 46.56 -0.30
CA MET E 445 -20.20 46.45 1.15
C MET E 445 -19.04 45.60 1.63
N LEU E 446 -18.89 45.53 2.96
CA LEU E 446 -17.80 44.78 3.58
C LEU E 446 -18.23 43.34 3.79
N THR E 447 -17.68 42.43 3.00
CA THR E 447 -17.90 41.00 3.18
C THR E 447 -16.60 40.37 3.65
N ILE E 448 -16.65 39.66 4.77
CA ILE E 448 -15.49 39.05 5.39
C ILE E 448 -15.60 37.54 5.23
N THR E 449 -14.57 36.93 4.63
CA THR E 449 -14.57 35.51 4.33
C THR E 449 -13.60 34.78 5.25
N LEU E 450 -14.03 33.63 5.78
CA LEU E 450 -13.23 32.82 6.67
C LEU E 450 -12.99 31.47 6.02
N ASP E 451 -11.73 31.06 5.95
CA ASP E 451 -11.33 29.81 5.31
C ASP E 451 -10.58 28.93 6.30
N GLU E 452 -10.65 27.62 6.08
CA GLU E 452 -10.02 26.67 7.00
C GLU E 452 -8.51 26.87 7.06
N SER E 453 -7.90 27.35 5.98
CA SER E 453 -6.45 27.45 5.92
C SER E 453 -5.91 28.42 6.95
N ASP E 454 -6.57 29.57 7.14
CA ASP E 454 -6.04 30.61 8.02
C ASP E 454 -7.04 31.20 8.99
N CYS E 455 -8.20 30.57 9.20
CA CYS E 455 -9.18 31.15 10.11
C CYS E 455 -8.66 31.21 11.54
N PHE E 456 -7.85 30.23 11.95
CA PHE E 456 -7.41 30.11 13.33
C PHE E 456 -5.93 30.43 13.48
N ALA E 457 -5.38 31.21 12.56
CA ALA E 457 -3.96 31.53 12.56
C ALA E 457 -3.59 32.68 13.50
N ALA E 458 -4.57 33.40 14.03
CA ALA E 458 -4.32 34.62 14.81
C ALA E 458 -4.67 34.39 16.27
N TRP E 459 -3.67 34.06 17.08
CA TRP E 459 -3.82 34.00 18.52
C TRP E 459 -3.41 35.35 19.12
N VAL E 460 -4.33 36.01 19.80
CA VAL E 460 -4.11 37.34 20.34
C VAL E 460 -4.51 37.33 21.81
N SER E 461 -3.65 37.88 22.66
CA SER E 461 -3.93 37.94 24.08
C SER E 461 -5.09 38.89 24.36
N ALA E 462 -5.82 38.61 25.44
CA ALA E 462 -6.98 39.44 25.78
C ALA E 462 -6.57 40.87 26.09
N LYS E 463 -5.45 41.07 26.77
CA LYS E 463 -5.01 42.43 27.10
C LYS E 463 -4.69 43.22 25.83
N ASP E 464 -4.06 42.58 24.85
CA ASP E 464 -3.77 43.26 23.59
C ASP E 464 -5.04 43.70 22.88
N ALA E 465 -6.07 42.86 22.89
CA ALA E 465 -7.38 43.25 22.39
C ALA E 465 -8.09 44.11 23.42
N GLY E 466 -9.36 44.42 23.17
CA GLY E 466 -10.13 45.24 24.09
C GLY E 466 -10.85 44.49 25.19
N PHE E 467 -10.64 43.18 25.30
CA PHE E 467 -11.37 42.36 26.26
C PHE E 467 -10.51 42.13 27.50
N SER E 468 -10.99 42.59 28.65
CA SER E 468 -10.27 42.42 29.90
C SER E 468 -10.80 41.23 30.68
N ASP E 474 -3.85 37.80 31.50
CA ASP E 474 -4.72 37.86 30.32
C ASP E 474 -4.69 36.54 29.55
N PRO E 475 -5.84 35.89 29.45
CA PRO E 475 -5.91 34.62 28.70
C PRO E 475 -5.73 34.84 27.21
N LYS E 476 -5.22 33.81 26.55
CA LYS E 476 -5.01 33.87 25.12
C LYS E 476 -6.33 33.65 24.37
N LEU E 477 -6.53 34.41 23.30
CA LEU E 477 -7.77 34.37 22.53
C LEU E 477 -7.44 34.14 21.07
N ASN E 478 -8.24 33.31 20.40
CA ASN E 478 -8.14 33.11 18.97
C ASN E 478 -9.23 33.92 18.28
N LEU E 479 -8.83 34.89 17.46
CA LEU E 479 -9.80 35.80 16.85
C LEU E 479 -10.76 35.05 15.93
N GLY E 480 -10.25 34.11 15.14
CA GLY E 480 -11.12 33.37 14.24
C GLY E 480 -12.10 32.48 14.98
N GLY E 481 -11.64 31.83 16.05
CA GLY E 481 -12.53 31.00 16.83
C GLY E 481 -13.62 31.80 17.53
N LEU E 482 -13.26 32.96 18.07
CA LEU E 482 -14.25 33.80 18.74
C LEU E 482 -15.31 34.31 17.76
N LEU E 483 -14.88 34.70 16.56
CA LEU E 483 -15.83 35.19 15.57
C LEU E 483 -16.80 34.11 15.12
N LEU E 484 -16.30 32.88 14.93
CA LEU E 484 -17.16 31.79 14.50
C LEU E 484 -18.23 31.49 15.55
N GLN E 485 -17.84 31.53 16.83
CA GLN E 485 -18.81 31.29 17.89
C GLN E 485 -19.84 32.41 17.97
N ALA E 486 -19.43 33.64 17.68
CA ALA E 486 -20.37 34.74 17.66
C ALA E 486 -21.31 34.68 16.46
N LEU E 487 -20.80 34.22 15.31
CA LEU E 487 -21.66 34.10 14.13
C LEU E 487 -22.73 33.02 14.33
N LEU E 488 -22.35 31.89 14.92
CA LEU E 488 -23.28 30.79 15.17
C LEU E 488 -23.77 30.78 16.61
N GLU E 489 -23.92 31.96 17.21
CA GLU E 489 -24.32 32.04 18.62
C GLU E 489 -25.73 31.48 18.84
N TYR E 490 -26.66 31.81 17.93
CA TYR E 490 -28.05 31.40 18.10
C TYR E 490 -28.29 29.95 17.70
N TRP E 491 -27.29 29.26 17.18
CA TRP E 491 -27.46 27.87 16.80
C TRP E 491 -27.57 27.01 18.04
N PRO E 492 -28.67 26.27 18.23
CA PRO E 492 -28.80 25.45 19.45
C PRO E 492 -27.72 24.40 19.61
N ARG E 493 -27.14 23.92 18.50
CA ARG E 493 -26.11 22.89 18.60
C ARG E 493 -24.83 23.41 19.26
N THR E 494 -24.64 24.72 19.34
CA THR E 494 -23.48 25.30 19.99
C THR E 494 -23.70 25.57 21.47
N HIS E 495 -24.85 25.18 22.01
CA HIS E 495 -25.15 25.39 23.42
C HIS E 495 -24.80 24.14 24.22
N VAL E 496 -24.08 24.36 25.33
CA VAL E 496 -23.73 23.27 26.23
C VAL E 496 -24.16 23.61 27.65
N VAL E 517 -27.49 27.07 30.36
CA VAL E 517 -26.60 26.99 29.22
C VAL E 517 -26.14 28.39 28.81
N GLN E 518 -24.87 28.49 28.42
CA GLN E 518 -24.34 29.76 27.94
C GLN E 518 -24.42 29.83 26.42
N LYS E 519 -24.37 31.06 25.90
CA LYS E 519 -24.51 31.29 24.47
C LYS E 519 -23.34 32.16 23.99
N GLY E 520 -22.71 31.74 22.91
CA GLY E 520 -21.66 32.51 22.29
C GLY E 520 -20.31 32.32 22.94
N ASN E 521 -19.38 33.20 22.56
CA ASN E 521 -18.02 33.14 23.07
C ASN E 521 -17.83 33.88 24.39
N GLY E 522 -18.82 34.66 24.82
CA GLY E 522 -18.76 35.31 26.12
C GLY E 522 -17.93 36.58 26.17
N TYR E 523 -17.47 37.09 25.04
CA TYR E 523 -16.68 38.32 25.04
C TYR E 523 -17.38 39.43 24.27
N PHE E 524 -17.87 39.13 23.07
CA PHE E 524 -18.53 40.10 22.23
C PHE E 524 -19.68 39.43 21.48
N GLN E 525 -20.40 40.23 20.70
CA GLN E 525 -21.51 39.75 19.90
C GLN E 525 -21.61 40.56 18.62
N VAL E 526 -21.74 39.86 17.50
CA VAL E 526 -21.99 40.52 16.21
C VAL E 526 -23.43 40.98 16.19
N PRO E 527 -23.79 41.98 15.40
CA PRO E 527 -25.18 42.42 15.33
C PRO E 527 -26.08 41.29 14.87
N PRO E 528 -27.30 41.21 15.42
CA PRO E 528 -28.18 40.07 15.09
C PRO E 528 -28.52 39.96 13.62
N HIS E 529 -28.60 41.09 12.91
CA HIS E 529 -28.98 41.11 11.51
C HIS E 529 -27.84 40.76 10.57
N THR E 530 -26.72 40.26 11.08
CA THR E 530 -25.57 39.98 10.25
C THR E 530 -25.86 38.81 9.32
N PRO E 531 -25.79 38.98 8.00
CA PRO E 531 -26.02 37.85 7.09
C PRO E 531 -24.83 36.91 7.09
N VAL E 532 -25.03 35.68 7.54
CA VAL E 532 -24.01 34.65 7.54
C VAL E 532 -24.22 33.77 6.32
N ILE E 533 -23.18 33.61 5.52
CA ILE E 533 -23.26 32.91 4.24
C ILE E 533 -22.28 31.74 4.26
N PHE E 534 -22.77 30.56 3.88
CA PHE E 534 -21.93 29.38 3.72
C PHE E 534 -21.87 29.03 2.24
N GLY E 535 -20.66 28.93 1.71
CA GLY E 535 -20.49 28.64 0.30
C GLY E 535 -19.20 27.89 0.05
N GLU E 536 -19.13 27.25 -1.11
CA GLU E 536 -17.95 26.53 -1.50
C GLU E 536 -16.88 27.50 -2.00
N ALA E 537 -15.62 27.19 -1.68
CA ALA E 537 -14.51 28.03 -2.11
C ALA E 537 -14.47 28.13 -3.61
N GLY E 538 -14.74 29.34 -4.13
CA GLY E 538 -14.82 29.53 -5.56
C GLY E 538 -15.93 28.70 -6.18
N GLY E 539 -17.08 28.66 -5.53
CA GLY E 539 -18.18 27.85 -5.99
C GLY E 539 -19.54 28.47 -5.78
N ARG E 540 -20.46 27.70 -5.21
CA ARG E 540 -21.85 28.12 -5.06
C ARG E 540 -22.17 28.33 -3.59
N THR E 541 -23.23 29.10 -3.35
CA THR E 541 -23.68 29.39 -1.99
C THR E 541 -24.51 28.22 -1.48
N LEU E 542 -23.99 27.53 -0.47
CA LEU E 542 -24.73 26.40 0.10
C LEU E 542 -25.94 26.87 0.90
N PHE E 543 -25.76 27.87 1.76
CA PHE E 543 -26.82 28.29 2.65
C PHE E 543 -26.53 29.71 3.13
N ARG E 544 -27.56 30.55 3.14
CA ARG E 544 -27.46 31.92 3.61
C ARG E 544 -28.53 32.18 4.66
N LEU E 545 -28.16 32.86 5.74
CA LEU E 545 -29.10 33.16 6.81
C LEU E 545 -28.58 34.38 7.57
N LEU E 546 -29.46 34.95 8.39
CA LEU E 546 -29.05 35.98 9.33
C LEU E 546 -28.57 35.34 10.62
N CYS E 547 -27.81 36.12 11.39
CA CYS E 547 -27.23 35.59 12.62
C CYS E 547 -28.29 35.17 13.61
N ARG E 548 -29.35 35.98 13.75
CA ARG E 548 -30.39 35.72 14.73
C ARG E 548 -31.33 34.58 14.33
N ASP E 549 -31.26 34.09 13.10
CA ASP E 549 -32.20 33.08 12.61
C ASP E 549 -31.70 31.66 12.78
N SER E 550 -30.52 31.45 13.38
CA SER E 550 -29.99 30.10 13.52
C SER E 550 -30.85 29.22 14.41
N GLY E 551 -31.65 29.81 15.30
CA GLY E 551 -32.45 29.02 16.22
C GLY E 551 -33.70 28.41 15.64
N GLY E 552 -34.13 28.88 14.46
CA GLY E 552 -35.33 28.35 13.86
C GLY E 552 -35.19 26.89 13.47
N GLU E 553 -36.34 26.23 13.35
CA GLU E 553 -36.35 24.80 13.03
C GLU E 553 -35.79 24.55 11.64
N THR E 554 -36.19 25.36 10.65
CA THR E 554 -35.73 25.17 9.28
C THR E 554 -34.24 25.45 9.17
N GLU E 555 -33.78 26.55 9.77
CA GLU E 555 -32.38 26.94 9.65
C GLU E 555 -31.46 25.95 10.33
N SER E 556 -31.84 25.49 11.52
CA SER E 556 -30.99 24.55 12.26
C SER E 556 -30.83 23.24 11.51
N MET E 557 -31.91 22.74 10.90
CA MET E 557 -31.82 21.54 10.08
C MET E 557 -30.91 21.76 8.88
N LEU E 558 -31.01 22.94 8.26
CA LEU E 558 -30.14 23.26 7.13
C LEU E 558 -28.69 23.48 7.57
N LEU E 559 -28.48 24.05 8.76
CA LEU E 559 -27.13 24.28 9.24
C LEU E 559 -26.39 22.96 9.49
N ASN E 560 -27.10 21.95 9.97
CA ASN E 560 -26.47 20.67 10.25
C ASN E 560 -25.87 20.05 8.99
N GLU E 561 -26.45 20.35 7.83
CA GLU E 561 -25.98 19.75 6.59
C GLU E 561 -24.89 20.58 5.91
N THR E 562 -24.87 21.89 6.14
CA THR E 562 -23.96 22.77 5.41
C THR E 562 -22.70 23.12 6.19
N VAL E 563 -22.78 23.24 7.51
CA VAL E 563 -21.63 23.65 8.33
C VAL E 563 -20.55 22.58 8.22
N PRO E 564 -19.34 22.93 7.84
CA PRO E 564 -18.27 21.93 7.67
C PRO E 564 -17.69 21.50 9.01
N GLN E 565 -16.85 20.47 8.95
CA GLN E 565 -16.27 19.90 10.16
C GLN E 565 -15.35 20.90 10.86
N TRP E 566 -14.56 21.67 10.10
CA TRP E 566 -13.61 22.59 10.71
C TRP E 566 -14.31 23.72 11.47
N VAL E 567 -15.58 23.98 11.19
CA VAL E 567 -16.34 24.91 12.01
C VAL E 567 -17.03 24.18 13.16
N ILE E 568 -17.39 22.92 12.98
CA ILE E 568 -17.98 22.13 14.06
C ILE E 568 -16.98 21.93 15.18
N ASP E 569 -15.70 21.76 14.83
CA ASP E 569 -14.66 21.48 15.81
C ASP E 569 -14.57 22.58 16.87
N ILE E 570 -14.78 23.83 16.46
CA ILE E 570 -14.57 24.97 17.33
C ILE E 570 -15.87 25.47 17.95
N THR E 571 -16.97 25.44 17.18
CA THR E 571 -18.22 26.00 17.66
C THR E 571 -19.08 25.00 18.43
N VAL E 572 -18.94 23.71 18.14
CA VAL E 572 -19.73 22.66 18.79
C VAL E 572 -18.87 21.85 19.75
N ASP E 573 -17.83 21.19 19.24
CA ASP E 573 -16.95 20.40 20.08
C ASP E 573 -16.14 21.27 21.05
N LYS E 574 -16.08 22.57 20.81
CA LYS E 574 -15.36 23.51 21.68
C LYS E 574 -13.88 23.16 21.78
N ASN E 575 -13.33 22.55 20.74
CA ASN E 575 -11.90 22.25 20.71
C ASN E 575 -11.10 23.53 20.51
N MET E 576 -9.84 23.47 20.90
CA MET E 576 -8.97 24.63 20.80
C MET E 576 -7.99 24.45 19.64
N PRO E 577 -7.81 25.47 18.80
CA PRO E 577 -6.93 25.34 17.64
C PRO E 577 -5.47 25.22 18.05
N LYS E 578 -4.63 24.96 17.05
CA LYS E 578 -3.20 24.81 17.29
C LYS E 578 -2.59 26.13 17.73
N PHE E 579 -1.48 26.03 18.46
CA PHE E 579 -0.66 27.17 18.82
C PHE E 579 0.58 27.15 17.93
N ASN E 580 0.74 28.16 17.10
CA ASN E 580 1.91 28.23 16.24
C ASN E 580 3.16 28.47 17.09
N LYS E 581 4.26 27.81 16.71
CA LYS E 581 5.51 27.86 17.44
C LYS E 581 6.61 28.37 16.54
N ILE E 582 7.39 29.33 17.02
CA ILE E 582 8.48 29.92 16.26
C ILE E 582 9.78 29.62 17.02
N PRO E 583 10.61 28.69 16.53
CA PRO E 583 11.92 28.47 17.14
C PRO E 583 12.86 29.63 16.85
N PHE E 584 13.79 29.86 17.77
CA PHE E 584 14.74 30.96 17.62
C PHE E 584 16.03 30.60 18.34
N TYR E 585 17.09 31.35 18.00
CA TYR E 585 18.43 31.13 18.50
C TYR E 585 18.78 32.22 19.52
N LEU E 586 19.28 31.81 20.68
CA LEU E 586 19.89 32.74 21.60
C LEU E 586 21.41 32.57 21.57
N GLN E 587 22.11 33.63 21.22
CA GLN E 587 23.57 33.64 21.17
C GLN E 587 24.09 34.87 21.90
N PRO E 588 25.27 34.77 22.51
CA PRO E 588 25.82 35.93 23.23
C PRO E 588 26.34 36.97 22.25
N HIS E 589 25.96 38.22 22.47
CA HIS E 589 26.44 39.31 21.64
C HIS E 589 27.88 39.67 21.99
N ALA E 590 28.66 40.00 20.99
CA ALA E 590 30.06 40.38 21.19
C ALA E 590 30.51 41.39 20.14
N ASP E 600 22.26 27.27 21.52
CA ASP E 600 21.10 26.69 22.19
C ASP E 600 19.81 27.17 21.56
N ARG E 601 19.33 26.44 20.56
CA ARG E 601 18.07 26.78 19.92
C ARG E 601 16.92 26.65 20.92
N LEU E 602 15.99 27.60 20.86
CA LEU E 602 14.81 27.58 21.71
C LEU E 602 13.56 27.75 20.86
N SER E 603 12.52 27.02 21.21
CA SER E 603 11.23 27.10 20.53
C SER E 603 10.20 27.65 21.50
N ALA E 604 9.52 28.72 21.11
CA ALA E 604 8.58 29.39 21.98
C ALA E 604 7.32 29.75 21.21
N SER E 605 6.27 30.06 21.95
CA SER E 605 5.04 30.54 21.34
C SER E 605 5.29 31.87 20.64
N ASP E 606 4.59 32.07 19.51
CA ASP E 606 4.70 33.33 18.77
C ASP E 606 4.29 34.53 19.60
N MET E 607 3.45 34.35 20.61
CA MET E 607 2.98 35.44 21.44
C MET E 607 3.93 35.77 22.60
N LEU E 608 5.03 35.02 22.74
CA LEU E 608 5.92 35.23 23.87
C LEU E 608 6.55 36.62 23.82
N GLN E 609 6.59 37.28 24.98
CA GLN E 609 7.17 38.60 25.07
C GLN E 609 8.70 38.51 25.22
N VAL E 610 9.37 39.63 24.91
CA VAL E 610 10.81 39.70 25.07
C VAL E 610 11.22 39.58 26.53
N ARG E 611 10.35 39.99 27.46
CA ARG E 611 10.66 39.85 28.88
C ARG E 611 10.88 38.39 29.27
N LYS E 612 10.07 37.48 28.72
CA LYS E 612 10.22 36.06 29.05
C LYS E 612 11.58 35.55 28.60
N VAL E 613 12.02 35.96 27.41
CA VAL E 613 13.36 35.59 26.95
C VAL E 613 14.42 36.27 27.81
N MET E 614 14.17 37.51 28.24
CA MET E 614 15.12 38.20 29.10
C MET E 614 15.34 37.46 30.42
N GLU E 615 14.25 37.00 31.05
CA GLU E 615 14.39 36.34 32.34
C GLU E 615 15.00 34.94 32.20
N HIS E 616 14.79 34.29 31.05
CA HIS E 616 15.40 32.99 30.83
C HIS E 616 16.92 33.09 30.79
N VAL E 617 17.44 34.14 30.13
CA VAL E 617 18.88 34.36 30.12
C VAL E 617 19.37 34.73 31.51
N TYR E 618 18.55 35.46 32.27
CA TYR E 618 18.92 35.85 33.62
C TYR E 618 19.11 34.62 34.51
N GLU E 619 18.20 33.65 34.41
CA GLU E 619 18.36 32.41 35.17
C GLU E 619 19.55 31.61 34.65
N LYS E 620 19.86 31.72 33.36
CA LYS E 620 21.02 31.04 32.81
C LYS E 620 22.31 31.59 33.40
N ILE E 621 22.40 32.91 33.52
CA ILE E 621 23.58 33.55 34.10
C ILE E 621 23.45 33.62 35.61
N LEU E 651 14.51 42.40 38.27
CA LEU E 651 15.97 42.38 38.22
C LEU E 651 16.46 41.89 36.86
N ALA E 652 15.75 40.91 36.30
CA ALA E 652 16.09 40.42 34.97
C ALA E 652 15.91 41.51 33.92
N GLU E 653 14.85 42.32 34.06
CA GLU E 653 14.60 43.40 33.11
C GLU E 653 15.72 44.43 33.15
N GLU E 654 16.20 44.76 34.34
CA GLU E 654 17.16 45.86 34.48
C GLU E 654 18.55 45.48 33.98
N LYS E 655 18.93 44.21 34.11
CA LYS E 655 20.30 43.83 33.86
C LYS E 655 20.54 43.35 32.43
N ILE E 656 19.50 42.90 31.74
CA ILE E 656 19.66 42.23 30.45
C ILE E 656 18.94 43.04 29.38
N GLU E 657 19.63 43.27 28.27
CA GLU E 657 19.04 43.86 27.07
C GLU E 657 19.22 42.89 25.91
N LEU E 658 18.12 42.59 25.22
CA LEU E 658 18.14 41.66 24.10
C LEU E 658 18.24 42.42 22.79
N LEU E 659 18.97 41.86 21.83
CA LEU E 659 19.24 42.52 20.57
C LEU E 659 18.89 41.60 19.40
N CYS E 660 18.51 42.22 18.29
CA CYS E 660 18.25 41.51 17.04
C CYS E 660 18.60 42.45 15.90
N GLN E 661 19.46 41.98 14.98
CA GLN E 661 19.94 42.77 13.86
C GLN E 661 20.59 44.07 14.35
N ASP E 662 21.32 43.98 15.47
CA ASP E 662 21.97 45.13 16.09
C ASP E 662 20.98 46.24 16.44
N GLN E 663 19.80 45.85 16.90
CA GLN E 663 18.78 46.78 17.35
C GLN E 663 18.23 46.33 18.70
N VAL E 664 17.81 47.30 19.50
CA VAL E 664 17.27 47.01 20.83
C VAL E 664 15.86 46.47 20.69
N LEU E 665 15.48 45.55 21.58
CA LEU E 665 14.16 44.95 21.58
C LEU E 665 13.35 45.50 22.75
N ASP E 666 12.13 45.94 22.47
CA ASP E 666 11.26 46.41 23.53
C ASP E 666 10.87 45.25 24.42
N PRO E 667 10.90 45.42 25.75
CA PRO E 667 10.52 44.30 26.64
C PRO E 667 9.09 43.82 26.43
N ASN E 668 8.17 44.72 26.12
CA ASN E 668 6.77 44.35 25.91
C ASN E 668 6.50 43.81 24.51
N MET E 669 7.45 43.96 23.59
CA MET E 669 7.26 43.46 22.24
C MET E 669 7.34 41.95 22.23
N ASP E 670 6.56 41.32 21.35
CA ASP E 670 6.50 39.87 21.26
C ASP E 670 7.38 39.35 20.13
N LEU E 671 7.68 38.05 20.20
CA LEU E 671 8.58 37.44 19.21
C LEU E 671 7.97 37.48 17.81
N ARG E 672 6.65 37.35 17.72
CA ARG E 672 5.98 37.38 16.43
C ARG E 672 6.19 38.71 15.73
N THR E 673 6.10 39.82 16.47
CA THR E 673 6.37 41.14 15.90
C THR E 673 7.83 41.28 15.51
N VAL E 674 8.74 40.75 16.34
CA VAL E 674 10.18 40.88 16.07
C VAL E 674 10.54 40.18 14.77
N LYS E 675 10.00 38.97 14.57
CA LYS E 675 10.30 38.21 13.37
C LYS E 675 9.82 38.93 12.12
N HIS E 676 8.72 39.69 12.23
CA HIS E 676 8.11 40.28 11.04
C HIS E 676 8.81 41.58 10.62
N PHE E 677 9.03 42.49 11.57
CA PHE E 677 9.56 43.81 11.23
C PHE E 677 11.07 43.87 11.30
N ILE E 678 11.64 43.59 12.48
CA ILE E 678 13.06 43.85 12.72
C ILE E 678 13.92 42.82 12.02
N TRP E 679 13.50 41.55 12.02
CA TRP E 679 14.38 40.47 11.59
C TRP E 679 14.84 40.64 10.15
N LYS E 680 13.90 40.82 9.22
CA LYS E 680 14.21 41.07 7.81
C LYS E 680 15.15 40.02 7.24
N SER E 681 14.90 38.76 7.58
CA SER E 681 15.72 37.66 7.10
C SER E 681 14.86 36.41 6.91
N GLY E 682 15.35 35.50 6.09
CA GLY E 682 14.62 34.29 5.75
C GLY E 682 15.05 33.06 6.53
N GLY E 683 15.79 33.27 7.62
CA GLY E 683 16.21 32.16 8.46
C GLY E 683 15.57 32.21 9.82
N ASP E 684 15.92 31.27 10.70
CA ASP E 684 15.37 31.27 12.05
C ASP E 684 15.80 32.53 12.78
N LEU E 685 14.86 33.13 13.51
CA LEU E 685 15.10 34.39 14.21
C LEU E 685 16.22 34.23 15.23
N THR E 686 17.26 35.05 15.12
CA THR E 686 18.35 35.01 16.08
C THR E 686 18.30 36.21 17.00
N LEU E 687 18.43 35.97 18.30
CA LEU E 687 18.42 37.01 19.31
C LEU E 687 19.75 36.98 20.07
N HIS E 688 20.30 38.17 20.31
CA HIS E 688 21.59 38.30 20.98
C HIS E 688 21.38 38.95 22.34
N TYR E 689 21.92 38.32 23.38
CA TYR E 689 21.78 38.81 24.75
C TYR E 689 23.10 39.41 25.23
N ARG E 690 22.99 40.55 25.89
CA ARG E 690 24.14 41.21 26.50
C ARG E 690 23.68 41.93 27.76
N GLN E 691 24.55 41.94 28.77
CA GLN E 691 24.24 42.62 30.02
C GLN E 691 24.18 44.14 29.78
N LYS E 692 23.25 44.80 30.46
CA LYS E 692 23.09 46.25 30.35
C LYS E 692 24.35 46.99 30.78
#